data_6WOZ
#
_entry.id   6WOZ
#
_cell.length_a   99.568
_cell.length_b   163.551
_cell.length_c   121.757
_cell.angle_alpha   90.000
_cell.angle_beta   99.190
_cell.angle_gamma   90.000
#
_symmetry.space_group_name_H-M   'P 1 21 1'
#
loop_
_entity.id
_entity.type
_entity.pdbx_description
1 polymer 'reticulocyte binding protein 2b'
2 polymer '251249 Fab heavy chain'
3 polymer '251249 Fab light chain'
#
loop_
_entity_poly.entity_id
_entity_poly.type
_entity_poly.pdbx_seq_one_letter_code
_entity_poly.pdbx_strand_id
1 'polypeptide(L)'
;GAMGSTNTTDNIDYFDISDESNYYLISQLRPHFSNIYFFDEFKRYASYHTEIKRYEDIHKTKVNSLLNEASRAIGICNRA
KNTVKGLINILENPQKFKTQRESYDVKLRQYEEKKEAFRGCLLNKNRKNLDQIKKINNEIRDLLEKLKCSQDCQTNVYFD
MIKIYLVDFKKMPYENYDTFIKQYKNSYLSGVDMIRKIEKQIDNPVTINAIKFTQKEMGYIIDRFEYHLQKVKHSIDQVT
ALSDGVKPKQVTKNRLKEYYFNIGNYYSIFKFGKDSLNMLNKALIHKEKIVHNLLGELFGHLEERIS
;
J,D,A,G
2 'polypeptide(L)'
;TGVHSEVQLVESGGGLVKPGGSLRLSCEASGFLFSSYSMNWVRQAPGKGLEWVSSITGYSSEVFYTDSVKGRFTVSRDNS
KNSLYLQMDSLRAEDTAVYYCARALTIFGVVITDYWFFDLWGRGTLVTVSSASTKGPSVFPLAPSSKSTSGGTAALGCLV
KDYFPEPVTVSWNSGALTSGVHTFPAVLQSSGLYSLSSVVTVPSSSLGTQTYICNVNHKPSNTKVDKKVEPKSCDKTHTC
P
;
E,B,H,K
3 'polypeptide(L)'
;TGVHSEIVLTQSPATLSLSPGDRATLSCRASQSVTTFLAWYQQKPGQAPRLLIYDVSNRATGIPARFSGSGSGTDFTLTI
SSLEPEDFAVYYCQQRSNWGLTFGGGTKVEIKRTVAAPSVFIFPPSDEQLKSGTASVVCLLNNFYPREAKVQWKVDNALQ
SGNSQESVTEQDSKDSTYSLSSTLTLSKADYEKHKVYACEVTHQGLSSPVTKSFNRGEC
;
F,C,I,L
#
# COMPACT_ATOMS: atom_id res chain seq x y z
N ASN A 7 -55.28 -1.40 10.47
CA ASN A 7 -53.93 -1.10 10.03
C ASN A 7 -53.00 -0.81 11.21
N THR A 8 -52.91 -1.78 12.13
CA THR A 8 -52.07 -1.64 13.32
C THR A 8 -51.57 -3.02 13.72
N THR A 9 -50.27 -3.14 13.95
CA THR A 9 -49.65 -4.41 14.33
C THR A 9 -49.61 -4.52 15.86
N ASP A 10 -50.27 -5.54 16.39
CA ASP A 10 -50.35 -5.75 17.83
C ASP A 10 -49.37 -6.81 18.33
N ASN A 11 -48.64 -7.46 17.43
CA ASN A 11 -47.79 -8.58 17.81
C ASN A 11 -46.56 -8.59 16.91
N ILE A 12 -45.37 -8.59 17.52
CA ILE A 12 -44.13 -8.58 16.76
C ILE A 12 -43.28 -9.78 17.11
N ASP A 13 -43.91 -10.94 17.28
CA ASP A 13 -43.17 -12.15 17.61
C ASP A 13 -42.38 -12.71 16.44
N TYR A 14 -42.54 -12.15 15.24
CA TYR A 14 -41.82 -12.68 14.07
C TYR A 14 -40.34 -12.31 14.09
N PHE A 15 -39.94 -11.33 14.90
CA PHE A 15 -38.54 -10.96 14.98
C PHE A 15 -37.75 -12.06 15.67
N ASP A 16 -36.62 -12.44 15.08
CA ASP A 16 -35.75 -13.45 15.66
C ASP A 16 -34.30 -13.09 15.34
N ILE A 17 -33.39 -13.74 16.06
CA ILE A 17 -31.96 -13.52 15.85
C ILE A 17 -31.21 -14.78 16.28
N SER A 18 -30.20 -15.13 15.50
CA SER A 18 -29.25 -16.17 15.86
C SER A 18 -27.92 -15.52 16.22
N ASP A 19 -27.13 -16.23 17.02
CA ASP A 19 -25.86 -15.68 17.49
C ASP A 19 -24.78 -15.93 16.45
N GLU A 20 -23.53 -15.58 16.82
CA GLU A 20 -22.42 -15.71 15.89
C GLU A 20 -22.05 -17.16 15.61
N SER A 21 -22.48 -18.09 16.45
CA SER A 21 -22.19 -19.50 16.18
C SER A 21 -22.96 -20.00 14.96
N ASN A 22 -24.12 -19.40 14.68
CA ASN A 22 -25.09 -19.94 13.74
C ASN A 22 -25.58 -21.32 14.16
N TYR A 23 -25.42 -21.65 15.45
CA TYR A 23 -25.91 -22.89 16.02
C TYR A 23 -27.12 -22.69 16.92
N TYR A 24 -27.41 -21.45 17.33
CA TYR A 24 -28.50 -21.17 18.26
C TYR A 24 -29.38 -20.09 17.68
N LEU A 25 -30.64 -20.43 17.41
CA LEU A 25 -31.63 -19.51 16.88
C LEU A 25 -32.65 -19.21 17.97
N ILE A 26 -32.74 -17.93 18.35
CA ILE A 26 -33.59 -17.50 19.45
C ILE A 26 -34.93 -17.05 18.87
N SER A 27 -36.01 -17.65 19.35
CA SER A 27 -37.36 -17.29 18.96
C SER A 27 -38.09 -16.67 20.14
N GLN A 28 -39.06 -15.79 19.83
CA GLN A 28 -39.88 -15.21 20.88
C GLN A 28 -40.90 -16.20 21.42
N LEU A 29 -41.30 -17.17 20.61
CA LEU A 29 -42.19 -18.22 21.06
C LEU A 29 -41.45 -19.25 21.91
N ARG A 30 -42.16 -19.81 22.89
CA ARG A 30 -41.58 -20.88 23.68
C ARG A 30 -41.33 -22.10 22.80
N PRO A 31 -40.26 -22.86 23.08
CA PRO A 31 -39.32 -22.68 24.19
C PRO A 31 -38.09 -21.85 23.84
N HIS A 32 -38.22 -20.97 22.85
CA HIS A 32 -37.18 -20.01 22.46
C HIS A 32 -35.96 -20.66 21.83
N PHE A 33 -35.62 -21.87 22.25
CA PHE A 33 -34.49 -22.61 21.69
C PHE A 33 -34.99 -23.94 21.17
N SER A 34 -34.67 -24.25 19.90
CA SER A 34 -34.98 -25.56 19.37
C SER A 34 -34.27 -26.68 20.12
N ASN A 35 -33.18 -26.36 20.83
CA ASN A 35 -32.48 -27.37 21.60
C ASN A 35 -33.33 -27.90 22.75
N ILE A 36 -34.29 -27.11 23.22
CA ILE A 36 -35.17 -27.57 24.30
C ILE A 36 -36.01 -28.74 23.84
N TYR A 37 -36.49 -28.69 22.60
CA TYR A 37 -37.26 -29.82 22.08
C TYR A 37 -36.40 -31.06 21.93
N PHE A 38 -35.14 -30.88 21.54
CA PHE A 38 -34.22 -32.02 21.45
C PHE A 38 -34.00 -32.66 22.82
N PHE A 39 -33.87 -31.84 23.86
CA PHE A 39 -33.71 -32.38 25.20
C PHE A 39 -34.96 -33.13 25.65
N ASP A 40 -36.14 -32.65 25.24
CA ASP A 40 -37.37 -33.37 25.54
C ASP A 40 -37.39 -34.74 24.86
N GLU A 41 -36.82 -34.82 23.65
CA GLU A 41 -36.80 -36.09 22.94
C GLU A 41 -35.80 -37.06 23.56
N PHE A 42 -34.76 -36.55 24.21
CA PHE A 42 -33.81 -37.45 24.85
C PHE A 42 -34.39 -38.09 26.10
N LYS A 43 -35.23 -37.36 26.84
CA LYS A 43 -35.90 -37.96 27.98
C LYS A 43 -36.84 -39.08 27.55
N ARG A 44 -37.28 -39.08 26.29
CA ARG A 44 -38.00 -40.22 25.74
C ARG A 44 -37.06 -41.32 25.24
N TYR A 45 -35.79 -40.98 24.99
CA TYR A 45 -34.82 -42.01 24.63
C TYR A 45 -34.35 -42.78 25.86
N ALA A 46 -34.09 -42.07 26.96
CA ALA A 46 -33.71 -42.73 28.20
C ALA A 46 -34.82 -43.59 28.76
N SER A 47 -36.05 -43.44 28.27
CA SER A 47 -37.14 -44.28 28.73
C SER A 47 -36.87 -45.75 28.39
N TYR A 48 -36.47 -46.02 27.15
CA TYR A 48 -36.33 -47.40 26.69
C TYR A 48 -35.06 -48.08 27.19
N HIS A 49 -34.08 -47.33 27.69
CA HIS A 49 -32.81 -47.89 28.13
C HIS A 49 -32.78 -47.95 29.65
N THR A 50 -32.56 -49.17 30.18
CA THR A 50 -32.59 -49.37 31.62
C THR A 50 -31.37 -48.76 32.31
N GLU A 51 -30.25 -48.67 31.61
CA GLU A 51 -29.02 -48.18 32.23
C GLU A 51 -29.05 -46.68 32.50
N ILE A 52 -29.94 -45.93 31.84
CA ILE A 52 -29.95 -44.47 31.98
C ILE A 52 -31.37 -43.98 32.26
N LYS A 53 -32.16 -44.75 33.02
CA LYS A 53 -33.48 -44.30 33.43
C LYS A 53 -33.42 -43.18 34.46
N ARG A 54 -32.24 -42.88 35.01
CA ARG A 54 -32.07 -41.78 35.95
C ARG A 54 -32.32 -40.42 35.34
N TYR A 55 -32.35 -40.31 34.01
CA TYR A 55 -32.57 -39.03 33.38
C TYR A 55 -33.95 -38.47 33.73
N GLU A 56 -34.98 -39.34 33.73
CA GLU A 56 -36.36 -38.89 33.92
C GLU A 56 -36.51 -37.98 35.14
N ASP A 57 -35.64 -38.12 36.12
CA ASP A 57 -35.54 -37.19 37.24
C ASP A 57 -34.49 -36.12 37.03
N ILE A 58 -33.30 -36.50 36.53
CA ILE A 58 -32.20 -35.55 36.40
C ILE A 58 -32.34 -34.70 35.13
N HIS A 59 -32.99 -35.24 34.09
CA HIS A 59 -33.18 -34.47 32.86
C HIS A 59 -34.22 -33.36 33.05
N LYS A 60 -35.33 -33.69 33.71
CA LYS A 60 -36.41 -32.72 33.87
C LYS A 60 -35.98 -31.55 34.75
N THR A 61 -35.29 -31.83 35.85
CA THR A 61 -34.86 -30.75 36.73
C THR A 61 -33.84 -29.83 36.03
N LYS A 62 -33.09 -30.36 35.06
CA LYS A 62 -32.06 -29.58 34.38
C LYS A 62 -32.63 -28.76 33.23
N VAL A 63 -33.46 -29.37 32.37
CA VAL A 63 -33.98 -28.65 31.22
C VAL A 63 -35.03 -27.63 31.65
N ASN A 64 -35.76 -27.88 32.74
CA ASN A 64 -36.80 -26.96 33.17
C ASN A 64 -36.22 -25.63 33.62
N SER A 65 -35.05 -25.67 34.27
CA SER A 65 -34.42 -24.42 34.70
C SER A 65 -33.82 -23.67 33.52
N LEU A 66 -33.34 -24.38 32.51
CA LEU A 66 -32.85 -23.72 31.30
C LEU A 66 -33.98 -23.02 30.57
N LEU A 67 -35.15 -23.65 30.52
CA LEU A 67 -36.30 -23.02 29.86
C LEU A 67 -36.81 -21.83 30.67
N ASN A 68 -36.87 -21.98 32.00
CA ASN A 68 -37.36 -20.89 32.84
C ASN A 68 -36.42 -19.68 32.75
N GLU A 69 -35.11 -19.93 32.63
CA GLU A 69 -34.18 -18.82 32.44
C GLU A 69 -34.24 -18.27 31.03
N ALA A 70 -34.66 -19.09 30.06
CA ALA A 70 -34.83 -18.61 28.69
C ALA A 70 -35.98 -17.63 28.58
N SER A 71 -37.10 -17.92 29.25
CA SER A 71 -38.21 -16.97 29.25
C SER A 71 -37.89 -15.74 30.08
N ARG A 72 -37.10 -15.89 31.16
CA ARG A 72 -36.67 -14.74 31.92
C ARG A 72 -35.80 -13.81 31.08
N ALA A 73 -34.93 -14.39 30.24
CA ALA A 73 -34.07 -13.57 29.40
C ALA A 73 -34.87 -12.77 28.39
N ILE A 74 -35.87 -13.39 27.76
CA ILE A 74 -36.66 -12.67 26.76
C ILE A 74 -37.61 -11.67 27.41
N GLY A 75 -38.01 -11.93 28.66
CA GLY A 75 -38.88 -11.00 29.36
C GLY A 75 -38.21 -9.69 29.73
N ILE A 76 -36.88 -9.68 29.84
CA ILE A 76 -36.17 -8.45 30.14
C ILE A 76 -36.29 -7.46 28.99
N CYS A 77 -36.32 -7.94 27.75
CA CYS A 77 -36.38 -7.07 26.58
C CYS A 77 -37.78 -6.60 26.24
N ASN A 78 -38.76 -6.78 27.13
CA ASN A 78 -40.12 -6.33 26.85
C ASN A 78 -40.20 -4.81 26.73
N ARG A 79 -39.41 -4.08 27.54
CA ARG A 79 -39.41 -2.62 27.46
C ARG A 79 -38.89 -2.15 26.11
N ALA A 80 -37.89 -2.84 25.56
CA ALA A 80 -37.41 -2.55 24.22
C ALA A 80 -38.29 -3.17 23.14
N LYS A 81 -39.01 -4.24 23.47
CA LYS A 81 -39.94 -4.83 22.51
C LYS A 81 -41.06 -3.87 22.17
N ASN A 82 -41.67 -3.26 23.20
CA ASN A 82 -42.76 -2.32 22.97
C ASN A 82 -42.28 -1.01 22.34
N THR A 83 -40.98 -0.72 22.42
CA THR A 83 -40.47 0.53 21.86
C THR A 83 -40.62 0.55 20.35
N VAL A 84 -40.28 -0.54 19.67
CA VAL A 84 -40.48 -0.62 18.23
C VAL A 84 -41.88 -1.09 17.86
N LYS A 85 -42.57 -1.78 18.77
CA LYS A 85 -43.98 -2.08 18.51
C LYS A 85 -44.78 -0.80 18.37
N GLY A 86 -44.44 0.22 19.16
CA GLY A 86 -45.06 1.52 19.01
C GLY A 86 -44.44 2.38 17.92
N LEU A 87 -43.25 2.02 17.46
CA LEU A 87 -42.61 2.78 16.39
C LEU A 87 -43.09 2.34 15.01
N ILE A 88 -43.40 1.05 14.84
CA ILE A 88 -43.94 0.61 13.56
C ILE A 88 -45.42 0.92 13.44
N ASN A 89 -46.12 1.10 14.56
CA ASN A 89 -47.51 1.54 14.51
C ASN A 89 -47.64 2.97 14.00
N ILE A 90 -46.57 3.75 14.07
CA ILE A 90 -46.56 5.10 13.50
C ILE A 90 -46.22 5.06 12.02
N LEU A 91 -45.25 4.23 11.62
CA LEU A 91 -44.87 4.14 10.21
C LEU A 91 -45.90 3.39 9.39
N GLU A 92 -46.67 2.50 10.02
CA GLU A 92 -47.69 1.75 9.29
C GLU A 92 -48.95 2.59 9.06
N ASN A 93 -49.34 3.39 10.05
CA ASN A 93 -50.57 4.17 9.98
C ASN A 93 -50.25 5.61 9.59
N PRO A 94 -50.66 6.07 8.41
CA PRO A 94 -50.43 7.49 8.07
C PRO A 94 -51.20 8.44 8.99
N GLN A 95 -52.39 8.06 9.42
CA GLN A 95 -53.14 8.90 10.37
C GLN A 95 -52.39 9.05 11.68
N LYS A 96 -51.88 7.94 12.21
CA LYS A 96 -51.06 8.00 13.42
C LYS A 96 -49.70 8.66 13.17
N PHE A 97 -49.24 8.70 11.93
CA PHE A 97 -47.99 9.38 11.61
C PHE A 97 -48.18 10.89 11.52
N LYS A 98 -49.37 11.35 11.10
CA LYS A 98 -49.63 12.77 10.93
C LYS A 98 -49.75 13.52 12.25
N THR A 99 -49.72 12.82 13.38
CA THR A 99 -49.78 13.48 14.69
C THR A 99 -48.41 13.94 15.17
N GLN A 100 -47.38 13.11 15.01
CA GLN A 100 -46.04 13.50 15.40
C GLN A 100 -45.47 14.51 14.42
N ARG A 101 -44.35 15.13 14.80
CA ARG A 101 -43.77 16.19 14.00
C ARG A 101 -42.31 15.91 13.64
N GLU A 102 -42.04 14.75 13.04
CA GLU A 102 -40.72 14.41 12.57
C GLU A 102 -40.82 13.73 11.21
N SER A 103 -39.77 13.88 10.41
CA SER A 103 -39.76 13.36 9.05
C SER A 103 -39.91 11.84 9.05
N TYR A 104 -40.16 11.29 7.86
CA TYR A 104 -40.24 9.84 7.72
C TYR A 104 -38.87 9.19 7.82
N ASP A 105 -37.86 9.80 7.22
CA ASP A 105 -36.51 9.24 7.30
C ASP A 105 -35.96 9.32 8.72
N VAL A 106 -36.22 10.44 9.41
CA VAL A 106 -35.75 10.58 10.79
C VAL A 106 -36.45 9.59 11.70
N LYS A 107 -37.73 9.30 11.44
CA LYS A 107 -38.43 8.31 12.25
C LYS A 107 -38.13 6.89 11.80
N LEU A 108 -37.78 6.69 10.53
CA LEU A 108 -37.41 5.36 10.07
C LEU A 108 -36.08 4.91 10.65
N ARG A 109 -35.16 5.85 10.90
CA ARG A 109 -33.91 5.50 11.55
C ARG A 109 -34.12 5.11 13.01
N GLN A 110 -35.11 5.72 13.66
CA GLN A 110 -35.46 5.30 15.02
C GLN A 110 -35.97 3.87 15.04
N TYR A 111 -36.71 3.46 14.00
CA TYR A 111 -37.15 2.08 13.90
C TYR A 111 -35.95 1.15 13.77
N GLU A 112 -35.03 1.45 12.84
CA GLU A 112 -33.89 0.58 12.62
C GLU A 112 -33.01 0.49 13.87
N GLU A 113 -32.70 1.64 14.48
CA GLU A 113 -31.80 1.65 15.62
C GLU A 113 -32.41 0.89 16.81
N LYS A 114 -33.67 1.15 17.11
CA LYS A 114 -34.32 0.49 18.23
C LYS A 114 -34.72 -0.95 17.92
N LYS A 115 -34.83 -1.32 16.64
CA LYS A 115 -35.10 -2.71 16.30
C LYS A 115 -33.89 -3.59 16.58
N GLU A 116 -32.71 -3.15 16.12
CA GLU A 116 -31.48 -3.89 16.42
C GLU A 116 -31.25 -3.95 17.93
N ALA A 117 -31.62 -2.90 18.66
CA ALA A 117 -31.53 -2.93 20.11
C ALA A 117 -32.42 -4.02 20.69
N PHE A 118 -33.62 -4.18 20.14
CA PHE A 118 -34.51 -5.24 20.62
C PHE A 118 -33.99 -6.62 20.23
N ARG A 119 -33.58 -6.78 18.97
CA ARG A 119 -33.04 -8.06 18.53
C ARG A 119 -31.74 -8.39 19.24
N GLY A 120 -30.88 -7.39 19.44
CA GLY A 120 -29.63 -7.62 20.15
C GLY A 120 -29.84 -7.95 21.61
N CYS A 121 -30.92 -7.43 22.20
CA CYS A 121 -31.24 -7.75 23.58
C CYS A 121 -31.61 -9.22 23.74
N LEU A 122 -32.37 -9.75 22.77
CA LEU A 122 -32.78 -11.15 22.85
C LEU A 122 -31.58 -12.08 22.89
N LEU A 123 -30.47 -11.68 22.28
CA LEU A 123 -29.27 -12.49 22.26
C LEU A 123 -28.43 -12.31 23.52
N ASN A 124 -28.13 -11.06 23.88
CA ASN A 124 -27.22 -10.79 25.00
C ASN A 124 -27.75 -11.38 26.29
N LYS A 125 -29.07 -11.33 26.49
CA LYS A 125 -29.65 -11.89 27.71
C LYS A 125 -29.61 -13.42 27.72
N ASN A 126 -29.41 -14.05 26.57
CA ASN A 126 -29.38 -15.50 26.46
C ASN A 126 -27.97 -16.05 26.29
N ARG A 127 -26.95 -15.22 26.44
CA ARG A 127 -25.59 -15.67 26.15
C ARG A 127 -25.14 -16.72 27.16
N LYS A 128 -25.39 -16.51 28.44
CA LYS A 128 -25.01 -17.50 29.44
C LYS A 128 -25.83 -18.78 29.30
N ASN A 129 -27.00 -18.71 28.68
CA ASN A 129 -27.75 -19.92 28.37
C ASN A 129 -27.16 -20.69 27.20
N LEU A 130 -26.36 -20.03 26.35
CA LEU A 130 -25.74 -20.72 25.23
C LEU A 130 -24.70 -21.72 25.71
N ASP A 131 -24.03 -21.42 26.83
CA ASP A 131 -23.11 -22.39 27.42
C ASP A 131 -23.85 -23.50 28.16
N GLN A 132 -25.02 -23.17 28.73
CA GLN A 132 -25.82 -24.18 29.42
C GLN A 132 -26.34 -25.23 28.46
N ILE A 133 -26.61 -24.85 27.21
CA ILE A 133 -27.03 -25.84 26.22
C ILE A 133 -25.88 -26.76 25.86
N LYS A 134 -24.68 -26.19 25.67
CA LYS A 134 -23.51 -27.02 25.40
C LYS A 134 -23.22 -27.97 26.55
N LYS A 135 -23.43 -27.52 27.79
CA LYS A 135 -23.16 -28.37 28.94
C LYS A 135 -24.12 -29.56 28.98
N ILE A 136 -25.42 -29.31 28.81
CA ILE A 136 -26.40 -30.39 28.81
C ILE A 136 -26.16 -31.34 27.65
N ASN A 137 -25.70 -30.81 26.51
CA ASN A 137 -25.31 -31.68 25.40
C ASN A 137 -24.20 -32.63 25.82
N ASN A 138 -23.22 -32.14 26.58
CA ASN A 138 -22.16 -33.00 27.07
C ASN A 138 -22.69 -34.04 28.05
N GLU A 139 -23.52 -33.61 29.00
CA GLU A 139 -24.08 -34.54 29.96
C GLU A 139 -24.95 -35.59 29.29
N ILE A 140 -25.55 -35.26 28.15
CA ILE A 140 -26.31 -36.25 27.39
C ILE A 140 -25.36 -37.24 26.71
N ARG A 141 -24.27 -36.74 26.11
CA ARG A 141 -23.31 -37.61 25.44
C ARG A 141 -22.62 -38.52 26.44
N ASP A 142 -22.18 -37.96 27.57
CA ASP A 142 -21.49 -38.77 28.57
C ASP A 142 -22.43 -39.76 29.25
N LEU A 143 -23.72 -39.40 29.38
CA LEU A 143 -24.67 -40.33 29.96
C LEU A 143 -24.83 -41.57 29.10
N LEU A 144 -24.81 -41.40 27.78
CA LEU A 144 -24.94 -42.53 26.87
C LEU A 144 -23.78 -43.51 26.97
N GLU A 145 -22.66 -43.09 27.57
CA GLU A 145 -21.54 -44.00 27.76
C GLU A 145 -21.85 -45.09 28.79
N LYS A 146 -22.87 -44.88 29.62
CA LYS A 146 -23.24 -45.86 30.63
C LYS A 146 -23.97 -47.07 30.06
N LEU A 147 -24.23 -47.11 28.76
CA LEU A 147 -24.93 -48.24 28.16
C LEU A 147 -24.03 -49.48 28.15
N LYS A 148 -24.59 -50.62 28.52
CA LYS A 148 -23.81 -51.84 28.68
C LYS A 148 -23.49 -52.49 27.34
N CYS A 149 -23.12 -51.68 26.35
CA CYS A 149 -22.68 -52.17 25.05
C CYS A 149 -21.38 -51.48 24.67
N SER A 150 -20.77 -51.99 23.61
CA SER A 150 -19.52 -51.44 23.08
C SER A 150 -19.60 -51.40 21.55
N GLN A 151 -19.56 -52.57 20.92
CA GLN A 151 -19.71 -52.70 19.48
C GLN A 151 -20.96 -53.51 19.13
N ASP A 152 -21.90 -53.63 20.07
CA ASP A 152 -23.08 -54.47 19.93
C ASP A 152 -24.34 -53.73 20.33
N CYS A 153 -24.35 -52.41 20.19
CA CYS A 153 -25.46 -51.61 20.70
C CYS A 153 -26.70 -51.80 19.83
N GLN A 154 -27.86 -51.88 20.48
CA GLN A 154 -29.10 -52.23 19.82
C GLN A 154 -29.72 -51.00 19.13
N THR A 155 -30.21 -51.22 17.91
CA THR A 155 -30.85 -50.19 17.11
C THR A 155 -32.37 -50.21 17.22
N ASN A 156 -32.94 -51.14 18.01
CA ASN A 156 -34.39 -51.32 18.03
C ASN A 156 -35.11 -50.03 18.40
N VAL A 157 -34.67 -49.37 19.47
CA VAL A 157 -35.30 -48.12 19.86
C VAL A 157 -34.99 -46.99 18.88
N TYR A 158 -33.89 -47.10 18.14
CA TYR A 158 -33.54 -46.06 17.17
C TYR A 158 -34.55 -46.02 16.03
N PHE A 159 -35.00 -47.18 15.55
CA PHE A 159 -35.98 -47.23 14.48
C PHE A 159 -37.41 -47.17 14.97
N ASP A 160 -37.65 -47.44 16.26
CA ASP A 160 -38.98 -47.22 16.83
C ASP A 160 -39.35 -45.75 16.80
N MET A 161 -38.39 -44.87 17.12
CA MET A 161 -38.66 -43.44 17.06
C MET A 161 -38.78 -42.95 15.62
N ILE A 162 -38.08 -43.60 14.69
CA ILE A 162 -38.21 -43.22 13.28
C ILE A 162 -39.62 -43.50 12.79
N LYS A 163 -40.19 -44.64 13.18
CA LYS A 163 -41.56 -44.95 12.78
C LYS A 163 -42.55 -43.96 13.38
N ILE A 164 -42.34 -43.58 14.65
CA ILE A 164 -43.25 -42.64 15.29
C ILE A 164 -43.12 -41.25 14.69
N TYR A 165 -41.90 -40.86 14.31
CA TYR A 165 -41.68 -39.50 13.82
C TYR A 165 -42.38 -39.27 12.48
N LEU A 166 -42.33 -40.25 11.58
CA LEU A 166 -42.97 -40.09 10.28
C LEU A 166 -44.49 -40.08 10.38
N VAL A 167 -45.05 -40.69 11.43
CA VAL A 167 -46.48 -40.54 11.68
C VAL A 167 -46.78 -39.11 12.14
N ASP A 168 -45.93 -38.55 13.00
CA ASP A 168 -46.12 -37.18 13.46
C ASP A 168 -45.86 -36.17 12.36
N PHE A 169 -45.01 -36.51 11.38
CA PHE A 169 -44.68 -35.57 10.33
C PHE A 169 -45.77 -35.47 9.27
N LYS A 170 -46.45 -36.58 8.98
CA LYS A 170 -47.58 -36.52 8.06
C LYS A 170 -48.77 -35.78 8.67
N LYS A 171 -48.79 -35.54 9.97
CA LYS A 171 -49.84 -34.76 10.59
C LYS A 171 -49.82 -33.31 10.15
N MET A 172 -48.69 -32.83 9.57
CA MET A 172 -48.61 -31.47 9.07
C MET A 172 -48.71 -31.46 7.56
N PRO A 173 -49.61 -30.67 6.97
CA PRO A 173 -49.68 -30.59 5.51
C PRO A 173 -48.62 -29.66 4.94
N TYR A 174 -47.52 -30.23 4.45
CA TYR A 174 -46.42 -29.40 3.97
C TYR A 174 -46.83 -28.57 2.75
N GLU A 175 -47.53 -29.19 1.80
CA GLU A 175 -47.90 -28.47 0.57
C GLU A 175 -48.89 -27.34 0.86
N ASN A 176 -49.68 -27.47 1.92
CA ASN A 176 -50.56 -26.38 2.32
C ASN A 176 -49.77 -25.14 2.67
N TYR A 177 -48.65 -25.31 3.38
CA TYR A 177 -47.75 -24.18 3.66
C TYR A 177 -46.99 -23.76 2.41
N ASP A 178 -46.74 -24.69 1.48
CA ASP A 178 -45.88 -24.41 0.34
C ASP A 178 -46.58 -23.51 -0.68
N THR A 179 -47.79 -23.91 -1.11
CA THR A 179 -48.52 -23.09 -2.06
C THR A 179 -49.06 -21.81 -1.41
N PHE A 180 -49.13 -21.76 -0.08
CA PHE A 180 -49.53 -20.53 0.59
C PHE A 180 -48.50 -19.43 0.39
N ILE A 181 -47.25 -19.70 0.78
CA ILE A 181 -46.21 -18.69 0.69
C ILE A 181 -45.88 -18.38 -0.77
N LYS A 182 -45.96 -19.39 -1.64
CA LYS A 182 -45.69 -19.15 -3.06
C LYS A 182 -46.70 -18.18 -3.65
N GLN A 183 -47.97 -18.30 -3.25
CA GLN A 183 -48.98 -17.35 -3.73
C GLN A 183 -48.79 -15.99 -3.09
N TYR A 184 -48.55 -15.94 -1.78
CA TYR A 184 -48.38 -14.66 -1.10
C TYR A 184 -47.10 -13.96 -1.54
N LYS A 185 -46.04 -14.72 -1.82
CA LYS A 185 -44.82 -14.10 -2.33
C LYS A 185 -45.03 -13.57 -3.74
N ASN A 186 -45.79 -14.30 -4.57
CA ASN A 186 -46.09 -13.83 -5.91
C ASN A 186 -46.93 -12.55 -5.87
N SER A 187 -47.91 -12.49 -4.97
CA SER A 187 -48.70 -11.28 -4.79
C SER A 187 -47.99 -10.22 -3.95
N TYR A 188 -46.82 -10.54 -3.39
CA TYR A 188 -46.06 -9.54 -2.65
C TYR A 188 -45.17 -8.74 -3.58
N LEU A 189 -44.31 -9.42 -4.35
CA LEU A 189 -43.45 -8.74 -5.30
C LEU A 189 -44.26 -8.05 -6.38
N SER A 190 -45.46 -8.55 -6.65
CA SER A 190 -46.37 -7.86 -7.55
C SER A 190 -46.50 -6.39 -7.14
N GLY A 191 -46.88 -6.14 -5.88
CA GLY A 191 -47.09 -4.78 -5.40
C GLY A 191 -45.80 -4.02 -5.15
N VAL A 192 -44.70 -4.72 -4.91
CA VAL A 192 -43.40 -4.06 -4.77
C VAL A 192 -42.95 -3.48 -6.11
N ASP A 193 -42.92 -4.32 -7.15
CA ASP A 193 -42.61 -3.85 -8.49
C ASP A 193 -43.66 -2.90 -9.02
N MET A 194 -44.75 -2.71 -8.29
CA MET A 194 -45.88 -1.90 -8.73
C MET A 194 -45.81 -0.49 -8.19
N ILE A 195 -45.60 -0.37 -6.88
CA ILE A 195 -45.48 0.94 -6.26
C ILE A 195 -44.34 1.72 -6.91
N ARG A 196 -43.23 1.05 -7.21
CA ARG A 196 -42.10 1.70 -7.86
C ARG A 196 -42.44 2.20 -9.26
N LYS A 197 -43.56 1.78 -9.84
CA LYS A 197 -43.97 2.21 -11.17
C LYS A 197 -45.15 3.16 -11.16
N ILE A 198 -45.81 3.37 -10.02
CA ILE A 198 -46.96 4.26 -9.93
C ILE A 198 -46.83 5.31 -8.85
N GLU A 199 -45.74 5.32 -8.08
CA GLU A 199 -45.59 6.30 -7.02
C GLU A 199 -45.35 7.70 -7.55
N LYS A 200 -44.96 7.83 -8.82
CA LYS A 200 -44.76 9.14 -9.43
C LYS A 200 -46.02 9.73 -10.02
N GLN A 201 -47.01 8.90 -10.35
CA GLN A 201 -48.26 9.40 -10.91
C GLN A 201 -49.14 10.04 -9.84
N ILE A 202 -49.22 9.42 -8.66
CA ILE A 202 -49.99 9.96 -7.54
C ILE A 202 -49.03 10.59 -6.55
N ASP A 203 -49.17 11.90 -6.35
CA ASP A 203 -48.30 12.64 -5.43
C ASP A 203 -48.85 12.53 -4.01
N ASN A 204 -48.67 11.35 -3.42
CA ASN A 204 -49.08 11.07 -2.05
C ASN A 204 -47.93 10.41 -1.33
N PRO A 205 -47.25 11.11 -0.41
CA PRO A 205 -46.08 10.52 0.24
C PRO A 205 -46.41 9.81 1.56
N VAL A 206 -47.57 10.13 2.15
CA VAL A 206 -47.90 9.57 3.46
C VAL A 206 -48.24 8.09 3.33
N THR A 207 -49.12 7.74 2.39
CA THR A 207 -49.61 6.37 2.31
C THR A 207 -48.62 5.44 1.63
N ILE A 208 -47.88 5.93 0.63
CA ILE A 208 -46.98 5.08 -0.13
C ILE A 208 -45.71 4.79 0.66
N ASN A 209 -45.25 5.76 1.46
CA ASN A 209 -44.16 5.48 2.39
C ASN A 209 -44.58 4.43 3.42
N ALA A 210 -45.83 4.49 3.88
CA ALA A 210 -46.31 3.47 4.80
C ALA A 210 -46.42 2.11 4.11
N ILE A 211 -46.69 2.09 2.81
CA ILE A 211 -46.80 0.82 2.09
C ILE A 211 -45.42 0.21 1.89
N LYS A 212 -44.44 1.03 1.50
CA LYS A 212 -43.09 0.52 1.30
C LYS A 212 -42.50 -0.03 2.59
N PHE A 213 -42.80 0.63 3.71
CA PHE A 213 -42.33 0.13 5.01
C PHE A 213 -43.01 -1.19 5.36
N THR A 214 -44.33 -1.25 5.23
CA THR A 214 -45.05 -2.49 5.47
C THR A 214 -44.69 -3.57 4.46
N GLN A 215 -44.18 -3.17 3.29
CA GLN A 215 -43.64 -4.15 2.36
C GLN A 215 -42.25 -4.61 2.76
N LYS A 216 -41.46 -3.74 3.41
CA LYS A 216 -40.14 -4.13 3.86
C LYS A 216 -40.23 -5.20 4.94
N GLU A 217 -41.13 -5.02 5.91
CA GLU A 217 -41.34 -6.05 6.92
C GLU A 217 -42.00 -7.29 6.33
N MET A 218 -42.85 -7.12 5.31
CA MET A 218 -43.45 -8.27 4.65
C MET A 218 -42.37 -9.17 4.03
N GLY A 219 -41.34 -8.56 3.43
CA GLY A 219 -40.23 -9.35 2.95
C GLY A 219 -39.57 -10.14 4.04
N TYR A 220 -39.15 -9.45 5.12
CA TYR A 220 -38.46 -10.12 6.22
C TYR A 220 -39.25 -11.30 6.75
N ILE A 221 -40.55 -11.11 6.99
CA ILE A 221 -41.39 -12.20 7.47
C ILE A 221 -41.45 -13.34 6.46
N ILE A 222 -41.40 -13.03 5.17
CA ILE A 222 -41.50 -14.07 4.14
C ILE A 222 -40.26 -14.97 4.18
N ASP A 223 -39.07 -14.38 4.19
CA ASP A 223 -37.86 -15.20 4.19
C ASP A 223 -37.72 -16.01 5.47
N ARG A 224 -38.26 -15.50 6.59
CA ARG A 224 -38.33 -16.30 7.80
C ARG A 224 -39.26 -17.50 7.61
N PHE A 225 -40.31 -17.35 6.79
CA PHE A 225 -41.20 -18.46 6.53
C PHE A 225 -40.54 -19.50 5.62
N GLU A 226 -39.92 -19.05 4.52
CA GLU A 226 -39.25 -19.96 3.63
C GLU A 226 -38.06 -20.64 4.31
N TYR A 227 -37.43 -19.96 5.26
CA TYR A 227 -36.32 -20.55 6.02
C TYR A 227 -36.81 -21.73 6.85
N HIS A 228 -37.84 -21.51 7.67
CA HIS A 228 -38.40 -22.58 8.49
C HIS A 228 -39.13 -23.63 7.65
N LEU A 229 -39.60 -23.27 6.46
CA LEU A 229 -40.26 -24.25 5.61
C LEU A 229 -39.26 -25.28 5.07
N GLN A 230 -38.08 -24.82 4.64
CA GLN A 230 -37.06 -25.73 4.15
C GLN A 230 -36.60 -26.67 5.26
N LYS A 231 -36.41 -26.15 6.47
CA LYS A 231 -35.82 -26.94 7.54
C LYS A 231 -36.75 -28.08 7.96
N VAL A 232 -38.06 -27.84 7.96
CA VAL A 232 -38.98 -28.94 8.24
C VAL A 232 -39.10 -29.87 7.03
N LYS A 233 -38.92 -29.34 5.82
CA LYS A 233 -38.84 -30.21 4.65
C LYS A 233 -37.57 -31.06 4.70
N HIS A 234 -36.44 -30.43 5.04
CA HIS A 234 -35.19 -31.18 5.18
C HIS A 234 -35.30 -32.21 6.29
N SER A 235 -35.98 -31.87 7.38
CA SER A 235 -36.16 -32.83 8.47
C SER A 235 -36.97 -34.03 8.00
N ILE A 236 -38.07 -33.79 7.28
CA ILE A 236 -38.95 -34.87 6.87
C ILE A 236 -38.26 -35.77 5.84
N ASP A 237 -37.56 -35.17 4.88
CA ASP A 237 -36.92 -35.96 3.84
C ASP A 237 -35.83 -36.86 4.40
N GLN A 238 -35.09 -36.38 5.40
CA GLN A 238 -33.93 -37.12 5.88
C GLN A 238 -34.34 -38.35 6.68
N VAL A 239 -35.33 -38.21 7.57
CA VAL A 239 -35.77 -39.35 8.35
C VAL A 239 -36.53 -40.34 7.46
N THR A 240 -37.20 -39.85 6.41
CA THR A 240 -37.79 -40.75 5.43
C THR A 240 -36.73 -41.63 4.79
N ALA A 241 -35.60 -41.04 4.41
CA ALA A 241 -34.51 -41.83 3.84
C ALA A 241 -33.90 -42.77 4.87
N LEU A 242 -33.95 -42.41 6.15
CA LEU A 242 -33.48 -43.32 7.20
C LEU A 242 -34.38 -44.55 7.31
N SER A 243 -35.67 -44.38 7.06
CA SER A 243 -36.57 -45.53 7.06
C SER A 243 -36.44 -46.37 5.80
N ASP A 244 -36.13 -45.75 4.66
CA ASP A 244 -35.92 -46.46 3.41
C ASP A 244 -34.49 -46.97 3.24
N GLY A 245 -33.60 -46.69 4.19
CA GLY A 245 -32.21 -47.06 4.09
C GLY A 245 -31.88 -48.34 4.83
N VAL A 246 -30.58 -48.62 4.92
CA VAL A 246 -30.12 -49.82 5.60
C VAL A 246 -30.51 -49.77 7.07
N LYS A 247 -30.77 -50.94 7.64
CA LYS A 247 -31.19 -51.07 9.05
C LYS A 247 -30.38 -52.18 9.70
N PRO A 248 -29.19 -51.88 10.18
CA PRO A 248 -28.40 -52.88 10.90
C PRO A 248 -28.90 -53.07 12.33
N LYS A 249 -28.74 -54.28 12.84
CA LYS A 249 -29.17 -54.59 14.19
C LYS A 249 -28.15 -54.18 15.24
N GLN A 250 -26.87 -54.10 14.88
CA GLN A 250 -25.80 -53.78 15.83
C GLN A 250 -24.94 -52.65 15.28
N VAL A 251 -24.63 -51.68 16.14
CA VAL A 251 -23.75 -50.56 15.80
C VAL A 251 -22.84 -50.28 16.98
N THR A 252 -21.74 -49.58 16.71
CA THR A 252 -20.84 -49.17 17.79
C THR A 252 -21.56 -48.16 18.68
N LYS A 253 -21.05 -48.02 19.91
CA LYS A 253 -21.68 -47.10 20.86
C LYS A 253 -21.59 -45.65 20.38
N ASN A 254 -20.56 -45.31 19.59
CA ASN A 254 -20.47 -43.95 19.09
C ASN A 254 -21.48 -43.69 17.98
N ARG A 255 -21.78 -44.70 17.15
CA ARG A 255 -22.78 -44.52 16.10
C ARG A 255 -24.17 -44.33 16.69
N LEU A 256 -24.47 -45.02 17.79
CA LEU A 256 -25.77 -44.82 18.43
C LEU A 256 -25.92 -43.41 18.97
N LYS A 257 -24.82 -42.84 19.50
CA LYS A 257 -24.86 -41.46 19.94
C LYS A 257 -25.05 -40.51 18.76
N GLU A 258 -24.42 -40.82 17.62
CA GLU A 258 -24.71 -40.07 16.40
C GLU A 258 -26.18 -40.16 16.04
N TYR A 259 -26.78 -41.33 16.25
CA TYR A 259 -28.15 -41.57 15.84
C TYR A 259 -29.13 -40.72 16.66
N TYR A 260 -29.10 -40.85 17.98
CA TYR A 260 -30.02 -40.09 18.82
C TYR A 260 -29.86 -38.60 18.62
N PHE A 261 -28.62 -38.14 18.44
CA PHE A 261 -28.40 -36.71 18.20
C PHE A 261 -28.88 -36.31 16.82
N ASN A 262 -28.87 -37.24 15.86
CA ASN A 262 -29.34 -36.93 14.52
C ASN A 262 -30.86 -36.81 14.48
N ILE A 263 -31.57 -37.90 14.77
CA ILE A 263 -33.02 -37.88 14.74
C ILE A 263 -33.59 -37.02 15.86
N GLY A 264 -32.86 -36.84 16.96
CA GLY A 264 -33.32 -35.93 17.98
C GLY A 264 -33.30 -34.49 17.53
N ASN A 265 -32.25 -34.09 16.80
CA ASN A 265 -32.20 -32.74 16.25
C ASN A 265 -33.16 -32.60 15.07
N TYR A 266 -33.34 -33.68 14.29
CA TYR A 266 -34.28 -33.64 13.17
C TYR A 266 -35.69 -33.34 13.64
N TYR A 267 -36.10 -33.94 14.76
CA TYR A 267 -37.44 -33.74 15.28
C TYR A 267 -37.58 -32.36 15.94
N SER A 268 -36.53 -31.89 16.61
CA SER A 268 -36.61 -30.58 17.25
C SER A 268 -36.72 -29.47 16.22
N ILE A 269 -36.08 -29.62 15.06
CA ILE A 269 -36.22 -28.64 14.00
C ILE A 269 -37.65 -28.65 13.45
N PHE A 270 -38.24 -29.84 13.33
CA PHE A 270 -39.61 -29.95 12.86
C PHE A 270 -40.57 -29.24 13.81
N LYS A 271 -40.48 -29.54 15.11
CA LYS A 271 -41.37 -28.91 16.08
C LYS A 271 -41.11 -27.41 16.18
N PHE A 272 -39.84 -27.00 16.10
CA PHE A 272 -39.50 -25.59 16.17
C PHE A 272 -39.98 -24.85 14.93
N GLY A 273 -39.81 -25.45 13.75
CA GLY A 273 -40.29 -24.83 12.53
C GLY A 273 -41.81 -24.74 12.48
N LYS A 274 -42.49 -25.83 12.84
CA LYS A 274 -43.95 -25.82 12.83
C LYS A 274 -44.52 -24.78 13.79
N ASP A 275 -43.79 -24.48 14.86
CA ASP A 275 -44.26 -23.47 15.82
C ASP A 275 -44.19 -22.08 15.21
N SER A 276 -43.06 -21.75 14.59
CA SER A 276 -42.88 -20.41 14.03
C SER A 276 -43.58 -20.24 12.69
N LEU A 277 -43.70 -21.33 11.92
CA LEU A 277 -44.39 -21.24 10.62
C LEU A 277 -45.83 -20.79 10.81
N ASN A 278 -46.51 -21.34 11.82
CA ASN A 278 -47.89 -20.92 12.08
C ASN A 278 -47.95 -19.49 12.58
N MET A 279 -46.95 -19.05 13.35
CA MET A 279 -46.91 -17.67 13.79
C MET A 279 -46.66 -16.72 12.61
N LEU A 280 -45.68 -17.06 11.77
CA LEU A 280 -45.38 -16.22 10.61
C LEU A 280 -46.56 -16.16 9.64
N ASN A 281 -47.34 -17.24 9.56
CA ASN A 281 -48.53 -17.24 8.72
C ASN A 281 -49.51 -16.16 9.19
N LYS A 282 -49.86 -16.19 10.47
CA LYS A 282 -50.76 -15.17 11.01
C LYS A 282 -50.15 -13.78 10.97
N ALA A 283 -48.82 -13.67 10.93
CA ALA A 283 -48.19 -12.35 10.83
C ALA A 283 -48.18 -11.85 9.39
N LEU A 284 -48.00 -12.76 8.42
CA LEU A 284 -47.99 -12.35 7.02
C LEU A 284 -49.37 -11.85 6.59
N ILE A 285 -50.43 -12.57 6.99
CA ILE A 285 -51.77 -12.17 6.60
C ILE A 285 -52.13 -10.82 7.24
N HIS A 286 -51.70 -10.59 8.47
CA HIS A 286 -51.97 -9.32 9.13
C HIS A 286 -51.25 -8.17 8.42
N LYS A 287 -50.00 -8.40 8.00
CA LYS A 287 -49.28 -7.37 7.26
C LYS A 287 -49.87 -7.17 5.87
N GLU A 288 -50.37 -8.24 5.25
CA GLU A 288 -50.97 -8.12 3.92
C GLU A 288 -52.31 -7.40 3.97
N LYS A 289 -53.07 -7.57 5.05
CA LYS A 289 -54.31 -6.83 5.21
C LYS A 289 -54.06 -5.34 5.35
N ILE A 290 -52.90 -4.95 5.88
CA ILE A 290 -52.58 -3.54 6.02
C ILE A 290 -52.28 -2.93 4.66
N VAL A 291 -51.39 -3.57 3.89
CA VAL A 291 -51.02 -3.02 2.59
C VAL A 291 -52.20 -3.02 1.63
N HIS A 292 -53.10 -4.01 1.74
CA HIS A 292 -54.24 -4.07 0.83
C HIS A 292 -55.18 -2.87 1.05
N ASN A 293 -55.42 -2.50 2.31
CA ASN A 293 -56.39 -1.45 2.59
C ASN A 293 -55.79 -0.06 2.39
N LEU A 294 -54.49 0.11 2.63
CA LEU A 294 -53.86 1.37 2.30
C LEU A 294 -53.61 1.52 0.81
N LEU A 295 -53.63 0.42 0.06
CA LEU A 295 -53.66 0.52 -1.40
C LEU A 295 -55.04 0.91 -1.89
N GLY A 296 -56.10 0.47 -1.19
CA GLY A 296 -57.45 0.89 -1.56
C GLY A 296 -57.71 2.35 -1.30
N GLU A 297 -57.11 2.90 -0.23
CA GLU A 297 -57.22 4.34 0.01
C GLU A 297 -56.48 5.14 -1.05
N LEU A 298 -55.42 4.57 -1.63
CA LEU A 298 -54.70 5.26 -2.70
C LEU A 298 -55.51 5.31 -3.99
N PHE A 299 -56.30 4.28 -4.26
CA PHE A 299 -57.09 4.20 -5.49
C PHE A 299 -58.56 4.56 -5.28
N GLY A 300 -58.96 4.92 -4.05
CA GLY A 300 -60.36 5.19 -3.77
C GLY A 300 -60.70 6.65 -3.72
N HIS A 301 -59.68 7.51 -3.76
CA HIS A 301 -59.86 8.96 -3.68
C HIS A 301 -59.26 9.59 -4.94
N LEU A 302 -59.95 9.41 -6.06
CA LEU A 302 -59.54 10.02 -7.33
C LEU A 302 -60.15 11.41 -7.52
N GLU A 303 -60.21 12.19 -6.45
CA GLU A 303 -60.77 13.54 -6.52
C GLU A 303 -60.10 14.45 -5.49
N GLU B 6 -30.94 1.26 -27.80
CA GLU B 6 -29.54 1.19 -27.42
C GLU B 6 -28.76 0.35 -28.43
N VAL B 7 -27.57 0.84 -28.82
CA VAL B 7 -26.76 0.14 -29.81
C VAL B 7 -26.24 -1.17 -29.22
N GLN B 8 -26.16 -2.19 -30.05
CA GLN B 8 -25.87 -3.54 -29.57
C GLN B 8 -25.34 -4.37 -30.72
N LEU B 9 -24.35 -5.22 -30.42
CA LEU B 9 -23.81 -6.19 -31.37
C LEU B 9 -23.98 -7.57 -30.77
N VAL B 10 -24.53 -8.50 -31.56
CA VAL B 10 -24.79 -9.86 -31.12
C VAL B 10 -24.13 -10.81 -32.11
N GLU B 11 -23.06 -11.48 -31.67
CA GLU B 11 -22.36 -12.44 -32.51
C GLU B 11 -22.98 -13.82 -32.36
N SER B 12 -23.26 -14.46 -33.50
CA SER B 12 -23.76 -15.82 -33.52
C SER B 12 -22.88 -16.66 -34.42
N GLY B 13 -22.70 -17.92 -34.05
CA GLY B 13 -21.84 -18.80 -34.81
C GLY B 13 -21.67 -20.10 -34.08
N GLY B 14 -21.03 -21.04 -34.76
CA GLY B 14 -20.81 -22.36 -34.21
C GLY B 14 -19.89 -22.34 -33.00
N GLY B 15 -19.61 -23.53 -32.49
CA GLY B 15 -18.73 -23.70 -31.36
C GLY B 15 -17.64 -24.72 -31.62
N LEU B 16 -17.96 -26.00 -31.47
CA LEU B 16 -16.98 -27.06 -31.70
C LEU B 16 -16.83 -27.32 -33.18
N VAL B 17 -15.59 -27.55 -33.62
CA VAL B 17 -15.28 -27.77 -35.02
C VAL B 17 -14.02 -28.64 -35.09
N LYS B 18 -13.98 -29.51 -36.10
CA LYS B 18 -12.84 -30.38 -36.29
C LYS B 18 -11.66 -29.60 -36.86
N PRO B 19 -10.43 -29.97 -36.48
CA PRO B 19 -9.26 -29.24 -36.99
C PRO B 19 -9.10 -29.41 -38.49
N GLY B 20 -8.81 -28.31 -39.17
CA GLY B 20 -8.78 -28.30 -40.62
C GLY B 20 -10.12 -28.03 -41.28
N GLY B 21 -11.19 -27.93 -40.50
CA GLY B 21 -12.51 -27.64 -41.03
C GLY B 21 -12.74 -26.16 -41.27
N SER B 22 -13.98 -25.73 -41.12
CA SER B 22 -14.31 -24.33 -41.36
C SER B 22 -15.60 -23.96 -40.66
N LEU B 23 -15.70 -22.69 -40.27
CA LEU B 23 -16.87 -22.16 -39.58
C LEU B 23 -17.19 -20.77 -40.12
N ARG B 24 -18.38 -20.29 -39.81
CA ARG B 24 -18.84 -18.97 -40.25
C ARG B 24 -19.54 -18.27 -39.10
N LEU B 25 -19.14 -17.02 -38.85
CA LEU B 25 -19.70 -16.22 -37.77
C LEU B 25 -20.55 -15.09 -38.35
N SER B 26 -21.55 -14.66 -37.58
CA SER B 26 -22.45 -13.61 -37.99
C SER B 26 -22.71 -12.68 -36.81
N CYS B 27 -22.68 -11.37 -37.07
CA CYS B 27 -22.84 -10.36 -36.04
C CYS B 27 -23.91 -9.36 -36.48
N GLU B 28 -25.04 -9.37 -35.79
CA GLU B 28 -26.16 -8.47 -36.09
C GLU B 28 -26.03 -7.19 -35.28
N ALA B 29 -26.12 -6.06 -35.96
CA ALA B 29 -26.08 -4.76 -35.31
C ALA B 29 -27.49 -4.23 -35.09
N SER B 30 -27.62 -3.33 -34.12
CA SER B 30 -28.92 -2.74 -33.81
C SER B 30 -28.73 -1.32 -33.33
N GLY B 31 -29.66 -0.44 -33.70
CA GLY B 31 -29.73 0.88 -33.12
C GLY B 31 -28.76 1.90 -33.68
N PHE B 32 -28.14 1.66 -34.83
CA PHE B 32 -27.26 2.64 -35.43
C PHE B 32 -27.10 2.32 -36.91
N LEU B 33 -26.78 3.36 -37.68
CA LEU B 33 -26.62 3.23 -39.13
C LEU B 33 -25.42 2.36 -39.48
N PHE B 34 -25.66 1.07 -39.70
CA PHE B 34 -24.60 0.10 -39.92
C PHE B 34 -23.75 0.43 -41.16
N SER B 35 -24.30 1.18 -42.12
CA SER B 35 -23.59 1.45 -43.36
C SER B 35 -22.43 2.43 -43.15
N SER B 36 -22.54 3.33 -42.17
CA SER B 36 -21.55 4.39 -41.98
C SER B 36 -20.41 3.99 -41.05
N TYR B 37 -20.41 2.76 -40.53
CA TYR B 37 -19.36 2.30 -39.64
C TYR B 37 -18.59 1.15 -40.29
N SER B 38 -17.28 1.17 -40.15
CA SER B 38 -16.43 0.06 -40.56
C SER B 38 -16.27 -0.90 -39.38
N MET B 39 -16.47 -2.20 -39.64
CA MET B 39 -16.50 -3.21 -38.59
C MET B 39 -15.18 -3.97 -38.52
N ASN B 40 -14.98 -4.65 -37.38
CA ASN B 40 -13.73 -5.38 -37.12
C ASN B 40 -14.05 -6.68 -36.39
N TRP B 41 -13.03 -7.54 -36.29
CA TRP B 41 -13.11 -8.80 -35.56
C TRP B 41 -11.92 -8.90 -34.63
N VAL B 42 -12.18 -9.08 -33.33
CA VAL B 42 -11.14 -9.23 -32.33
C VAL B 42 -11.39 -10.52 -31.57
N ARG B 43 -10.38 -11.37 -31.46
CA ARG B 43 -10.48 -12.63 -30.75
C ARG B 43 -9.61 -12.63 -29.50
N GLN B 44 -9.90 -13.55 -28.60
CA GLN B 44 -9.19 -13.64 -27.33
C GLN B 44 -9.18 -15.10 -26.89
N ALA B 45 -7.99 -15.72 -26.93
CA ALA B 45 -7.86 -17.09 -26.49
C ALA B 45 -8.15 -17.18 -24.99
N PRO B 46 -8.66 -18.32 -24.51
CA PRO B 46 -8.94 -18.47 -23.08
C PRO B 46 -7.70 -18.26 -22.24
N GLY B 47 -7.77 -17.30 -21.32
CA GLY B 47 -6.65 -16.96 -20.47
C GLY B 47 -5.62 -16.04 -21.09
N LYS B 48 -5.76 -15.70 -22.37
CA LYS B 48 -4.81 -14.87 -23.08
C LYS B 48 -5.40 -13.48 -23.33
N GLY B 49 -4.58 -12.61 -23.93
CA GLY B 49 -4.98 -11.25 -24.20
C GLY B 49 -5.78 -11.11 -25.48
N LEU B 50 -5.88 -9.86 -25.95
CA LEU B 50 -6.63 -9.55 -27.15
C LEU B 50 -5.74 -9.62 -28.39
N GLU B 51 -6.34 -10.04 -29.50
CA GLU B 51 -5.64 -10.07 -30.78
C GLU B 51 -6.60 -9.64 -31.89
N TRP B 52 -6.16 -8.69 -32.70
CA TRP B 52 -6.95 -8.26 -33.85
C TRP B 52 -6.90 -9.32 -34.95
N VAL B 53 -8.04 -9.53 -35.60
CA VAL B 53 -8.17 -10.54 -36.65
C VAL B 53 -8.32 -9.89 -38.03
N SER B 54 -9.38 -9.09 -38.21
CA SER B 54 -9.66 -8.56 -39.53
C SER B 54 -10.55 -7.32 -39.41
N SER B 55 -10.57 -6.54 -40.48
CA SER B 55 -11.36 -5.32 -40.56
C SER B 55 -12.00 -5.22 -41.94
N ILE B 56 -13.00 -4.35 -42.04
CA ILE B 56 -13.69 -4.11 -43.31
C ILE B 56 -14.33 -2.73 -43.22
N THR B 57 -14.25 -1.98 -44.33
CA THR B 57 -14.75 -0.61 -44.34
C THR B 57 -16.27 -0.60 -44.40
N GLY B 58 -16.84 0.61 -44.43
CA GLY B 58 -18.28 0.75 -44.29
C GLY B 58 -19.06 0.17 -45.47
N TYR B 59 -18.52 0.30 -46.67
CA TYR B 59 -19.17 -0.19 -47.88
C TYR B 59 -18.30 -1.21 -48.59
N SER B 60 -17.57 -2.02 -47.81
CA SER B 60 -16.73 -3.10 -48.31
C SER B 60 -15.65 -2.62 -49.28
N SER B 61 -15.27 -1.34 -49.21
CA SER B 61 -14.27 -0.81 -50.13
C SER B 61 -12.91 -1.46 -49.92
N GLU B 62 -12.52 -1.67 -48.66
CA GLU B 62 -11.23 -2.29 -48.33
C GLU B 62 -11.42 -3.34 -47.26
N VAL B 63 -10.56 -4.36 -47.29
CA VAL B 63 -10.54 -5.40 -46.28
C VAL B 63 -9.12 -5.52 -45.74
N PHE B 64 -8.99 -6.01 -44.51
CA PHE B 64 -7.70 -6.17 -43.87
C PHE B 64 -7.69 -7.43 -43.02
N TYR B 65 -6.50 -8.01 -42.88
CA TYR B 65 -6.35 -9.27 -42.14
C TYR B 65 -5.03 -9.26 -41.38
N THR B 66 -4.99 -10.00 -40.28
CA THR B 66 -3.73 -10.28 -39.61
C THR B 66 -3.01 -11.41 -40.34
N ASP B 67 -1.67 -11.44 -40.18
CA ASP B 67 -0.85 -12.37 -40.95
C ASP B 67 -1.21 -13.82 -40.66
N SER B 68 -1.73 -14.10 -39.47
CA SER B 68 -2.00 -15.49 -39.09
C SER B 68 -3.12 -16.11 -39.91
N VAL B 69 -4.14 -15.32 -40.25
CA VAL B 69 -5.35 -15.83 -40.91
C VAL B 69 -5.40 -15.46 -42.38
N LYS B 70 -4.32 -14.92 -42.94
CA LYS B 70 -4.31 -14.58 -44.36
C LYS B 70 -4.46 -15.83 -45.21
N GLY B 71 -5.29 -15.74 -46.24
CA GLY B 71 -5.61 -16.89 -47.04
C GLY B 71 -6.45 -17.93 -46.34
N ARG B 72 -6.90 -17.68 -45.12
CA ARG B 72 -7.73 -18.58 -44.36
C ARG B 72 -9.08 -17.99 -44.00
N PHE B 73 -9.12 -16.71 -43.62
CA PHE B 73 -10.36 -16.03 -43.26
C PHE B 73 -10.72 -15.01 -44.34
N THR B 74 -12.02 -14.82 -44.54
CA THR B 74 -12.53 -13.76 -45.41
C THR B 74 -13.66 -13.04 -44.70
N VAL B 75 -13.71 -11.71 -44.86
CA VAL B 75 -14.70 -10.87 -44.20
C VAL B 75 -15.77 -10.46 -45.20
N SER B 76 -17.03 -10.51 -44.76
CA SER B 76 -18.15 -10.06 -45.57
C SER B 76 -19.07 -9.23 -44.70
N ARG B 77 -19.90 -8.41 -45.34
CA ARG B 77 -20.91 -7.65 -44.63
C ARG B 77 -22.06 -7.34 -45.58
N ASP B 78 -23.26 -7.31 -45.03
CA ASP B 78 -24.48 -7.00 -45.78
C ASP B 78 -25.20 -5.88 -45.05
N ASN B 79 -24.96 -4.63 -45.48
CA ASN B 79 -25.60 -3.49 -44.83
C ASN B 79 -27.12 -3.57 -44.91
N SER B 80 -27.64 -4.23 -45.94
CA SER B 80 -29.08 -4.42 -46.05
C SER B 80 -29.63 -5.28 -44.92
N LYS B 81 -28.81 -6.13 -44.32
CA LYS B 81 -29.22 -6.97 -43.21
C LYS B 81 -28.58 -6.57 -41.89
N ASN B 82 -27.82 -5.47 -41.86
CA ASN B 82 -27.19 -4.96 -40.64
C ASN B 82 -26.33 -6.04 -39.95
N SER B 83 -25.67 -6.86 -40.75
CA SER B 83 -24.94 -8.01 -40.23
C SER B 83 -23.55 -8.09 -40.84
N LEU B 84 -22.57 -8.41 -40.00
CA LEU B 84 -21.19 -8.63 -40.42
C LEU B 84 -20.86 -10.11 -40.34
N TYR B 85 -20.07 -10.60 -41.29
CA TYR B 85 -19.75 -12.01 -41.39
C TYR B 85 -18.24 -12.23 -41.30
N LEU B 86 -17.87 -13.44 -40.91
CA LEU B 86 -16.48 -13.87 -40.89
C LEU B 86 -16.43 -15.34 -41.27
N GLN B 87 -15.88 -15.64 -42.45
CA GLN B 87 -15.74 -17.01 -42.94
C GLN B 87 -14.36 -17.52 -42.54
N MET B 88 -14.33 -18.49 -41.63
CA MET B 88 -13.08 -19.02 -41.09
C MET B 88 -12.80 -20.38 -41.73
N ASP B 89 -11.91 -20.38 -42.73
CA ASP B 89 -11.48 -21.61 -43.39
C ASP B 89 -10.11 -22.03 -42.87
N SER B 90 -9.83 -23.34 -42.99
CA SER B 90 -8.56 -23.94 -42.59
C SER B 90 -8.24 -23.62 -41.12
N LEU B 91 -9.13 -24.08 -40.24
CA LEU B 91 -9.04 -23.77 -38.83
C LEU B 91 -7.95 -24.62 -38.18
N ARG B 92 -6.98 -23.97 -37.53
CA ARG B 92 -5.98 -24.64 -36.71
C ARG B 92 -6.38 -24.58 -35.25
N ALA B 93 -5.64 -25.32 -34.42
CA ALA B 93 -5.96 -25.37 -33.00
C ALA B 93 -5.80 -24.00 -32.34
N GLU B 94 -4.75 -23.27 -32.71
CA GLU B 94 -4.50 -21.95 -32.11
C GLU B 94 -5.59 -20.94 -32.42
N ASP B 95 -6.50 -21.24 -33.35
CA ASP B 95 -7.65 -20.38 -33.61
C ASP B 95 -8.70 -20.47 -32.51
N THR B 96 -8.50 -21.34 -31.52
CA THR B 96 -9.46 -21.49 -30.42
C THR B 96 -9.47 -20.21 -29.58
N ALA B 97 -10.60 -19.49 -29.62
CA ALA B 97 -10.72 -18.23 -28.91
C ALA B 97 -12.19 -17.81 -28.91
N VAL B 98 -12.48 -16.74 -28.20
CA VAL B 98 -13.79 -16.10 -28.23
C VAL B 98 -13.69 -14.90 -29.15
N TYR B 99 -14.49 -14.90 -30.22
CA TYR B 99 -14.41 -13.87 -31.24
C TYR B 99 -15.44 -12.78 -30.97
N TYR B 100 -14.97 -11.53 -30.93
CA TYR B 100 -15.80 -10.38 -30.63
C TYR B 100 -16.11 -9.58 -31.89
N CYS B 101 -17.34 -9.10 -31.99
CA CYS B 101 -17.69 -8.10 -32.99
C CYS B 101 -17.29 -6.73 -32.48
N ALA B 102 -16.53 -5.99 -33.28
CA ALA B 102 -16.00 -4.69 -32.86
C ALA B 102 -16.34 -3.64 -33.90
N ARG B 103 -16.96 -2.55 -33.45
CA ARG B 103 -17.30 -1.41 -34.28
C ARG B 103 -16.21 -0.34 -34.13
N ALA B 104 -15.73 0.15 -35.26
CA ALA B 104 -14.69 1.19 -35.21
C ALA B 104 -15.27 2.50 -34.69
N LEU B 105 -14.48 3.21 -33.90
CA LEU B 105 -14.89 4.49 -33.35
C LEU B 105 -15.03 5.51 -34.48
N THR B 106 -16.26 5.90 -34.78
CA THR B 106 -16.55 6.86 -35.83
C THR B 106 -17.07 8.16 -35.21
N ILE B 107 -16.57 9.29 -35.71
CA ILE B 107 -16.88 10.59 -35.15
C ILE B 107 -17.56 11.43 -36.23
N PHE B 108 -18.81 11.82 -35.96
CA PHE B 108 -19.61 12.61 -36.90
C PHE B 108 -19.55 14.07 -36.48
N GLY B 109 -18.50 14.75 -36.93
CA GLY B 109 -18.32 16.16 -36.65
C GLY B 109 -18.59 17.02 -37.86
N VAL B 110 -17.64 17.90 -38.20
CA VAL B 110 -17.77 18.70 -39.41
C VAL B 110 -17.75 17.79 -40.63
N VAL B 111 -16.87 16.80 -40.65
CA VAL B 111 -16.87 15.73 -41.62
C VAL B 111 -16.88 14.41 -40.86
N ILE B 112 -16.95 13.31 -41.60
CA ILE B 112 -16.94 11.97 -41.00
C ILE B 112 -15.50 11.49 -40.94
N THR B 113 -15.05 11.16 -39.74
CA THR B 113 -13.75 10.56 -39.51
C THR B 113 -13.91 9.34 -38.61
N ASP B 114 -12.87 8.53 -38.54
CA ASP B 114 -12.91 7.38 -37.64
C ASP B 114 -11.49 6.97 -37.27
N TYR B 115 -11.37 6.17 -36.22
CA TYR B 115 -10.12 5.58 -35.81
C TYR B 115 -10.24 4.06 -35.90
N TRP B 116 -9.09 3.39 -36.00
CA TRP B 116 -9.06 1.93 -35.95
C TRP B 116 -9.08 1.40 -34.52
N PHE B 117 -9.80 2.08 -33.64
CA PHE B 117 -10.12 1.61 -32.30
C PHE B 117 -11.58 1.19 -32.26
N PHE B 118 -11.95 0.50 -31.18
CA PHE B 118 -13.24 -0.19 -31.12
C PHE B 118 -14.04 0.34 -29.93
N ASP B 119 -15.09 1.10 -30.22
CA ASP B 119 -15.90 1.71 -29.17
C ASP B 119 -17.07 0.85 -28.74
N LEU B 120 -17.60 0.00 -29.62
CA LEU B 120 -18.74 -0.85 -29.33
C LEU B 120 -18.35 -2.31 -29.52
N TRP B 121 -18.58 -3.12 -28.51
CA TRP B 121 -18.21 -4.53 -28.52
C TRP B 121 -19.44 -5.39 -28.29
N GLY B 122 -19.41 -6.61 -28.81
CA GLY B 122 -20.43 -7.61 -28.55
C GLY B 122 -20.13 -8.38 -27.29
N ARG B 123 -20.76 -9.55 -27.17
CA ARG B 123 -20.52 -10.44 -26.05
C ARG B 123 -19.60 -11.60 -26.41
N GLY B 124 -19.60 -12.04 -27.66
CA GLY B 124 -18.57 -12.94 -28.12
C GLY B 124 -19.11 -14.31 -28.48
N THR B 125 -18.39 -14.98 -29.40
CA THR B 125 -18.67 -16.36 -29.79
C THR B 125 -17.44 -17.20 -29.50
N LEU B 126 -17.61 -18.26 -28.73
CA LEU B 126 -16.52 -19.18 -28.42
C LEU B 126 -16.55 -20.30 -29.45
N VAL B 127 -15.51 -20.36 -30.28
CA VAL B 127 -15.30 -21.47 -31.20
C VAL B 127 -14.04 -22.21 -30.78
N THR B 128 -14.14 -23.54 -30.69
CA THR B 128 -13.03 -24.37 -30.23
C THR B 128 -12.64 -25.32 -31.35
N VAL B 129 -11.38 -25.28 -31.75
CA VAL B 129 -10.83 -26.14 -32.79
C VAL B 129 -10.11 -27.29 -32.10
N SER B 130 -10.80 -28.42 -31.96
CA SER B 130 -10.34 -29.54 -31.16
C SER B 130 -10.45 -30.85 -31.94
N SER B 131 -9.49 -31.74 -31.71
CA SER B 131 -9.59 -33.09 -32.26
C SER B 131 -10.53 -33.97 -31.45
N ALA B 132 -10.85 -33.59 -30.21
CA ALA B 132 -11.74 -34.36 -29.36
C ALA B 132 -13.19 -34.16 -29.78
N SER B 133 -14.07 -34.96 -29.19
CA SER B 133 -15.49 -34.92 -29.47
C SER B 133 -16.27 -34.44 -28.25
N THR B 134 -17.55 -34.17 -28.46
CA THR B 134 -18.40 -33.67 -27.39
C THR B 134 -18.68 -34.76 -26.36
N LYS B 135 -18.35 -34.49 -25.10
CA LYS B 135 -18.57 -35.42 -24.00
C LYS B 135 -19.33 -34.72 -22.89
N GLY B 136 -20.36 -35.38 -22.36
CA GLY B 136 -21.11 -34.85 -21.25
C GLY B 136 -20.35 -34.95 -19.94
N PRO B 137 -20.65 -34.05 -19.02
CA PRO B 137 -19.93 -34.04 -17.73
C PRO B 137 -20.39 -35.16 -16.81
N SER B 138 -19.49 -35.52 -15.91
CA SER B 138 -19.76 -36.45 -14.82
C SER B 138 -19.49 -35.72 -13.52
N VAL B 139 -20.54 -35.39 -12.78
CA VAL B 139 -20.41 -34.62 -11.55
C VAL B 139 -20.21 -35.56 -10.37
N PHE B 140 -19.35 -35.17 -9.44
CA PHE B 140 -19.04 -35.94 -8.25
C PHE B 140 -19.11 -35.06 -7.02
N PRO B 141 -19.67 -35.55 -5.92
CA PRO B 141 -19.82 -34.71 -4.73
C PRO B 141 -18.53 -34.60 -3.94
N LEU B 142 -18.22 -33.38 -3.53
CA LEU B 142 -17.12 -33.11 -2.59
C LEU B 142 -17.75 -33.00 -1.20
N ALA B 143 -18.02 -34.15 -0.60
CA ALA B 143 -18.80 -34.20 0.63
C ALA B 143 -18.02 -33.56 1.78
N PRO B 144 -18.72 -32.91 2.70
CA PRO B 144 -18.05 -32.32 3.87
C PRO B 144 -18.03 -33.28 5.06
N SER B 145 -17.12 -32.99 5.99
CA SER B 145 -17.06 -33.73 7.24
C SER B 145 -18.27 -33.36 8.10
N SER B 146 -19.01 -34.37 8.53
CA SER B 146 -20.22 -34.13 9.33
C SER B 146 -19.88 -33.40 10.63
N LYS B 147 -18.87 -33.88 11.34
CA LYS B 147 -18.36 -33.23 12.55
C LYS B 147 -16.99 -32.63 12.26
N SER B 148 -16.64 -31.62 13.04
CA SER B 148 -15.36 -30.94 12.88
C SER B 148 -15.11 -30.05 14.10
N THR B 149 -13.83 -29.83 14.39
CA THR B 149 -13.38 -28.81 15.34
C THR B 149 -12.95 -27.55 14.61
N SER B 150 -13.63 -27.23 13.51
CA SER B 150 -13.21 -26.19 12.57
C SER B 150 -13.97 -24.88 12.75
N GLY B 151 -14.56 -24.66 13.91
CA GLY B 151 -15.10 -23.34 14.24
C GLY B 151 -16.37 -22.95 13.52
N GLY B 152 -17.32 -23.87 13.37
CA GLY B 152 -18.63 -23.53 12.85
C GLY B 152 -18.70 -23.23 11.37
N THR B 153 -17.66 -23.55 10.61
CA THR B 153 -17.65 -23.36 9.17
C THR B 153 -17.29 -24.66 8.48
N ALA B 154 -18.03 -25.00 7.44
CA ALA B 154 -17.82 -26.21 6.66
C ALA B 154 -17.63 -25.86 5.20
N ALA B 155 -17.22 -26.85 4.40
CA ALA B 155 -17.00 -26.67 2.98
C ALA B 155 -17.43 -27.92 2.23
N LEU B 156 -18.29 -27.72 1.24
CA LEU B 156 -18.71 -28.79 0.34
C LEU B 156 -18.71 -28.24 -1.08
N GLY B 157 -18.85 -29.15 -2.04
CA GLY B 157 -18.85 -28.73 -3.42
C GLY B 157 -19.14 -29.87 -4.37
N CYS B 158 -18.81 -29.63 -5.64
CA CYS B 158 -19.02 -30.60 -6.71
C CYS B 158 -17.81 -30.59 -7.64
N LEU B 159 -17.52 -31.76 -8.22
CA LEU B 159 -16.42 -31.93 -9.15
C LEU B 159 -17.01 -32.27 -10.52
N VAL B 160 -17.03 -31.29 -11.42
CA VAL B 160 -17.53 -31.48 -12.78
C VAL B 160 -16.35 -31.95 -13.63
N LYS B 161 -16.28 -33.26 -13.89
CA LYS B 161 -15.12 -33.87 -14.50
C LYS B 161 -15.47 -34.48 -15.86
N ASP B 162 -14.52 -34.37 -16.80
CA ASP B 162 -14.57 -35.04 -18.10
C ASP B 162 -15.79 -34.56 -18.90
N TYR B 163 -15.71 -33.30 -19.33
CA TYR B 163 -16.72 -32.71 -20.20
C TYR B 163 -16.02 -31.93 -21.30
N PHE B 164 -16.76 -31.71 -22.40
CA PHE B 164 -16.22 -31.00 -23.55
C PHE B 164 -17.34 -30.59 -24.50
N PRO B 165 -17.32 -29.36 -25.02
CA PRO B 165 -16.34 -28.33 -24.67
C PRO B 165 -16.86 -27.36 -23.61
N GLU B 166 -16.21 -26.22 -23.48
CA GLU B 166 -16.70 -25.19 -22.57
C GLU B 166 -17.93 -24.52 -23.18
N PRO B 167 -18.82 -23.94 -22.34
CA PRO B 167 -18.74 -23.88 -20.88
C PRO B 167 -19.81 -24.71 -20.15
N VAL B 168 -19.65 -24.82 -18.84
CA VAL B 168 -20.66 -25.39 -17.95
C VAL B 168 -21.10 -24.32 -16.99
N THR B 169 -22.40 -24.28 -16.68
CA THR B 169 -22.97 -23.35 -15.72
C THR B 169 -23.32 -24.12 -14.45
N VAL B 170 -22.77 -23.68 -13.33
CA VAL B 170 -22.98 -24.34 -12.05
C VAL B 170 -23.70 -23.38 -11.12
N SER B 171 -24.84 -23.80 -10.59
CA SER B 171 -25.59 -23.07 -9.57
C SER B 171 -25.78 -23.97 -8.35
N TRP B 172 -26.32 -23.38 -7.29
CA TRP B 172 -26.52 -24.11 -6.04
C TRP B 172 -27.92 -23.81 -5.53
N ASN B 173 -28.70 -24.88 -5.28
CA ASN B 173 -30.07 -24.77 -4.79
C ASN B 173 -30.93 -23.91 -5.73
N SER B 174 -30.75 -24.12 -7.05
CA SER B 174 -31.49 -23.40 -8.07
C SER B 174 -31.33 -21.88 -7.94
N GLY B 175 -30.16 -21.44 -7.51
CA GLY B 175 -29.87 -20.03 -7.35
C GLY B 175 -30.14 -19.47 -5.97
N ALA B 176 -30.63 -20.28 -5.04
CA ALA B 176 -30.91 -19.81 -3.68
C ALA B 176 -29.66 -19.75 -2.81
N LEU B 177 -28.52 -20.22 -3.31
CA LEU B 177 -27.27 -20.21 -2.57
C LEU B 177 -26.20 -19.56 -3.44
N THR B 178 -25.88 -18.30 -3.14
CA THR B 178 -24.87 -17.56 -3.89
C THR B 178 -23.75 -17.01 -3.03
N SER B 179 -23.92 -16.91 -1.72
CA SER B 179 -22.89 -16.36 -0.84
C SER B 179 -21.86 -17.41 -0.49
N GLY B 180 -20.59 -17.07 -0.70
CA GLY B 180 -19.52 -18.01 -0.41
C GLY B 180 -19.41 -19.13 -1.40
N VAL B 181 -19.84 -18.91 -2.64
CA VAL B 181 -19.76 -19.91 -3.70
C VAL B 181 -18.60 -19.55 -4.61
N HIS B 182 -17.69 -20.50 -4.81
CA HIS B 182 -16.53 -20.32 -5.67
C HIS B 182 -16.59 -21.37 -6.76
N THR B 183 -16.94 -20.97 -7.98
CA THR B 183 -16.88 -21.82 -9.16
C THR B 183 -15.56 -21.55 -9.85
N PHE B 184 -14.62 -22.49 -9.74
CA PHE B 184 -13.27 -22.25 -10.21
C PHE B 184 -13.20 -22.32 -11.73
N PRO B 185 -12.25 -21.61 -12.34
CA PRO B 185 -12.03 -21.78 -13.78
C PRO B 185 -11.63 -23.21 -14.10
N ALA B 186 -12.21 -23.73 -15.19
CA ALA B 186 -11.92 -25.09 -15.60
C ALA B 186 -10.50 -25.23 -16.09
N VAL B 187 -9.91 -26.41 -15.87
CA VAL B 187 -8.56 -26.73 -16.31
C VAL B 187 -8.65 -27.80 -17.39
N LEU B 188 -7.92 -27.61 -18.48
CA LEU B 188 -7.89 -28.58 -19.57
C LEU B 188 -6.89 -29.68 -19.20
N GLN B 189 -7.40 -30.86 -18.90
CA GLN B 189 -6.54 -32.00 -18.60
C GLN B 189 -5.78 -32.43 -19.86
N SER B 190 -4.73 -33.22 -19.66
CA SER B 190 -4.01 -33.77 -20.80
C SER B 190 -4.85 -34.75 -21.61
N SER B 191 -5.98 -35.19 -21.08
CA SER B 191 -6.91 -36.02 -21.82
C SER B 191 -7.58 -35.27 -22.97
N GLY B 192 -7.42 -33.96 -23.05
CA GLY B 192 -8.17 -33.16 -23.98
C GLY B 192 -9.55 -32.75 -23.49
N LEU B 193 -9.92 -33.15 -22.27
CA LEU B 193 -11.20 -32.81 -21.67
C LEU B 193 -11.01 -31.75 -20.60
N TYR B 194 -12.13 -31.28 -20.06
CA TYR B 194 -12.13 -30.23 -19.05
C TYR B 194 -12.56 -30.79 -17.70
N SER B 195 -12.03 -30.20 -16.64
CA SER B 195 -12.42 -30.50 -15.27
C SER B 195 -12.65 -29.21 -14.51
N LEU B 196 -13.69 -29.20 -13.67
CA LEU B 196 -14.11 -28.00 -12.97
C LEU B 196 -14.49 -28.35 -11.54
N SER B 197 -14.31 -27.37 -10.65
CA SER B 197 -14.69 -27.49 -9.25
C SER B 197 -15.55 -26.29 -8.85
N SER B 198 -16.62 -26.56 -8.12
CA SER B 198 -17.51 -25.53 -7.59
C SER B 198 -17.79 -25.84 -6.14
N VAL B 199 -17.23 -25.05 -5.24
CA VAL B 199 -17.34 -25.29 -3.81
C VAL B 199 -18.15 -24.16 -3.17
N VAL B 200 -18.58 -24.40 -1.93
CA VAL B 200 -19.33 -23.41 -1.16
C VAL B 200 -19.03 -23.65 0.32
N THR B 201 -18.85 -22.55 1.06
CA THR B 201 -18.64 -22.61 2.50
C THR B 201 -19.91 -22.15 3.20
N VAL B 202 -20.39 -22.97 4.13
CA VAL B 202 -21.63 -22.68 4.85
C VAL B 202 -21.40 -22.94 6.33
N PRO B 203 -22.27 -22.40 7.18
CA PRO B 203 -22.21 -22.75 8.61
C PRO B 203 -22.39 -24.24 8.80
N SER B 204 -21.52 -24.82 9.64
CA SER B 204 -21.53 -26.26 9.83
C SER B 204 -22.80 -26.75 10.51
N SER B 205 -23.55 -25.85 11.15
CA SER B 205 -24.83 -26.24 11.73
C SER B 205 -25.89 -26.51 10.67
N SER B 206 -25.70 -25.99 9.45
CA SER B 206 -26.65 -26.20 8.37
C SER B 206 -26.47 -27.56 7.69
N LEU B 207 -25.42 -28.32 8.02
CA LEU B 207 -25.24 -29.62 7.42
C LEU B 207 -26.37 -30.57 7.78
N GLY B 208 -26.96 -30.42 8.96
CA GLY B 208 -28.08 -31.22 9.38
C GLY B 208 -29.43 -30.56 9.27
N THR B 209 -29.50 -29.33 8.72
CA THR B 209 -30.77 -28.61 8.58
C THR B 209 -31.01 -28.08 7.18
N GLN B 210 -30.09 -28.25 6.23
CA GLN B 210 -30.22 -27.66 4.91
C GLN B 210 -29.76 -28.66 3.86
N THR B 211 -30.54 -28.79 2.80
CA THR B 211 -30.20 -29.65 1.67
C THR B 211 -29.41 -28.85 0.64
N TYR B 212 -28.26 -29.37 0.25
CA TYR B 212 -27.38 -28.72 -0.71
C TYR B 212 -27.34 -29.51 -2.00
N ILE B 213 -27.57 -28.83 -3.12
CA ILE B 213 -27.61 -29.45 -4.45
C ILE B 213 -26.93 -28.52 -5.43
N CYS B 214 -25.94 -29.03 -6.16
CA CYS B 214 -25.31 -28.27 -7.22
C CYS B 214 -25.97 -28.62 -8.55
N ASN B 215 -26.28 -27.60 -9.34
CA ASN B 215 -26.96 -27.77 -10.62
C ASN B 215 -25.96 -27.53 -11.74
N VAL B 216 -25.54 -28.62 -12.38
CA VAL B 216 -24.59 -28.56 -13.50
C VAL B 216 -25.39 -28.57 -14.80
N ASN B 217 -25.12 -27.60 -15.67
CA ASN B 217 -25.75 -27.51 -16.97
C ASN B 217 -24.66 -27.42 -18.04
N HIS B 218 -24.75 -28.28 -19.05
CA HIS B 218 -23.79 -28.32 -20.14
C HIS B 218 -24.57 -28.16 -21.45
N LYS B 219 -24.58 -26.94 -21.99
CA LYS B 219 -25.35 -26.67 -23.20
C LYS B 219 -24.87 -27.44 -24.43
N PRO B 220 -23.56 -27.61 -24.70
CA PRO B 220 -23.17 -28.34 -25.91
C PRO B 220 -23.71 -29.75 -26.00
N SER B 221 -23.75 -30.47 -24.89
CA SER B 221 -24.22 -31.85 -24.88
C SER B 221 -25.64 -32.00 -24.35
N ASN B 222 -26.33 -30.89 -24.09
CA ASN B 222 -27.69 -30.89 -23.55
C ASN B 222 -27.78 -31.73 -22.29
N THR B 223 -26.85 -31.49 -21.37
CA THR B 223 -26.74 -32.25 -20.13
C THR B 223 -27.07 -31.34 -18.96
N LYS B 224 -28.24 -31.55 -18.35
CA LYS B 224 -28.66 -30.84 -17.15
C LYS B 224 -28.62 -31.82 -15.99
N VAL B 225 -27.64 -31.65 -15.09
CA VAL B 225 -27.39 -32.58 -14.01
C VAL B 225 -27.63 -31.88 -12.67
N ASP B 226 -28.32 -32.57 -11.77
CA ASP B 226 -28.53 -32.11 -10.41
C ASP B 226 -27.92 -33.14 -9.46
N LYS B 227 -26.95 -32.72 -8.65
CA LYS B 227 -26.25 -33.60 -7.73
C LYS B 227 -26.50 -33.15 -6.30
N LYS B 228 -26.94 -34.08 -5.46
CA LYS B 228 -27.17 -33.81 -4.04
C LYS B 228 -25.92 -34.18 -3.24
N VAL B 229 -25.44 -33.24 -2.44
CA VAL B 229 -24.21 -33.41 -1.67
C VAL B 229 -24.59 -33.52 -0.20
N GLU B 230 -24.34 -34.69 0.39
CA GLU B 230 -24.65 -34.94 1.79
C GLU B 230 -23.36 -35.19 2.57
N PRO B 231 -23.36 -34.89 3.88
CA PRO B 231 -22.16 -35.15 4.68
C PRO B 231 -21.74 -36.60 4.63
N LYS B 232 -20.44 -36.83 4.74
CA LYS B 232 -19.89 -38.18 4.67
C LYS B 232 -20.22 -38.94 5.95
N SER B 233 -20.94 -40.06 5.80
CA SER B 233 -21.31 -40.93 6.91
C SER B 233 -20.54 -42.24 6.83
N CYS B 234 -20.48 -42.92 7.97
CA CYS B 234 -19.74 -44.18 8.11
C CYS B 234 -18.26 -44.00 7.77
N GLU C 6 6.49 -5.74 -37.56
CA GLU C 6 5.29 -5.57 -36.73
C GLU C 6 5.63 -4.84 -35.44
N ILE C 7 4.68 -4.06 -34.93
CA ILE C 7 4.88 -3.26 -33.73
C ILE C 7 4.40 -4.05 -32.52
N VAL C 8 5.30 -4.31 -31.58
CA VAL C 8 4.95 -5.05 -30.36
C VAL C 8 4.85 -4.05 -29.21
N LEU C 9 3.71 -4.09 -28.51
CA LEU C 9 3.48 -3.28 -27.32
C LEU C 9 3.74 -4.13 -26.08
N THR C 10 4.54 -3.59 -25.16
CA THR C 10 4.82 -4.24 -23.89
C THR C 10 4.41 -3.33 -22.75
N GLN C 11 3.64 -3.86 -21.81
CA GLN C 11 3.16 -3.11 -20.65
C GLN C 11 3.90 -3.57 -19.40
N SER C 12 4.21 -2.63 -18.52
CA SER C 12 4.95 -2.90 -17.30
C SER C 12 4.40 -2.06 -16.15
N PRO C 13 4.24 -2.64 -14.96
CA PRO C 13 4.43 -4.07 -14.70
C PRO C 13 3.21 -4.86 -15.13
N ALA C 14 3.29 -6.19 -15.06
CA ALA C 14 2.14 -7.02 -15.44
C ALA C 14 1.01 -6.92 -14.43
N THR C 15 1.28 -6.48 -13.20
CA THR C 15 0.24 -6.35 -12.20
C THR C 15 0.58 -5.24 -11.22
N LEU C 16 -0.46 -4.59 -10.72
CA LEU C 16 -0.35 -3.48 -9.77
C LEU C 16 -1.26 -3.76 -8.58
N SER C 17 -0.70 -3.62 -7.37
CA SER C 17 -1.45 -3.82 -6.13
C SER C 17 -1.61 -2.47 -5.44
N LEU C 18 -2.84 -1.95 -5.42
CA LEU C 18 -3.13 -0.63 -4.85
C LEU C 18 -4.49 -0.65 -4.18
N SER C 19 -4.66 0.23 -3.19
CA SER C 19 -5.93 0.43 -2.51
C SER C 19 -6.71 1.55 -3.17
N PRO C 20 -8.04 1.56 -3.03
CA PRO C 20 -8.83 2.65 -3.60
C PRO C 20 -8.36 4.01 -3.10
N GLY C 21 -8.36 4.99 -4.00
CA GLY C 21 -7.91 6.33 -3.70
C GLY C 21 -6.50 6.64 -4.13
N ASP C 22 -5.66 5.63 -4.30
CA ASP C 22 -4.30 5.84 -4.74
C ASP C 22 -4.25 6.10 -6.25
N ARG C 23 -3.10 6.55 -6.72
CA ARG C 23 -2.89 6.81 -8.14
C ARG C 23 -2.27 5.59 -8.81
N ALA C 24 -2.80 5.23 -9.98
CA ALA C 24 -2.29 4.12 -10.77
C ALA C 24 -1.78 4.68 -12.09
N THR C 25 -0.48 4.47 -12.36
CA THR C 25 0.12 4.87 -13.63
C THR C 25 0.60 3.60 -14.33
N LEU C 26 0.16 3.42 -15.57
CA LEU C 26 0.45 2.21 -16.33
C LEU C 26 1.37 2.54 -17.50
N SER C 27 2.17 1.56 -17.90
CA SER C 27 3.16 1.75 -18.94
C SER C 27 2.77 1.01 -20.21
N CYS C 28 3.20 1.55 -21.34
CA CYS C 28 2.99 0.89 -22.64
C CYS C 28 4.08 1.40 -23.56
N ARG C 29 5.03 0.53 -23.91
CA ARG C 29 6.14 0.87 -24.79
C ARG C 29 6.04 0.04 -26.06
N ALA C 30 6.35 0.67 -27.19
CA ALA C 30 6.19 0.08 -28.51
C ALA C 30 7.55 -0.26 -29.11
N SER C 31 7.53 -1.20 -30.06
CA SER C 31 8.74 -1.56 -30.79
C SER C 31 9.31 -0.37 -31.54
N GLN C 32 8.47 0.32 -32.31
CA GLN C 32 8.85 1.52 -33.05
C GLN C 32 7.86 2.63 -32.75
N SER C 33 8.18 3.83 -33.22
CA SER C 33 7.34 4.99 -32.93
C SER C 33 5.97 4.86 -33.59
N VAL C 34 4.93 5.20 -32.83
CA VAL C 34 3.56 5.11 -33.32
C VAL C 34 2.91 6.48 -33.26
N THR C 35 3.73 7.53 -33.31
CA THR C 35 3.28 8.91 -33.15
C THR C 35 2.45 9.05 -31.88
N THR C 36 1.21 9.47 -32.01
CA THR C 36 0.28 9.54 -30.89
C THR C 36 -0.95 8.66 -31.14
N PHE C 37 -0.76 7.59 -31.90
CA PHE C 37 -1.87 6.74 -32.34
C PHE C 37 -2.00 5.50 -31.45
N LEU C 38 -2.22 5.74 -30.16
CA LEU C 38 -2.39 4.68 -29.17
C LEU C 38 -3.71 4.85 -28.46
N ALA C 39 -4.35 3.71 -28.13
CA ALA C 39 -5.61 3.70 -27.41
C ALA C 39 -5.48 2.84 -26.16
N TRP C 40 -6.50 2.89 -25.30
CA TRP C 40 -6.52 2.13 -24.07
C TRP C 40 -7.89 1.49 -23.89
N TYR C 41 -7.90 0.27 -23.36
CA TYR C 41 -9.13 -0.45 -23.08
C TYR C 41 -9.12 -0.93 -21.63
N GLN C 42 -10.31 -1.19 -21.11
CA GLN C 42 -10.49 -1.75 -19.78
C GLN C 42 -11.36 -2.98 -19.90
N GLN C 43 -10.93 -4.08 -19.28
CA GLN C 43 -11.67 -5.34 -19.35
C GLN C 43 -11.74 -5.98 -17.98
N LYS C 44 -12.95 -6.28 -17.53
CA LYS C 44 -13.28 -7.00 -16.32
C LYS C 44 -13.63 -8.45 -16.63
N PRO C 45 -13.45 -9.37 -15.68
CA PRO C 45 -13.65 -10.79 -15.98
C PRO C 45 -15.09 -11.07 -16.42
N GLY C 46 -15.21 -11.84 -17.50
CA GLY C 46 -16.50 -12.21 -18.04
C GLY C 46 -17.15 -11.17 -18.94
N GLN C 47 -16.50 -10.04 -19.20
CA GLN C 47 -17.05 -8.98 -20.02
C GLN C 47 -16.15 -8.74 -21.23
N ALA C 48 -16.64 -7.91 -22.15
CA ALA C 48 -15.86 -7.45 -23.29
C ALA C 48 -15.10 -6.19 -22.93
N PRO C 49 -14.02 -5.88 -23.63
CA PRO C 49 -13.29 -4.63 -23.34
C PRO C 49 -14.17 -3.41 -23.53
N ARG C 50 -13.72 -2.29 -22.96
CA ARG C 50 -14.43 -1.03 -23.01
C ARG C 50 -13.44 0.06 -23.41
N LEU C 51 -13.73 0.76 -24.50
CA LEU C 51 -12.83 1.80 -24.97
C LEU C 51 -12.72 2.92 -23.94
N LEU C 52 -11.49 3.18 -23.48
CA LEU C 52 -11.23 4.16 -22.44
C LEU C 52 -10.63 5.45 -23.00
N ILE C 53 -9.46 5.37 -23.62
CA ILE C 53 -8.79 6.52 -24.20
C ILE C 53 -8.49 6.20 -25.66
N TYR C 54 -8.61 7.21 -26.52
CA TYR C 54 -8.23 7.09 -27.92
C TYR C 54 -7.27 8.20 -28.28
N ASP C 55 -6.23 7.85 -29.02
CA ASP C 55 -5.15 8.77 -29.39
C ASP C 55 -4.47 9.37 -28.15
N VAL C 56 -3.95 8.46 -27.33
CA VAL C 56 -3.07 8.78 -26.20
C VAL C 56 -3.81 9.48 -25.07
N SER C 57 -4.52 10.58 -25.36
CA SER C 57 -5.06 11.43 -24.31
C SER C 57 -6.55 11.70 -24.39
N ASN C 58 -7.21 11.47 -25.52
CA ASN C 58 -8.62 11.84 -25.65
C ASN C 58 -9.51 10.82 -24.96
N ARG C 59 -10.42 11.31 -24.12
CA ARG C 59 -11.34 10.45 -23.40
C ARG C 59 -12.54 10.12 -24.28
N ALA C 60 -12.95 8.85 -24.26
CA ALA C 60 -14.17 8.47 -24.94
C ALA C 60 -15.39 8.99 -24.20
N THR C 61 -16.53 8.99 -24.87
CA THR C 61 -17.75 9.49 -24.26
C THR C 61 -18.17 8.57 -23.12
N GLY C 62 -18.49 9.16 -21.97
CA GLY C 62 -18.90 8.42 -20.81
C GLY C 62 -17.78 7.97 -19.90
N ILE C 63 -16.55 8.40 -20.14
CA ILE C 63 -15.39 7.99 -19.37
C ILE C 63 -15.07 9.10 -18.35
N PRO C 64 -14.99 8.77 -17.07
CA PRO C 64 -14.75 9.82 -16.06
C PRO C 64 -13.40 10.50 -16.23
N ALA C 65 -13.32 11.74 -15.75
CA ALA C 65 -12.13 12.55 -15.95
C ALA C 65 -10.92 12.05 -15.17
N ARG C 66 -11.12 11.17 -14.19
CA ARG C 66 -9.98 10.63 -13.46
C ARG C 66 -9.06 9.82 -14.36
N PHE C 67 -9.57 9.30 -15.47
CA PHE C 67 -8.75 8.59 -16.45
C PHE C 67 -8.03 9.61 -17.32
N SER C 68 -6.71 9.62 -17.23
CA SER C 68 -5.86 10.54 -17.98
C SER C 68 -4.92 9.74 -18.87
N GLY C 69 -4.05 10.45 -19.58
CA GLY C 69 -3.08 9.81 -20.44
C GLY C 69 -2.23 10.80 -21.21
N SER C 70 -0.97 10.46 -21.45
CA SER C 70 -0.08 11.35 -22.19
C SER C 70 1.08 10.53 -22.74
N GLY C 71 1.82 11.12 -23.67
CA GLY C 71 2.92 10.43 -24.33
C GLY C 71 3.01 10.70 -25.82
N SER C 72 4.16 10.40 -26.40
CA SER C 72 4.37 10.59 -27.83
C SER C 72 5.56 9.75 -28.28
N GLY C 73 5.40 9.03 -29.38
CA GLY C 73 6.49 8.23 -29.92
C GLY C 73 6.51 6.79 -29.46
N THR C 74 7.34 6.49 -28.45
CA THR C 74 7.56 5.12 -27.99
C THR C 74 7.03 4.84 -26.59
N ASP C 75 6.93 5.85 -25.73
CA ASP C 75 6.46 5.68 -24.36
C ASP C 75 5.14 6.38 -24.16
N PHE C 76 4.21 5.71 -23.47
CA PHE C 76 2.90 6.26 -23.16
C PHE C 76 2.46 5.77 -21.79
N THR C 77 1.68 6.61 -21.10
CA THR C 77 1.18 6.29 -19.78
C THR C 77 -0.33 6.50 -19.71
N LEU C 78 -1.00 5.61 -19.00
CA LEU C 78 -2.40 5.77 -18.62
C LEU C 78 -2.45 6.00 -17.12
N THR C 79 -3.02 7.12 -16.69
CA THR C 79 -2.99 7.54 -15.30
C THR C 79 -4.41 7.68 -14.76
N ILE C 80 -4.67 7.00 -13.65
CA ILE C 80 -5.93 7.12 -12.92
C ILE C 80 -5.68 7.98 -11.70
N SER C 81 -6.33 9.14 -11.63
CA SER C 81 -6.02 10.13 -10.60
C SER C 81 -6.23 9.56 -9.21
N SER C 82 -7.34 8.86 -8.99
CA SER C 82 -7.58 8.21 -7.71
C SER C 82 -8.52 7.03 -7.97
N LEU C 83 -8.05 5.82 -7.68
CA LEU C 83 -8.79 4.62 -8.06
C LEU C 83 -10.13 4.55 -7.34
N GLU C 84 -11.10 3.95 -8.02
CA GLU C 84 -12.41 3.62 -7.49
C GLU C 84 -12.60 2.11 -7.55
N PRO C 85 -13.50 1.56 -6.72
CA PRO C 85 -13.71 0.09 -6.77
C PRO C 85 -14.05 -0.42 -8.16
N GLU C 86 -14.83 0.34 -8.93
CA GLU C 86 -15.20 -0.07 -10.29
C GLU C 86 -14.04 -0.01 -11.26
N ASP C 87 -12.86 0.46 -10.85
CA ASP C 87 -11.73 0.64 -11.75
C ASP C 87 -10.78 -0.55 -11.78
N PHE C 88 -10.89 -1.48 -10.83
CA PHE C 88 -9.95 -2.59 -10.76
C PHE C 88 -10.28 -3.61 -11.83
N ALA C 89 -9.39 -3.76 -12.80
CA ALA C 89 -9.59 -4.66 -13.95
C ALA C 89 -8.27 -4.78 -14.69
N VAL C 90 -8.31 -5.39 -15.87
CA VAL C 90 -7.18 -5.49 -16.78
C VAL C 90 -7.27 -4.34 -17.78
N TYR C 91 -6.11 -3.78 -18.13
CA TYR C 91 -6.05 -2.66 -19.06
C TYR C 91 -5.10 -3.00 -20.19
N TYR C 92 -5.57 -2.86 -21.43
CA TYR C 92 -4.77 -3.08 -22.61
C TYR C 92 -4.56 -1.77 -23.36
N CYS C 93 -3.39 -1.63 -23.98
CA CYS C 93 -3.10 -0.53 -24.89
C CYS C 93 -3.02 -1.07 -26.31
N GLN C 94 -3.50 -0.28 -27.26
CA GLN C 94 -3.54 -0.69 -28.65
C GLN C 94 -3.07 0.45 -29.54
N GLN C 95 -2.38 0.11 -30.62
CA GLN C 95 -1.92 1.09 -31.59
C GLN C 95 -2.67 0.92 -32.92
N ARG C 96 -2.81 2.03 -33.65
CA ARG C 96 -3.39 2.02 -34.98
C ARG C 96 -2.42 2.54 -36.03
N SER C 97 -1.14 2.66 -35.69
CA SER C 97 -0.18 3.37 -36.54
C SER C 97 0.09 2.62 -37.84
N ASN C 98 0.48 1.35 -37.74
CA ASN C 98 0.85 0.56 -38.89
C ASN C 98 0.02 -0.70 -38.94
N TRP C 99 -0.07 -1.30 -40.12
CA TRP C 99 -0.94 -2.45 -40.30
C TRP C 99 -0.35 -3.68 -39.63
N GLY C 100 -1.26 -4.53 -39.14
CA GLY C 100 -0.91 -5.46 -38.10
C GLY C 100 -1.29 -4.84 -36.78
N LEU C 101 -2.60 -4.61 -36.59
CA LEU C 101 -3.11 -4.04 -35.35
C LEU C 101 -2.75 -4.93 -34.16
N THR C 102 -1.90 -4.41 -33.27
CA THR C 102 -1.40 -5.18 -32.15
C THR C 102 -1.91 -4.62 -30.82
N PHE C 103 -2.19 -5.51 -29.89
CA PHE C 103 -2.55 -5.16 -28.53
C PHE C 103 -1.36 -5.37 -27.59
N GLY C 104 -1.48 -4.84 -26.39
CA GLY C 104 -0.50 -5.10 -25.36
C GLY C 104 -0.76 -6.41 -24.65
N GLY C 105 0.19 -6.78 -23.80
CA GLY C 105 0.02 -7.98 -22.99
C GLY C 105 -0.98 -7.81 -21.88
N GLY C 106 -1.16 -6.58 -21.41
CA GLY C 106 -2.14 -6.30 -20.39
C GLY C 106 -1.50 -6.01 -19.04
N THR C 107 -2.16 -5.15 -18.27
CA THR C 107 -1.77 -4.85 -16.90
C THR C 107 -3.00 -5.01 -16.03
N LYS C 108 -2.92 -5.88 -15.04
CA LYS C 108 -4.04 -6.12 -14.15
C LYS C 108 -3.84 -5.32 -12.86
N VAL C 109 -4.85 -4.51 -12.52
CA VAL C 109 -4.84 -3.78 -11.26
C VAL C 109 -5.71 -4.53 -10.27
N GLU C 110 -5.09 -4.95 -9.17
CA GLU C 110 -5.74 -5.71 -8.11
C GLU C 110 -5.80 -4.84 -6.85
N ILE C 111 -6.84 -5.05 -6.05
CA ILE C 111 -6.93 -4.34 -4.77
C ILE C 111 -5.92 -4.92 -3.79
N LYS C 112 -5.28 -4.04 -3.02
CA LYS C 112 -4.39 -4.48 -1.94
C LYS C 112 -5.16 -4.43 -0.63
N ARG C 113 -5.47 -5.60 -0.08
CA ARG C 113 -6.08 -5.71 1.23
C ARG C 113 -5.05 -6.25 2.21
N THR C 114 -5.40 -6.21 3.48
CA THR C 114 -4.49 -6.75 4.48
C THR C 114 -4.49 -8.28 4.41
N VAL C 115 -3.38 -8.87 4.86
CA VAL C 115 -3.13 -10.29 4.63
C VAL C 115 -4.23 -11.15 5.23
N ALA C 116 -4.60 -12.21 4.50
CA ALA C 116 -5.64 -13.14 4.92
C ALA C 116 -5.14 -14.55 4.72
N ALA C 117 -5.07 -15.32 5.81
CA ALA C 117 -4.61 -16.70 5.74
C ALA C 117 -5.71 -17.60 5.17
N PRO C 118 -5.36 -18.55 4.32
CA PRO C 118 -6.38 -19.41 3.71
C PRO C 118 -6.96 -20.40 4.70
N SER C 119 -8.22 -20.77 4.46
CA SER C 119 -8.83 -21.90 5.13
C SER C 119 -8.65 -23.13 4.22
N VAL C 120 -8.03 -24.17 4.74
CA VAL C 120 -7.67 -25.33 3.95
C VAL C 120 -8.67 -26.45 4.20
N PHE C 121 -9.17 -27.04 3.13
CA PHE C 121 -10.01 -28.23 3.17
C PHE C 121 -9.46 -29.24 2.16
N ILE C 122 -9.71 -30.52 2.42
CA ILE C 122 -9.33 -31.58 1.50
C ILE C 122 -10.46 -32.59 1.42
N PHE C 123 -10.82 -33.00 0.21
CA PHE C 123 -11.95 -33.89 -0.05
C PHE C 123 -11.45 -35.20 -0.63
N PRO C 124 -11.72 -36.33 0.01
CA PRO C 124 -11.38 -37.62 -0.59
C PRO C 124 -12.24 -37.87 -1.82
N PRO C 125 -11.79 -38.73 -2.74
CA PRO C 125 -12.58 -38.97 -3.95
C PRO C 125 -13.87 -39.68 -3.62
N SER C 126 -14.92 -39.35 -4.37
CA SER C 126 -16.23 -39.90 -4.12
C SER C 126 -16.26 -41.39 -4.43
N ASP C 127 -17.19 -42.10 -3.79
CA ASP C 127 -17.39 -43.51 -4.10
C ASP C 127 -17.93 -43.71 -5.51
N GLU C 128 -18.67 -42.73 -6.03
CA GLU C 128 -19.15 -42.82 -7.40
C GLU C 128 -18.00 -42.76 -8.40
N GLN C 129 -17.04 -41.86 -8.16
CA GLN C 129 -15.90 -41.75 -9.07
C GLN C 129 -14.98 -42.97 -8.98
N LEU C 130 -14.88 -43.59 -7.80
CA LEU C 130 -14.06 -44.78 -7.67
C LEU C 130 -14.62 -45.94 -8.47
N LYS C 131 -15.95 -45.97 -8.67
CA LYS C 131 -16.55 -47.00 -9.51
C LYS C 131 -16.16 -46.84 -10.96
N SER C 132 -15.86 -45.61 -11.40
CA SER C 132 -15.47 -45.38 -12.78
C SER C 132 -14.06 -45.87 -13.09
N GLY C 133 -13.20 -46.01 -12.08
CA GLY C 133 -11.85 -46.46 -12.28
C GLY C 133 -10.78 -45.41 -12.09
N THR C 134 -11.15 -44.19 -11.73
CA THR C 134 -10.19 -43.13 -11.46
C THR C 134 -10.60 -42.39 -10.20
N ALA C 135 -9.60 -41.88 -9.48
CA ALA C 135 -9.81 -41.16 -8.23
C ALA C 135 -9.16 -39.78 -8.31
N SER C 136 -9.89 -38.77 -7.84
CA SER C 136 -9.41 -37.39 -7.81
C SER C 136 -9.64 -36.82 -6.42
N VAL C 137 -8.56 -36.45 -5.73
CA VAL C 137 -8.63 -35.81 -4.42
C VAL C 137 -8.49 -34.31 -4.61
N VAL C 138 -9.34 -33.53 -3.95
CA VAL C 138 -9.43 -32.09 -4.16
C VAL C 138 -9.00 -31.39 -2.88
N CYS C 139 -8.15 -30.37 -3.03
CA CYS C 139 -7.73 -29.50 -1.93
C CYS C 139 -8.19 -28.08 -2.23
N LEU C 140 -8.82 -27.44 -1.25
CA LEU C 140 -9.41 -26.11 -1.43
C LEU C 140 -8.73 -25.12 -0.50
N LEU C 141 -8.16 -24.05 -1.08
CA LEU C 141 -7.65 -22.92 -0.33
C LEU C 141 -8.67 -21.79 -0.47
N ASN C 142 -9.32 -21.42 0.62
CA ASN C 142 -10.51 -20.59 0.57
C ASN C 142 -10.26 -19.21 1.17
N ASN C 143 -10.47 -18.17 0.38
CA ASN C 143 -10.57 -16.78 0.83
C ASN C 143 -9.26 -16.33 1.51
N PHE C 144 -8.23 -16.18 0.68
CA PHE C 144 -6.93 -15.76 1.14
C PHE C 144 -6.42 -14.58 0.32
N TYR C 145 -5.39 -13.91 0.86
CA TYR C 145 -4.70 -12.82 0.18
C TYR C 145 -3.35 -12.66 0.85
N PRO C 146 -2.27 -12.42 0.10
CA PRO C 146 -2.24 -12.26 -1.36
C PRO C 146 -2.46 -13.54 -2.15
N ARG C 147 -2.34 -13.43 -3.47
CA ARG C 147 -2.66 -14.53 -4.36
C ARG C 147 -1.54 -15.56 -4.43
N GLU C 148 -0.29 -15.17 -4.16
CA GLU C 148 0.84 -16.09 -4.25
C GLU C 148 0.72 -17.17 -3.19
N ALA C 149 0.47 -18.40 -3.61
CA ALA C 149 0.33 -19.52 -2.70
C ALA C 149 0.98 -20.75 -3.31
N LYS C 150 1.47 -21.63 -2.45
CA LYS C 150 2.12 -22.86 -2.86
C LYS C 150 1.41 -24.04 -2.24
N VAL C 151 0.99 -24.99 -3.07
CA VAL C 151 0.33 -26.21 -2.63
C VAL C 151 1.17 -27.40 -3.08
N GLN C 152 1.34 -28.36 -2.19
CA GLN C 152 2.12 -29.57 -2.50
C GLN C 152 1.40 -30.79 -1.97
N TRP C 153 1.21 -31.79 -2.83
CA TRP C 153 0.52 -33.02 -2.45
C TRP C 153 1.54 -34.01 -1.91
N LYS C 154 1.20 -34.64 -0.78
CA LYS C 154 2.06 -35.64 -0.15
C LYS C 154 1.25 -36.92 0.00
N VAL C 155 1.66 -37.96 -0.72
CA VAL C 155 1.03 -39.28 -0.65
C VAL C 155 1.99 -40.20 0.07
N ASP C 156 1.67 -40.56 1.31
CA ASP C 156 2.53 -41.35 2.18
C ASP C 156 3.91 -40.67 2.33
N ASN C 157 3.87 -39.40 2.69
CA ASN C 157 5.04 -38.55 2.93
C ASN C 157 5.91 -38.37 1.70
N ALA C 158 5.46 -38.84 0.54
CA ALA C 158 6.19 -38.68 -0.71
C ALA C 158 5.64 -37.49 -1.47
N LEU C 159 6.54 -36.66 -2.00
CA LEU C 159 6.14 -35.48 -2.75
C LEU C 159 5.78 -35.85 -4.18
N GLN C 160 4.59 -35.44 -4.62
CA GLN C 160 4.11 -35.72 -5.96
C GLN C 160 4.48 -34.58 -6.91
N SER C 161 4.51 -34.90 -8.20
CA SER C 161 4.93 -33.93 -9.20
C SER C 161 4.20 -34.19 -10.52
N GLY C 162 3.65 -33.12 -11.10
CA GLY C 162 3.03 -33.17 -12.41
C GLY C 162 1.78 -34.01 -12.53
N ASN C 163 1.28 -34.58 -11.45
CA ASN C 163 0.11 -35.45 -11.51
C ASN C 163 -1.17 -34.75 -11.07
N SER C 164 -1.20 -33.42 -11.12
CA SER C 164 -2.40 -32.68 -10.75
C SER C 164 -2.24 -31.20 -11.08
N GLN C 165 -3.35 -30.56 -11.44
CA GLN C 165 -3.41 -29.14 -11.78
C GLN C 165 -4.17 -28.36 -10.72
N GLU C 166 -4.07 -27.03 -10.81
CA GLU C 166 -4.73 -26.12 -9.89
C GLU C 166 -5.42 -25.00 -10.66
N SER C 167 -6.29 -24.27 -9.96
CA SER C 167 -7.04 -23.17 -10.54
C SER C 167 -7.25 -22.11 -9.48
N VAL C 168 -7.31 -20.84 -9.90
CA VAL C 168 -7.51 -19.73 -8.99
C VAL C 168 -8.72 -18.92 -9.45
N THR C 169 -9.50 -18.43 -8.49
CA THR C 169 -10.67 -17.59 -8.81
C THR C 169 -10.22 -16.16 -9.09
N GLU C 170 -11.18 -15.32 -9.44
CA GLU C 170 -10.94 -13.88 -9.54
C GLU C 170 -11.09 -13.24 -8.18
N GLN C 171 -10.53 -12.03 -8.05
CA GLN C 171 -10.60 -11.33 -6.76
C GLN C 171 -12.04 -11.03 -6.40
N ASP C 172 -12.42 -11.38 -5.18
CA ASP C 172 -13.80 -11.24 -4.75
C ASP C 172 -14.19 -9.76 -4.70
N SER C 173 -15.37 -9.44 -5.24
CA SER C 173 -15.87 -8.08 -5.20
C SER C 173 -16.38 -7.67 -3.82
N LYS C 174 -16.37 -8.59 -2.85
CA LYS C 174 -16.81 -8.28 -1.49
C LYS C 174 -15.64 -8.10 -0.54
N ASP C 175 -14.79 -9.11 -0.39
CA ASP C 175 -13.68 -9.05 0.56
C ASP C 175 -12.32 -9.10 -0.10
N SER C 176 -12.26 -9.07 -1.43
CA SER C 176 -11.01 -8.92 -2.19
C SER C 176 -10.04 -10.08 -1.94
N THR C 177 -10.57 -11.26 -1.62
CA THR C 177 -9.74 -12.44 -1.41
C THR C 177 -9.69 -13.29 -2.67
N TYR C 178 -8.83 -14.30 -2.64
CA TYR C 178 -8.72 -15.29 -3.71
C TYR C 178 -9.03 -16.67 -3.15
N SER C 179 -9.25 -17.63 -4.06
CA SER C 179 -9.40 -19.02 -3.67
C SER C 179 -8.82 -19.91 -4.76
N LEU C 180 -8.24 -21.04 -4.33
CA LEU C 180 -7.54 -21.95 -5.21
C LEU C 180 -8.05 -23.37 -5.00
N SER C 181 -8.04 -24.16 -6.07
CA SER C 181 -8.51 -25.55 -6.02
C SER C 181 -7.52 -26.43 -6.76
N SER C 182 -6.84 -27.32 -6.03
CA SER C 182 -5.92 -28.30 -6.59
C SER C 182 -6.60 -29.66 -6.60
N THR C 183 -6.46 -30.38 -7.72
CA THR C 183 -7.23 -31.60 -7.99
C THR C 183 -6.29 -32.75 -8.29
N LEU C 184 -5.93 -33.53 -7.27
CA LEU C 184 -4.95 -34.61 -7.43
C LEU C 184 -5.61 -35.80 -8.11
N THR C 185 -5.26 -36.03 -9.37
CA THR C 185 -5.80 -37.14 -10.14
C THR C 185 -4.85 -38.33 -10.09
N LEU C 186 -5.40 -39.51 -9.86
CA LEU C 186 -4.61 -40.74 -9.81
C LEU C 186 -5.50 -41.92 -10.18
N SER C 187 -4.85 -43.02 -10.55
CA SER C 187 -5.58 -44.24 -10.88
C SER C 187 -6.28 -44.78 -9.65
N LYS C 188 -7.39 -45.51 -9.89
CA LYS C 188 -8.06 -46.18 -8.78
C LYS C 188 -7.19 -47.27 -8.17
N ALA C 189 -6.32 -47.88 -8.97
CA ALA C 189 -5.41 -48.90 -8.45
C ALA C 189 -4.34 -48.28 -7.57
N ASP C 190 -3.73 -47.18 -8.02
CA ASP C 190 -2.73 -46.50 -7.20
C ASP C 190 -3.35 -45.79 -6.01
N TYR C 191 -4.62 -45.40 -6.10
CA TYR C 191 -5.26 -44.75 -4.96
C TYR C 191 -5.37 -45.69 -3.76
N GLU C 192 -5.57 -46.98 -4.02
CA GLU C 192 -5.64 -47.97 -2.94
C GLU C 192 -4.27 -48.56 -2.59
N LYS C 193 -3.23 -48.21 -3.34
CA LYS C 193 -1.88 -48.68 -3.02
C LYS C 193 -1.21 -47.87 -1.92
N HIS C 194 -1.82 -46.77 -1.49
CA HIS C 194 -1.32 -45.92 -0.41
C HIS C 194 -2.49 -45.59 0.52
N LYS C 195 -2.16 -45.03 1.69
CA LYS C 195 -3.15 -44.78 2.73
C LYS C 195 -3.31 -43.30 3.06
N VAL C 196 -2.21 -42.57 3.25
CA VAL C 196 -2.26 -41.19 3.71
C VAL C 196 -2.16 -40.27 2.51
N TYR C 197 -3.07 -39.30 2.45
CA TYR C 197 -3.09 -38.26 1.42
C TYR C 197 -3.17 -36.92 2.12
N ALA C 198 -2.13 -36.10 1.93
CA ALA C 198 -2.01 -34.82 2.61
C ALA C 198 -1.87 -33.69 1.61
N CYS C 199 -2.31 -32.50 2.02
CA CYS C 199 -2.24 -31.30 1.21
C CYS C 199 -1.54 -30.23 2.02
N GLU C 200 -0.35 -29.82 1.58
CA GLU C 200 0.47 -28.84 2.30
C GLU C 200 0.33 -27.47 1.64
N VAL C 201 -0.02 -26.46 2.43
CA VAL C 201 -0.30 -25.13 1.93
C VAL C 201 0.59 -24.13 2.66
N THR C 202 1.48 -23.47 1.92
CA THR C 202 2.34 -22.42 2.46
C THR C 202 1.88 -21.08 1.93
N HIS C 203 1.63 -20.13 2.84
CA HIS C 203 1.14 -18.82 2.44
C HIS C 203 1.62 -17.78 3.45
N GLN C 204 1.67 -16.53 2.98
CA GLN C 204 2.16 -15.42 3.82
C GLN C 204 1.39 -15.32 5.13
N GLY C 205 0.11 -15.67 5.13
CA GLY C 205 -0.68 -15.61 6.34
C GLY C 205 -0.47 -16.75 7.31
N LEU C 206 0.53 -17.59 7.07
CA LEU C 206 0.82 -18.74 7.93
C LEU C 206 2.28 -18.69 8.35
N SER C 207 2.52 -18.69 9.67
CA SER C 207 3.90 -18.71 10.17
C SER C 207 4.62 -19.99 9.76
N SER C 208 3.89 -21.10 9.67
CA SER C 208 4.40 -22.38 9.22
C SER C 208 3.38 -23.02 8.29
N PRO C 209 3.82 -23.88 7.37
CA PRO C 209 2.88 -24.49 6.43
C PRO C 209 1.81 -25.31 7.14
N VAL C 210 0.58 -25.18 6.65
CA VAL C 210 -0.57 -25.91 7.16
C VAL C 210 -0.75 -27.17 6.35
N THR C 211 -1.01 -28.29 7.04
CA THR C 211 -1.23 -29.57 6.39
C THR C 211 -2.59 -30.13 6.80
N LYS C 212 -3.41 -30.46 5.81
CA LYS C 212 -4.67 -31.15 6.02
C LYS C 212 -4.58 -32.51 5.32
N SER C 213 -4.85 -33.58 6.06
CA SER C 213 -4.65 -34.93 5.55
C SER C 213 -5.83 -35.81 5.93
N PHE C 214 -5.85 -37.00 5.36
CA PHE C 214 -6.82 -38.03 5.72
C PHE C 214 -6.23 -39.39 5.40
N ASN C 215 -6.64 -40.39 6.17
CA ASN C 215 -6.26 -41.78 5.93
C ASN C 215 -7.39 -42.48 5.20
N ARG C 216 -7.06 -43.17 4.11
CA ARG C 216 -8.05 -43.83 3.27
C ARG C 216 -8.79 -44.90 4.04
N GLY C 217 -10.07 -44.67 4.31
CA GLY C 217 -10.88 -45.61 5.09
C GLY C 217 -11.32 -45.01 6.42
N GLU C 218 -11.48 -43.70 6.46
CA GLU C 218 -11.89 -43.01 7.68
C GLU C 218 -13.36 -43.28 7.99
N GLU D 6 -3.05 20.03 1.07
CA GLU D 6 -3.38 21.12 0.15
C GLU D 6 -4.34 22.11 0.81
N VAL D 7 -4.08 23.40 0.61
CA VAL D 7 -4.88 24.44 1.25
C VAL D 7 -6.22 24.54 0.52
N GLN D 8 -7.32 24.33 1.26
CA GLN D 8 -8.63 24.35 0.66
C GLN D 8 -9.70 24.49 1.74
N LEU D 9 -10.85 25.03 1.33
CA LEU D 9 -12.05 25.09 2.16
C LEU D 9 -13.19 24.45 1.39
N VAL D 10 -13.94 23.58 2.06
CA VAL D 10 -15.02 22.84 1.42
C VAL D 10 -16.28 23.00 2.27
N GLU D 11 -17.29 23.65 1.71
CA GLU D 11 -18.56 23.82 2.40
C GLU D 11 -19.43 22.58 2.23
N SER D 12 -20.46 22.48 3.07
CA SER D 12 -21.42 21.39 3.00
C SER D 12 -22.67 21.81 3.75
N GLY D 13 -23.75 21.06 3.54
CA GLY D 13 -24.97 21.25 4.28
C GLY D 13 -25.99 22.17 3.65
N GLY D 14 -25.76 22.62 2.42
CA GLY D 14 -26.76 23.40 1.74
C GLY D 14 -27.97 22.56 1.34
N GLY D 15 -29.04 23.25 0.99
CA GLY D 15 -30.24 22.55 0.57
C GLY D 15 -31.44 23.48 0.50
N LEU D 16 -32.62 22.90 0.62
CA LEU D 16 -33.88 23.61 0.50
C LEU D 16 -34.65 23.53 1.81
N VAL D 17 -35.28 24.66 2.20
CA VAL D 17 -36.04 24.73 3.44
C VAL D 17 -37.22 25.66 3.23
N LYS D 18 -38.28 25.45 4.02
CA LYS D 18 -39.40 26.35 4.05
C LYS D 18 -39.07 27.57 4.91
N PRO D 19 -39.73 28.70 4.66
CA PRO D 19 -39.49 29.89 5.51
C PRO D 19 -39.77 29.57 6.97
N GLY D 20 -38.86 30.03 7.83
CA GLY D 20 -38.92 29.71 9.24
C GLY D 20 -38.22 28.43 9.63
N GLY D 21 -37.63 27.71 8.69
CA GLY D 21 -36.92 26.49 8.96
C GLY D 21 -35.48 26.74 9.41
N SER D 22 -34.72 25.66 9.46
CA SER D 22 -33.35 25.71 9.98
C SER D 22 -32.40 24.97 9.06
N LEU D 23 -31.14 25.39 9.08
CA LEU D 23 -30.09 24.76 8.30
C LEU D 23 -28.75 25.08 8.96
N ARG D 24 -27.84 24.12 8.92
CA ARG D 24 -26.51 24.29 9.50
C ARG D 24 -25.47 23.94 8.44
N LEU D 25 -24.71 24.93 8.00
CA LEU D 25 -23.67 24.72 7.01
C LEU D 25 -22.33 24.49 7.70
N SER D 26 -21.55 23.57 7.16
CA SER D 26 -20.24 23.23 7.69
C SER D 26 -19.18 23.51 6.64
N CYS D 27 -17.98 23.87 7.10
CA CYS D 27 -16.86 24.16 6.23
C CYS D 27 -15.62 23.50 6.82
N GLU D 28 -15.08 22.51 6.13
CA GLU D 28 -13.90 21.78 6.58
C GLU D 28 -12.65 22.35 5.92
N ALA D 29 -11.68 22.74 6.73
CA ALA D 29 -10.43 23.32 6.25
C ALA D 29 -9.31 22.30 6.28
N SER D 30 -8.37 22.45 5.35
CA SER D 30 -7.23 21.55 5.24
C SER D 30 -6.04 22.34 4.70
N GLY D 31 -4.84 21.95 5.12
CA GLY D 31 -3.61 22.51 4.60
C GLY D 31 -2.97 23.58 5.46
N PHE D 32 -3.64 24.05 6.51
CA PHE D 32 -3.09 25.13 7.33
C PHE D 32 -3.58 24.97 8.76
N LEU D 33 -2.97 25.74 9.65
CA LEU D 33 -3.34 25.78 11.06
C LEU D 33 -4.65 26.52 11.21
N PHE D 34 -5.74 25.77 11.43
CA PHE D 34 -7.07 26.37 11.46
C PHE D 34 -7.24 27.35 12.62
N SER D 35 -6.54 27.11 13.73
CA SER D 35 -6.74 27.92 14.93
C SER D 35 -6.15 29.32 14.81
N SER D 36 -5.17 29.51 13.94
CA SER D 36 -4.46 30.78 13.87
C SER D 36 -5.14 31.81 12.98
N TYR D 37 -6.17 31.42 12.24
CA TYR D 37 -6.88 32.32 11.33
C TYR D 37 -8.30 32.56 11.83
N SER D 38 -8.80 33.76 11.56
CA SER D 38 -10.24 33.99 11.70
C SER D 38 -10.95 33.44 10.47
N MET D 39 -12.24 33.15 10.64
CA MET D 39 -13.07 32.61 9.56
C MET D 39 -14.33 33.45 9.40
N ASN D 40 -14.89 33.45 8.19
CA ASN D 40 -16.01 34.29 7.84
C ASN D 40 -17.00 33.53 6.97
N TRP D 41 -18.17 34.14 6.77
CA TRP D 41 -19.20 33.64 5.87
C TRP D 41 -19.65 34.77 4.95
N VAL D 42 -19.57 34.54 3.64
CA VAL D 42 -20.00 35.51 2.64
C VAL D 42 -20.99 34.82 1.71
N ARG D 43 -22.16 35.43 1.53
CA ARG D 43 -23.19 34.88 0.67
C ARG D 43 -23.36 35.74 -0.57
N GLN D 44 -23.91 35.13 -1.62
CA GLN D 44 -24.14 35.82 -2.89
C GLN D 44 -25.50 35.42 -3.43
N ALA D 45 -26.43 36.38 -3.45
CA ALA D 45 -27.74 36.13 -4.00
C ALA D 45 -27.64 35.84 -5.50
N PRO D 46 -28.57 35.07 -6.06
CA PRO D 46 -28.53 34.78 -7.50
C PRO D 46 -28.55 36.05 -8.33
N GLY D 47 -27.49 36.23 -9.13
CA GLY D 47 -27.38 37.39 -10.00
C GLY D 47 -27.08 38.70 -9.30
N LYS D 48 -26.76 38.67 -8.01
CA LYS D 48 -26.46 39.88 -7.25
C LYS D 48 -24.99 39.88 -6.84
N GLY D 49 -24.61 40.84 -6.02
CA GLY D 49 -23.23 41.01 -5.60
C GLY D 49 -22.88 40.15 -4.40
N LEU D 50 -21.83 40.58 -3.69
CA LEU D 50 -21.31 39.88 -2.53
C LEU D 50 -21.79 40.57 -1.25
N GLU D 51 -22.30 39.79 -0.31
CA GLU D 51 -22.76 40.29 0.98
C GLU D 51 -22.07 39.51 2.10
N TRP D 52 -21.47 40.23 3.03
CA TRP D 52 -20.85 39.60 4.19
C TRP D 52 -21.91 39.23 5.21
N VAL D 53 -21.76 38.05 5.81
CA VAL D 53 -22.75 37.50 6.75
C VAL D 53 -22.21 37.51 8.17
N SER D 54 -21.17 36.73 8.44
CA SER D 54 -20.69 36.55 9.80
C SER D 54 -19.19 36.36 9.80
N SER D 55 -18.59 36.56 10.98
CA SER D 55 -17.15 36.40 11.17
C SER D 55 -16.89 35.95 12.60
N ILE D 56 -15.81 35.20 12.79
CA ILE D 56 -15.45 34.66 14.10
C ILE D 56 -13.94 34.59 14.20
N THR D 57 -13.42 34.92 15.38
CA THR D 57 -11.98 34.93 15.60
C THR D 57 -11.45 33.50 15.69
N GLY D 58 -10.13 33.38 15.86
CA GLY D 58 -9.49 32.08 15.78
C GLY D 58 -9.95 31.12 16.87
N TYR D 59 -10.11 31.62 18.09
CA TYR D 59 -10.49 30.80 19.23
C TYR D 59 -11.88 31.18 19.76
N SER D 60 -12.79 31.53 18.85
CA SER D 60 -14.17 31.86 19.19
C SER D 60 -14.27 32.97 20.23
N SER D 61 -13.30 33.89 20.23
CA SER D 61 -13.32 34.96 21.22
C SER D 61 -14.37 36.02 20.89
N GLU D 62 -14.49 36.38 19.63
CA GLU D 62 -15.47 37.37 19.18
C GLU D 62 -16.20 36.86 17.94
N VAL D 63 -17.47 37.26 17.83
CA VAL D 63 -18.29 36.95 16.66
C VAL D 63 -18.99 38.23 16.23
N PHE D 64 -19.30 38.31 14.94
CA PHE D 64 -19.95 39.48 14.37
C PHE D 64 -20.97 39.04 13.32
N TYR D 65 -22.06 39.78 13.21
CA TYR D 65 -23.10 39.49 12.24
C TYR D 65 -23.57 40.78 11.57
N THR D 66 -24.28 40.62 10.46
CA THR D 66 -25.05 41.71 9.87
C THR D 66 -26.44 41.74 10.48
N ASP D 67 -27.03 42.93 10.49
CA ASP D 67 -28.33 43.10 11.12
C ASP D 67 -29.38 42.19 10.50
N SER D 68 -29.24 41.85 9.21
CA SER D 68 -30.21 40.98 8.55
C SER D 68 -30.28 39.61 9.22
N VAL D 69 -29.17 39.15 9.80
CA VAL D 69 -29.10 37.81 10.37
C VAL D 69 -28.99 37.81 11.89
N LYS D 70 -28.84 38.98 12.52
CA LYS D 70 -28.74 39.02 13.97
C LYS D 70 -30.01 38.47 14.60
N GLY D 71 -29.84 37.62 15.61
CA GLY D 71 -30.96 36.94 16.22
C GLY D 71 -31.40 35.69 15.50
N ARG D 72 -30.88 35.43 14.30
CA ARG D 72 -31.26 34.27 13.52
C ARG D 72 -30.09 33.34 13.21
N PHE D 73 -28.91 33.90 12.93
CA PHE D 73 -27.75 33.11 12.58
C PHE D 73 -26.78 33.06 13.76
N THR D 74 -26.09 31.93 13.88
CA THR D 74 -25.08 31.72 14.92
C THR D 74 -23.89 31.03 14.28
N VAL D 75 -22.71 31.64 14.42
CA VAL D 75 -21.47 31.11 13.85
C VAL D 75 -20.67 30.45 14.96
N SER D 76 -19.99 29.36 14.62
CA SER D 76 -19.17 28.63 15.59
C SER D 76 -18.12 27.84 14.83
N ARG D 77 -17.11 27.37 15.58
CA ARG D 77 -16.03 26.59 14.99
C ARG D 77 -15.57 25.54 16.00
N ASP D 78 -15.11 24.41 15.48
CA ASP D 78 -14.49 23.36 16.27
C ASP D 78 -13.08 23.16 15.73
N ASN D 79 -12.10 23.77 16.39
CA ASN D 79 -10.72 23.67 15.93
C ASN D 79 -10.18 22.25 15.99
N SER D 80 -10.76 21.41 16.84
CA SER D 80 -10.36 20.01 16.89
C SER D 80 -10.71 19.27 15.61
N LYS D 81 -11.70 19.75 14.87
CA LYS D 81 -12.14 19.13 13.63
C LYS D 81 -11.85 19.98 12.39
N ASN D 82 -11.17 21.13 12.57
CA ASN D 82 -10.87 22.04 11.47
C ASN D 82 -12.12 22.43 10.69
N SER D 83 -13.17 22.77 11.42
CA SER D 83 -14.48 22.98 10.83
C SER D 83 -15.10 24.28 11.34
N LEU D 84 -15.74 25.01 10.43
CA LEU D 84 -16.52 26.19 10.72
C LEU D 84 -18.00 25.89 10.49
N TYR D 85 -18.86 26.52 11.28
CA TYR D 85 -20.28 26.24 11.23
C TYR D 85 -21.09 27.54 11.13
N LEU D 86 -22.31 27.41 10.62
CA LEU D 86 -23.23 28.54 10.55
C LEU D 86 -24.64 27.99 10.78
N GLN D 87 -25.16 28.17 12.00
CA GLN D 87 -26.51 27.76 12.33
C GLN D 87 -27.48 28.82 11.81
N MET D 88 -28.29 28.46 10.82
CA MET D 88 -29.22 29.39 10.19
C MET D 88 -30.64 29.01 10.62
N ASP D 89 -31.24 29.82 11.48
CA ASP D 89 -32.58 29.61 12.00
C ASP D 89 -33.50 30.73 11.53
N SER D 90 -34.80 30.44 11.51
CA SER D 90 -35.83 31.39 11.06
C SER D 90 -35.48 31.96 9.69
N LEU D 91 -35.17 31.06 8.76
CA LEU D 91 -34.69 31.48 7.46
C LEU D 91 -35.78 32.21 6.68
N ARG D 92 -35.37 33.21 5.92
CA ARG D 92 -36.28 34.01 5.11
C ARG D 92 -35.98 33.78 3.63
N ALA D 93 -36.92 34.21 2.79
CA ALA D 93 -36.74 34.07 1.35
C ALA D 93 -35.50 34.83 0.88
N GLU D 94 -35.30 36.05 1.40
CA GLU D 94 -34.13 36.84 1.04
C GLU D 94 -32.82 36.21 1.48
N ASP D 95 -32.86 35.17 2.31
CA ASP D 95 -31.66 34.43 2.68
C ASP D 95 -31.24 33.43 1.60
N THR D 96 -31.98 33.35 0.50
CA THR D 96 -31.60 32.45 -0.59
C THR D 96 -30.37 33.00 -1.31
N ALA D 97 -29.27 32.28 -1.25
CA ALA D 97 -28.00 32.73 -1.82
C ALA D 97 -27.03 31.57 -1.83
N VAL D 98 -25.85 31.82 -2.38
CA VAL D 98 -24.74 30.87 -2.36
C VAL D 98 -23.81 31.32 -1.24
N TYR D 99 -23.68 30.49 -0.20
CA TYR D 99 -22.89 30.85 0.97
C TYR D 99 -21.46 30.35 0.80
N TYR D 100 -20.50 31.26 0.88
CA TYR D 100 -19.10 30.92 0.72
C TYR D 100 -18.40 30.86 2.07
N CYS D 101 -17.43 29.96 2.17
CA CYS D 101 -16.53 29.89 3.30
C CYS D 101 -15.30 30.73 2.96
N ALA D 102 -14.95 31.67 3.85
CA ALA D 102 -13.86 32.60 3.57
C ALA D 102 -12.95 32.73 4.78
N ARG D 103 -11.65 32.68 4.54
CA ARG D 103 -10.63 32.81 5.58
C ARG D 103 -10.10 34.23 5.63
N ALA D 104 -9.90 34.74 6.83
CA ALA D 104 -9.38 36.10 7.00
C ALA D 104 -7.91 36.17 6.57
N LEU D 105 -7.54 37.30 5.99
CA LEU D 105 -6.15 37.52 5.57
C LEU D 105 -5.29 37.74 6.80
N THR D 106 -4.51 36.73 7.16
CA THR D 106 -3.62 36.79 8.31
C THR D 106 -2.18 36.78 7.82
N ILE D 107 -1.39 37.73 8.31
CA ILE D 107 0.03 37.82 7.96
C ILE D 107 0.85 37.48 9.20
N PHE D 108 2.06 36.99 8.97
CA PHE D 108 2.93 36.50 10.04
C PHE D 108 4.26 37.23 9.99
N GLY D 109 4.39 38.30 10.78
CA GLY D 109 5.62 39.04 10.88
C GLY D 109 6.28 38.87 12.24
N VAL D 110 6.81 39.97 12.80
CA VAL D 110 7.31 39.89 14.17
C VAL D 110 6.17 39.57 15.13
N VAL D 111 4.96 40.05 14.82
CA VAL D 111 3.75 39.68 15.53
C VAL D 111 2.73 39.20 14.51
N ILE D 112 1.61 38.72 15.01
CA ILE D 112 0.49 38.29 14.18
C ILE D 112 -0.50 39.43 14.07
N THR D 113 -0.80 39.87 12.85
CA THR D 113 -1.82 40.87 12.61
C THR D 113 -2.83 40.33 11.60
N ASP D 114 -4.06 40.79 11.73
CA ASP D 114 -5.19 40.27 10.97
C ASP D 114 -5.77 41.34 10.07
N TYR D 115 -6.52 40.89 9.06
CA TYR D 115 -7.29 41.76 8.19
C TYR D 115 -8.68 41.19 8.05
N TRP D 116 -9.69 42.07 8.02
CA TRP D 116 -11.06 41.64 7.79
C TRP D 116 -11.34 41.54 6.30
N PHE D 117 -10.33 41.12 5.54
CA PHE D 117 -10.46 40.77 4.13
C PHE D 117 -10.28 39.28 3.97
N PHE D 118 -10.80 38.74 2.88
CA PHE D 118 -10.88 37.30 2.68
C PHE D 118 -9.92 36.88 1.58
N ASP D 119 -8.89 36.10 1.95
CA ASP D 119 -7.86 35.70 1.01
C ASP D 119 -8.06 34.29 0.47
N LEU D 120 -8.68 33.40 1.24
CA LEU D 120 -8.93 32.03 0.83
C LEU D 120 -10.43 31.80 0.83
N TRP D 121 -10.95 31.24 -0.27
CA TRP D 121 -12.37 30.99 -0.41
C TRP D 121 -12.61 29.52 -0.72
N GLY D 122 -13.84 29.08 -0.46
CA GLY D 122 -14.28 27.77 -0.86
C GLY D 122 -15.13 27.82 -2.13
N ARG D 123 -15.60 26.64 -2.53
CA ARG D 123 -16.42 26.56 -3.74
C ARG D 123 -17.84 27.06 -3.51
N GLY D 124 -18.35 26.95 -2.29
CA GLY D 124 -19.67 27.43 -1.97
C GLY D 124 -20.74 26.35 -2.09
N THR D 125 -21.85 26.58 -1.38
CA THR D 125 -23.00 25.69 -1.44
C THR D 125 -24.27 26.54 -1.49
N LEU D 126 -25.27 26.06 -2.21
CA LEU D 126 -26.49 26.83 -2.45
C LEU D 126 -27.53 26.56 -1.37
N VAL D 127 -28.15 27.62 -0.88
CA VAL D 127 -29.22 27.54 0.11
C VAL D 127 -30.44 28.26 -0.46
N THR D 128 -31.58 27.56 -0.48
CA THR D 128 -32.80 28.07 -1.08
C THR D 128 -33.90 28.05 -0.03
N VAL D 129 -34.51 29.21 0.22
CA VAL D 129 -35.61 29.36 1.17
C VAL D 129 -36.82 29.89 0.40
N SER D 130 -37.84 29.06 0.28
CA SER D 130 -39.07 29.48 -0.41
C SER D 130 -40.22 28.59 0.06
N SER D 131 -41.43 29.09 -0.17
CA SER D 131 -42.65 28.38 0.23
C SER D 131 -42.99 27.23 -0.70
N ALA D 132 -42.47 27.23 -1.93
CA ALA D 132 -42.85 26.24 -2.91
C ALA D 132 -42.27 24.87 -2.57
N SER D 133 -42.92 23.83 -3.09
CA SER D 133 -42.45 22.45 -2.97
C SER D 133 -41.74 22.03 -4.25
N THR D 134 -40.98 20.96 -4.15
CA THR D 134 -40.19 20.48 -5.27
C THR D 134 -41.08 19.80 -6.30
N LYS D 135 -40.95 20.19 -7.56
CA LYS D 135 -41.68 19.55 -8.64
C LYS D 135 -40.84 19.60 -9.91
N GLY D 136 -41.09 18.64 -10.80
CA GLY D 136 -40.39 18.57 -12.07
C GLY D 136 -40.87 19.62 -13.04
N PRO D 137 -40.14 19.73 -14.16
CA PRO D 137 -40.47 20.78 -15.14
C PRO D 137 -41.28 20.29 -16.33
N SER D 138 -42.26 21.09 -16.74
CA SER D 138 -42.96 20.85 -18.01
C SER D 138 -42.14 21.46 -19.13
N VAL D 139 -41.68 20.61 -20.05
CA VAL D 139 -40.77 21.03 -21.13
C VAL D 139 -41.59 21.14 -22.41
N PHE D 140 -41.70 22.37 -22.93
CA PHE D 140 -42.42 22.65 -24.16
C PHE D 140 -41.45 23.02 -25.27
N PRO D 141 -41.74 22.64 -26.52
CA PRO D 141 -40.83 22.92 -27.62
C PRO D 141 -41.03 24.30 -28.23
N LEU D 142 -39.92 24.95 -28.56
CA LEU D 142 -39.93 26.19 -29.33
C LEU D 142 -39.59 25.83 -30.77
N ALA D 143 -40.61 25.39 -31.51
CA ALA D 143 -40.41 24.88 -32.85
C ALA D 143 -40.11 26.02 -33.82
N PRO D 144 -39.23 25.80 -34.80
CA PRO D 144 -38.91 26.86 -35.77
C PRO D 144 -39.88 26.89 -36.94
N SER D 145 -39.95 28.06 -37.56
CA SER D 145 -40.69 28.26 -38.79
C SER D 145 -39.72 28.57 -39.92
N SER D 146 -40.24 28.67 -41.13
CA SER D 146 -39.44 29.16 -42.25
C SER D 146 -39.59 30.66 -42.43
N LYS D 147 -40.65 31.26 -41.90
CA LYS D 147 -40.75 32.71 -41.85
C LYS D 147 -39.84 33.31 -40.78
N SER D 148 -39.45 32.51 -39.79
CA SER D 148 -38.49 32.92 -38.77
C SER D 148 -37.05 32.63 -39.16
N THR D 149 -36.83 32.03 -40.34
CA THR D 149 -35.47 31.72 -40.78
C THR D 149 -34.78 33.00 -41.26
N SER D 150 -33.64 33.31 -40.65
CA SER D 150 -32.85 34.51 -40.99
C SER D 150 -31.78 34.08 -41.99
N GLY D 151 -32.12 34.20 -43.28
CA GLY D 151 -31.22 33.78 -44.34
C GLY D 151 -31.01 32.28 -44.35
N GLY D 152 -29.85 31.84 -43.85
CA GLY D 152 -29.54 30.43 -43.76
C GLY D 152 -29.52 29.87 -42.36
N THR D 153 -29.92 30.64 -41.34
CA THR D 153 -29.86 30.20 -39.95
C THR D 153 -31.26 30.16 -39.37
N ALA D 154 -31.62 29.02 -38.78
CA ALA D 154 -32.88 28.83 -38.08
C ALA D 154 -32.63 28.68 -36.59
N ALA D 155 -33.65 28.98 -35.80
CA ALA D 155 -33.55 28.97 -34.34
C ALA D 155 -34.64 28.10 -33.76
N LEU D 156 -34.25 27.17 -32.89
CA LEU D 156 -35.17 26.31 -32.19
C LEU D 156 -34.71 26.16 -30.75
N GLY D 157 -35.66 25.88 -29.86
CA GLY D 157 -35.31 25.82 -28.45
C GLY D 157 -36.26 24.99 -27.62
N CYS D 158 -36.02 25.01 -26.31
CA CYS D 158 -36.85 24.30 -25.35
C CYS D 158 -37.19 25.22 -24.20
N LEU D 159 -38.44 25.17 -23.78
CA LEU D 159 -38.95 25.98 -22.68
C LEU D 159 -39.15 25.05 -21.49
N VAL D 160 -38.24 25.13 -20.52
CA VAL D 160 -38.28 24.33 -19.31
C VAL D 160 -38.96 25.17 -18.23
N LYS D 161 -40.25 24.97 -18.06
CA LYS D 161 -41.10 25.86 -17.27
C LYS D 161 -41.63 25.15 -16.02
N ASP D 162 -41.79 25.93 -14.94
CA ASP D 162 -42.47 25.52 -13.72
C ASP D 162 -41.77 24.31 -13.08
N TYR D 163 -40.55 24.56 -12.61
CA TYR D 163 -39.79 23.59 -11.85
C TYR D 163 -39.26 24.26 -10.59
N PHE D 164 -38.95 23.44 -9.59
CA PHE D 164 -38.46 23.94 -8.31
C PHE D 164 -37.80 22.80 -7.55
N PRO D 165 -36.64 23.04 -6.92
CA PRO D 165 -35.91 24.30 -7.03
C PRO D 165 -34.81 24.23 -8.07
N GLU D 166 -33.83 25.12 -7.95
CA GLU D 166 -32.68 25.13 -8.86
C GLU D 166 -31.68 24.04 -8.49
N PRO D 167 -30.85 23.59 -9.43
CA PRO D 167 -30.79 23.99 -10.85
C PRO D 167 -31.25 22.90 -11.82
N VAL D 168 -31.18 23.21 -13.11
CA VAL D 168 -31.45 22.25 -14.17
C VAL D 168 -30.25 22.25 -15.13
N THR D 169 -30.03 21.10 -15.77
CA THR D 169 -28.98 20.95 -16.76
C THR D 169 -29.62 20.49 -18.06
N VAL D 170 -29.51 21.31 -19.10
CA VAL D 170 -30.13 21.04 -20.40
C VAL D 170 -29.03 20.83 -21.43
N SER D 171 -29.00 19.64 -22.01
CA SER D 171 -28.10 19.30 -23.11
C SER D 171 -28.90 19.09 -24.39
N TRP D 172 -28.22 19.22 -25.53
CA TRP D 172 -28.83 19.07 -26.84
C TRP D 172 -28.21 17.87 -27.54
N ASN D 173 -29.05 16.93 -27.97
CA ASN D 173 -28.62 15.72 -28.67
C ASN D 173 -27.59 14.94 -27.84
N SER D 174 -27.85 14.82 -26.54
CA SER D 174 -27.02 14.04 -25.61
C SER D 174 -25.59 14.58 -25.52
N GLY D 175 -25.41 15.87 -25.81
CA GLY D 175 -24.11 16.49 -25.77
C GLY D 175 -23.35 16.51 -27.08
N ALA D 176 -23.96 16.02 -28.17
CA ALA D 176 -23.30 16.04 -29.47
C ALA D 176 -23.37 17.39 -30.13
N LEU D 177 -24.46 18.14 -29.92
CA LEU D 177 -24.65 19.46 -30.48
C LEU D 177 -24.27 20.49 -29.42
N THR D 178 -23.12 21.14 -29.62
CA THR D 178 -22.59 22.12 -28.68
C THR D 178 -22.55 23.53 -29.22
N SER D 179 -22.20 23.70 -30.50
CA SER D 179 -22.03 25.03 -31.06
C SER D 179 -23.37 25.71 -31.26
N GLY D 180 -23.43 27.00 -30.95
CA GLY D 180 -24.63 27.79 -31.13
C GLY D 180 -25.69 27.60 -30.06
N VAL D 181 -25.40 26.85 -29.00
CA VAL D 181 -26.36 26.59 -27.95
C VAL D 181 -26.34 27.76 -26.96
N HIS D 182 -27.52 28.17 -26.52
CA HIS D 182 -27.69 29.27 -25.57
C HIS D 182 -28.71 28.83 -24.53
N THR D 183 -28.23 28.36 -23.39
CA THR D 183 -29.09 28.06 -22.25
C THR D 183 -29.05 29.27 -21.31
N PHE D 184 -30.11 30.07 -21.34
CA PHE D 184 -30.16 31.31 -20.58
C PHE D 184 -30.29 31.01 -19.08
N PRO D 185 -29.96 31.98 -18.23
CA PRO D 185 -30.26 31.84 -16.81
C PRO D 185 -31.76 31.68 -16.56
N ALA D 186 -32.08 31.12 -15.39
CA ALA D 186 -33.47 30.94 -15.01
C ALA D 186 -34.04 32.22 -14.42
N VAL D 187 -35.38 32.31 -14.42
CA VAL D 187 -36.08 33.41 -13.82
C VAL D 187 -37.06 32.88 -12.79
N LEU D 188 -37.38 33.71 -11.80
CA LEU D 188 -38.32 33.36 -10.74
C LEU D 188 -39.68 33.95 -11.09
N GLN D 189 -40.64 33.06 -11.39
CA GLN D 189 -41.99 33.50 -11.70
C GLN D 189 -42.74 33.88 -10.41
N SER D 190 -43.91 34.48 -10.58
CA SER D 190 -44.80 34.70 -9.45
C SER D 190 -45.22 33.39 -8.81
N SER D 191 -45.18 32.30 -9.56
CA SER D 191 -45.55 30.98 -9.05
C SER D 191 -44.61 30.49 -7.96
N GLY D 192 -43.48 31.17 -7.73
CA GLY D 192 -42.40 30.60 -6.98
C GLY D 192 -41.63 29.52 -7.71
N LEU D 193 -42.07 29.13 -8.90
CA LEU D 193 -41.39 28.15 -9.71
C LEU D 193 -40.46 28.84 -10.69
N TYR D 194 -39.38 28.16 -11.04
CA TYR D 194 -38.44 28.67 -12.02
C TYR D 194 -38.85 28.23 -13.42
N SER D 195 -38.47 29.03 -14.41
CA SER D 195 -38.65 28.68 -15.81
C SER D 195 -37.50 29.26 -16.60
N LEU D 196 -37.10 28.55 -17.65
CA LEU D 196 -35.85 28.84 -18.33
C LEU D 196 -35.97 28.44 -19.80
N SER D 197 -35.21 29.10 -20.65
CA SER D 197 -35.20 28.82 -22.09
C SER D 197 -33.81 28.37 -22.52
N SER D 198 -33.77 27.40 -23.43
CA SER D 198 -32.51 26.91 -23.99
C SER D 198 -32.70 26.79 -25.50
N VAL D 199 -32.04 27.66 -26.25
CA VAL D 199 -32.19 27.73 -27.70
C VAL D 199 -30.85 27.45 -28.36
N VAL D 200 -30.90 27.10 -29.65
CA VAL D 200 -29.71 26.84 -30.44
C VAL D 200 -30.01 27.22 -31.88
N THR D 201 -29.07 27.92 -32.52
CA THR D 201 -29.19 28.30 -33.91
C THR D 201 -28.55 27.23 -34.80
N VAL D 202 -29.32 26.73 -35.75
CA VAL D 202 -28.89 25.61 -36.59
C VAL D 202 -29.01 26.04 -38.04
N PRO D 203 -28.29 25.38 -38.95
CA PRO D 203 -28.50 25.64 -40.37
C PRO D 203 -29.92 25.30 -40.80
N SER D 204 -30.53 26.20 -41.57
CA SER D 204 -31.91 25.99 -41.99
C SER D 204 -32.04 24.80 -42.95
N SER D 205 -30.96 24.40 -43.61
CA SER D 205 -31.07 23.34 -44.63
C SER D 205 -31.21 21.96 -44.01
N SER D 206 -30.57 21.72 -42.86
CA SER D 206 -30.63 20.43 -42.17
C SER D 206 -31.89 20.26 -41.33
N LEU D 207 -32.84 21.19 -41.43
CA LEU D 207 -34.07 21.08 -40.63
C LEU D 207 -34.88 19.84 -41.03
N GLY D 208 -35.00 19.58 -42.33
CA GLY D 208 -35.75 18.45 -42.81
C GLY D 208 -35.08 17.11 -42.70
N THR D 209 -33.83 17.06 -42.26
CA THR D 209 -33.08 15.82 -42.15
C THR D 209 -32.56 15.54 -40.76
N GLN D 210 -32.03 16.55 -40.07
CA GLN D 210 -31.43 16.37 -38.75
C GLN D 210 -32.49 16.48 -37.66
N THR D 211 -32.43 15.58 -36.68
CA THR D 211 -33.34 15.56 -35.55
C THR D 211 -32.69 16.22 -34.35
N TYR D 212 -33.44 17.09 -33.67
CA TYR D 212 -32.93 17.84 -32.52
C TYR D 212 -33.71 17.45 -31.28
N ILE D 213 -33.01 17.04 -30.23
CA ILE D 213 -33.60 16.66 -28.96
C ILE D 213 -32.86 17.37 -27.84
N CYS D 214 -33.61 17.99 -26.93
CA CYS D 214 -33.02 18.61 -25.74
C CYS D 214 -33.28 17.72 -24.53
N ASN D 215 -32.25 17.48 -23.75
CA ASN D 215 -32.31 16.63 -22.56
C ASN D 215 -32.14 17.50 -21.33
N VAL D 216 -33.17 17.55 -20.49
CA VAL D 216 -33.18 18.38 -19.28
C VAL D 216 -33.24 17.45 -18.08
N ASN D 217 -32.40 17.71 -17.08
CA ASN D 217 -32.32 16.93 -15.86
C ASN D 217 -32.56 17.82 -14.66
N HIS D 218 -33.46 17.42 -13.77
CA HIS D 218 -33.75 18.13 -12.54
C HIS D 218 -33.35 17.23 -11.37
N LYS D 219 -32.24 17.57 -10.73
CA LYS D 219 -31.73 16.74 -9.64
C LYS D 219 -32.67 16.66 -8.44
N PRO D 220 -33.21 17.77 -7.91
CA PRO D 220 -34.07 17.65 -6.72
C PRO D 220 -35.36 16.88 -6.94
N SER D 221 -35.86 16.80 -8.18
CA SER D 221 -37.07 16.07 -8.46
C SER D 221 -36.83 14.71 -9.13
N ASN D 222 -35.58 14.43 -9.51
CA ASN D 222 -35.22 13.18 -10.19
C ASN D 222 -36.11 12.94 -11.41
N THR D 223 -36.38 14.02 -12.16
CA THR D 223 -37.22 13.97 -13.36
C THR D 223 -36.39 14.48 -14.54
N LYS D 224 -35.92 13.56 -15.37
CA LYS D 224 -35.14 13.89 -16.57
C LYS D 224 -35.93 13.45 -17.79
N VAL D 225 -36.19 14.38 -18.70
CA VAL D 225 -36.97 14.10 -19.90
C VAL D 225 -36.24 14.64 -21.12
N ASP D 226 -36.45 13.97 -22.25
CA ASP D 226 -35.86 14.35 -23.54
C ASP D 226 -37.00 14.77 -24.47
N LYS D 227 -37.07 16.06 -24.76
CA LYS D 227 -38.10 16.62 -25.63
C LYS D 227 -37.50 16.88 -27.00
N LYS D 228 -38.07 16.25 -28.03
CA LYS D 228 -37.67 16.48 -29.40
C LYS D 228 -38.48 17.62 -30.00
N VAL D 229 -37.80 18.52 -30.71
CA VAL D 229 -38.41 19.69 -31.33
C VAL D 229 -38.41 19.48 -32.84
N GLU D 230 -39.60 19.51 -33.45
CA GLU D 230 -39.75 19.36 -34.89
C GLU D 230 -40.48 20.55 -35.46
N PRO D 231 -40.08 21.03 -36.63
CA PRO D 231 -40.73 22.21 -37.22
C PRO D 231 -42.17 21.93 -37.61
N LYS D 232 -42.94 23.01 -37.73
CA LYS D 232 -44.35 22.92 -38.09
C LYS D 232 -44.62 23.56 -39.45
N GLU E 6 -25.41 51.64 7.23
CA GLU E 6 -24.16 51.00 6.86
C GLU E 6 -23.23 51.99 6.16
N ILE E 7 -22.21 51.47 5.50
CA ILE E 7 -21.23 52.28 4.79
C ILE E 7 -21.29 51.90 3.32
N VAL E 8 -22.23 52.48 2.57
CA VAL E 8 -22.45 52.08 1.20
C VAL E 8 -21.26 52.47 0.33
N LEU E 9 -20.80 51.54 -0.49
CA LEU E 9 -19.73 51.79 -1.46
C LEU E 9 -20.33 51.67 -2.85
N THR E 10 -20.25 52.75 -3.62
CA THR E 10 -20.75 52.77 -5.00
C THR E 10 -19.56 52.82 -5.94
N GLN E 11 -19.48 51.86 -6.85
CA GLN E 11 -18.42 51.81 -7.86
C GLN E 11 -19.06 52.01 -9.23
N SER E 12 -18.76 53.16 -9.85
CA SER E 12 -19.28 53.51 -11.16
C SER E 12 -18.13 53.88 -12.08
N PRO E 13 -18.25 53.55 -13.38
CA PRO E 13 -19.40 52.89 -14.03
C PRO E 13 -19.43 51.38 -13.78
N ALA E 14 -20.60 50.78 -13.97
CA ALA E 14 -20.77 49.36 -13.73
C ALA E 14 -20.25 48.50 -14.87
N THR E 15 -19.84 49.09 -15.99
CA THR E 15 -19.37 48.33 -17.14
C THR E 15 -18.20 49.05 -17.80
N LEU E 16 -17.19 48.28 -18.19
CA LEU E 16 -16.02 48.78 -18.90
C LEU E 16 -15.82 47.91 -20.14
N SER E 17 -16.02 48.49 -21.31
CA SER E 17 -15.91 47.77 -22.58
C SER E 17 -14.56 48.13 -23.20
N LEU E 18 -13.54 47.34 -22.88
CA LEU E 18 -12.19 47.55 -23.38
C LEU E 18 -11.71 46.30 -24.12
N SER E 19 -10.54 46.42 -24.72
CA SER E 19 -9.89 45.35 -25.47
C SER E 19 -8.56 45.02 -24.84
N PRO E 20 -8.06 43.79 -25.04
CA PRO E 20 -6.77 43.41 -24.44
C PRO E 20 -5.66 44.37 -24.85
N GLY E 21 -4.81 44.71 -23.89
CA GLY E 21 -3.76 45.67 -24.09
C GLY E 21 -4.09 47.07 -23.60
N ASP E 22 -5.34 47.34 -23.26
CA ASP E 22 -5.74 48.65 -22.79
C ASP E 22 -5.57 48.75 -21.28
N ARG E 23 -5.68 49.97 -20.77
CA ARG E 23 -5.64 50.24 -19.34
C ARG E 23 -7.06 50.36 -18.83
N ALA E 24 -7.35 49.70 -17.71
CA ALA E 24 -8.66 49.72 -17.09
C ALA E 24 -8.60 50.50 -15.78
N THR E 25 -9.48 51.48 -15.63
CA THR E 25 -9.57 52.30 -14.43
C THR E 25 -10.94 52.10 -13.80
N LEU E 26 -10.98 51.51 -12.61
CA LEU E 26 -12.21 51.23 -11.89
C LEU E 26 -12.25 52.08 -10.63
N SER E 27 -13.37 52.75 -10.40
CA SER E 27 -13.51 53.64 -9.27
C SER E 27 -14.42 53.00 -8.22
N CYS E 28 -14.17 53.34 -6.96
CA CYS E 28 -15.05 52.99 -5.86
C CYS E 28 -15.04 54.12 -4.85
N ARG E 29 -16.20 54.71 -4.59
CA ARG E 29 -16.33 55.81 -3.65
C ARG E 29 -17.22 55.39 -2.49
N ALA E 30 -16.89 55.86 -1.29
CA ALA E 30 -17.62 55.50 -0.08
C ALA E 30 -18.56 56.62 0.34
N SER E 31 -19.54 56.27 1.18
CA SER E 31 -20.44 57.27 1.72
C SER E 31 -19.76 58.11 2.81
N GLN E 32 -18.99 57.47 3.67
CA GLN E 32 -18.18 58.15 4.67
C GLN E 32 -16.74 57.68 4.53
N SER E 33 -15.85 58.32 5.29
CA SER E 33 -14.44 58.00 5.18
C SER E 33 -14.14 56.63 5.77
N VAL E 34 -13.37 55.83 5.02
CA VAL E 34 -12.89 54.54 5.49
C VAL E 34 -11.37 54.54 5.62
N THR E 35 -10.76 55.73 5.65
CA THR E 35 -9.31 55.91 5.76
C THR E 35 -8.67 55.17 4.59
N THR E 36 -7.86 54.15 4.81
CA THR E 36 -7.25 53.40 3.72
C THR E 36 -7.63 51.92 3.81
N PHE E 37 -8.77 51.61 4.41
CA PHE E 37 -9.14 50.24 4.72
C PHE E 37 -10.09 49.67 3.67
N LEU E 38 -9.57 49.57 2.45
CA LEU E 38 -10.32 49.09 1.30
C LEU E 38 -9.60 47.92 0.66
N ALA E 39 -10.38 46.98 0.12
CA ALA E 39 -9.85 45.83 -0.59
C ALA E 39 -10.57 45.66 -1.92
N TRP E 40 -9.92 44.99 -2.85
CA TRP E 40 -10.43 44.77 -4.20
C TRP E 40 -10.47 43.28 -4.49
N TYR E 41 -11.58 42.81 -5.06
CA TYR E 41 -11.77 41.40 -5.38
C TYR E 41 -12.05 41.24 -6.87
N GLN E 42 -11.75 40.04 -7.36
CA GLN E 42 -12.04 39.65 -8.73
C GLN E 42 -12.88 38.38 -8.71
N GLN E 43 -13.88 38.32 -9.58
CA GLN E 43 -14.75 37.15 -9.63
C GLN E 43 -15.20 36.90 -11.07
N LYS E 44 -14.83 35.75 -11.60
CA LYS E 44 -15.32 35.28 -12.88
C LYS E 44 -16.62 34.50 -12.68
N PRO E 45 -17.44 34.37 -13.72
CA PRO E 45 -18.70 33.62 -13.58
C PRO E 45 -18.44 32.18 -13.17
N GLY E 46 -19.22 31.70 -12.20
CA GLY E 46 -19.14 30.33 -11.75
C GLY E 46 -18.01 30.02 -10.80
N GLN E 47 -17.20 31.01 -10.42
CA GLN E 47 -16.06 30.81 -9.53
C GLN E 47 -16.24 31.65 -8.27
N ALA E 48 -15.42 31.34 -7.27
CA ALA E 48 -15.38 32.12 -6.05
C ALA E 48 -14.56 33.39 -6.27
N PRO E 49 -14.78 34.42 -5.45
CA PRO E 49 -13.95 35.63 -5.58
C PRO E 49 -12.49 35.35 -5.29
N ARG E 50 -11.63 36.21 -5.83
CA ARG E 50 -10.19 36.15 -5.60
C ARG E 50 -9.73 37.50 -5.09
N LEU E 51 -8.94 37.50 -4.03
CA LEU E 51 -8.43 38.73 -3.45
C LEU E 51 -7.31 39.30 -4.33
N LEU E 52 -7.39 40.60 -4.61
CA LEU E 52 -6.40 41.29 -5.43
C LEU E 52 -5.55 42.27 -4.63
N ILE E 53 -6.19 43.19 -3.91
CA ILE E 53 -5.50 44.24 -3.17
C ILE E 53 -6.11 44.32 -1.77
N TYR E 54 -5.26 44.57 -0.77
CA TYR E 54 -5.72 44.86 0.57
C TYR E 54 -5.10 46.16 1.03
N ASP E 55 -5.89 46.95 1.75
CA ASP E 55 -5.50 48.29 2.21
C ASP E 55 -5.01 49.16 1.05
N VAL E 56 -5.94 49.44 0.13
CA VAL E 56 -5.80 50.43 -0.94
C VAL E 56 -4.82 50.00 -2.03
N SER E 57 -3.58 49.68 -1.65
CA SER E 57 -2.52 49.48 -2.65
C SER E 57 -1.64 48.26 -2.43
N ASN E 58 -1.78 47.52 -1.33
CA ASN E 58 -0.92 46.36 -1.10
C ASN E 58 -1.41 45.18 -1.92
N ARG E 59 -0.56 44.69 -2.82
CA ARG E 59 -0.91 43.55 -3.66
C ARG E 59 -0.86 42.25 -2.86
N ALA E 60 -1.86 41.40 -3.08
CA ALA E 60 -1.88 40.09 -2.45
C ALA E 60 -0.84 39.18 -3.11
N THR E 61 -0.57 38.06 -2.46
CA THR E 61 0.45 37.15 -2.95
C THR E 61 -0.05 36.40 -4.19
N GLY E 62 0.79 36.36 -5.23
CA GLY E 62 0.45 35.72 -6.48
C GLY E 62 -0.25 36.61 -7.48
N ILE E 63 -0.42 37.89 -7.17
CA ILE E 63 -1.13 38.82 -8.05
C ILE E 63 -0.13 39.52 -8.96
N PRO E 64 -0.37 39.55 -10.28
CA PRO E 64 0.58 40.21 -11.18
C PRO E 64 0.70 41.69 -10.89
N ALA E 65 1.85 42.26 -11.25
CA ALA E 65 2.10 43.68 -11.02
C ALA E 65 1.19 44.59 -11.84
N ARG E 66 0.42 44.04 -12.78
CA ARG E 66 -0.50 44.87 -13.55
C ARG E 66 -1.51 45.56 -12.64
N PHE E 67 -2.00 44.85 -11.63
CA PHE E 67 -2.98 45.41 -10.72
C PHE E 67 -2.34 46.43 -9.80
N SER E 68 -2.92 47.63 -9.76
CA SER E 68 -2.43 48.72 -8.95
C SER E 68 -3.56 49.19 -8.02
N GLY E 69 -3.19 50.07 -7.10
CA GLY E 69 -4.18 50.61 -6.16
C GLY E 69 -3.78 51.99 -5.71
N SER E 70 -4.78 52.79 -5.37
CA SER E 70 -4.57 54.15 -4.92
C SER E 70 -5.87 54.66 -4.31
N GLY E 71 -5.75 55.76 -3.57
CA GLY E 71 -6.89 56.37 -2.92
C GLY E 71 -6.67 56.56 -1.43
N SER E 72 -7.56 57.34 -0.84
CA SER E 72 -7.51 57.61 0.59
C SER E 72 -8.84 58.22 1.01
N GLY E 73 -9.28 57.87 2.22
CA GLY E 73 -10.49 58.45 2.79
C GLY E 73 -11.79 57.98 2.16
N THR E 74 -12.14 58.54 1.00
CA THR E 74 -13.47 58.31 0.43
C THR E 74 -13.42 57.91 -1.04
N ASP E 75 -12.38 58.31 -1.76
CA ASP E 75 -12.26 58.05 -3.19
C ASP E 75 -11.04 57.16 -3.44
N PHE E 76 -11.28 56.03 -4.12
CA PHE E 76 -10.24 55.07 -4.46
C PHE E 76 -10.48 54.57 -5.88
N THR E 77 -9.39 54.25 -6.58
CA THR E 77 -9.47 53.67 -7.91
C THR E 77 -8.50 52.50 -8.03
N LEU E 78 -8.95 51.42 -8.65
CA LEU E 78 -8.13 50.27 -8.98
C LEU E 78 -7.68 50.36 -10.43
N THR E 79 -6.40 50.05 -10.67
CA THR E 79 -5.81 50.24 -11.99
C THR E 79 -5.19 48.95 -12.48
N ILE E 80 -5.49 48.59 -13.72
CA ILE E 80 -4.85 47.47 -14.41
C ILE E 80 -4.07 48.05 -15.58
N SER E 81 -2.74 47.86 -15.57
CA SER E 81 -1.88 48.52 -16.54
C SER E 81 -2.24 48.10 -17.97
N SER E 82 -2.12 46.81 -18.27
CA SER E 82 -2.48 46.29 -19.58
C SER E 82 -3.38 45.08 -19.38
N LEU E 83 -4.60 45.15 -19.90
CA LEU E 83 -5.58 44.09 -19.71
C LEU E 83 -5.15 42.83 -20.46
N GLU E 84 -5.23 41.70 -19.79
CA GLU E 84 -5.07 40.40 -20.40
C GLU E 84 -6.43 39.73 -20.57
N PRO E 85 -6.56 38.78 -21.51
CA PRO E 85 -7.87 38.13 -21.70
C PRO E 85 -8.43 37.47 -20.45
N GLU E 86 -7.57 37.10 -19.49
CA GLU E 86 -8.02 36.53 -18.24
C GLU E 86 -8.54 37.58 -17.26
N ASP E 87 -8.10 38.83 -17.41
CA ASP E 87 -8.46 39.90 -16.48
C ASP E 87 -9.88 40.43 -16.71
N PHE E 88 -10.65 39.83 -17.61
CA PHE E 88 -12.00 40.30 -17.92
C PHE E 88 -12.99 39.60 -16.99
N ALA E 89 -13.52 40.34 -16.02
CA ALA E 89 -14.45 39.81 -15.04
C ALA E 89 -15.06 40.99 -14.29
N VAL E 90 -15.73 40.70 -13.18
CA VAL E 90 -16.32 41.70 -12.30
C VAL E 90 -15.37 41.95 -11.14
N TYR E 91 -15.33 43.19 -10.66
CA TYR E 91 -14.45 43.58 -9.57
C TYR E 91 -15.26 44.29 -8.49
N TYR E 92 -15.08 43.89 -7.24
CA TYR E 92 -15.80 44.46 -6.11
C TYR E 92 -14.82 45.15 -5.17
N CYS E 93 -15.24 46.27 -4.59
CA CYS E 93 -14.48 46.85 -3.48
C CYS E 93 -15.16 46.46 -2.17
N GLN E 94 -14.39 46.56 -1.09
CA GLN E 94 -14.86 46.15 0.23
C GLN E 94 -14.11 46.95 1.28
N GLN E 95 -14.82 47.35 2.33
CA GLN E 95 -14.24 48.12 3.42
C GLN E 95 -14.29 47.31 4.71
N ARG E 96 -13.25 47.49 5.53
CA ARG E 96 -13.18 46.89 6.87
C ARG E 96 -13.20 47.95 7.96
N SER E 97 -13.48 49.20 7.61
CA SER E 97 -13.36 50.30 8.56
C SER E 97 -14.36 50.15 9.70
N ASN E 98 -15.65 50.15 9.38
CA ASN E 98 -16.71 50.10 10.38
C ASN E 98 -17.46 48.79 10.28
N TRP E 99 -18.07 48.39 11.39
CA TRP E 99 -18.77 47.11 11.42
C TRP E 99 -20.07 47.21 10.64
N GLY E 100 -20.49 46.06 10.10
CA GLY E 100 -21.39 46.05 8.98
C GLY E 100 -20.52 46.07 7.73
N LEU E 101 -19.71 45.03 7.56
CA LEU E 101 -18.82 44.93 6.42
C LEU E 101 -19.62 45.00 5.12
N THR E 102 -19.30 45.97 4.27
CA THR E 102 -20.04 46.21 3.05
C THR E 102 -19.14 46.04 1.83
N PHE E 103 -19.76 45.63 0.73
CA PHE E 103 -19.08 45.45 -0.55
C PHE E 103 -19.52 46.54 -1.53
N GLY E 104 -18.78 46.62 -2.64
CA GLY E 104 -19.22 47.45 -3.75
C GLY E 104 -20.32 46.77 -4.55
N GLY E 105 -20.92 47.55 -5.45
CA GLY E 105 -22.01 47.01 -6.25
C GLY E 105 -21.57 46.12 -7.39
N GLY E 106 -20.36 46.32 -7.89
CA GLY E 106 -19.86 45.55 -9.02
C GLY E 106 -19.45 46.42 -10.18
N THR E 107 -18.35 46.06 -10.84
CA THR E 107 -17.92 46.71 -12.07
C THR E 107 -17.45 45.63 -13.03
N LYS E 108 -18.22 45.38 -14.08
CA LYS E 108 -17.90 44.37 -15.07
C LYS E 108 -16.97 44.95 -16.13
N VAL E 109 -15.97 44.17 -16.52
CA VAL E 109 -15.03 44.55 -17.57
C VAL E 109 -15.21 43.53 -18.69
N GLU E 110 -15.85 43.96 -19.78
CA GLU E 110 -16.18 43.09 -20.91
C GLU E 110 -15.26 43.37 -22.07
N ILE E 111 -15.21 42.41 -23.00
CA ILE E 111 -14.42 42.56 -24.22
C ILE E 111 -15.21 43.38 -25.22
N LYS E 112 -14.58 44.43 -25.77
CA LYS E 112 -15.21 45.29 -26.76
C LYS E 112 -14.94 44.74 -28.15
N ARG E 113 -16.00 44.64 -28.96
CA ARG E 113 -15.91 44.17 -30.33
C ARG E 113 -16.75 45.08 -31.21
N THR E 114 -16.76 44.78 -32.51
CA THR E 114 -17.57 45.56 -33.44
C THR E 114 -19.05 45.37 -33.14
N VAL E 115 -19.84 46.39 -33.45
CA VAL E 115 -21.27 46.33 -33.18
C VAL E 115 -21.88 45.22 -34.02
N ALA E 116 -22.74 44.42 -33.40
CA ALA E 116 -23.38 43.29 -34.06
C ALA E 116 -24.88 43.35 -33.81
N ALA E 117 -25.66 43.31 -34.88
CA ALA E 117 -27.11 43.34 -34.78
C ALA E 117 -27.66 41.96 -34.38
N PRO E 118 -28.68 41.92 -33.54
CA PRO E 118 -29.24 40.63 -33.12
C PRO E 118 -30.15 40.06 -34.20
N SER E 119 -30.05 38.74 -34.38
CA SER E 119 -31.03 38.01 -35.19
C SER E 119 -32.21 37.67 -34.30
N VAL E 120 -33.34 38.31 -34.55
CA VAL E 120 -34.49 38.23 -33.67
C VAL E 120 -35.41 37.11 -34.15
N PHE E 121 -35.92 36.33 -33.20
CA PHE E 121 -36.86 35.25 -33.47
C PHE E 121 -38.01 35.31 -32.48
N ILE E 122 -39.20 34.93 -32.93
CA ILE E 122 -40.39 34.90 -32.10
C ILE E 122 -41.01 33.51 -32.20
N PHE E 123 -41.38 32.94 -31.05
CA PHE E 123 -41.94 31.59 -30.99
C PHE E 123 -43.34 31.66 -30.42
N PRO E 124 -44.36 31.22 -31.16
CA PRO E 124 -45.71 31.16 -30.59
C PRO E 124 -45.78 30.11 -29.49
N PRO E 125 -46.76 30.20 -28.60
CA PRO E 125 -46.92 29.16 -27.56
C PRO E 125 -47.07 27.78 -28.18
N SER E 126 -46.57 26.78 -27.46
CA SER E 126 -46.65 25.41 -27.95
C SER E 126 -48.08 24.90 -27.90
N ASP E 127 -48.37 23.93 -28.77
CA ASP E 127 -49.68 23.28 -28.71
C ASP E 127 -49.82 22.45 -27.44
N GLU E 128 -48.71 21.90 -26.93
CA GLU E 128 -48.74 21.23 -25.63
C GLU E 128 -48.99 22.23 -24.51
N GLN E 129 -48.30 23.37 -24.55
CA GLN E 129 -48.46 24.39 -23.53
C GLN E 129 -49.83 25.05 -23.56
N LEU E 130 -50.60 24.89 -24.64
CA LEU E 130 -51.94 25.47 -24.67
C LEU E 130 -52.99 24.56 -24.08
N LYS E 131 -52.65 23.31 -23.76
CA LYS E 131 -53.48 22.47 -22.91
C LYS E 131 -53.30 22.78 -21.43
N SER E 132 -52.51 23.82 -21.11
CA SER E 132 -52.12 24.14 -19.74
C SER E 132 -53.10 25.08 -19.06
N GLY E 133 -53.66 26.04 -19.79
CA GLY E 133 -54.28 27.20 -19.19
C GLY E 133 -53.36 28.40 -19.14
N THR E 134 -52.12 28.26 -19.61
CA THR E 134 -51.14 29.34 -19.67
C THR E 134 -50.51 29.36 -21.05
N ALA E 135 -50.01 30.54 -21.45
CA ALA E 135 -49.43 30.72 -22.76
C ALA E 135 -48.19 31.61 -22.64
N SER E 136 -47.05 31.10 -23.10
CA SER E 136 -45.78 31.82 -23.03
C SER E 136 -45.30 32.13 -24.44
N VAL E 137 -44.94 33.39 -24.68
CA VAL E 137 -44.41 33.84 -25.96
C VAL E 137 -42.94 34.19 -25.74
N VAL E 138 -42.06 33.50 -26.45
CA VAL E 138 -40.62 33.67 -26.30
C VAL E 138 -40.09 34.49 -27.46
N CYS E 139 -39.35 35.56 -27.17
CA CYS E 139 -38.62 36.31 -28.17
C CYS E 139 -37.13 36.15 -27.93
N LEU E 140 -36.41 35.72 -28.95
CA LEU E 140 -34.99 35.42 -28.85
C LEU E 140 -34.18 36.49 -29.58
N LEU E 141 -33.22 37.08 -28.89
CA LEU E 141 -32.23 37.98 -29.48
C LEU E 141 -30.90 37.24 -29.46
N ASN E 142 -30.40 36.88 -30.64
CA ASN E 142 -29.29 35.95 -30.77
C ASN E 142 -28.01 36.67 -31.16
N ASN E 143 -27.01 36.62 -30.28
CA ASN E 143 -25.65 37.07 -30.55
C ASN E 143 -25.56 38.50 -31.03
N PHE E 144 -25.62 39.46 -30.11
CA PHE E 144 -25.54 40.87 -30.44
C PHE E 144 -24.52 41.55 -29.55
N TYR E 145 -24.14 42.77 -29.93
CA TYR E 145 -23.23 43.60 -29.16
C TYR E 145 -23.50 45.05 -29.52
N PRO E 146 -23.53 45.96 -28.52
CA PRO E 146 -23.35 45.70 -27.10
C PRO E 146 -24.58 45.08 -26.42
N ARG E 147 -24.54 44.97 -25.09
CA ARG E 147 -25.62 44.30 -24.37
C ARG E 147 -26.88 45.16 -24.32
N GLU E 148 -26.73 46.48 -24.35
CA GLU E 148 -27.86 47.40 -24.22
C GLU E 148 -28.90 47.16 -25.31
N ALA E 149 -30.05 46.61 -24.93
CA ALA E 149 -31.12 46.32 -25.88
C ALA E 149 -32.46 46.46 -25.18
N LYS E 150 -33.48 46.85 -25.94
CA LYS E 150 -34.84 47.02 -25.44
C LYS E 150 -35.78 46.12 -26.23
N VAL E 151 -36.63 45.40 -25.50
CA VAL E 151 -37.60 44.46 -26.09
C VAL E 151 -38.98 44.87 -25.62
N GLN E 152 -39.78 45.42 -26.54
CA GLN E 152 -41.14 45.84 -26.23
C GLN E 152 -42.14 44.83 -26.77
N TRP E 153 -43.06 44.40 -25.92
CA TRP E 153 -44.09 43.45 -26.30
C TRP E 153 -45.36 44.18 -26.73
N LYS E 154 -45.85 43.86 -27.92
CA LYS E 154 -47.08 44.43 -28.45
C LYS E 154 -48.08 43.31 -28.65
N VAL E 155 -49.31 43.53 -28.20
CA VAL E 155 -50.42 42.60 -28.43
C VAL E 155 -51.56 43.42 -29.02
N ASP E 156 -51.87 43.19 -30.29
CA ASP E 156 -52.84 43.99 -31.03
C ASP E 156 -52.47 45.47 -30.97
N ASN E 157 -51.17 45.75 -31.15
CA ASN E 157 -50.61 47.10 -31.12
C ASN E 157 -50.79 47.79 -29.77
N ALA E 158 -51.04 47.02 -28.71
CA ALA E 158 -51.12 47.55 -27.36
C ALA E 158 -49.83 47.21 -26.62
N LEU E 159 -49.19 48.23 -26.05
CA LEU E 159 -47.91 48.03 -25.37
C LEU E 159 -48.13 47.24 -24.08
N GLN E 160 -47.35 46.19 -23.88
CA GLN E 160 -47.41 45.38 -22.68
C GLN E 160 -46.48 45.94 -21.62
N SER E 161 -46.79 45.60 -20.36
CA SER E 161 -45.98 46.06 -19.23
C SER E 161 -46.28 45.19 -18.02
N GLY E 162 -45.22 44.76 -17.33
CA GLY E 162 -45.38 43.98 -16.10
C GLY E 162 -45.75 42.53 -16.30
N ASN E 163 -45.72 42.01 -17.52
CA ASN E 163 -46.07 40.63 -17.79
C ASN E 163 -45.00 39.94 -18.62
N SER E 164 -43.74 40.37 -18.47
CA SER E 164 -42.65 39.84 -19.26
C SER E 164 -41.40 39.74 -18.41
N GLN E 165 -40.64 38.66 -18.61
CA GLN E 165 -39.35 38.44 -17.96
C GLN E 165 -38.32 38.11 -19.02
N GLU E 166 -37.10 38.63 -18.86
CA GLU E 166 -36.03 38.36 -19.81
C GLU E 166 -34.78 37.91 -19.08
N SER E 167 -33.82 37.41 -19.87
CA SER E 167 -32.61 36.80 -19.33
C SER E 167 -31.52 36.89 -20.39
N VAL E 168 -30.31 37.25 -19.97
CA VAL E 168 -29.18 37.41 -20.88
C VAL E 168 -28.06 36.47 -20.47
N THR E 169 -27.28 36.05 -21.45
CA THR E 169 -26.14 35.17 -21.22
C THR E 169 -24.89 35.97 -20.91
N GLU E 170 -23.88 35.28 -20.37
CA GLU E 170 -22.58 35.90 -20.22
C GLU E 170 -21.93 36.07 -21.59
N GLN E 171 -21.01 37.03 -21.67
CA GLN E 171 -20.35 37.32 -22.94
C GLN E 171 -19.69 36.05 -23.48
N ASP E 172 -20.01 35.72 -24.73
CA ASP E 172 -19.56 34.48 -25.33
C ASP E 172 -18.04 34.47 -25.46
N SER E 173 -17.45 33.29 -25.28
CA SER E 173 -15.99 33.16 -25.32
C SER E 173 -15.44 33.04 -26.73
N LYS E 174 -16.27 32.84 -27.74
CA LYS E 174 -15.82 32.70 -29.11
C LYS E 174 -16.03 33.97 -29.94
N ASP E 175 -17.20 34.62 -29.84
CA ASP E 175 -17.47 35.83 -30.61
C ASP E 175 -17.77 37.05 -29.75
N SER E 176 -17.80 36.91 -28.42
CA SER E 176 -17.95 38.04 -27.49
C SER E 176 -19.27 38.78 -27.71
N THR E 177 -20.36 38.02 -27.79
CA THR E 177 -21.68 38.58 -28.02
C THR E 177 -22.67 38.05 -26.98
N TYR E 178 -23.52 38.94 -26.49
CA TYR E 178 -24.59 38.55 -25.58
C TYR E 178 -25.82 38.12 -26.38
N SER E 179 -26.73 37.44 -25.68
CA SER E 179 -27.97 36.96 -26.29
C SER E 179 -29.07 36.95 -25.25
N LEU E 180 -30.21 37.57 -25.58
CA LEU E 180 -31.32 37.78 -24.66
C LEU E 180 -32.48 36.85 -24.99
N SER E 181 -33.28 36.54 -23.97
CA SER E 181 -34.47 35.70 -24.14
C SER E 181 -35.59 36.28 -23.26
N SER E 182 -36.60 36.87 -23.90
CA SER E 182 -37.74 37.43 -23.18
C SER E 182 -38.95 36.51 -23.33
N THR E 183 -39.76 36.46 -22.28
CA THR E 183 -40.92 35.58 -22.22
C THR E 183 -42.13 36.38 -21.77
N LEU E 184 -43.15 36.44 -22.63
CA LEU E 184 -44.42 37.09 -22.32
C LEU E 184 -45.40 36.02 -21.83
N THR E 185 -45.76 36.08 -20.56
CA THR E 185 -46.63 35.07 -19.95
C THR E 185 -48.03 35.63 -19.83
N LEU E 186 -48.98 34.98 -20.50
CA LEU E 186 -50.38 35.34 -20.46
C LEU E 186 -51.22 34.12 -20.12
N SER E 187 -52.40 34.37 -19.58
CA SER E 187 -53.36 33.29 -19.37
C SER E 187 -53.87 32.80 -20.73
N LYS E 188 -54.32 31.54 -20.74
CA LYS E 188 -54.90 30.99 -21.97
C LYS E 188 -56.15 31.75 -22.38
N ALA E 189 -56.91 32.26 -21.42
CA ALA E 189 -58.10 33.05 -21.75
C ALA E 189 -57.70 34.36 -22.41
N ASP E 190 -56.73 35.07 -21.83
CA ASP E 190 -56.28 36.32 -22.43
C ASP E 190 -55.54 36.10 -23.74
N TYR E 191 -54.96 34.91 -23.94
CA TYR E 191 -54.24 34.65 -25.18
C TYR E 191 -55.20 34.43 -26.34
N GLU E 192 -56.32 33.74 -26.08
CA GLU E 192 -57.32 33.44 -27.10
C GLU E 192 -58.27 34.61 -27.35
N LYS E 193 -57.90 35.82 -26.96
CA LYS E 193 -58.71 37.00 -27.18
C LYS E 193 -58.08 38.03 -28.11
N HIS E 194 -56.80 37.89 -28.43
CA HIS E 194 -56.10 38.85 -29.28
C HIS E 194 -55.45 38.12 -30.45
N LYS E 195 -55.21 38.85 -31.53
CA LYS E 195 -54.78 38.26 -32.79
C LYS E 195 -53.27 38.36 -33.02
N VAL E 196 -52.74 39.57 -33.00
CA VAL E 196 -51.36 39.81 -33.39
C VAL E 196 -50.49 39.98 -32.16
N TYR E 197 -49.42 39.19 -32.08
CA TYR E 197 -48.42 39.29 -31.03
C TYR E 197 -47.10 39.68 -31.67
N ALA E 198 -46.50 40.78 -31.20
CA ALA E 198 -45.32 41.34 -31.82
C ALA E 198 -44.18 41.46 -30.82
N CYS E 199 -42.96 41.36 -31.34
CA CYS E 199 -41.74 41.59 -30.56
C CYS E 199 -40.92 42.65 -31.28
N GLU E 200 -40.80 43.83 -30.67
CA GLU E 200 -40.08 44.96 -31.25
C GLU E 200 -38.75 45.13 -30.52
N VAL E 201 -37.65 45.05 -31.26
CA VAL E 201 -36.31 45.09 -30.72
C VAL E 201 -35.62 46.36 -31.20
N THR E 202 -35.10 47.14 -30.26
CA THR E 202 -34.30 48.33 -30.58
C THR E 202 -32.87 48.08 -30.12
N HIS E 203 -31.93 48.22 -31.05
CA HIS E 203 -30.53 47.95 -30.75
C HIS E 203 -29.66 48.88 -31.58
N GLN E 204 -28.44 49.11 -31.09
CA GLN E 204 -27.52 50.00 -31.79
C GLN E 204 -27.20 49.47 -33.18
N GLY E 205 -27.08 48.15 -33.33
CA GLY E 205 -26.78 47.57 -34.62
C GLY E 205 -27.92 47.63 -35.62
N LEU E 206 -29.12 47.98 -35.18
CA LEU E 206 -30.28 48.07 -36.05
C LEU E 206 -30.53 49.53 -36.42
N SER E 207 -30.67 49.80 -37.72
CA SER E 207 -30.91 51.16 -38.17
C SER E 207 -32.27 51.67 -37.72
N SER E 208 -33.22 50.76 -37.49
CA SER E 208 -34.54 51.11 -36.98
C SER E 208 -35.13 49.88 -36.33
N PRO E 209 -35.98 50.05 -35.31
CA PRO E 209 -36.48 48.89 -34.55
C PRO E 209 -37.14 47.84 -35.45
N VAL E 210 -36.61 46.63 -35.42
CA VAL E 210 -37.21 45.50 -36.11
C VAL E 210 -38.34 44.93 -35.26
N THR E 211 -39.37 44.41 -35.92
CA THR E 211 -40.53 43.85 -35.23
C THR E 211 -40.80 42.47 -35.81
N LYS E 212 -40.57 41.43 -35.00
CA LYS E 212 -40.93 40.07 -35.37
C LYS E 212 -42.32 39.78 -34.85
N SER E 213 -43.23 39.39 -35.74
CA SER E 213 -44.64 39.27 -35.42
C SER E 213 -45.15 37.89 -35.80
N PHE E 214 -46.36 37.59 -35.32
CA PHE E 214 -47.12 36.43 -35.76
C PHE E 214 -48.59 36.58 -35.36
N ASN E 215 -49.50 36.27 -36.28
CA ASN E 215 -50.92 36.22 -35.95
C ASN E 215 -51.28 34.82 -35.48
N ARG E 216 -52.16 34.74 -34.49
CA ARG E 216 -52.46 33.47 -33.84
C ARG E 216 -53.01 32.43 -34.82
N GLY E 217 -52.23 31.40 -35.12
CA GLY E 217 -52.67 30.31 -35.95
C GLY E 217 -52.22 30.36 -37.40
N GLU E 218 -51.45 31.35 -37.80
CA GLU E 218 -51.01 31.45 -39.19
C GLU E 218 -49.63 30.83 -39.38
N ASN F 7 -40.75 22.64 -77.06
CA ASN F 7 -39.80 22.86 -75.98
C ASN F 7 -39.36 21.54 -75.34
N THR F 8 -38.05 21.36 -75.21
CA THR F 8 -37.45 20.10 -74.77
C THR F 8 -36.44 20.37 -73.68
N THR F 9 -36.52 19.61 -72.58
CA THR F 9 -35.50 19.64 -71.55
C THR F 9 -34.30 18.84 -72.03
N ASP F 10 -33.17 19.53 -72.22
CA ASP F 10 -32.01 18.96 -72.89
C ASP F 10 -30.93 18.48 -71.92
N ASN F 11 -31.12 18.67 -70.62
CA ASN F 11 -30.23 18.08 -69.62
C ASN F 11 -30.94 18.06 -68.28
N ILE F 12 -30.73 17.00 -67.52
CA ILE F 12 -31.41 16.83 -66.25
C ILE F 12 -30.39 16.84 -65.11
N ASP F 13 -29.46 17.81 -65.17
CA ASP F 13 -28.41 17.90 -64.17
C ASP F 13 -28.93 18.29 -62.79
N TYR F 14 -30.17 18.77 -62.69
CA TYR F 14 -30.70 19.24 -61.41
C TYR F 14 -30.96 18.10 -60.43
N PHE F 15 -31.01 16.85 -60.89
CA PHE F 15 -31.25 15.73 -60.00
C PHE F 15 -30.03 15.48 -59.11
N ASP F 16 -30.30 15.16 -57.85
CA ASP F 16 -29.24 14.82 -56.91
C ASP F 16 -29.81 13.90 -55.84
N ILE F 17 -28.90 13.27 -55.08
CA ILE F 17 -29.28 12.36 -54.01
C ILE F 17 -28.27 12.51 -52.89
N SER F 18 -28.68 12.12 -51.68
CA SER F 18 -27.82 12.15 -50.51
C SER F 18 -27.74 10.76 -49.89
N ASP F 19 -26.65 10.50 -49.19
CA ASP F 19 -26.51 9.23 -48.49
C ASP F 19 -27.44 9.20 -47.27
N GLU F 20 -27.39 8.09 -46.53
CA GLU F 20 -28.32 7.88 -45.43
C GLU F 20 -27.93 8.66 -44.18
N SER F 21 -26.65 8.90 -43.98
CA SER F 21 -26.20 9.73 -42.86
C SER F 21 -26.30 11.22 -43.18
N ASN F 22 -26.68 11.58 -44.40
CA ASN F 22 -26.84 12.97 -44.82
C ASN F 22 -25.54 13.77 -44.70
N TYR F 23 -24.40 13.08 -44.77
CA TYR F 23 -23.10 13.73 -44.78
C TYR F 23 -22.53 13.90 -46.17
N TYR F 24 -23.18 13.34 -47.19
CA TYR F 24 -22.68 13.41 -48.56
C TYR F 24 -23.84 13.73 -49.51
N LEU F 25 -23.65 14.78 -50.31
CA LEU F 25 -24.63 15.20 -51.31
C LEU F 25 -23.99 15.06 -52.68
N ILE F 26 -24.52 14.15 -53.50
CA ILE F 26 -23.94 13.84 -54.80
C ILE F 26 -24.51 14.79 -55.84
N SER F 27 -23.65 15.52 -56.52
CA SER F 27 -24.03 16.40 -57.61
C SER F 27 -23.65 15.78 -58.95
N GLN F 28 -24.48 16.02 -59.97
CA GLN F 28 -24.14 15.55 -61.30
C GLN F 28 -23.01 16.37 -61.91
N LEU F 29 -22.72 17.55 -61.37
CA LEU F 29 -21.64 18.38 -61.85
C LEU F 29 -20.36 18.09 -61.07
N ARG F 30 -19.22 18.23 -61.74
CA ARG F 30 -17.94 18.06 -61.09
C ARG F 30 -17.77 19.08 -59.97
N PRO F 31 -17.11 18.72 -58.87
CA PRO F 31 -16.50 17.41 -58.60
C PRO F 31 -17.43 16.42 -57.92
N HIS F 32 -18.74 16.64 -58.04
CA HIS F 32 -19.78 15.74 -57.54
C HIS F 32 -19.85 15.73 -56.01
N PHE F 33 -18.73 15.88 -55.32
CA PHE F 33 -18.67 15.84 -53.87
C PHE F 33 -18.17 17.16 -53.32
N SER F 34 -18.88 17.69 -52.32
CA SER F 34 -18.42 18.90 -51.66
C SER F 34 -17.04 18.70 -51.03
N ASN F 35 -16.71 17.45 -50.69
CA ASN F 35 -15.48 17.16 -49.96
C ASN F 35 -14.24 17.39 -50.81
N ILE F 36 -14.34 17.21 -52.14
CA ILE F 36 -13.16 17.36 -52.98
C ILE F 36 -12.76 18.83 -53.10
N TYR F 37 -13.73 19.74 -53.07
CA TYR F 37 -13.38 21.15 -52.96
C TYR F 37 -12.67 21.44 -51.64
N PHE F 38 -13.00 20.70 -50.59
CA PHE F 38 -12.32 20.84 -49.31
C PHE F 38 -10.93 20.23 -49.35
N PHE F 39 -10.79 19.07 -50.01
CA PHE F 39 -9.46 18.47 -50.17
C PHE F 39 -8.54 19.40 -50.94
N ASP F 40 -9.02 19.98 -52.04
CA ASP F 40 -8.25 20.97 -52.77
C ASP F 40 -7.92 22.16 -51.88
N GLU F 41 -8.86 22.55 -51.01
CA GLU F 41 -8.62 23.65 -50.10
C GLU F 41 -7.54 23.30 -49.08
N PHE F 42 -7.45 22.03 -48.69
CA PHE F 42 -6.42 21.64 -47.73
C PHE F 42 -5.03 21.64 -48.35
N LYS F 43 -4.95 21.47 -49.68
CA LYS F 43 -3.66 21.59 -50.36
C LYS F 43 -3.11 23.00 -50.22
N ARG F 44 -3.98 24.01 -50.10
CA ARG F 44 -3.52 25.37 -49.88
C ARG F 44 -3.16 25.63 -48.42
N TYR F 45 -3.66 24.81 -47.49
CA TYR F 45 -3.30 24.98 -46.08
C TYR F 45 -1.89 24.46 -45.83
N ALA F 46 -1.58 23.27 -46.35
CA ALA F 46 -0.22 22.73 -46.25
C ALA F 46 0.79 23.57 -47.03
N SER F 47 0.34 24.56 -47.80
CA SER F 47 1.27 25.40 -48.53
C SER F 47 2.16 26.23 -47.60
N TYR F 48 1.64 26.65 -46.45
CA TYR F 48 2.36 27.54 -45.54
C TYR F 48 2.86 26.84 -44.28
N HIS F 49 2.95 25.51 -44.29
CA HIS F 49 3.52 24.74 -43.21
C HIS F 49 4.60 23.84 -43.79
N THR F 50 5.86 24.11 -43.40
CA THR F 50 6.98 23.35 -43.96
C THR F 50 6.95 21.89 -43.54
N GLU F 51 6.38 21.59 -42.37
CA GLU F 51 6.35 20.22 -41.89
C GLU F 51 5.38 19.35 -42.66
N ILE F 52 4.35 19.92 -43.28
CA ILE F 52 3.32 19.11 -43.93
C ILE F 52 3.25 19.38 -45.43
N LYS F 53 4.37 19.85 -46.00
CA LYS F 53 4.48 19.83 -47.46
C LYS F 53 4.50 18.42 -48.03
N ARG F 54 4.42 17.41 -47.16
CA ARG F 54 4.30 16.01 -47.57
C ARG F 54 2.99 15.71 -48.26
N TYR F 55 1.96 16.54 -48.04
CA TYR F 55 0.63 16.28 -48.57
C TYR F 55 0.53 16.53 -50.07
N GLU F 56 1.57 17.09 -50.70
CA GLU F 56 1.51 17.33 -52.15
C GLU F 56 1.38 16.02 -52.91
N ASP F 57 2.02 14.95 -52.43
CA ASP F 57 1.91 13.66 -53.10
C ASP F 57 0.56 13.01 -52.84
N ILE F 58 0.04 13.16 -51.62
CA ILE F 58 -1.24 12.53 -51.27
C ILE F 58 -2.37 13.14 -52.09
N HIS F 59 -2.43 14.47 -52.16
CA HIS F 59 -3.52 15.12 -52.88
C HIS F 59 -3.36 15.00 -54.39
N LYS F 60 -2.14 14.85 -54.88
CA LYS F 60 -1.93 14.72 -56.32
C LYS F 60 -2.44 13.38 -56.84
N THR F 61 -2.37 12.34 -56.03
CA THR F 61 -2.74 11.00 -56.48
C THR F 61 -4.02 10.49 -55.83
N LYS F 62 -4.10 10.51 -54.49
CA LYS F 62 -5.25 9.92 -53.81
C LYS F 62 -6.51 10.75 -54.02
N VAL F 63 -6.39 12.08 -54.06
CA VAL F 63 -7.55 12.92 -54.29
C VAL F 63 -7.98 12.86 -55.75
N ASN F 64 -7.00 12.91 -56.67
CA ASN F 64 -7.35 12.82 -58.09
C ASN F 64 -7.90 11.45 -58.45
N SER F 65 -7.46 10.39 -57.75
CA SER F 65 -8.05 9.08 -57.99
C SER F 65 -9.50 9.03 -57.53
N LEU F 66 -9.80 9.71 -56.42
CA LEU F 66 -11.19 9.78 -55.96
C LEU F 66 -12.05 10.59 -56.92
N LEU F 67 -11.49 11.68 -57.46
CA LEU F 67 -12.23 12.49 -58.42
C LEU F 67 -12.58 11.69 -59.66
N ASN F 68 -11.62 10.92 -60.19
CA ASN F 68 -11.88 10.14 -61.40
C ASN F 68 -12.87 9.02 -61.13
N GLU F 69 -12.81 8.41 -59.94
CA GLU F 69 -13.77 7.36 -59.62
C GLU F 69 -15.15 7.92 -59.36
N ALA F 70 -15.24 9.13 -58.80
CA ALA F 70 -16.54 9.77 -58.65
C ALA F 70 -17.11 10.17 -60.02
N SER F 71 -16.25 10.71 -60.90
CA SER F 71 -16.69 11.00 -62.25
C SER F 71 -17.05 9.73 -63.01
N ARG F 72 -16.32 8.64 -62.75
CA ARG F 72 -16.66 7.37 -63.38
C ARG F 72 -17.99 6.83 -62.88
N ALA F 73 -18.27 6.99 -61.59
CA ALA F 73 -19.52 6.47 -61.03
C ALA F 73 -20.73 7.21 -61.61
N ILE F 74 -20.61 8.52 -61.80
CA ILE F 74 -21.71 9.28 -62.39
C ILE F 74 -21.94 8.85 -63.84
N GLY F 75 -20.84 8.64 -64.58
CA GLY F 75 -20.94 8.24 -65.98
C GLY F 75 -21.56 6.87 -66.20
N ILE F 76 -21.47 5.98 -65.21
CA ILE F 76 -22.04 4.64 -65.37
C ILE F 76 -23.56 4.71 -65.43
N CYS F 77 -24.15 5.63 -64.65
CA CYS F 77 -25.61 5.75 -64.60
C CYS F 77 -26.19 6.52 -65.78
N ASN F 78 -25.37 6.96 -66.74
CA ASN F 78 -25.89 7.75 -67.85
C ASN F 78 -26.82 6.95 -68.75
N ARG F 79 -26.77 5.61 -68.67
CA ARG F 79 -27.75 4.79 -69.37
C ARG F 79 -29.14 5.03 -68.82
N ALA F 80 -29.28 4.99 -67.48
CA ALA F 80 -30.56 5.28 -66.85
C ALA F 80 -30.88 6.77 -66.83
N LYS F 81 -29.87 7.62 -66.97
CA LYS F 81 -30.14 9.06 -67.07
C LYS F 81 -30.92 9.38 -68.33
N ASN F 82 -30.61 8.71 -69.44
CA ASN F 82 -31.32 8.96 -70.69
C ASN F 82 -32.72 8.38 -70.67
N THR F 83 -32.92 7.29 -69.93
CA THR F 83 -34.25 6.65 -69.90
C THR F 83 -35.28 7.58 -69.28
N VAL F 84 -34.95 8.25 -68.18
CA VAL F 84 -35.89 9.18 -67.58
C VAL F 84 -35.90 10.49 -68.36
N LYS F 85 -34.80 10.85 -69.00
CA LYS F 85 -34.77 12.08 -69.78
C LYS F 85 -35.73 11.99 -70.96
N GLY F 86 -35.87 10.80 -71.54
CA GLY F 86 -36.84 10.61 -72.60
C GLY F 86 -38.27 10.70 -72.11
N LEU F 87 -38.56 10.06 -70.98
CA LEU F 87 -39.90 10.13 -70.40
C LEU F 87 -40.29 11.56 -70.05
N ILE F 88 -39.33 12.35 -69.55
CA ILE F 88 -39.60 13.75 -69.23
C ILE F 88 -40.12 14.47 -70.47
N ASN F 89 -39.43 14.33 -71.59
CA ASN F 89 -39.83 14.99 -72.82
C ASN F 89 -41.26 14.62 -73.21
N ILE F 90 -41.61 13.34 -73.06
CA ILE F 90 -42.98 12.91 -73.38
C ILE F 90 -43.98 13.59 -72.46
N LEU F 91 -43.60 13.80 -71.19
CA LEU F 91 -44.56 14.27 -70.20
C LEU F 91 -44.73 15.79 -70.20
N GLU F 92 -43.77 16.54 -70.74
CA GLU F 92 -43.91 18.00 -70.81
C GLU F 92 -44.30 18.49 -72.19
N ASN F 93 -44.39 17.61 -73.18
CA ASN F 93 -44.79 17.99 -74.54
C ASN F 93 -45.88 17.04 -75.03
N PRO F 94 -47.07 17.55 -75.33
CA PRO F 94 -48.13 16.67 -75.89
C PRO F 94 -47.87 16.27 -77.33
N GLN F 95 -46.84 16.83 -77.98
CA GLN F 95 -46.53 16.43 -79.35
C GLN F 95 -45.83 15.08 -79.39
N LYS F 96 -44.92 14.83 -78.46
CA LYS F 96 -44.25 13.53 -78.39
C LYS F 96 -45.09 12.48 -77.69
N PHE F 97 -46.17 12.88 -77.02
CA PHE F 97 -46.97 11.93 -76.26
C PHE F 97 -47.81 11.02 -77.16
N LYS F 98 -48.20 11.53 -78.34
CA LYS F 98 -49.23 10.87 -79.13
C LYS F 98 -48.90 9.42 -79.46
N THR F 99 -47.62 9.08 -79.61
CA THR F 99 -47.29 7.71 -79.98
C THR F 99 -47.65 6.72 -78.90
N GLN F 100 -47.35 7.07 -77.64
CA GLN F 100 -47.31 6.08 -76.57
C GLN F 100 -48.66 5.40 -76.37
N ARG F 101 -49.76 6.12 -76.65
CA ARG F 101 -51.11 5.62 -76.40
C ARG F 101 -51.24 5.02 -75.00
N GLU F 102 -50.44 5.52 -74.07
CA GLU F 102 -50.39 5.05 -72.70
C GLU F 102 -50.93 6.14 -71.80
N SER F 103 -51.82 5.77 -70.88
CA SER F 103 -52.36 6.73 -69.93
C SER F 103 -51.22 7.44 -69.22
N TYR F 104 -51.37 8.76 -69.05
CA TYR F 104 -50.43 9.51 -68.22
C TYR F 104 -50.15 8.79 -66.92
N ASP F 105 -51.19 8.22 -66.31
CA ASP F 105 -51.01 7.43 -65.08
C ASP F 105 -49.92 6.39 -65.25
N VAL F 106 -49.94 5.67 -66.38
CA VAL F 106 -48.88 4.71 -66.67
C VAL F 106 -47.55 5.44 -66.81
N LYS F 107 -47.47 6.37 -67.79
CA LYS F 107 -46.24 7.08 -68.07
C LYS F 107 -45.71 7.83 -66.85
N LEU F 108 -46.60 8.31 -65.98
CA LEU F 108 -46.15 8.92 -64.73
C LEU F 108 -45.59 7.87 -63.78
N ARG F 109 -46.30 6.75 -63.63
CA ARG F 109 -45.79 5.66 -62.81
C ARG F 109 -44.48 5.13 -63.37
N GLN F 110 -44.35 5.10 -64.69
CA GLN F 110 -43.10 4.69 -65.31
C GLN F 110 -42.00 5.74 -65.08
N TYR F 111 -42.37 7.02 -65.11
CA TYR F 111 -41.39 8.07 -64.87
C TYR F 111 -40.88 8.03 -63.44
N GLU F 112 -41.80 7.96 -62.47
CA GLU F 112 -41.40 7.94 -61.07
C GLU F 112 -40.52 6.74 -60.76
N GLU F 113 -40.89 5.58 -61.29
CA GLU F 113 -40.09 4.37 -61.09
C GLU F 113 -38.69 4.53 -61.66
N LYS F 114 -38.60 5.01 -62.90
CA LYS F 114 -37.30 5.18 -63.55
C LYS F 114 -36.51 6.32 -62.93
N LYS F 115 -37.17 7.38 -62.48
CA LYS F 115 -36.45 8.50 -61.89
C LYS F 115 -35.73 8.09 -60.62
N GLU F 116 -36.39 7.29 -59.78
CA GLU F 116 -35.74 6.80 -58.56
C GLU F 116 -34.65 5.79 -58.87
N ALA F 117 -34.77 5.07 -59.98
CA ALA F 117 -33.70 4.17 -60.40
C ALA F 117 -32.45 4.95 -60.78
N PHE F 118 -32.62 6.12 -61.39
CA PHE F 118 -31.48 6.94 -61.78
C PHE F 118 -30.88 7.66 -60.58
N ARG F 119 -31.73 8.18 -59.68
CA ARG F 119 -31.21 8.82 -58.48
C ARG F 119 -30.53 7.80 -57.57
N GLY F 120 -31.18 6.64 -57.37
CA GLY F 120 -30.57 5.60 -56.57
C GLY F 120 -29.30 5.05 -57.17
N CYS F 121 -29.20 5.07 -58.51
CA CYS F 121 -27.97 4.64 -59.16
C CYS F 121 -26.80 5.53 -58.79
N LEU F 122 -27.02 6.86 -58.75
CA LEU F 122 -25.96 7.78 -58.40
C LEU F 122 -25.40 7.51 -57.01
N LEU F 123 -26.25 7.03 -56.09
CA LEU F 123 -25.78 6.72 -54.74
C LEU F 123 -25.06 5.38 -54.69
N ASN F 124 -25.62 4.37 -55.36
CA ASN F 124 -25.05 3.02 -55.28
C ASN F 124 -23.65 2.97 -55.87
N LYS F 125 -23.46 3.57 -57.05
CA LYS F 125 -22.16 3.56 -57.70
C LYS F 125 -21.11 4.38 -56.95
N ASN F 126 -21.52 5.17 -55.96
CA ASN F 126 -20.60 6.01 -55.20
C ASN F 126 -20.40 5.54 -53.77
N ARG F 127 -21.01 4.40 -53.39
CA ARG F 127 -20.95 3.98 -51.99
C ARG F 127 -19.53 3.66 -51.55
N LYS F 128 -18.74 3.03 -52.44
CA LYS F 128 -17.35 2.77 -52.08
C LYS F 128 -16.52 4.04 -52.08
N ASN F 129 -16.91 5.04 -52.88
CA ASN F 129 -16.23 6.33 -52.83
C ASN F 129 -16.45 7.04 -51.50
N LEU F 130 -17.53 6.73 -50.79
CA LEU F 130 -17.75 7.33 -49.48
C LEU F 130 -16.72 6.84 -48.47
N ASP F 131 -16.33 5.56 -48.55
CA ASP F 131 -15.30 5.04 -47.67
C ASP F 131 -13.97 5.76 -47.89
N GLN F 132 -13.67 6.11 -49.15
CA GLN F 132 -12.42 6.79 -49.44
C GLN F 132 -12.43 8.24 -48.96
N ILE F 133 -13.59 8.90 -48.99
CA ILE F 133 -13.68 10.25 -48.47
C ILE F 133 -13.37 10.25 -46.98
N LYS F 134 -13.89 9.26 -46.25
CA LYS F 134 -13.58 9.14 -44.83
C LYS F 134 -12.09 8.85 -44.62
N LYS F 135 -11.49 8.03 -45.49
CA LYS F 135 -10.08 7.70 -45.35
C LYS F 135 -9.20 8.93 -45.55
N ILE F 136 -9.48 9.73 -46.59
CA ILE F 136 -8.69 10.94 -46.83
C ILE F 136 -8.86 11.91 -45.67
N ASN F 137 -10.06 11.98 -45.09
CA ASN F 137 -10.26 12.81 -43.91
C ASN F 137 -9.37 12.36 -42.76
N ASN F 138 -9.29 11.05 -42.53
CA ASN F 138 -8.38 10.53 -41.51
C ASN F 138 -6.94 10.84 -41.85
N GLU F 139 -6.56 10.66 -43.11
CA GLU F 139 -5.18 10.92 -43.52
C GLU F 139 -4.84 12.39 -43.38
N ILE F 140 -5.83 13.28 -43.52
CA ILE F 140 -5.56 14.71 -43.39
C ILE F 140 -5.26 15.06 -41.93
N ARG F 141 -6.10 14.59 -41.00
CA ARG F 141 -5.88 14.92 -39.59
C ARG F 141 -4.66 14.20 -39.03
N ASP F 142 -4.35 13.00 -39.52
CA ASP F 142 -3.15 12.30 -39.07
C ASP F 142 -1.90 13.00 -39.58
N LEU F 143 -1.95 13.55 -40.79
CA LEU F 143 -0.82 14.31 -41.31
C LEU F 143 -0.66 15.64 -40.59
N LEU F 144 -1.76 16.23 -40.11
CA LEU F 144 -1.68 17.46 -39.35
C LEU F 144 -1.02 17.27 -38.00
N GLU F 145 -0.93 16.02 -37.52
CA GLU F 145 -0.23 15.73 -36.27
C GLU F 145 1.27 15.97 -36.40
N LYS F 146 1.81 15.92 -37.62
CA LYS F 146 3.23 16.15 -37.83
C LYS F 146 3.64 17.60 -37.62
N LEU F 147 2.68 18.51 -37.42
CA LEU F 147 3.00 19.92 -37.18
C LEU F 147 3.86 20.05 -35.93
N LYS F 148 5.04 20.65 -36.09
CA LYS F 148 6.02 20.73 -35.02
C LYS F 148 5.58 21.68 -33.91
N CYS F 149 4.50 21.34 -33.20
CA CYS F 149 3.97 22.13 -32.11
C CYS F 149 2.92 21.28 -31.41
N SER F 150 2.50 21.75 -30.23
CA SER F 150 1.49 21.04 -29.46
C SER F 150 0.53 22.01 -28.78
N GLN F 151 0.93 22.57 -27.63
CA GLN F 151 0.06 23.49 -26.92
C GLN F 151 0.04 24.88 -27.54
N ASP F 152 1.08 25.25 -28.29
CA ASP F 152 1.18 26.57 -28.92
C ASP F 152 1.45 26.38 -30.41
N CYS F 153 0.40 26.54 -31.23
CA CYS F 153 0.50 26.51 -32.68
C CYS F 153 -0.06 27.81 -33.24
N GLN F 154 0.70 28.47 -34.11
CA GLN F 154 0.30 29.77 -34.63
C GLN F 154 -0.96 29.67 -35.48
N THR F 155 -1.77 30.74 -35.46
CA THR F 155 -3.01 30.81 -36.20
C THR F 155 -2.94 31.85 -37.31
N ASN F 156 -1.74 32.15 -37.81
CA ASN F 156 -1.60 33.16 -38.86
C ASN F 156 -2.24 32.68 -40.16
N VAL F 157 -1.98 31.43 -40.55
CA VAL F 157 -2.57 30.89 -41.77
C VAL F 157 -4.08 30.75 -41.63
N TYR F 158 -4.57 30.48 -40.41
CA TYR F 158 -6.00 30.34 -40.18
C TYR F 158 -6.73 31.64 -40.54
N PHE F 159 -6.26 32.77 -40.01
CA PHE F 159 -6.92 34.04 -40.27
C PHE F 159 -6.50 34.67 -41.59
N ASP F 160 -5.41 34.20 -42.20
CA ASP F 160 -5.08 34.65 -43.55
C ASP F 160 -6.06 34.06 -44.56
N MET F 161 -6.42 32.79 -44.39
CA MET F 161 -7.39 32.17 -45.28
C MET F 161 -8.77 32.78 -45.13
N ILE F 162 -9.14 33.17 -43.92
CA ILE F 162 -10.44 33.80 -43.70
C ILE F 162 -10.49 35.16 -44.39
N LYS F 163 -9.37 35.89 -44.39
CA LYS F 163 -9.34 37.17 -45.09
C LYS F 163 -9.53 36.99 -46.59
N ILE F 164 -9.04 35.88 -47.15
CA ILE F 164 -9.24 35.63 -48.57
C ILE F 164 -10.68 35.20 -48.86
N TYR F 165 -11.30 34.47 -47.95
CA TYR F 165 -12.67 34.02 -48.18
C TYR F 165 -13.66 35.18 -48.12
N LEU F 166 -13.34 36.24 -47.37
CA LEU F 166 -14.24 37.38 -47.30
C LEU F 166 -14.33 38.09 -48.65
N VAL F 167 -13.22 38.15 -49.39
CA VAL F 167 -13.26 38.79 -50.71
C VAL F 167 -13.80 37.85 -51.77
N ASP F 168 -13.71 36.53 -51.56
CA ASP F 168 -14.26 35.58 -52.52
C ASP F 168 -15.76 35.40 -52.36
N PHE F 169 -16.31 35.67 -51.17
CA PHE F 169 -17.75 35.55 -50.97
C PHE F 169 -18.51 36.66 -51.66
N LYS F 170 -17.91 37.84 -51.81
CA LYS F 170 -18.59 38.94 -52.47
C LYS F 170 -18.79 38.70 -53.96
N LYS F 171 -18.08 37.72 -54.53
CA LYS F 171 -18.21 37.43 -55.95
C LYS F 171 -19.49 36.69 -56.29
N MET F 172 -20.19 36.12 -55.30
CA MET F 172 -21.46 35.49 -55.60
C MET F 172 -22.60 36.44 -55.26
N PRO F 173 -23.56 36.64 -56.16
CA PRO F 173 -24.69 37.57 -55.89
C PRO F 173 -25.80 36.92 -55.09
N TYR F 174 -25.63 36.90 -53.77
CA TYR F 174 -26.63 36.27 -52.91
C TYR F 174 -27.95 37.04 -52.95
N GLU F 175 -27.88 38.37 -52.80
CA GLU F 175 -29.10 39.17 -52.73
C GLU F 175 -29.91 39.03 -54.02
N ASN F 176 -29.22 38.97 -55.16
CA ASN F 176 -29.91 38.82 -56.43
C ASN F 176 -30.48 37.42 -56.59
N TYR F 177 -29.76 36.40 -56.11
CA TYR F 177 -30.30 35.04 -56.09
C TYR F 177 -31.56 34.96 -55.24
N ASP F 178 -31.59 35.71 -54.14
CA ASP F 178 -32.75 35.67 -53.24
C ASP F 178 -33.98 36.25 -53.90
N THR F 179 -33.87 37.45 -54.46
CA THR F 179 -35.02 38.05 -55.13
C THR F 179 -35.45 37.26 -56.36
N PHE F 180 -34.54 36.50 -56.96
CA PHE F 180 -34.90 35.64 -58.08
C PHE F 180 -35.76 34.47 -57.61
N ILE F 181 -35.30 33.73 -56.61
CA ILE F 181 -36.04 32.56 -56.15
C ILE F 181 -37.32 32.97 -55.44
N LYS F 182 -37.32 34.14 -54.78
CA LYS F 182 -38.54 34.62 -54.12
C LYS F 182 -39.63 34.93 -55.13
N GLN F 183 -39.25 35.42 -56.32
CA GLN F 183 -40.24 35.74 -57.33
C GLN F 183 -40.67 34.50 -58.11
N TYR F 184 -39.69 33.69 -58.54
CA TYR F 184 -40.01 32.49 -59.30
C TYR F 184 -40.72 31.44 -58.46
N LYS F 185 -40.74 31.58 -57.14
CA LYS F 185 -41.56 30.70 -56.31
C LYS F 185 -43.00 31.20 -56.26
N ASN F 186 -43.19 32.51 -56.24
CA ASN F 186 -44.55 33.06 -56.23
C ASN F 186 -45.22 32.86 -57.59
N SER F 187 -44.51 33.18 -58.67
CA SER F 187 -45.06 32.93 -60.01
C SER F 187 -45.29 31.45 -60.25
N TYR F 188 -44.48 30.59 -59.65
CA TYR F 188 -44.74 29.15 -59.72
C TYR F 188 -46.01 28.79 -58.95
N LEU F 189 -46.13 29.29 -57.72
CA LEU F 189 -47.29 28.98 -56.89
C LEU F 189 -48.55 29.67 -57.39
N SER F 190 -48.42 30.79 -58.09
CA SER F 190 -49.60 31.39 -58.71
C SER F 190 -50.03 30.61 -59.94
N GLY F 191 -49.09 29.89 -60.58
CA GLY F 191 -49.45 29.08 -61.73
C GLY F 191 -50.13 27.78 -61.35
N VAL F 192 -49.85 27.25 -60.15
CA VAL F 192 -50.52 26.03 -59.74
C VAL F 192 -51.97 26.33 -59.37
N ASP F 193 -52.24 27.52 -58.83
CA ASP F 193 -53.62 27.89 -58.53
C ASP F 193 -54.39 28.22 -59.81
N MET F 194 -53.71 28.80 -60.79
CA MET F 194 -54.37 29.16 -62.04
C MET F 194 -54.75 27.92 -62.85
N ILE F 195 -53.87 26.91 -62.87
CA ILE F 195 -54.18 25.68 -63.61
C ILE F 195 -55.33 24.93 -62.95
N ARG F 196 -55.32 24.82 -61.63
CA ARG F 196 -56.41 24.15 -60.93
C ARG F 196 -57.73 24.92 -61.03
N LYS F 197 -57.68 26.19 -61.42
CA LYS F 197 -58.89 27.00 -61.59
C LYS F 197 -59.45 26.91 -63.01
N ILE F 198 -58.57 26.92 -64.02
CA ILE F 198 -59.02 26.87 -65.41
C ILE F 198 -59.02 25.46 -65.97
N GLU F 199 -58.67 24.46 -65.16
CA GLU F 199 -58.79 23.07 -65.62
C GLU F 199 -60.25 22.69 -65.84
N LYS F 200 -61.16 23.29 -65.06
CA LYS F 200 -62.58 22.98 -65.20
C LYS F 200 -63.25 23.78 -66.31
N GLN F 201 -62.62 24.86 -66.78
CA GLN F 201 -63.26 25.74 -67.75
C GLN F 201 -62.93 25.40 -69.20
N ILE F 202 -61.83 24.69 -69.45
CA ILE F 202 -61.46 24.25 -70.79
C ILE F 202 -61.06 22.78 -70.71
N ASP F 203 -61.67 21.97 -71.57
CA ASP F 203 -61.43 20.52 -71.56
C ASP F 203 -60.24 20.22 -72.47
N ASN F 204 -59.08 20.05 -71.86
CA ASN F 204 -57.86 19.68 -72.59
C ASN F 204 -56.96 18.93 -71.63
N PRO F 205 -57.25 17.65 -71.36
CA PRO F 205 -56.52 16.95 -70.30
C PRO F 205 -55.06 16.71 -70.62
N VAL F 206 -54.74 16.39 -71.88
CA VAL F 206 -53.35 16.09 -72.23
C VAL F 206 -52.47 17.31 -72.03
N THR F 207 -52.96 18.48 -72.42
CA THR F 207 -52.16 19.69 -72.25
C THR F 207 -52.07 20.10 -70.79
N ILE F 208 -53.17 20.01 -70.05
CA ILE F 208 -53.16 20.36 -68.64
C ILE F 208 -52.25 19.42 -67.86
N ASN F 209 -52.32 18.11 -68.16
CA ASN F 209 -51.45 17.14 -67.49
C ASN F 209 -49.99 17.42 -67.77
N ALA F 210 -49.67 17.93 -68.96
CA ALA F 210 -48.28 18.27 -69.27
C ALA F 210 -47.81 19.50 -68.50
N ILE F 211 -48.74 20.40 -68.15
CA ILE F 211 -48.37 21.57 -67.37
C ILE F 211 -48.22 21.21 -65.89
N LYS F 212 -49.17 20.46 -65.35
CA LYS F 212 -49.06 20.00 -63.97
C LYS F 212 -47.74 19.26 -63.74
N PHE F 213 -47.29 18.50 -64.74
CA PHE F 213 -46.03 17.76 -64.61
C PHE F 213 -44.84 18.70 -64.53
N THR F 214 -44.79 19.72 -65.39
CA THR F 214 -43.70 20.67 -65.37
C THR F 214 -43.66 21.45 -64.05
N GLN F 215 -44.83 21.66 -63.43
CA GLN F 215 -44.86 22.33 -62.14
C GLN F 215 -44.38 21.43 -61.01
N LYS F 216 -44.63 20.12 -61.11
CA LYS F 216 -44.11 19.20 -60.12
C LYS F 216 -42.58 19.20 -60.12
N GLU F 217 -41.97 19.27 -61.30
CA GLU F 217 -40.52 19.32 -61.38
C GLU F 217 -39.99 20.70 -60.98
N MET F 218 -40.78 21.76 -61.21
CA MET F 218 -40.36 23.09 -60.78
C MET F 218 -40.27 23.17 -59.26
N GLY F 219 -41.24 22.57 -58.56
CA GLY F 219 -41.19 22.58 -57.10
C GLY F 219 -40.00 21.85 -56.54
N TYR F 220 -39.56 20.78 -57.23
CA TYR F 220 -38.35 20.08 -56.80
C TYR F 220 -37.10 20.92 -57.02
N ILE F 221 -37.03 21.62 -58.15
CA ILE F 221 -35.87 22.46 -58.43
C ILE F 221 -35.85 23.67 -57.50
N ILE F 222 -37.02 24.23 -57.20
CA ILE F 222 -37.09 25.33 -56.24
C ILE F 222 -36.64 24.84 -54.86
N ASP F 223 -37.05 23.63 -54.47
CA ASP F 223 -36.60 23.09 -53.20
C ASP F 223 -35.10 22.86 -53.18
N ARG F 224 -34.53 22.44 -54.31
CA ARG F 224 -33.08 22.26 -54.38
C ARG F 224 -32.36 23.60 -54.47
N PHE F 225 -32.96 24.60 -55.11
CA PHE F 225 -32.32 25.91 -55.17
C PHE F 225 -32.35 26.59 -53.81
N GLU F 226 -33.46 26.44 -53.07
CA GLU F 226 -33.52 27.00 -51.73
C GLU F 226 -32.53 26.32 -50.78
N TYR F 227 -32.31 25.02 -50.96
CA TYR F 227 -31.34 24.31 -50.13
C TYR F 227 -29.95 24.92 -50.26
N HIS F 228 -29.41 24.95 -51.49
CA HIS F 228 -28.06 25.46 -51.69
C HIS F 228 -27.96 26.95 -51.36
N LEU F 229 -29.04 27.70 -51.51
CA LEU F 229 -28.99 29.12 -51.22
C LEU F 229 -28.76 29.36 -49.73
N GLN F 230 -29.59 28.76 -48.87
CA GLN F 230 -29.39 28.90 -47.44
C GLN F 230 -28.11 28.20 -46.98
N LYS F 231 -27.76 27.09 -47.63
CA LYS F 231 -26.51 26.41 -47.28
C LYS F 231 -25.30 27.29 -47.56
N VAL F 232 -25.33 28.01 -48.68
CA VAL F 232 -24.23 28.93 -49.00
C VAL F 232 -24.28 30.14 -48.08
N LYS F 233 -25.47 30.71 -47.88
CA LYS F 233 -25.59 31.90 -47.04
C LYS F 233 -25.17 31.60 -45.61
N HIS F 234 -25.62 30.46 -45.06
CA HIS F 234 -25.19 30.07 -43.72
C HIS F 234 -23.67 29.89 -43.67
N SER F 235 -23.09 29.34 -44.74
CA SER F 235 -21.64 29.19 -44.80
C SER F 235 -20.93 30.54 -44.78
N ILE F 236 -21.52 31.56 -45.41
CA ILE F 236 -20.90 32.88 -45.43
C ILE F 236 -21.03 33.57 -44.08
N ASP F 237 -22.13 33.33 -43.36
CA ASP F 237 -22.34 33.98 -42.07
C ASP F 237 -21.40 33.44 -41.00
N GLN F 238 -21.15 32.13 -41.01
CA GLN F 238 -20.31 31.53 -39.98
C GLN F 238 -18.86 31.96 -40.14
N VAL F 239 -18.38 32.09 -41.38
CA VAL F 239 -17.00 32.48 -41.59
C VAL F 239 -16.80 33.95 -41.26
N THR F 240 -17.75 34.81 -41.66
CA THR F 240 -17.69 36.20 -41.24
C THR F 240 -17.80 36.33 -39.73
N ALA F 241 -18.55 35.43 -39.09
CA ALA F 241 -18.60 35.41 -37.63
C ALA F 241 -17.24 35.09 -37.05
N LEU F 242 -16.53 34.12 -37.64
CA LEU F 242 -15.17 33.82 -37.18
C LEU F 242 -14.23 34.99 -37.40
N SER F 243 -14.43 35.75 -38.48
CA SER F 243 -13.61 36.94 -38.71
C SER F 243 -13.94 38.05 -37.73
N ASP F 244 -15.08 37.97 -37.04
CA ASP F 244 -15.47 38.99 -36.07
C ASP F 244 -15.18 38.59 -34.63
N GLY F 245 -15.06 37.30 -34.35
CA GLY F 245 -14.89 36.82 -33.00
C GLY F 245 -13.48 37.05 -32.47
N VAL F 246 -13.19 36.36 -31.36
CA VAL F 246 -11.87 36.47 -30.75
C VAL F 246 -10.84 35.75 -31.61
N LYS F 247 -9.68 36.38 -31.78
CA LYS F 247 -8.62 35.84 -32.62
C LYS F 247 -7.41 35.50 -31.74
N PRO F 248 -7.37 34.30 -31.15
CA PRO F 248 -6.20 33.91 -30.37
C PRO F 248 -5.00 33.66 -31.26
N LYS F 249 -3.84 34.16 -30.83
CA LYS F 249 -2.62 33.99 -31.62
C LYS F 249 -2.16 32.53 -31.62
N GLN F 250 -2.45 31.79 -30.56
CA GLN F 250 -2.03 30.40 -30.44
C GLN F 250 -3.17 29.57 -29.84
N VAL F 251 -3.34 28.35 -30.35
CA VAL F 251 -4.25 27.36 -29.78
C VAL F 251 -3.55 26.01 -29.82
N THR F 252 -4.18 25.02 -29.20
CA THR F 252 -3.61 23.68 -29.21
C THR F 252 -3.72 23.06 -30.61
N LYS F 253 -2.97 21.98 -30.82
CA LYS F 253 -2.90 21.36 -32.14
C LYS F 253 -4.28 20.88 -32.59
N ASN F 254 -5.03 20.23 -31.70
CA ASN F 254 -6.33 19.69 -32.10
C ASN F 254 -7.31 20.80 -32.46
N ARG F 255 -7.25 21.93 -31.75
CA ARG F 255 -8.13 23.05 -32.11
C ARG F 255 -7.73 23.65 -33.45
N LEU F 256 -6.43 23.70 -33.76
CA LEU F 256 -6.03 24.15 -35.08
C LEU F 256 -6.48 23.15 -36.16
N LYS F 257 -6.48 21.85 -35.83
CA LYS F 257 -7.01 20.87 -36.76
C LYS F 257 -8.49 21.12 -37.02
N GLU F 258 -9.27 21.35 -35.96
CA GLU F 258 -10.68 21.62 -36.15
C GLU F 258 -10.90 22.99 -36.78
N TYR F 259 -9.96 23.92 -36.60
CA TYR F 259 -10.06 25.22 -37.28
C TYR F 259 -9.94 25.05 -38.78
N TYR F 260 -8.96 24.27 -39.25
CA TYR F 260 -8.80 24.04 -40.67
C TYR F 260 -9.96 23.24 -41.24
N PHE F 261 -10.39 22.19 -40.53
CA PHE F 261 -11.57 21.44 -40.95
C PHE F 261 -12.82 22.31 -40.97
N ASN F 262 -12.84 23.36 -40.14
CA ASN F 262 -14.01 24.22 -40.07
C ASN F 262 -14.14 25.10 -41.31
N ILE F 263 -13.17 26.00 -41.51
CA ILE F 263 -13.26 26.92 -42.64
C ILE F 263 -13.08 26.18 -43.97
N GLY F 264 -12.32 25.08 -43.97
CA GLY F 264 -12.19 24.30 -45.18
C GLY F 264 -13.48 23.65 -45.61
N ASN F 265 -14.31 23.25 -44.65
CA ASN F 265 -15.60 22.66 -44.98
C ASN F 265 -16.61 23.73 -45.36
N TYR F 266 -16.57 24.89 -44.70
CA TYR F 266 -17.48 25.97 -45.02
C TYR F 266 -17.22 26.51 -46.42
N TYR F 267 -15.94 26.66 -46.80
CA TYR F 267 -15.62 27.17 -48.12
C TYR F 267 -15.98 26.15 -49.21
N SER F 268 -15.80 24.85 -48.93
CA SER F 268 -16.20 23.84 -49.89
C SER F 268 -17.70 23.88 -50.12
N ILE F 269 -18.48 24.19 -49.08
CA ILE F 269 -19.92 24.35 -49.21
C ILE F 269 -20.23 25.56 -50.11
N PHE F 270 -19.44 26.62 -49.99
CA PHE F 270 -19.65 27.80 -50.82
C PHE F 270 -19.42 27.49 -52.29
N LYS F 271 -18.26 26.90 -52.62
CA LYS F 271 -17.95 26.60 -54.02
C LYS F 271 -18.89 25.53 -54.58
N PHE F 272 -19.14 24.47 -53.82
CA PHE F 272 -20.05 23.43 -54.28
C PHE F 272 -21.45 23.99 -54.47
N GLY F 273 -21.91 24.85 -53.55
CA GLY F 273 -23.21 25.47 -53.71
C GLY F 273 -23.27 26.47 -54.84
N LYS F 274 -22.17 27.19 -55.07
CA LYS F 274 -22.13 28.15 -56.18
C LYS F 274 -22.24 27.44 -57.52
N ASP F 275 -21.66 26.24 -57.64
CA ASP F 275 -21.81 25.47 -58.88
C ASP F 275 -23.25 25.04 -59.09
N SER F 276 -23.92 24.57 -58.03
CA SER F 276 -25.30 24.12 -58.16
C SER F 276 -26.24 25.30 -58.37
N LEU F 277 -26.00 26.41 -57.65
CA LEU F 277 -26.89 27.57 -57.76
C LEU F 277 -26.91 28.12 -59.18
N ASN F 278 -25.80 28.03 -59.91
CA ASN F 278 -25.79 28.50 -61.29
C ASN F 278 -26.54 27.54 -62.20
N MET F 279 -26.32 26.23 -62.01
CA MET F 279 -27.04 25.25 -62.82
C MET F 279 -28.53 25.26 -62.50
N LEU F 280 -28.90 25.24 -61.22
CA LEU F 280 -30.30 25.18 -60.84
C LEU F 280 -31.03 26.46 -61.23
N ASN F 281 -30.32 27.59 -61.30
CA ASN F 281 -30.94 28.82 -61.78
C ASN F 281 -31.36 28.69 -63.23
N LYS F 282 -30.52 28.08 -64.05
CA LYS F 282 -30.84 27.91 -65.46
C LYS F 282 -31.93 26.86 -65.66
N ALA F 283 -31.89 25.79 -64.88
CA ALA F 283 -32.91 24.75 -65.02
C ALA F 283 -34.30 25.28 -64.66
N LEU F 284 -34.38 26.21 -63.70
CA LEU F 284 -35.67 26.74 -63.28
C LEU F 284 -36.21 27.72 -64.32
N ILE F 285 -35.36 28.60 -64.85
CA ILE F 285 -35.79 29.51 -65.89
C ILE F 285 -36.25 28.72 -67.12
N HIS F 286 -35.53 27.65 -67.46
CA HIS F 286 -35.90 26.84 -68.61
C HIS F 286 -37.24 26.15 -68.38
N LYS F 287 -37.48 25.63 -67.17
CA LYS F 287 -38.74 24.93 -66.90
C LYS F 287 -39.92 25.87 -66.98
N GLU F 288 -39.77 27.11 -66.52
CA GLU F 288 -40.88 28.06 -66.59
C GLU F 288 -41.17 28.47 -68.02
N LYS F 289 -40.14 28.55 -68.87
CA LYS F 289 -40.39 28.84 -70.28
C LYS F 289 -41.19 27.72 -70.93
N ILE F 290 -41.09 26.49 -70.41
CA ILE F 290 -41.91 25.40 -70.91
C ILE F 290 -43.35 25.58 -70.49
N VAL F 291 -43.57 26.05 -69.26
CA VAL F 291 -44.94 26.19 -68.75
C VAL F 291 -45.72 27.20 -69.57
N HIS F 292 -45.13 28.37 -69.80
CA HIS F 292 -45.84 29.43 -70.51
C HIS F 292 -46.01 29.09 -71.99
N ASN F 293 -45.06 28.36 -72.57
CA ASN F 293 -45.26 27.88 -73.94
C ASN F 293 -46.37 26.86 -74.02
N LEU F 294 -46.56 26.06 -72.96
CA LEU F 294 -47.70 25.15 -72.93
C LEU F 294 -49.01 25.89 -72.75
N LEU F 295 -49.00 27.00 -71.99
CA LEU F 295 -50.18 27.85 -71.92
C LEU F 295 -50.44 28.55 -73.24
N GLY F 296 -49.38 28.85 -74.00
CA GLY F 296 -49.57 29.46 -75.30
C GLY F 296 -50.26 28.54 -76.29
N GLU F 297 -49.88 27.26 -76.29
CA GLU F 297 -50.51 26.31 -77.18
C GLU F 297 -51.88 25.87 -76.67
N LEU F 298 -52.13 25.97 -75.37
CA LEU F 298 -53.45 25.67 -74.83
C LEU F 298 -54.48 26.71 -75.29
N PHE F 299 -54.03 27.91 -75.62
CA PHE F 299 -54.93 28.99 -76.05
C PHE F 299 -54.62 29.53 -77.44
N GLY F 300 -53.53 29.09 -78.07
CA GLY F 300 -53.17 29.59 -79.39
C GLY F 300 -53.81 28.87 -80.56
N HIS F 301 -54.49 27.76 -80.31
CA HIS F 301 -55.20 27.01 -81.34
C HIS F 301 -56.61 26.75 -80.84
N LEU F 302 -57.58 27.47 -81.40
CA LEU F 302 -58.97 27.36 -80.94
C LEU F 302 -59.95 27.32 -82.10
N ASN G 7 15.85 20.29 50.21
CA ASN G 7 15.07 19.12 50.58
C ASN G 7 13.86 18.94 49.68
N THR G 8 13.02 19.97 49.60
CA THR G 8 11.82 19.95 48.78
C THR G 8 11.78 21.18 47.87
N THR G 9 11.06 21.04 46.76
CA THR G 9 10.90 22.12 45.79
C THR G 9 9.65 22.92 46.16
N ASP G 10 9.86 24.19 46.54
CA ASP G 10 8.76 25.01 47.02
C ASP G 10 7.94 25.62 45.89
N ASN G 11 8.58 25.97 44.79
CA ASN G 11 7.95 26.73 43.71
C ASN G 11 8.23 26.07 42.37
N ILE G 12 7.20 26.03 41.52
CA ILE G 12 7.32 25.37 40.22
C ILE G 12 6.97 26.33 39.09
N ASP G 13 7.38 27.60 39.23
CA ASP G 13 7.09 28.61 38.22
C ASP G 13 7.92 28.44 36.96
N TYR G 14 8.87 27.51 36.93
CA TYR G 14 9.75 27.39 35.77
C TYR G 14 9.04 26.79 34.56
N PHE G 15 7.86 26.21 34.72
CA PHE G 15 7.16 25.61 33.59
C PHE G 15 6.63 26.69 32.65
N ASP G 16 6.69 26.41 31.35
CA ASP G 16 6.12 27.30 30.35
C ASP G 16 5.63 26.45 29.18
N ILE G 17 4.95 27.10 28.24
CA ILE G 17 4.39 26.42 27.08
C ILE G 17 4.15 27.44 25.98
N SER G 18 4.35 27.02 24.74
CA SER G 18 4.06 27.82 23.56
C SER G 18 2.82 27.30 22.86
N ASP G 19 2.16 28.18 22.11
CA ASP G 19 0.98 27.78 21.36
C ASP G 19 1.40 27.02 20.10
N GLU G 20 0.41 26.65 19.28
CA GLU G 20 0.69 25.87 18.08
C GLU G 20 1.30 26.72 16.96
N SER G 21 1.19 28.04 17.05
CA SER G 21 1.73 28.92 16.02
C SER G 21 3.14 29.38 16.31
N ASN G 22 3.70 29.03 17.48
CA ASN G 22 5.04 29.44 17.91
C ASN G 22 5.18 30.95 18.04
N TYR G 23 4.06 31.66 18.20
CA TYR G 23 4.07 33.10 18.33
C TYR G 23 3.77 33.58 19.75
N TYR G 24 3.37 32.69 20.65
CA TYR G 24 2.98 33.07 22.00
C TYR G 24 3.62 32.11 22.99
N LEU G 25 4.45 32.65 23.87
CA LEU G 25 5.08 31.90 24.94
C LEU G 25 4.48 32.36 26.26
N ILE G 26 3.81 31.44 26.95
CA ILE G 26 3.12 31.75 28.20
C ILE G 26 4.07 31.45 29.36
N SER G 27 4.23 32.42 30.25
CA SER G 27 5.05 32.28 31.44
C SER G 27 4.18 32.38 32.68
N GLN G 28 4.61 31.72 33.75
CA GLN G 28 3.86 31.75 35.01
C GLN G 28 3.97 33.09 35.71
N LEU G 29 4.96 33.91 35.34
CA LEU G 29 5.15 35.23 35.94
C LEU G 29 4.49 36.29 35.08
N ARG G 30 3.92 37.30 35.73
CA ARG G 30 3.33 38.42 35.01
C ARG G 30 4.41 39.10 34.15
N PRO G 31 4.03 39.65 32.99
CA PRO G 31 2.68 39.74 32.42
C PRO G 31 2.26 38.49 31.64
N HIS G 32 2.97 37.37 31.83
CA HIS G 32 2.65 36.09 31.20
C HIS G 32 2.85 36.10 29.69
N PHE G 33 2.73 37.27 29.06
CA PHE G 33 2.92 37.42 27.63
C PHE G 33 3.89 38.55 27.39
N SER G 34 5.00 38.26 26.67
CA SER G 34 5.91 39.32 26.26
C SER G 34 5.21 40.37 25.40
N ASN G 35 4.10 40.00 24.75
CA ASN G 35 3.34 40.97 23.97
C ASN G 35 2.81 42.10 24.84
N ILE G 36 2.57 41.83 26.13
CA ILE G 36 2.07 42.89 27.01
C ILE G 36 3.17 43.92 27.26
N TYR G 37 4.43 43.49 27.28
CA TYR G 37 5.53 44.45 27.37
C TYR G 37 5.63 45.29 26.10
N PHE G 38 5.32 44.70 24.95
CA PHE G 38 5.33 45.47 23.70
C PHE G 38 4.21 46.50 23.68
N PHE G 39 3.03 46.13 24.19
CA PHE G 39 1.94 47.09 24.27
C PHE G 39 2.30 48.26 25.18
N ASP G 40 3.03 47.99 26.26
CA ASP G 40 3.48 49.07 27.13
C ASP G 40 4.49 49.96 26.42
N GLU G 41 5.30 49.40 25.53
CA GLU G 41 6.28 50.19 24.81
C GLU G 41 5.63 51.09 23.77
N PHE G 42 4.54 50.64 23.15
CA PHE G 42 3.85 51.50 22.20
C PHE G 42 3.19 52.69 22.89
N LYS G 43 2.71 52.49 24.11
CA LYS G 43 2.17 53.62 24.89
C LYS G 43 3.23 54.70 25.04
N ARG G 44 4.49 54.30 25.20
CA ARG G 44 5.57 55.27 25.19
C ARG G 44 5.76 55.85 23.79
N TYR G 45 5.60 55.04 22.76
CA TYR G 45 5.75 55.55 21.40
C TYR G 45 4.68 56.57 21.06
N ALA G 46 3.43 56.29 21.45
CA ALA G 46 2.32 57.17 21.09
C ALA G 46 2.32 58.47 21.86
N SER G 47 3.07 58.56 22.96
CA SER G 47 3.11 59.80 23.74
C SER G 47 3.90 60.90 23.03
N TYR G 48 4.78 60.53 22.10
CA TYR G 48 5.58 61.50 21.34
C TYR G 48 4.99 61.82 19.99
N HIS G 49 3.78 61.34 19.71
CA HIS G 49 3.06 61.66 18.48
C HIS G 49 1.75 62.32 18.85
N THR G 50 1.60 63.60 18.50
CA THR G 50 0.42 64.35 18.90
C THR G 50 -0.86 63.86 18.21
N GLU G 51 -0.73 63.26 17.02
CA GLU G 51 -1.93 62.83 16.30
C GLU G 51 -2.60 61.62 16.97
N ILE G 52 -1.83 60.76 17.62
CA ILE G 52 -2.37 59.52 18.16
C ILE G 52 -2.21 59.47 19.68
N LYS G 53 -2.31 60.63 20.32
CA LYS G 53 -2.25 60.72 21.77
C LYS G 53 -3.54 60.27 22.47
N ARG G 54 -4.21 59.26 21.90
CA ARG G 54 -5.41 58.67 22.49
C ARG G 54 -5.15 57.28 23.06
N TYR G 55 -3.89 56.93 23.29
CA TYR G 55 -3.56 55.59 23.74
C TYR G 55 -4.09 55.34 25.15
N GLU G 56 -3.86 56.29 26.06
CA GLU G 56 -4.26 56.09 27.45
C GLU G 56 -5.75 55.80 27.58
N ASP G 57 -6.57 56.36 26.68
CA ASP G 57 -7.99 56.05 26.71
C ASP G 57 -8.27 54.61 26.31
N ILE G 58 -7.45 54.05 25.42
CA ILE G 58 -7.63 52.70 24.91
C ILE G 58 -6.64 51.72 25.54
N HIS G 59 -5.34 52.07 25.54
CA HIS G 59 -4.32 51.17 26.04
C HIS G 59 -4.53 50.85 27.52
N LYS G 60 -4.65 51.87 28.36
CA LYS G 60 -4.72 51.67 29.80
C LYS G 60 -5.94 50.85 30.22
N THR G 61 -6.93 50.68 29.35
CA THR G 61 -8.10 49.86 29.66
C THR G 61 -8.17 48.57 28.85
N LYS G 62 -7.64 48.55 27.63
CA LYS G 62 -7.62 47.33 26.84
C LYS G 62 -6.47 46.42 27.26
N VAL G 63 -5.29 46.99 27.49
CA VAL G 63 -4.15 46.17 27.90
C VAL G 63 -4.29 45.74 29.35
N ASN G 64 -4.88 46.58 30.20
CA ASN G 64 -5.07 46.21 31.60
C ASN G 64 -6.09 45.08 31.72
N SER G 65 -7.20 45.16 30.98
CA SER G 65 -8.16 44.07 31.00
C SER G 65 -7.59 42.80 30.38
N LEU G 66 -6.72 42.94 29.38
CA LEU G 66 -6.06 41.78 28.81
C LEU G 66 -5.11 41.15 29.82
N LEU G 67 -4.32 41.98 30.50
CA LEU G 67 -3.45 41.47 31.56
C LEU G 67 -4.26 40.85 32.69
N ASN G 68 -5.44 41.37 32.96
CA ASN G 68 -6.31 40.78 33.96
C ASN G 68 -6.84 39.43 33.50
N GLU G 69 -7.29 39.34 32.24
CA GLU G 69 -7.73 38.07 31.72
C GLU G 69 -6.58 37.07 31.60
N ALA G 70 -5.36 37.57 31.41
CA ALA G 70 -4.21 36.68 31.32
C ALA G 70 -3.94 35.99 32.66
N SER G 71 -4.07 36.74 33.76
CA SER G 71 -3.88 36.14 35.08
C SER G 71 -5.01 35.19 35.45
N ARG G 72 -6.18 35.31 34.81
CA ARG G 72 -7.25 34.35 35.06
C ARG G 72 -6.85 32.96 34.58
N ALA G 73 -6.43 32.88 33.32
CA ALA G 73 -5.99 31.61 32.75
C ALA G 73 -4.90 30.97 33.59
N ILE G 74 -4.08 31.78 34.26
CA ILE G 74 -3.05 31.22 35.13
C ILE G 74 -3.67 30.73 36.44
N GLY G 75 -4.58 31.53 37.02
CA GLY G 75 -5.20 31.16 38.28
C GLY G 75 -6.14 29.97 38.18
N ILE G 76 -6.71 29.73 37.00
CA ILE G 76 -7.62 28.60 36.83
C ILE G 76 -6.88 27.29 36.99
N CYS G 77 -5.62 27.23 36.54
CA CYS G 77 -4.81 26.03 36.61
C CYS G 77 -4.08 25.88 37.94
N ASN G 78 -4.51 26.60 38.99
CA ASN G 78 -3.82 26.50 40.27
C ASN G 78 -4.03 25.13 40.91
N ARG G 79 -5.23 24.56 40.77
CA ARG G 79 -5.47 23.23 41.31
C ARG G 79 -4.64 22.18 40.59
N ALA G 80 -4.45 22.34 39.28
CA ALA G 80 -3.55 21.43 38.56
C ALA G 80 -2.10 21.73 38.85
N LYS G 81 -1.78 22.99 39.19
CA LYS G 81 -0.41 23.35 39.53
C LYS G 81 0.01 22.70 40.84
N ASN G 82 -0.88 22.70 41.84
CA ASN G 82 -0.55 22.09 43.12
C ASN G 82 -0.55 20.57 43.06
N THR G 83 -1.25 19.98 42.08
CA THR G 83 -1.23 18.53 41.94
C THR G 83 0.14 18.04 41.51
N VAL G 84 0.74 18.70 40.51
CA VAL G 84 2.06 18.27 40.06
C VAL G 84 3.16 18.70 41.03
N LYS G 85 2.93 19.73 41.85
CA LYS G 85 3.93 20.12 42.83
C LYS G 85 4.07 19.07 43.92
N GLY G 86 2.95 18.53 44.39
CA GLY G 86 3.01 17.42 45.33
C GLY G 86 3.63 16.18 44.73
N LEU G 87 3.45 15.98 43.42
CA LEU G 87 4.08 14.84 42.76
C LEU G 87 5.60 15.04 42.63
N ILE G 88 6.04 16.29 42.42
CA ILE G 88 7.47 16.56 42.39
C ILE G 88 8.09 16.32 43.76
N ASN G 89 7.41 16.76 44.81
CA ASN G 89 7.94 16.62 46.16
C ASN G 89 8.01 15.16 46.61
N ILE G 90 7.27 14.26 45.95
CA ILE G 90 7.33 12.85 46.30
C ILE G 90 8.48 12.16 45.58
N LEU G 91 8.72 12.52 44.32
CA LEU G 91 9.72 11.82 43.52
C LEU G 91 11.15 12.27 43.85
N GLU G 92 11.33 13.49 44.34
CA GLU G 92 12.65 14.01 44.63
C GLU G 92 13.07 13.79 46.09
N ASN G 93 12.18 13.24 46.91
CA ASN G 93 12.44 13.06 48.34
C ASN G 93 12.18 11.61 48.72
N PRO G 94 13.24 10.81 48.91
CA PRO G 94 13.02 9.40 49.27
C PRO G 94 12.27 9.21 50.57
N GLN G 95 12.50 10.09 51.56
CA GLN G 95 11.77 9.98 52.81
C GLN G 95 10.27 10.16 52.59
N LYS G 96 9.89 11.14 51.75
CA LYS G 96 8.47 11.34 51.45
C LYS G 96 7.93 10.24 50.55
N PHE G 97 8.79 9.61 49.75
CA PHE G 97 8.32 8.53 48.89
C PHE G 97 8.05 7.26 49.68
N LYS G 98 8.71 7.08 50.82
CA LYS G 98 8.47 5.90 51.64
C LYS G 98 7.10 5.92 52.32
N THR G 99 6.41 7.06 52.30
CA THR G 99 5.10 7.17 52.94
C THR G 99 3.96 6.73 52.04
N GLN G 100 4.09 6.88 50.72
CA GLN G 100 3.07 6.42 49.80
C GLN G 100 3.21 4.91 49.59
N ARG G 101 2.34 4.34 48.74
CA ARG G 101 2.22 2.89 48.63
C ARG G 101 2.30 2.38 47.18
N GLU G 102 2.85 3.16 46.26
CA GLU G 102 2.86 2.77 44.86
C GLU G 102 4.29 2.80 44.30
N SER G 103 4.46 2.10 43.19
CA SER G 103 5.77 1.96 42.55
C SER G 103 6.29 3.32 42.09
N TYR G 104 7.62 3.41 41.97
CA TYR G 104 8.22 4.64 41.47
C TYR G 104 7.88 4.87 40.00
N ASP G 105 7.79 3.80 39.20
CA ASP G 105 7.34 3.97 37.83
C ASP G 105 5.90 4.46 37.76
N VAL G 106 5.06 4.02 38.70
CA VAL G 106 3.67 4.46 38.74
C VAL G 106 3.61 5.96 39.04
N LYS G 107 4.34 6.41 40.06
CA LYS G 107 4.34 7.82 40.40
C LYS G 107 5.02 8.66 39.33
N LEU G 108 6.00 8.10 38.62
CA LEU G 108 6.62 8.81 37.51
C LEU G 108 5.62 9.01 36.37
N ARG G 109 4.93 7.94 35.98
CA ARG G 109 3.90 8.04 34.95
C ARG G 109 2.80 9.01 35.37
N GLN G 110 2.48 9.06 36.67
CA GLN G 110 1.51 10.04 37.16
C GLN G 110 2.04 11.47 37.06
N TYR G 111 3.35 11.65 37.26
CA TYR G 111 3.93 12.98 37.14
C TYR G 111 3.87 13.49 35.70
N GLU G 112 4.29 12.64 34.75
CA GLU G 112 4.28 13.06 33.34
C GLU G 112 2.86 13.40 32.88
N GLU G 113 1.87 12.60 33.28
CA GLU G 113 0.50 12.85 32.86
C GLU G 113 -0.02 14.16 33.47
N LYS G 114 0.22 14.37 34.77
CA LYS G 114 -0.29 15.57 35.42
C LYS G 114 0.48 16.81 34.98
N LYS G 115 1.80 16.69 34.78
CA LYS G 115 2.58 17.85 34.38
C LYS G 115 2.15 18.37 33.03
N GLU G 116 1.91 17.48 32.06
CA GLU G 116 1.43 17.91 30.76
C GLU G 116 0.02 18.48 30.84
N ALA G 117 -0.82 17.93 31.72
CA ALA G 117 -2.15 18.49 31.92
C ALA G 117 -2.07 19.90 32.50
N PHE G 118 -1.11 20.15 33.38
CA PHE G 118 -0.91 21.49 33.92
C PHE G 118 -0.35 22.43 32.85
N ARG G 119 0.66 21.97 32.11
CA ARG G 119 1.23 22.79 31.05
C ARG G 119 0.19 23.07 29.95
N GLY G 120 -0.58 22.04 29.58
CA GLY G 120 -1.62 22.25 28.58
C GLY G 120 -2.74 23.13 29.10
N CYS G 121 -2.99 23.12 30.40
CA CYS G 121 -4.00 23.99 30.98
C CYS G 121 -3.63 25.45 30.80
N LEU G 122 -2.34 25.78 30.98
CA LEU G 122 -1.90 27.17 30.83
C LEU G 122 -2.13 27.69 29.42
N LEU G 123 -2.14 26.80 28.42
CA LEU G 123 -2.36 27.23 27.05
C LEU G 123 -3.85 27.32 26.73
N ASN G 124 -4.61 26.28 27.07
CA ASN G 124 -6.02 26.23 26.68
C ASN G 124 -6.82 27.35 27.31
N LYS G 125 -6.60 27.63 28.59
CA LYS G 125 -7.30 28.73 29.24
C LYS G 125 -6.89 30.10 28.69
N ASN G 126 -5.81 30.18 27.93
CA ASN G 126 -5.30 31.44 27.39
C ASN G 126 -5.62 31.61 25.90
N ARG G 127 -6.37 30.68 25.31
CA ARG G 127 -6.60 30.72 23.87
C ARG G 127 -7.42 31.94 23.45
N LYS G 128 -8.43 32.31 24.26
CA LYS G 128 -9.20 33.50 23.94
C LYS G 128 -8.34 34.75 24.01
N ASN G 129 -7.32 34.76 24.87
CA ASN G 129 -6.42 35.90 24.92
C ASN G 129 -5.51 35.97 23.71
N LEU G 130 -5.30 34.84 23.02
CA LEU G 130 -4.50 34.86 21.81
C LEU G 130 -5.20 35.65 20.70
N ASP G 131 -6.53 35.57 20.64
CA ASP G 131 -7.28 36.41 19.71
C ASP G 131 -7.17 37.87 20.09
N GLN G 132 -7.15 38.17 21.39
CA GLN G 132 -7.11 39.56 21.84
C GLN G 132 -5.74 40.18 21.60
N ILE G 133 -4.67 39.40 21.74
CA ILE G 133 -3.34 39.92 21.43
C ILE G 133 -3.25 40.27 19.95
N LYS G 134 -3.78 39.41 19.08
CA LYS G 134 -3.80 39.71 17.65
C LYS G 134 -4.67 40.92 17.36
N LYS G 135 -5.77 41.08 18.10
CA LYS G 135 -6.66 42.22 17.87
C LYS G 135 -5.99 43.53 18.25
N ILE G 136 -5.30 43.56 19.39
CA ILE G 136 -4.62 44.77 19.82
C ILE G 136 -3.46 45.09 18.88
N ASN G 137 -2.81 44.08 18.33
CA ASN G 137 -1.79 44.33 17.32
C ASN G 137 -2.40 45.04 16.11
N ASN G 138 -3.60 44.65 15.73
CA ASN G 138 -4.28 45.31 14.61
C ASN G 138 -4.56 46.77 14.93
N GLU G 139 -5.16 47.04 16.09
CA GLU G 139 -5.53 48.40 16.44
C GLU G 139 -4.32 49.31 16.54
N ILE G 140 -3.17 48.78 16.94
CA ILE G 140 -1.94 49.56 16.92
C ILE G 140 -1.54 49.91 15.49
N ARG G 141 -1.66 48.94 14.58
CA ARG G 141 -1.35 49.20 13.18
C ARG G 141 -2.29 50.24 12.58
N ASP G 142 -3.58 50.13 12.88
CA ASP G 142 -4.56 51.08 12.34
C ASP G 142 -4.48 52.44 13.02
N LEU G 143 -4.11 52.48 14.31
CA LEU G 143 -3.94 53.76 14.99
C LEU G 143 -2.80 54.56 14.38
N LEU G 144 -1.69 53.89 14.06
CA LEU G 144 -0.56 54.57 13.45
C LEU G 144 -0.91 55.15 12.08
N GLU G 145 -2.02 54.73 11.48
CA GLU G 145 -2.42 55.31 10.20
C GLU G 145 -2.84 56.78 10.35
N LYS G 146 -3.28 57.17 11.55
CA LYS G 146 -3.70 58.55 11.79
C LYS G 146 -2.54 59.53 11.77
N LEU G 147 -1.30 59.05 11.67
CA LEU G 147 -0.16 59.96 11.59
C LEU G 147 -0.28 60.85 10.36
N LYS G 148 0.05 62.12 10.54
CA LYS G 148 0.00 63.08 9.44
C LYS G 148 1.27 62.99 8.59
N CYS G 149 1.58 61.79 8.11
CA CYS G 149 2.75 61.59 7.25
C CYS G 149 2.43 60.47 6.26
N SER G 150 3.25 60.38 5.22
CA SER G 150 3.10 59.34 4.22
C SER G 150 4.47 58.96 3.65
N GLN G 151 5.12 59.93 3.01
CA GLN G 151 6.49 59.77 2.55
C GLN G 151 7.46 60.63 3.35
N ASP G 152 6.98 61.34 4.37
CA ASP G 152 7.80 62.26 5.15
C ASP G 152 7.65 61.98 6.64
N CYS G 153 7.71 60.72 7.04
CA CYS G 153 7.56 60.35 8.45
C CYS G 153 8.92 60.44 9.11
N GLN G 154 9.08 61.42 10.00
CA GLN G 154 10.37 61.71 10.61
C GLN G 154 10.77 60.59 11.56
N THR G 155 12.09 60.35 11.64
CA THR G 155 12.62 59.20 12.35
C THR G 155 13.14 59.57 13.74
N ASN G 156 12.78 60.75 14.26
CA ASN G 156 13.41 61.24 15.47
C ASN G 156 13.05 60.39 16.67
N VAL G 157 11.77 60.07 16.84
CA VAL G 157 11.33 59.31 18.01
C VAL G 157 11.78 57.86 17.90
N TYR G 158 11.95 57.36 16.69
CA TYR G 158 12.41 55.97 16.50
C TYR G 158 13.81 55.78 17.06
N PHE G 159 14.75 56.65 16.68
CA PHE G 159 16.13 56.50 17.12
C PHE G 159 16.33 56.93 18.56
N ASP G 160 15.53 57.88 19.06
CA ASP G 160 15.60 58.24 20.47
C ASP G 160 15.28 57.05 21.36
N MET G 161 14.36 56.19 20.92
CA MET G 161 14.06 54.98 21.70
C MET G 161 15.19 53.97 21.60
N ILE G 162 15.85 53.89 20.44
CA ILE G 162 16.98 52.97 20.30
C ILE G 162 18.13 53.38 21.22
N LYS G 163 18.38 54.69 21.33
CA LYS G 163 19.42 55.16 22.23
C LYS G 163 19.06 54.88 23.68
N ILE G 164 17.77 55.04 24.03
CA ILE G 164 17.34 54.72 25.39
C ILE G 164 17.46 53.22 25.66
N TYR G 165 17.06 52.38 24.69
CA TYR G 165 17.08 50.94 24.91
C TYR G 165 18.51 50.43 25.11
N LEU G 166 19.50 51.05 24.47
CA LEU G 166 20.87 50.62 24.65
C LEU G 166 21.35 50.88 26.08
N VAL G 167 20.79 51.87 26.76
CA VAL G 167 21.15 52.13 28.14
C VAL G 167 20.57 51.07 29.07
N ASP G 168 19.30 50.70 28.85
CA ASP G 168 18.67 49.71 29.71
C ASP G 168 19.26 48.32 29.49
N PHE G 169 19.78 48.04 28.31
CA PHE G 169 20.40 46.74 28.06
C PHE G 169 21.73 46.60 28.78
N LYS G 170 22.39 47.71 29.10
CA LYS G 170 23.66 47.64 29.82
C LYS G 170 23.46 47.29 31.29
N LYS G 171 22.31 47.64 31.86
CA LYS G 171 22.03 47.33 33.26
C LYS G 171 21.93 45.84 33.53
N MET G 172 21.73 45.03 32.48
CA MET G 172 21.59 43.59 32.66
C MET G 172 22.94 42.92 32.45
N PRO G 173 23.53 42.30 33.47
CA PRO G 173 24.87 41.72 33.30
C PRO G 173 24.84 40.42 32.50
N TYR G 174 24.90 40.53 31.17
CA TYR G 174 24.84 39.35 30.32
C TYR G 174 26.02 38.41 30.57
N GLU G 175 27.20 38.98 30.91
CA GLU G 175 28.38 38.15 31.13
C GLU G 175 28.21 37.22 32.32
N ASN G 176 27.62 37.73 33.40
CA ASN G 176 27.36 36.89 34.58
C ASN G 176 26.44 35.74 34.22
N TYR G 177 25.32 36.05 33.54
CA TYR G 177 24.36 35.01 33.18
C TYR G 177 24.96 33.97 32.24
N ASP G 178 25.86 34.39 31.36
CA ASP G 178 26.41 33.46 30.37
C ASP G 178 27.32 32.43 31.02
N THR G 179 28.27 32.87 31.85
CA THR G 179 29.16 31.94 32.53
C THR G 179 28.48 31.17 33.64
N PHE G 180 27.31 31.61 34.09
CA PHE G 180 26.62 30.90 35.16
C PHE G 180 26.00 29.60 34.64
N ILE G 181 25.23 29.67 33.56
CA ILE G 181 24.59 28.47 33.03
C ILE G 181 25.60 27.59 32.30
N LYS G 182 26.57 28.21 31.60
CA LYS G 182 27.67 27.45 31.02
C LYS G 182 28.37 26.61 32.07
N GLN G 183 28.25 27.01 33.32
CA GLN G 183 28.88 26.31 34.44
C GLN G 183 28.00 25.22 35.02
N TYR G 184 26.79 25.58 35.44
CA TYR G 184 25.87 24.58 35.99
C TYR G 184 25.56 23.49 34.98
N LYS G 185 25.71 23.77 33.68
CA LYS G 185 25.62 22.72 32.67
C LYS G 185 26.80 21.77 32.75
N ASN G 186 27.96 22.26 33.22
CA ASN G 186 29.11 21.38 33.41
C ASN G 186 28.87 20.41 34.57
N SER G 187 28.51 20.94 35.74
CA SER G 187 28.25 20.10 36.90
C SER G 187 27.03 19.22 36.70
N TYR G 188 26.03 19.71 35.96
CA TYR G 188 24.86 18.89 35.68
C TYR G 188 25.23 17.69 34.81
N LEU G 189 25.88 17.95 33.66
CA LEU G 189 26.25 16.85 32.77
C LEU G 189 27.27 15.92 33.41
N SER G 190 28.17 16.46 34.23
CA SER G 190 29.10 15.61 34.97
C SER G 190 28.36 14.75 35.99
N GLY G 191 27.27 15.28 36.56
CA GLY G 191 26.53 14.52 37.56
C GLY G 191 25.77 13.36 36.95
N VAL G 192 25.13 13.56 35.79
CA VAL G 192 24.40 12.48 35.15
C VAL G 192 25.35 11.41 34.63
N ASP G 193 26.62 11.76 34.40
CA ASP G 193 27.61 10.77 34.01
C ASP G 193 28.14 10.01 35.23
N MET G 194 28.31 10.71 36.35
CA MET G 194 28.74 10.06 37.58
C MET G 194 27.68 9.08 38.07
N ILE G 195 26.40 9.44 37.93
CA ILE G 195 25.32 8.58 38.41
C ILE G 195 25.17 7.36 37.53
N ARG G 196 25.19 7.56 36.20
CA ARG G 196 25.03 6.44 35.28
C ARG G 196 26.20 5.46 35.34
N LYS G 197 27.34 5.88 35.89
CA LYS G 197 28.52 5.01 35.98
C LYS G 197 28.59 4.25 37.29
N ILE G 198 28.17 4.88 38.40
CA ILE G 198 28.23 4.26 39.71
C ILE G 198 26.85 3.76 40.16
N GLU G 199 25.87 3.71 39.25
CA GLU G 199 24.53 3.27 39.62
C GLU G 199 24.54 1.81 40.09
N LYS G 200 25.38 0.98 39.47
CA LYS G 200 25.47 -0.43 39.83
C LYS G 200 26.40 -0.69 41.01
N GLN G 201 27.28 0.27 41.34
CA GLN G 201 28.20 0.06 42.47
C GLN G 201 27.47 0.08 43.80
N ILE G 202 26.49 0.98 43.95
CA ILE G 202 25.70 1.08 45.17
C ILE G 202 24.30 0.52 44.90
N ASP G 203 23.73 -0.10 45.91
CA ASP G 203 22.43 -0.76 45.79
C ASP G 203 21.40 0.00 46.62
N ASN G 204 21.02 1.18 46.12
CA ASN G 204 19.99 2.01 46.74
C ASN G 204 19.18 2.66 45.62
N PRO G 205 18.07 2.04 45.23
CA PRO G 205 17.33 2.53 44.06
C PRO G 205 16.55 3.82 44.33
N VAL G 206 15.96 3.94 45.52
CA VAL G 206 15.04 5.04 45.77
C VAL G 206 15.76 6.38 45.73
N THR G 207 16.96 6.44 46.31
CA THR G 207 17.69 7.70 46.32
C THR G 207 18.34 8.00 44.98
N ILE G 208 18.69 6.97 44.21
CA ILE G 208 19.23 7.20 42.88
C ILE G 208 18.11 7.62 41.93
N ASN G 209 16.92 7.05 42.11
CA ASN G 209 15.76 7.45 41.31
C ASN G 209 15.45 8.93 41.50
N ALA G 210 15.52 9.41 42.74
CA ALA G 210 15.29 10.83 43.00
C ALA G 210 16.35 11.70 42.34
N ILE G 211 17.58 11.21 42.26
CA ILE G 211 18.64 11.97 41.61
C ILE G 211 18.41 12.04 40.10
N LYS G 212 18.12 10.89 39.48
CA LYS G 212 17.85 10.89 38.05
C LYS G 212 16.58 11.67 37.72
N PHE G 213 15.61 11.72 38.64
CA PHE G 213 14.42 12.53 38.40
C PHE G 213 14.74 14.02 38.51
N THR G 214 15.40 14.42 39.59
CA THR G 214 15.78 15.82 39.76
C THR G 214 16.74 16.29 38.68
N GLN G 215 17.49 15.39 38.06
CA GLN G 215 18.38 15.79 36.97
C GLN G 215 17.60 16.03 35.68
N LYS G 216 16.54 15.24 35.46
CA LYS G 216 15.67 15.50 34.31
C LYS G 216 15.01 16.87 34.44
N GLU G 217 14.62 17.25 35.66
CA GLU G 217 14.06 18.58 35.89
C GLU G 217 15.12 19.66 35.74
N MET G 218 16.37 19.36 36.10
CA MET G 218 17.44 20.33 35.91
C MET G 218 17.72 20.57 34.43
N GLY G 219 17.61 19.51 33.63
CA GLY G 219 17.83 19.67 32.20
C GLY G 219 16.81 20.57 31.55
N TYR G 220 15.55 20.46 31.98
CA TYR G 220 14.50 21.33 31.45
C TYR G 220 14.77 22.79 31.80
N ILE G 221 15.07 23.06 33.06
CA ILE G 221 15.33 24.43 33.49
C ILE G 221 16.57 24.99 32.80
N ILE G 222 17.58 24.14 32.56
CA ILE G 222 18.78 24.59 31.86
C ILE G 222 18.42 25.03 30.44
N ASP G 223 17.66 24.20 29.72
CA ASP G 223 17.31 24.53 28.34
C ASP G 223 16.42 25.77 28.28
N ARG G 224 15.56 25.98 29.28
CA ARG G 224 14.78 27.22 29.33
C ARG G 224 15.68 28.42 29.54
N PHE G 225 16.69 28.29 30.39
CA PHE G 225 17.63 29.39 30.63
C PHE G 225 18.40 29.72 29.36
N GLU G 226 18.91 28.69 28.67
CA GLU G 226 19.64 28.92 27.43
C GLU G 226 18.74 29.50 26.35
N TYR G 227 17.44 29.24 26.43
CA TYR G 227 16.49 29.79 25.46
C TYR G 227 16.35 31.29 25.62
N HIS G 228 16.02 31.75 26.84
CA HIS G 228 15.86 33.17 27.07
C HIS G 228 17.18 33.92 26.96
N LEU G 229 18.32 33.25 27.16
CA LEU G 229 19.61 33.93 27.04
C LEU G 229 19.92 34.26 25.58
N GLN G 230 19.69 33.30 24.67
CA GLN G 230 19.92 33.57 23.26
C GLN G 230 19.04 34.71 22.76
N LYS G 231 17.78 34.74 23.19
CA LYS G 231 16.86 35.78 22.73
C LYS G 231 17.21 37.14 23.32
N VAL G 232 17.67 37.18 24.57
CA VAL G 232 18.14 38.43 25.15
C VAL G 232 19.39 38.91 24.41
N LYS G 233 20.32 38.00 24.12
CA LYS G 233 21.50 38.37 23.34
C LYS G 233 21.12 38.78 21.93
N HIS G 234 20.08 38.17 21.36
CA HIS G 234 19.63 38.54 20.03
C HIS G 234 18.98 39.92 20.03
N SER G 235 18.20 40.22 21.07
CA SER G 235 17.59 41.55 21.16
C SER G 235 18.65 42.63 21.37
N ILE G 236 19.73 42.31 22.09
CA ILE G 236 20.78 43.29 22.30
C ILE G 236 21.60 43.49 21.04
N ASP G 237 21.93 42.40 20.35
CA ASP G 237 22.75 42.50 19.15
C ASP G 237 22.02 43.22 18.02
N GLN G 238 20.73 42.92 17.83
CA GLN G 238 20.00 43.48 16.70
C GLN G 238 19.70 44.97 16.91
N VAL G 239 19.42 45.38 18.15
CA VAL G 239 19.16 46.79 18.42
C VAL G 239 20.44 47.60 18.27
N THR G 240 21.57 47.05 18.73
CA THR G 240 22.84 47.74 18.54
C THR G 240 23.23 47.81 17.07
N ALA G 241 22.84 46.80 16.28
CA ALA G 241 23.11 46.83 14.85
C ALA G 241 22.27 47.88 14.13
N LEU G 242 21.15 48.29 14.71
CA LEU G 242 20.34 49.35 14.10
C LEU G 242 21.01 50.71 14.23
N SER G 243 21.74 50.95 15.33
CA SER G 243 22.46 52.21 15.49
C SER G 243 23.73 52.21 14.66
N ASP G 244 24.35 51.06 14.44
CA ASP G 244 25.51 50.97 13.57
C ASP G 244 25.14 51.15 12.11
N GLY G 245 23.88 50.94 11.75
CA GLY G 245 23.44 51.02 10.38
C GLY G 245 22.98 52.42 9.98
N VAL G 246 22.38 52.49 8.79
CA VAL G 246 21.96 53.78 8.23
C VAL G 246 20.85 54.38 9.09
N LYS G 247 20.80 55.72 9.11
CA LYS G 247 19.82 56.46 9.89
C LYS G 247 19.14 57.49 9.00
N PRO G 248 18.14 57.08 8.22
CA PRO G 248 17.44 58.03 7.36
C PRO G 248 16.61 59.01 8.18
N LYS G 249 16.53 60.26 7.69
CA LYS G 249 15.82 61.29 8.41
C LYS G 249 14.31 61.07 8.38
N GLN G 250 13.77 60.59 7.26
CA GLN G 250 12.36 60.28 7.17
C GLN G 250 12.17 59.06 6.28
N VAL G 251 11.08 58.32 6.52
CA VAL G 251 10.80 57.08 5.79
C VAL G 251 9.34 57.06 5.37
N THR G 252 8.86 55.92 4.91
CA THR G 252 7.45 55.76 4.55
C THR G 252 6.62 55.80 5.84
N LYS G 253 5.33 55.53 5.71
CA LYS G 253 4.52 55.35 6.90
C LYS G 253 4.52 53.90 7.37
N ASN G 254 4.54 52.94 6.44
CA ASN G 254 4.54 51.54 6.81
C ASN G 254 5.92 51.02 7.16
N ARG G 255 6.98 51.65 6.67
CA ARG G 255 8.31 51.33 7.18
C ARG G 255 8.45 51.80 8.63
N LEU G 256 7.89 52.96 8.95
CA LEU G 256 7.81 53.39 10.34
C LEU G 256 7.02 52.39 11.17
N LYS G 257 5.87 51.95 10.65
CA LYS G 257 5.05 50.98 11.37
C LYS G 257 5.86 49.72 11.70
N GLU G 258 6.62 49.22 10.73
CA GLU G 258 7.48 48.07 11.01
C GLU G 258 8.62 48.43 11.96
N TYR G 259 9.10 49.68 11.90
CA TYR G 259 10.15 50.11 12.82
C TYR G 259 9.68 50.03 14.27
N TYR G 260 8.48 50.55 14.55
CA TYR G 260 7.95 50.50 15.91
C TYR G 260 7.72 49.07 16.36
N PHE G 261 7.17 48.24 15.47
CA PHE G 261 6.91 46.84 15.83
C PHE G 261 8.21 46.07 16.00
N ASN G 262 9.27 46.45 15.28
CA ASN G 262 10.53 45.73 15.36
C ASN G 262 11.23 45.97 16.69
N ILE G 263 11.59 47.23 16.97
CA ILE G 263 12.24 47.54 18.24
C ILE G 263 11.30 47.33 19.41
N GLY G 264 9.99 47.49 19.19
CA GLY G 264 9.03 47.15 20.23
C GLY G 264 9.02 45.67 20.53
N ASN G 265 9.26 44.83 19.52
CA ASN G 265 9.39 43.40 19.75
C ASN G 265 10.73 43.04 20.37
N TYR G 266 11.78 43.79 20.05
CA TYR G 266 13.10 43.50 20.60
C TYR G 266 13.13 43.78 22.09
N TYR G 267 12.59 44.94 22.51
CA TYR G 267 12.59 45.27 23.93
C TYR G 267 11.63 44.38 24.71
N SER G 268 10.51 43.98 24.10
CA SER G 268 9.57 43.10 24.78
C SER G 268 10.21 41.75 25.07
N ILE G 269 10.99 41.23 24.11
CA ILE G 269 11.68 39.96 24.34
C ILE G 269 12.75 40.11 25.42
N PHE G 270 13.48 41.23 25.40
CA PHE G 270 14.52 41.46 26.38
C PHE G 270 13.95 41.53 27.79
N LYS G 271 12.99 42.44 28.02
CA LYS G 271 12.41 42.58 29.33
C LYS G 271 11.74 41.28 29.79
N PHE G 272 11.06 40.59 28.87
CA PHE G 272 10.40 39.34 29.23
C PHE G 272 11.42 38.24 29.48
N GLY G 273 12.44 38.14 28.63
CA GLY G 273 13.47 37.14 28.84
C GLY G 273 14.20 37.34 30.15
N LYS G 274 14.41 38.60 30.54
CA LYS G 274 15.04 38.89 31.83
C LYS G 274 14.21 38.33 32.98
N ASP G 275 12.91 38.66 33.00
CA ASP G 275 12.04 38.23 34.10
C ASP G 275 12.12 36.73 34.34
N SER G 276 12.19 35.95 33.26
CA SER G 276 12.25 34.49 33.41
C SER G 276 13.66 34.01 33.73
N LEU G 277 14.68 34.72 33.25
CA LEU G 277 16.07 34.32 33.52
C LEU G 277 16.36 34.34 35.02
N ASN G 278 15.99 35.42 35.70
CA ASN G 278 16.20 35.49 37.14
C ASN G 278 15.36 34.47 37.88
N MET G 279 14.16 34.17 37.37
CA MET G 279 13.36 33.11 37.96
C MET G 279 14.05 31.76 37.80
N LEU G 280 14.50 31.45 36.57
CA LEU G 280 15.17 30.18 36.33
C LEU G 280 16.51 30.08 37.03
N ASN G 281 17.15 31.22 37.35
CA ASN G 281 18.36 31.18 38.14
C ASN G 281 18.10 30.61 39.52
N LYS G 282 17.05 31.08 40.19
CA LYS G 282 16.72 30.56 41.52
C LYS G 282 16.25 29.12 41.44
N ALA G 283 15.44 28.78 40.43
CA ALA G 283 14.89 27.44 40.35
C ALA G 283 15.99 26.39 40.15
N LEU G 284 17.03 26.75 39.41
CA LEU G 284 18.11 25.79 39.19
C LEU G 284 18.97 25.63 40.43
N ILE G 285 19.21 26.74 41.15
CA ILE G 285 20.01 26.66 42.37
C ILE G 285 19.30 25.80 43.41
N HIS G 286 17.97 25.98 43.55
CA HIS G 286 17.22 25.11 44.45
C HIS G 286 17.30 23.65 44.02
N LYS G 287 17.19 23.39 42.72
CA LYS G 287 17.36 22.03 42.22
C LYS G 287 18.78 21.54 42.42
N GLU G 288 19.76 22.44 42.39
CA GLU G 288 21.15 22.04 42.61
C GLU G 288 21.36 21.55 44.03
N LYS G 289 20.79 22.25 45.02
CA LYS G 289 20.96 21.88 46.42
C LYS G 289 20.24 20.58 46.78
N ILE G 290 19.25 20.18 45.99
CA ILE G 290 18.53 18.94 46.28
C ILE G 290 19.39 17.73 45.91
N VAL G 291 19.96 17.73 44.71
CA VAL G 291 20.80 16.61 44.29
C VAL G 291 22.10 16.59 45.06
N HIS G 292 22.61 17.78 45.41
CA HIS G 292 23.85 17.84 46.20
C HIS G 292 23.67 17.15 47.55
N ASN G 293 22.55 17.40 48.22
CA ASN G 293 22.25 16.71 49.47
C ASN G 293 21.82 15.27 49.22
N LEU G 294 21.15 15.00 48.10
CA LEU G 294 20.82 13.63 47.74
C LEU G 294 22.08 12.80 47.48
N LEU G 295 23.12 13.44 46.94
CA LEU G 295 24.39 12.74 46.74
C LEU G 295 25.13 12.57 48.06
N GLY G 296 24.96 13.51 49.01
CA GLY G 296 25.56 13.35 50.31
C GLY G 296 25.04 12.14 51.06
N GLU G 297 23.78 11.77 50.81
CA GLU G 297 23.21 10.57 51.42
C GLU G 297 23.68 9.31 50.71
N LEU G 298 24.00 9.41 49.41
CA LEU G 298 24.53 8.26 48.69
C LEU G 298 25.90 7.85 49.19
N PHE G 299 26.69 8.81 49.68
CA PHE G 299 28.08 8.57 50.06
C PHE G 299 28.33 8.75 51.55
N GLY G 300 27.28 8.91 52.35
CA GLY G 300 27.44 9.04 53.78
C GLY G 300 27.14 7.74 54.51
N HIS G 301 26.57 6.79 53.78
CA HIS G 301 26.24 5.46 54.32
C HIS G 301 27.35 4.50 53.92
N LEU G 302 28.30 4.28 54.82
CA LEU G 302 29.41 3.36 54.58
C LEU G 302 29.65 2.47 55.80
N GLU H 6 36.51 -4.31 17.59
CA GLU H 6 35.92 -4.01 16.28
C GLU H 6 36.99 -4.00 15.18
N VAL H 7 36.71 -4.68 14.08
CA VAL H 7 37.59 -4.71 12.92
C VAL H 7 37.12 -3.67 11.91
N GLN H 8 38.06 -3.14 11.14
CA GLN H 8 37.73 -2.08 10.19
C GLN H 8 38.79 -1.98 9.11
N LEU H 9 38.42 -1.32 8.02
CA LEU H 9 39.32 -0.99 6.92
C LEU H 9 39.25 0.51 6.67
N VAL H 10 40.40 1.13 6.45
CA VAL H 10 40.49 2.58 6.31
C VAL H 10 41.22 2.88 5.01
N GLU H 11 40.51 3.48 4.06
CA GLU H 11 41.11 3.90 2.80
C GLU H 11 41.88 5.21 3.00
N SER H 12 42.70 5.54 2.01
CA SER H 12 43.51 6.76 2.05
C SER H 12 44.08 7.02 0.67
N GLY H 13 44.26 8.30 0.34
CA GLY H 13 44.96 8.71 -0.87
C GLY H 13 44.10 9.36 -1.93
N GLY H 14 42.77 9.28 -1.82
CA GLY H 14 41.93 9.85 -2.86
C GLY H 14 42.07 11.35 -2.96
N GLY H 15 41.79 11.88 -4.15
CA GLY H 15 41.90 13.30 -4.39
C GLY H 15 41.69 13.62 -5.86
N LEU H 16 42.05 14.86 -6.21
CA LEU H 16 41.89 15.37 -7.56
C LEU H 16 43.12 15.04 -8.40
N VAL H 17 42.89 14.66 -9.66
CA VAL H 17 43.96 14.34 -10.58
C VAL H 17 43.49 14.67 -12.00
N LYS H 18 44.42 15.12 -12.84
CA LYS H 18 44.10 15.43 -14.22
C LYS H 18 43.99 14.16 -15.04
N PRO H 19 43.11 14.13 -16.05
CA PRO H 19 42.96 12.93 -16.87
C PRO H 19 44.26 12.54 -17.54
N GLY H 20 44.53 11.24 -17.58
CA GLY H 20 45.80 10.72 -18.04
C GLY H 20 46.84 10.58 -16.95
N GLY H 21 46.66 11.25 -15.82
CA GLY H 21 47.57 11.12 -14.69
C GLY H 21 47.40 9.80 -13.96
N SER H 22 47.94 9.70 -12.75
CA SER H 22 47.93 8.44 -12.02
C SER H 22 47.87 8.70 -10.52
N LEU H 23 47.29 7.76 -9.79
CA LEU H 23 47.08 7.88 -8.36
C LEU H 23 47.24 6.52 -7.70
N ARG H 24 47.73 6.52 -6.46
CA ARG H 24 47.91 5.30 -5.67
C ARG H 24 47.08 5.37 -4.41
N LEU H 25 46.26 4.35 -4.18
CA LEU H 25 45.38 4.28 -3.03
C LEU H 25 45.89 3.24 -2.03
N SER H 26 45.56 3.45 -0.76
CA SER H 26 45.97 2.56 0.32
C SER H 26 44.75 2.11 1.10
N CYS H 27 44.94 1.05 1.88
CA CYS H 27 43.88 0.54 2.77
C CYS H 27 44.54 -0.15 3.95
N GLU H 28 44.28 0.37 5.15
CA GLU H 28 44.90 -0.14 6.36
C GLU H 28 43.88 -0.98 7.13
N ALA H 29 44.22 -2.23 7.38
CA ALA H 29 43.34 -3.17 8.06
C ALA H 29 43.70 -3.27 9.55
N SER H 30 42.71 -3.63 10.35
CA SER H 30 42.90 -3.71 11.80
C SER H 30 41.87 -4.68 12.37
N GLY H 31 42.29 -5.40 13.41
CA GLY H 31 41.39 -6.24 14.16
C GLY H 31 41.29 -7.67 13.72
N PHE H 32 42.01 -8.08 12.68
CA PHE H 32 41.96 -9.46 12.22
C PHE H 32 43.31 -9.85 11.63
N LEU H 33 43.43 -11.14 11.30
CA LEU H 33 44.66 -11.67 10.70
C LEU H 33 44.61 -11.42 9.19
N PHE H 34 45.41 -10.46 8.72
CA PHE H 34 45.26 -9.96 7.36
C PHE H 34 45.58 -11.02 6.31
N SER H 35 46.59 -11.86 6.58
CA SER H 35 47.07 -12.78 5.55
C SER H 35 46.08 -13.89 5.21
N SER H 36 45.13 -14.18 6.09
CA SER H 36 44.14 -15.22 5.79
C SER H 36 43.05 -14.75 4.82
N TYR H 37 42.86 -13.45 4.71
CA TYR H 37 41.76 -12.91 3.91
C TYR H 37 42.27 -12.40 2.57
N SER H 38 41.51 -12.69 1.51
CA SER H 38 41.72 -12.02 0.24
C SER H 38 41.06 -10.65 0.26
N MET H 39 41.69 -9.69 -0.41
CA MET H 39 41.19 -8.32 -0.45
C MET H 39 40.68 -7.98 -1.84
N ASN H 40 39.86 -6.93 -1.90
CA ASN H 40 39.20 -6.54 -3.14
C ASN H 40 39.09 -5.02 -3.20
N TRP H 41 38.82 -4.52 -4.41
CA TRP H 41 38.56 -3.11 -4.64
C TRP H 41 37.24 -2.99 -5.41
N VAL H 42 36.28 -2.25 -4.84
CA VAL H 42 34.99 -2.03 -5.48
C VAL H 42 34.75 -0.53 -5.55
N ARG H 43 34.39 -0.04 -6.74
CA ARG H 43 34.13 1.37 -6.96
C ARG H 43 32.62 1.63 -7.05
N GLN H 44 32.26 2.90 -6.89
CA GLN H 44 30.87 3.33 -7.04
C GLN H 44 30.86 4.79 -7.46
N ALA H 45 30.46 5.04 -8.70
CA ALA H 45 30.34 6.41 -9.19
C ALA H 45 29.24 7.16 -8.42
N PRO H 46 29.34 8.48 -8.34
CA PRO H 46 28.29 9.26 -7.65
C PRO H 46 26.92 9.01 -8.27
N GLY H 47 25.98 8.56 -7.44
CA GLY H 47 24.64 8.30 -7.89
C GLY H 47 24.49 7.07 -8.77
N LYS H 48 25.45 6.16 -8.75
CA LYS H 48 25.40 4.96 -9.58
C LYS H 48 25.55 3.73 -8.70
N GLY H 49 25.55 2.56 -9.34
CA GLY H 49 25.67 1.31 -8.64
C GLY H 49 27.10 0.92 -8.35
N LEU H 50 27.28 -0.34 -7.96
CA LEU H 50 28.58 -0.87 -7.57
C LEU H 50 29.25 -1.57 -8.74
N GLU H 51 30.58 -1.43 -8.83
CA GLU H 51 31.36 -2.10 -9.86
C GLU H 51 32.63 -2.66 -9.24
N TRP H 52 32.85 -3.95 -9.43
CA TRP H 52 34.05 -4.60 -8.90
C TRP H 52 35.26 -4.21 -9.74
N VAL H 53 36.29 -3.66 -9.10
CA VAL H 53 37.49 -3.22 -9.81
C VAL H 53 38.48 -4.37 -9.87
N SER H 54 38.93 -4.84 -8.72
CA SER H 54 39.98 -5.86 -8.68
C SER H 54 39.86 -6.68 -7.41
N SER H 55 40.71 -7.70 -7.32
CA SER H 55 40.76 -8.62 -6.19
C SER H 55 42.12 -9.29 -6.14
N ILE H 56 42.67 -9.42 -4.94
CA ILE H 56 43.94 -10.12 -4.72
C ILE H 56 43.75 -11.09 -3.57
N THR H 57 44.52 -12.17 -3.58
CA THR H 57 44.32 -13.23 -2.59
C THR H 57 45.28 -13.04 -1.40
N GLY H 58 45.32 -14.03 -0.52
CA GLY H 58 45.92 -13.83 0.80
C GLY H 58 47.41 -13.52 0.75
N TYR H 59 48.17 -14.35 0.05
CA TYR H 59 49.61 -14.15 -0.08
C TYR H 59 50.00 -13.74 -1.50
N SER H 60 49.11 -13.01 -2.17
CA SER H 60 49.37 -12.46 -3.51
C SER H 60 49.73 -13.54 -4.52
N SER H 61 49.17 -14.73 -4.35
CA SER H 61 49.41 -15.80 -5.32
C SER H 61 48.73 -15.52 -6.65
N GLU H 62 47.58 -14.85 -6.63
CA GLU H 62 46.81 -14.51 -7.83
C GLU H 62 46.19 -13.14 -7.66
N VAL H 63 45.94 -12.47 -8.78
CA VAL H 63 45.32 -11.15 -8.80
C VAL H 63 44.42 -11.06 -10.01
N PHE H 64 43.26 -10.42 -9.85
CA PHE H 64 42.27 -10.32 -10.91
C PHE H 64 41.84 -8.88 -11.10
N TYR H 65 41.44 -8.54 -12.32
CA TYR H 65 41.02 -7.19 -12.66
C TYR H 65 39.74 -7.24 -13.47
N THR H 66 39.02 -6.13 -13.46
CA THR H 66 37.92 -5.96 -14.40
C THR H 66 38.48 -5.44 -15.73
N ASP H 67 37.78 -5.77 -16.81
CA ASP H 67 38.35 -5.57 -18.15
C ASP H 67 38.72 -4.12 -18.40
N SER H 68 37.88 -3.18 -17.94
CA SER H 68 38.08 -1.76 -18.26
C SER H 68 39.32 -1.17 -17.62
N VAL H 69 39.95 -1.85 -16.66
CA VAL H 69 41.12 -1.32 -15.97
C VAL H 69 42.36 -2.18 -16.19
N LYS H 70 42.28 -3.21 -17.02
CA LYS H 70 43.45 -4.04 -17.30
C LYS H 70 44.50 -3.22 -18.04
N GLY H 71 45.76 -3.43 -17.67
CA GLY H 71 46.86 -2.66 -18.21
C GLY H 71 47.00 -1.26 -17.65
N ARG H 72 46.06 -0.81 -16.82
CA ARG H 72 46.12 0.50 -16.18
C ARG H 72 46.27 0.43 -14.68
N PHE H 73 45.52 -0.46 -14.02
CA PHE H 73 45.57 -0.64 -12.58
C PHE H 73 46.41 -1.87 -12.26
N THR H 74 47.18 -1.80 -11.17
CA THR H 74 47.90 -2.95 -10.65
C THR H 74 47.71 -3.01 -9.14
N VAL H 75 47.58 -4.23 -8.61
CA VAL H 75 47.21 -4.45 -7.22
C VAL H 75 48.37 -5.08 -6.46
N SER H 76 48.52 -4.69 -5.20
CA SER H 76 49.54 -5.25 -4.33
C SER H 76 49.04 -5.19 -2.90
N ARG H 77 49.75 -5.88 -2.01
CA ARG H 77 49.43 -5.87 -0.60
C ARG H 77 50.71 -6.11 0.20
N ASP H 78 50.75 -5.56 1.41
CA ASP H 78 51.85 -5.75 2.34
C ASP H 78 51.29 -6.33 3.63
N ASN H 79 51.32 -7.66 3.76
CA ASN H 79 50.78 -8.30 4.95
C ASN H 79 51.57 -7.93 6.20
N SER H 80 52.80 -7.44 6.06
CA SER H 80 53.57 -6.98 7.21
C SER H 80 53.05 -5.65 7.74
N LYS H 81 52.31 -4.91 6.93
CA LYS H 81 51.76 -3.62 7.34
C LYS H 81 50.23 -3.61 7.35
N ASN H 82 49.59 -4.76 7.14
CA ASN H 82 48.13 -4.87 7.10
C ASN H 82 47.53 -3.89 6.08
N SER H 83 48.25 -3.69 4.97
CA SER H 83 47.91 -2.64 4.02
C SER H 83 47.71 -3.22 2.62
N LEU H 84 46.64 -2.76 1.97
CA LEU H 84 46.35 -3.12 0.58
C LEU H 84 46.46 -1.87 -0.28
N TYR H 85 47.10 -2.01 -1.44
CA TYR H 85 47.37 -0.88 -2.31
C TYR H 85 46.74 -1.10 -3.68
N LEU H 86 46.45 0.01 -4.36
CA LEU H 86 45.92 -0.02 -5.73
C LEU H 86 46.59 1.11 -6.51
N GLN H 87 47.59 0.76 -7.32
CA GLN H 87 48.25 1.74 -8.17
C GLN H 87 47.40 1.95 -9.41
N MET H 88 46.78 3.12 -9.51
CA MET H 88 45.92 3.48 -10.63
C MET H 88 46.71 4.35 -11.59
N ASP H 89 46.99 3.84 -12.79
CA ASP H 89 47.74 4.55 -13.81
C ASP H 89 46.84 4.86 -15.00
N SER H 90 47.17 5.95 -15.70
CA SER H 90 46.42 6.40 -16.87
C SER H 90 44.93 6.58 -16.53
N LEU H 91 44.69 7.43 -15.53
CA LEU H 91 43.33 7.64 -15.05
C LEU H 91 42.49 8.40 -16.07
N ARG H 92 41.26 7.95 -16.26
CA ARG H 92 40.31 8.57 -17.16
C ARG H 92 39.14 9.14 -16.37
N ALA H 93 38.34 9.96 -17.05
CA ALA H 93 37.17 10.58 -16.40
C ALA H 93 36.16 9.54 -15.93
N GLU H 94 36.15 8.35 -16.53
CA GLU H 94 35.22 7.31 -16.14
C GLU H 94 35.59 6.69 -14.80
N ASP H 95 36.83 6.86 -14.35
CA ASP H 95 37.27 6.37 -13.05
C ASP H 95 36.81 7.26 -11.90
N THR H 96 36.13 8.37 -12.18
CA THR H 96 35.66 9.28 -11.14
C THR H 96 34.60 8.56 -10.32
N ALA H 97 34.98 8.09 -9.14
CA ALA H 97 34.09 7.32 -8.30
C ALA H 97 34.65 7.28 -6.89
N VAL H 98 33.85 6.71 -5.97
CA VAL H 98 34.28 6.43 -4.62
C VAL H 98 34.75 4.99 -4.56
N TYR H 99 36.04 4.80 -4.27
CA TYR H 99 36.63 3.47 -4.27
C TYR H 99 36.58 2.89 -2.86
N TYR H 100 36.08 1.66 -2.77
CA TYR H 100 35.90 0.97 -1.50
C TYR H 100 36.95 -0.13 -1.36
N CYS H 101 37.50 -0.25 -0.16
CA CYS H 101 38.36 -1.37 0.20
C CYS H 101 37.52 -2.42 0.89
N ALA H 102 37.42 -3.60 0.29
CA ALA H 102 36.55 -4.66 0.77
C ALA H 102 37.35 -5.91 1.11
N ARG H 103 36.81 -6.71 2.03
CA ARG H 103 37.42 -7.94 2.48
C ARG H 103 36.56 -9.12 2.04
N ALA H 104 37.21 -10.16 1.52
CA ALA H 104 36.49 -11.33 1.05
C ALA H 104 35.93 -12.12 2.22
N LEU H 105 34.69 -12.59 2.07
CA LEU H 105 34.04 -13.39 3.10
C LEU H 105 34.77 -14.71 3.24
N THR H 106 35.42 -14.92 4.39
CA THR H 106 36.21 -16.11 4.64
C THR H 106 35.61 -16.88 5.81
N ILE H 107 35.45 -18.19 5.64
CA ILE H 107 34.84 -19.06 6.65
C ILE H 107 35.93 -19.93 7.26
N PHE H 108 35.98 -19.96 8.58
CA PHE H 108 36.96 -20.76 9.32
C PHE H 108 36.26 -21.94 9.98
N GLY H 109 35.92 -22.94 9.16
CA GLY H 109 35.29 -24.14 9.64
C GLY H 109 36.30 -25.22 9.98
N VAL H 110 36.09 -26.44 9.47
CA VAL H 110 37.12 -27.46 9.65
C VAL H 110 38.31 -27.15 8.75
N VAL H 111 38.08 -26.53 7.59
CA VAL H 111 39.13 -26.03 6.73
C VAL H 111 38.83 -24.57 6.43
N ILE H 112 39.76 -23.92 5.74
CA ILE H 112 39.61 -22.51 5.39
C ILE H 112 38.98 -22.39 4.02
N THR H 113 37.84 -21.69 3.96
CA THR H 113 37.12 -21.45 2.71
C THR H 113 36.74 -19.98 2.62
N ASP H 114 36.63 -19.49 1.39
CA ASP H 114 36.29 -18.10 1.16
C ASP H 114 35.26 -18.00 0.03
N TYR H 115 34.71 -16.80 -0.12
CA TYR H 115 33.83 -16.46 -1.23
C TYR H 115 34.29 -15.15 -1.84
N TRP H 116 33.97 -14.94 -3.11
CA TRP H 116 34.31 -13.68 -3.74
C TRP H 116 33.22 -12.65 -3.51
N PHE H 117 32.55 -12.75 -2.37
CA PHE H 117 31.69 -11.71 -1.85
C PHE H 117 32.48 -10.89 -0.84
N PHE H 118 31.83 -9.88 -0.26
CA PHE H 118 32.52 -8.92 0.60
C PHE H 118 31.73 -8.76 1.89
N ASP H 119 32.36 -9.11 3.01
CA ASP H 119 31.72 -9.05 4.32
C ASP H 119 32.19 -7.88 5.17
N LEU H 120 33.23 -7.16 4.75
CA LEU H 120 33.74 -6.02 5.49
C LEU H 120 34.10 -4.91 4.51
N TRP H 121 33.54 -3.73 4.73
CA TRP H 121 33.75 -2.59 3.85
C TRP H 121 34.35 -1.43 4.61
N GLY H 122 35.16 -0.63 3.92
CA GLY H 122 35.71 0.58 4.48
C GLY H 122 34.80 1.77 4.24
N ARG H 123 35.21 2.92 4.78
CA ARG H 123 34.43 4.13 4.60
C ARG H 123 34.52 4.66 3.17
N GLY H 124 35.55 4.28 2.43
CA GLY H 124 35.68 4.67 1.04
C GLY H 124 36.34 6.01 0.84
N THR H 125 37.19 6.13 -0.18
CA THR H 125 37.82 7.38 -0.54
C THR H 125 37.38 7.79 -1.93
N LEU H 126 37.29 9.11 -2.14
CA LEU H 126 36.77 9.67 -3.38
C LEU H 126 37.92 10.07 -4.30
N VAL H 127 37.88 9.59 -5.54
CA VAL H 127 38.88 9.92 -6.55
C VAL H 127 38.16 10.64 -7.68
N THR H 128 38.57 11.88 -7.93
CA THR H 128 37.99 12.71 -8.98
C THR H 128 39.01 12.88 -10.11
N VAL H 129 38.57 12.64 -11.33
CA VAL H 129 39.42 12.76 -12.52
C VAL H 129 38.77 13.78 -13.45
N SER H 130 39.34 14.97 -13.51
CA SER H 130 38.77 16.05 -14.32
C SER H 130 39.87 17.04 -14.68
N SER H 131 39.55 17.90 -15.65
CA SER H 131 40.45 18.95 -16.08
C SER H 131 40.35 20.22 -15.25
N ALA H 132 39.25 20.41 -14.53
CA ALA H 132 39.04 21.64 -13.79
C ALA H 132 39.99 21.74 -12.61
N SER H 133 40.27 22.98 -12.20
CA SER H 133 41.18 23.24 -11.10
C SER H 133 40.40 23.36 -9.79
N THR H 134 41.10 23.08 -8.70
CA THR H 134 40.49 23.17 -7.37
C THR H 134 40.12 24.62 -7.07
N LYS H 135 38.84 24.86 -6.79
CA LYS H 135 38.33 26.20 -6.53
C LYS H 135 37.53 26.21 -5.24
N GLY H 136 37.49 27.37 -4.60
CA GLY H 136 36.67 27.57 -3.42
C GLY H 136 35.25 27.92 -3.80
N PRO H 137 34.31 27.67 -2.89
CA PRO H 137 32.90 27.92 -3.19
C PRO H 137 32.45 29.32 -2.81
N SER H 138 31.49 29.81 -3.59
CA SER H 138 30.81 31.07 -3.29
C SER H 138 29.57 30.75 -2.47
N VAL H 139 29.47 31.38 -1.30
CA VAL H 139 28.33 31.15 -0.40
C VAL H 139 27.41 32.36 -0.51
N PHE H 140 26.20 32.13 -1.03
CA PHE H 140 25.19 33.15 -1.21
C PHE H 140 23.97 32.86 -0.34
N PRO H 141 23.34 33.88 0.23
CA PRO H 141 22.20 33.64 1.11
C PRO H 141 20.89 33.48 0.34
N LEU H 142 20.04 32.62 0.87
CA LEU H 142 18.66 32.45 0.39
C LEU H 142 17.76 33.01 1.50
N ALA H 143 17.57 34.33 1.47
CA ALA H 143 16.93 35.01 2.58
C ALA H 143 15.41 34.97 2.46
N PRO H 144 14.70 34.90 3.59
CA PRO H 144 13.24 35.07 3.56
C PRO H 144 12.88 36.53 3.69
N SER H 145 11.58 36.84 3.74
CA SER H 145 11.11 38.21 3.92
C SER H 145 10.48 38.38 5.30
N SER H 146 10.26 39.64 5.67
CA SER H 146 9.82 39.95 7.03
C SER H 146 8.45 39.37 7.33
N LYS H 147 7.50 39.54 6.40
CA LYS H 147 6.12 39.12 6.59
C LYS H 147 5.75 38.06 5.56
N SER H 148 5.25 36.92 6.03
CA SER H 148 4.80 35.83 5.19
C SER H 148 3.34 35.50 5.47
N THR H 149 2.70 34.82 4.51
CA THR H 149 1.35 34.30 4.69
C THR H 149 1.30 32.77 4.61
N SER H 150 2.44 32.12 4.35
CA SER H 150 2.54 30.66 4.34
C SER H 150 2.47 30.05 5.74
N GLY H 151 1.64 30.58 6.61
CA GLY H 151 1.53 30.04 7.96
C GLY H 151 2.69 30.48 8.83
N GLY H 152 2.82 29.80 9.97
CA GLY H 152 3.87 30.11 10.93
C GLY H 152 5.26 29.70 10.48
N THR H 153 5.38 28.94 9.39
CA THR H 153 6.67 28.43 8.94
C THR H 153 7.15 29.22 7.73
N ALA H 154 8.41 29.64 7.77
CA ALA H 154 9.08 30.30 6.67
C ALA H 154 10.35 29.53 6.33
N ALA H 155 10.87 29.75 5.12
CA ALA H 155 12.03 29.01 4.63
C ALA H 155 13.20 29.96 4.38
N LEU H 156 14.40 29.47 4.67
CA LEU H 156 15.63 30.19 4.37
C LEU H 156 16.72 29.15 4.14
N GLY H 157 17.83 29.60 3.57
CA GLY H 157 18.91 28.68 3.28
C GLY H 157 20.15 29.36 2.77
N CYS H 158 20.98 28.56 2.10
CA CYS H 158 22.25 29.01 1.54
C CYS H 158 22.45 28.35 0.18
N LEU H 159 23.23 29.02 -0.66
CA LEU H 159 23.57 28.52 -2.00
C LEU H 159 25.07 28.53 -2.15
N VAL H 160 25.70 27.37 -2.11
CA VAL H 160 27.12 27.23 -2.43
C VAL H 160 27.24 26.94 -3.91
N LYS H 161 28.08 27.71 -4.60
CA LYS H 161 28.15 27.66 -6.06
C LYS H 161 29.59 27.68 -6.51
N ASP H 162 29.87 26.95 -7.60
CA ASP H 162 31.16 26.94 -8.25
C ASP H 162 32.28 26.52 -7.31
N TYR H 163 32.42 25.21 -7.10
CA TYR H 163 33.48 24.66 -6.28
C TYR H 163 33.88 23.31 -6.85
N PHE H 164 35.13 22.92 -6.58
CA PHE H 164 35.66 21.67 -7.13
C PHE H 164 36.82 21.16 -6.28
N PRO H 165 36.81 19.88 -5.89
CA PRO H 165 35.70 18.95 -6.14
C PRO H 165 34.82 18.77 -4.90
N GLU H 166 33.96 17.76 -4.91
CA GLU H 166 33.20 17.40 -3.73
C GLU H 166 34.14 16.88 -2.64
N PRO H 167 33.72 16.91 -1.37
CA PRO H 167 32.43 17.37 -0.82
C PRO H 167 32.51 18.73 -0.11
N VAL H 168 31.34 19.20 0.34
CA VAL H 168 31.23 20.40 1.17
C VAL H 168 30.43 20.06 2.41
N THR H 169 30.83 20.63 3.55
CA THR H 169 30.15 20.41 4.82
C THR H 169 29.29 21.64 5.11
N VAL H 170 27.98 21.47 5.08
CA VAL H 170 27.03 22.55 5.34
C VAL H 170 26.30 22.23 6.64
N SER H 171 26.61 22.99 7.69
CA SER H 171 25.91 22.92 8.96
C SER H 171 25.26 24.26 9.26
N TRP H 172 24.29 24.23 10.16
CA TRP H 172 23.52 25.42 10.51
C TRP H 172 23.69 25.72 12.00
N ASN H 173 24.07 26.96 12.31
CA ASN H 173 24.24 27.42 13.69
C ASN H 173 25.21 26.54 14.45
N SER H 174 26.33 26.19 13.80
CA SER H 174 27.37 25.34 14.37
C SER H 174 26.80 23.99 14.83
N GLY H 175 25.79 23.50 14.13
CA GLY H 175 25.15 22.25 14.46
C GLY H 175 24.02 22.34 15.44
N ALA H 176 23.76 23.52 16.01
CA ALA H 176 22.66 23.67 16.95
C ALA H 176 21.32 23.54 16.26
N LEU H 177 21.23 23.90 14.98
CA LEU H 177 20.00 23.81 14.21
C LEU H 177 20.08 22.59 13.32
N THR H 178 19.32 21.56 13.65
CA THR H 178 19.30 20.31 12.88
C THR H 178 17.93 19.95 12.33
N SER H 179 16.86 20.27 13.06
CA SER H 179 15.51 19.95 12.58
C SER H 179 15.15 20.81 11.39
N GLY H 180 14.45 20.21 10.43
CA GLY H 180 14.02 20.90 9.24
C GLY H 180 15.12 21.22 8.25
N VAL H 181 16.37 20.89 8.56
CA VAL H 181 17.47 21.16 7.64
C VAL H 181 17.40 20.21 6.46
N HIS H 182 17.64 20.75 5.26
CA HIS H 182 17.66 19.95 4.03
C HIS H 182 18.86 20.41 3.20
N THR H 183 19.88 19.56 3.12
CA THR H 183 21.05 19.81 2.29
C THR H 183 20.96 18.90 1.07
N PHE H 184 20.64 19.49 -0.08
CA PHE H 184 20.38 18.70 -1.27
C PHE H 184 21.69 18.15 -1.85
N PRO H 185 21.61 17.05 -2.60
CA PRO H 185 22.79 16.60 -3.34
C PRO H 185 23.24 17.66 -4.33
N ALA H 186 24.56 17.85 -4.41
CA ALA H 186 25.13 18.84 -5.31
C ALA H 186 24.91 18.44 -6.76
N VAL H 187 24.68 19.44 -7.61
CA VAL H 187 24.45 19.22 -9.04
C VAL H 187 25.66 19.74 -9.80
N LEU H 188 26.17 18.93 -10.74
CA LEU H 188 27.31 19.31 -11.55
C LEU H 188 26.83 20.23 -12.68
N GLN H 189 27.21 21.50 -12.60
CA GLN H 189 26.79 22.47 -13.61
C GLN H 189 27.45 22.16 -14.96
N SER H 190 26.81 22.66 -16.03
CA SER H 190 27.43 22.60 -17.35
C SER H 190 28.77 23.31 -17.36
N SER H 191 29.00 24.22 -16.43
CA SER H 191 30.28 24.88 -16.27
C SER H 191 31.40 23.91 -15.92
N GLY H 192 31.09 22.68 -15.52
CA GLY H 192 32.08 21.72 -15.10
C GLY H 192 32.39 21.74 -13.62
N LEU H 193 31.64 22.52 -12.85
CA LEU H 193 31.86 22.68 -11.42
C LEU H 193 30.57 22.36 -10.68
N TYR H 194 30.72 21.93 -9.43
CA TYR H 194 29.56 21.53 -8.65
C TYR H 194 28.87 22.73 -8.02
N SER H 195 27.58 22.56 -7.73
CA SER H 195 26.76 23.58 -7.09
C SER H 195 25.72 22.89 -6.22
N LEU H 196 25.52 23.40 -5.01
CA LEU H 196 24.71 22.74 -4.01
C LEU H 196 23.86 23.76 -3.27
N SER H 197 22.65 23.33 -2.87
CA SER H 197 21.75 24.11 -2.05
C SER H 197 21.58 23.44 -0.69
N SER H 198 21.20 24.25 0.30
CA SER H 198 20.86 23.73 1.63
C SER H 198 19.91 24.71 2.28
N VAL H 199 18.67 24.27 2.55
CA VAL H 199 17.64 25.12 3.10
C VAL H 199 17.21 24.59 4.47
N VAL H 200 16.43 25.40 5.17
CA VAL H 200 15.86 25.02 6.44
C VAL H 200 14.58 25.83 6.64
N THR H 201 13.55 25.19 7.18
CA THR H 201 12.27 25.83 7.42
C THR H 201 12.13 26.08 8.91
N VAL H 202 11.74 27.31 9.28
CA VAL H 202 11.76 27.75 10.67
C VAL H 202 10.38 28.31 11.03
N PRO H 203 10.08 28.50 12.31
CA PRO H 203 8.93 29.32 12.68
C PRO H 203 9.18 30.77 12.31
N SER H 204 8.18 31.39 11.67
CA SER H 204 8.32 32.77 11.22
C SER H 204 8.53 33.72 12.39
N SER H 205 8.03 33.38 13.57
CA SER H 205 8.26 34.19 14.76
C SER H 205 9.72 34.18 15.19
N SER H 206 10.49 33.16 14.78
CA SER H 206 11.91 33.09 15.11
C SER H 206 12.77 33.98 14.23
N LEU H 207 12.24 34.49 13.12
CA LEU H 207 13.04 35.34 12.25
C LEU H 207 13.50 36.60 12.97
N GLY H 208 12.69 37.10 13.91
CA GLY H 208 13.08 38.27 14.66
C GLY H 208 13.78 38.00 15.98
N THR H 209 13.80 36.74 16.44
CA THR H 209 14.34 36.41 17.75
C THR H 209 15.46 35.38 17.72
N GLN H 210 15.98 35.02 16.54
CA GLN H 210 17.08 34.07 16.49
C GLN H 210 17.90 34.26 15.23
N THR H 211 19.22 34.12 15.37
CA THR H 211 20.15 34.27 14.27
C THR H 211 20.30 32.95 13.52
N TYR H 212 20.50 33.04 12.21
CA TYR H 212 20.66 31.86 11.36
C TYR H 212 21.90 32.02 10.50
N ILE H 213 22.88 31.15 10.73
CA ILE H 213 24.14 31.17 9.99
C ILE H 213 24.40 29.75 9.48
N CYS H 214 24.72 29.64 8.19
CA CYS H 214 25.12 28.38 7.61
C CYS H 214 26.64 28.31 7.57
N ASN H 215 27.19 27.22 8.11
CA ASN H 215 28.64 27.03 8.17
C ASN H 215 29.05 26.11 7.03
N VAL H 216 29.65 26.70 5.99
CA VAL H 216 30.15 25.97 4.84
C VAL H 216 31.63 25.69 5.04
N ASN H 217 32.06 24.47 4.71
CA ASN H 217 33.45 24.06 4.87
C ASN H 217 33.86 23.22 3.68
N HIS H 218 34.92 23.63 2.99
CA HIS H 218 35.43 22.91 1.82
C HIS H 218 36.84 22.42 2.13
N LYS H 219 36.98 21.11 2.32
CA LYS H 219 38.30 20.59 2.68
C LYS H 219 39.32 20.71 1.54
N PRO H 220 38.99 20.41 0.27
CA PRO H 220 40.02 20.52 -0.77
C PRO H 220 40.68 21.89 -0.87
N SER H 221 39.89 22.95 -1.03
CA SER H 221 40.44 24.29 -1.16
C SER H 221 40.69 24.97 0.20
N ASN H 222 40.45 24.26 1.30
CA ASN H 222 40.63 24.81 2.65
C ASN H 222 39.82 26.11 2.83
N THR H 223 38.53 26.03 2.50
CA THR H 223 37.61 27.14 2.61
C THR H 223 36.56 26.84 3.68
N LYS H 224 36.43 27.75 4.64
CA LYS H 224 35.46 27.61 5.74
C LYS H 224 34.72 28.93 5.88
N VAL H 225 33.54 29.03 5.25
CA VAL H 225 32.76 30.25 5.21
C VAL H 225 31.55 30.11 6.12
N ASP H 226 31.37 31.08 7.01
CA ASP H 226 30.20 31.16 7.89
C ASP H 226 29.41 32.38 7.43
N LYS H 227 28.31 32.14 6.72
CA LYS H 227 27.48 33.21 6.17
C LYS H 227 26.17 33.28 6.95
N LYS H 228 25.89 34.45 7.51
CA LYS H 228 24.61 34.67 8.16
C LYS H 228 23.55 35.01 7.13
N VAL H 229 22.30 34.71 7.46
CA VAL H 229 21.16 34.98 6.59
C VAL H 229 20.15 35.81 7.38
N GLU H 230 19.94 37.04 6.94
CA GLU H 230 18.99 37.94 7.58
C GLU H 230 17.73 38.08 6.72
N PRO H 231 16.57 38.32 7.34
CA PRO H 231 15.34 38.44 6.54
C PRO H 231 15.36 39.67 5.65
N LYS H 232 14.88 39.50 4.43
CA LYS H 232 14.81 40.60 3.46
C LYS H 232 13.44 41.29 3.51
N GLU I 6 30.45 -10.45 -20.38
CA GLU I 6 30.12 -10.36 -18.96
C GLU I 6 28.79 -11.02 -18.68
N ILE I 7 28.45 -11.10 -17.39
CA ILE I 7 27.17 -11.65 -16.94
C ILE I 7 26.34 -10.49 -16.40
N VAL I 8 25.32 -10.09 -17.15
CA VAL I 8 24.48 -8.97 -16.73
C VAL I 8 23.42 -9.47 -15.76
N LEU I 9 23.25 -8.77 -14.66
CA LEU I 9 22.24 -9.07 -13.65
C LEU I 9 21.24 -7.92 -13.61
N THR I 10 20.03 -8.14 -14.11
CA THR I 10 18.99 -7.13 -14.13
C THR I 10 18.09 -7.32 -12.90
N GLN I 11 17.86 -6.24 -12.15
CA GLN I 11 17.12 -6.29 -10.91
C GLN I 11 15.70 -5.77 -11.13
N SER I 12 14.70 -6.62 -10.91
CA SER I 12 13.31 -6.30 -11.13
C SER I 12 12.57 -6.19 -9.80
N PRO I 13 11.75 -5.14 -9.60
CA PRO I 13 11.69 -3.97 -10.46
C PRO I 13 12.71 -2.93 -9.98
N ALA I 14 12.63 -1.70 -10.47
CA ALA I 14 13.58 -0.69 -10.05
C ALA I 14 13.23 -0.14 -8.67
N THR I 15 11.94 -0.01 -8.34
CA THR I 15 11.51 0.59 -7.10
C THR I 15 10.31 -0.16 -6.55
N LEU I 16 10.25 -0.28 -5.22
CA LEU I 16 9.12 -0.87 -4.53
C LEU I 16 8.72 0.04 -3.38
N SER I 17 7.44 0.42 -3.34
CA SER I 17 6.91 1.28 -2.29
C SER I 17 5.98 0.42 -1.41
N LEU I 18 6.45 0.10 -0.22
CA LEU I 18 5.72 -0.78 0.69
C LEU I 18 5.67 -0.16 2.09
N SER I 19 4.71 -0.65 2.89
CA SER I 19 4.55 -0.18 4.26
C SER I 19 5.36 -1.05 5.21
N PRO I 20 5.78 -0.50 6.34
CA PRO I 20 6.46 -1.32 7.36
C PRO I 20 5.55 -2.45 7.82
N GLY I 21 6.07 -3.67 7.77
CA GLY I 21 5.29 -4.85 8.07
C GLY I 21 4.83 -5.62 6.85
N ASP I 22 5.01 -5.07 5.66
CA ASP I 22 4.61 -5.76 4.43
C ASP I 22 5.78 -6.57 3.88
N ARG I 23 5.45 -7.61 3.12
CA ARG I 23 6.45 -8.51 2.54
C ARG I 23 7.08 -7.87 1.31
N ALA I 24 8.41 -7.86 1.27
CA ALA I 24 9.15 -7.37 0.12
C ALA I 24 9.72 -8.54 -0.65
N THR I 25 9.54 -8.54 -1.97
CA THR I 25 10.04 -9.60 -2.84
C THR I 25 10.82 -8.95 -3.99
N LEU I 26 12.13 -9.15 -3.99
CA LEU I 26 13.01 -8.58 -5.00
C LEU I 26 13.44 -9.65 -5.98
N SER I 27 13.83 -9.22 -7.18
CA SER I 27 14.21 -10.13 -8.26
C SER I 27 15.57 -9.74 -8.81
N CYS I 28 16.35 -10.77 -9.17
CA CYS I 28 17.67 -10.59 -9.79
C CYS I 28 17.85 -11.70 -10.81
N ARG I 29 17.75 -11.36 -12.09
CA ARG I 29 17.89 -12.32 -13.18
C ARG I 29 19.22 -12.13 -13.88
N ALA I 30 19.82 -13.24 -14.33
CA ALA I 30 21.13 -13.23 -14.96
C ALA I 30 21.03 -13.62 -16.43
N SER I 31 22.02 -13.19 -17.20
CA SER I 31 22.08 -13.54 -18.62
C SER I 31 22.32 -15.04 -18.80
N GLN I 32 23.48 -15.52 -18.36
CA GLN I 32 23.79 -16.93 -18.35
C GLN I 32 23.72 -17.45 -16.91
N SER I 33 23.62 -18.78 -16.79
CA SER I 33 23.46 -19.39 -15.47
C SER I 33 24.67 -19.12 -14.59
N VAL I 34 24.40 -18.80 -13.33
CA VAL I 34 25.42 -18.63 -12.32
C VAL I 34 25.29 -19.68 -11.22
N THR I 35 24.55 -20.75 -11.50
CA THR I 35 24.29 -21.85 -10.56
C THR I 35 23.63 -21.26 -9.32
N THR I 36 24.17 -21.44 -8.12
CA THR I 36 23.60 -20.83 -6.91
C THR I 36 24.59 -19.88 -6.27
N PHE I 37 25.48 -19.29 -7.08
CA PHE I 37 26.55 -18.43 -6.56
C PHE I 37 26.15 -16.97 -6.69
N LEU I 38 25.21 -16.57 -5.84
CA LEU I 38 24.71 -15.20 -5.84
C LEU I 38 24.61 -14.69 -4.40
N ALA I 39 24.96 -13.43 -4.21
CA ALA I 39 24.89 -12.77 -2.92
C ALA I 39 24.03 -11.52 -3.02
N TRP I 40 23.65 -11.00 -1.86
CA TRP I 40 22.80 -9.82 -1.77
C TRP I 40 23.42 -8.82 -0.79
N TYR I 41 23.27 -7.53 -1.11
CA TYR I 41 23.82 -6.47 -0.28
C TYR I 41 22.74 -5.44 0.01
N GLN I 42 22.95 -4.69 1.09
CA GLN I 42 22.09 -3.58 1.49
C GLN I 42 22.93 -2.33 1.61
N GLN I 43 22.50 -1.25 0.96
CA GLN I 43 23.22 0.02 0.99
C GLN I 43 22.25 1.14 1.33
N LYS I 44 22.58 1.88 2.38
CA LYS I 44 21.87 3.08 2.81
C LYS I 44 22.64 4.33 2.38
N PRO I 45 21.98 5.48 2.27
CA PRO I 45 22.67 6.68 1.80
C PRO I 45 23.81 7.07 2.73
N GLY I 46 24.95 7.42 2.12
CA GLY I 46 26.11 7.87 2.86
C GLY I 46 26.93 6.77 3.52
N GLN I 47 26.52 5.51 3.39
CA GLN I 47 27.21 4.39 4.01
C GLN I 47 27.74 3.44 2.94
N ALA I 48 28.43 2.40 3.40
CA ALA I 48 28.93 1.33 2.55
C ALA I 48 27.92 0.19 2.49
N PRO I 49 28.04 -0.69 1.50
CA PRO I 49 27.14 -1.86 1.46
C PRO I 49 27.38 -2.77 2.65
N ARG I 50 26.39 -3.64 2.89
CA ARG I 50 26.43 -4.58 4.01
C ARG I 50 25.92 -5.93 3.53
N LEU I 51 26.80 -6.94 3.54
CA LEU I 51 26.45 -8.25 3.02
C LEU I 51 25.32 -8.87 3.85
N LEU I 52 24.20 -9.17 3.19
CA LEU I 52 23.05 -9.78 3.84
C LEU I 52 23.03 -11.29 3.68
N ILE I 53 23.17 -11.78 2.45
CA ILE I 53 23.06 -13.21 2.15
C ILE I 53 24.17 -13.58 1.18
N TYR I 54 24.79 -14.73 1.40
CA TYR I 54 25.77 -15.28 0.48
C TYR I 54 25.29 -16.63 -0.01
N ASP I 55 25.50 -16.89 -1.31
CA ASP I 55 25.04 -18.11 -1.98
C ASP I 55 23.53 -18.30 -1.81
N VAL I 56 22.80 -17.37 -2.42
CA VAL I 56 21.36 -17.43 -2.60
C VAL I 56 20.59 -17.35 -1.29
N SER I 57 20.83 -18.29 -0.37
CA SER I 57 19.99 -18.43 0.81
C SER I 57 20.71 -18.37 2.15
N ASN I 58 22.04 -18.43 2.20
CA ASN I 58 22.75 -18.45 3.47
C ASN I 58 22.88 -17.04 4.04
N ARG I 59 22.33 -16.82 5.22
CA ARG I 59 22.41 -15.52 5.87
C ARG I 59 23.80 -15.29 6.44
N ALA I 60 24.24 -14.03 6.37
CA ALA I 60 25.53 -13.64 6.92
C ALA I 60 25.46 -13.58 8.44
N THR I 61 26.55 -13.15 9.07
CA THR I 61 26.60 -13.05 10.52
C THR I 61 25.86 -11.81 10.99
N GLY I 62 24.94 -11.99 11.94
CA GLY I 62 24.20 -10.86 12.48
C GLY I 62 23.09 -10.35 11.60
N ILE I 63 22.58 -11.16 10.68
CA ILE I 63 21.51 -10.77 9.77
C ILE I 63 20.20 -11.34 10.31
N PRO I 64 19.19 -10.51 10.55
CA PRO I 64 17.94 -11.02 11.13
C PRO I 64 17.28 -12.06 10.22
N ALA I 65 16.52 -12.95 10.86
CA ALA I 65 15.95 -14.10 10.17
C ALA I 65 14.85 -13.73 9.18
N ARG I 66 14.40 -12.47 9.14
CA ARG I 66 13.40 -12.08 8.16
C ARG I 66 13.96 -12.03 6.74
N PHE I 67 15.28 -11.95 6.61
CA PHE I 67 15.90 -11.98 5.29
C PHE I 67 16.09 -13.43 4.84
N SER I 68 15.76 -13.69 3.58
CA SER I 68 15.90 -15.02 3.01
C SER I 68 16.00 -14.91 1.51
N GLY I 69 16.57 -15.93 0.89
CA GLY I 69 16.73 -15.96 -0.55
C GLY I 69 16.44 -17.34 -1.10
N SER I 70 16.18 -17.37 -2.41
CA SER I 70 15.88 -18.63 -3.08
C SER I 70 16.19 -18.45 -4.56
N GLY I 71 16.47 -19.56 -5.22
CA GLY I 71 16.69 -19.57 -6.65
C GLY I 71 17.82 -20.48 -7.06
N SER I 72 17.83 -20.83 -8.35
CA SER I 72 18.86 -21.67 -8.93
C SER I 72 18.91 -21.39 -10.43
N GLY I 73 20.11 -21.14 -10.95
CA GLY I 73 20.28 -20.92 -12.38
C GLY I 73 20.33 -19.46 -12.77
N THR I 74 19.20 -18.93 -13.26
CA THR I 74 19.15 -17.56 -13.75
C THR I 74 18.25 -16.64 -12.94
N ASP I 75 17.17 -17.14 -12.35
CA ASP I 75 16.20 -16.31 -11.64
C ASP I 75 16.37 -16.53 -10.14
N PHE I 76 16.63 -15.45 -9.41
CA PHE I 76 16.77 -15.49 -7.96
C PHE I 76 15.91 -14.42 -7.32
N THR I 77 15.51 -14.68 -6.07
CA THR I 77 14.66 -13.77 -5.31
C THR I 77 15.20 -13.57 -3.91
N LEU I 78 15.21 -12.33 -3.45
CA LEU I 78 15.45 -11.98 -2.06
C LEU I 78 14.12 -11.57 -1.44
N THR I 79 13.82 -12.12 -0.25
CA THR I 79 12.52 -11.95 0.38
C THR I 79 12.68 -11.46 1.80
N ILE I 80 11.94 -10.41 2.15
CA ILE I 80 11.91 -9.88 3.50
C ILE I 80 10.55 -10.25 4.11
N SER I 81 10.58 -10.95 5.24
CA SER I 81 9.35 -11.44 5.85
C SER I 81 8.37 -10.30 6.12
N SER I 82 8.78 -9.33 6.92
CA SER I 82 7.97 -8.15 7.21
C SER I 82 8.92 -6.98 7.39
N LEU I 83 8.76 -5.95 6.57
CA LEU I 83 9.69 -4.84 6.55
C LEU I 83 9.75 -4.14 7.91
N GLU I 84 10.93 -3.70 8.27
CA GLU I 84 11.19 -2.89 9.45
C GLU I 84 11.75 -1.55 9.01
N PRO I 85 11.61 -0.50 9.83
CA PRO I 85 12.11 0.82 9.43
C PRO I 85 13.56 0.83 8.96
N GLU I 86 14.42 0.02 9.57
CA GLU I 86 15.82 -0.04 9.18
C GLU I 86 16.06 -0.93 7.96
N ASP I 87 15.00 -1.43 7.33
CA ASP I 87 15.12 -2.30 6.18
C ASP I 87 14.91 -1.58 4.86
N PHE I 88 14.54 -0.30 4.89
CA PHE I 88 14.30 0.47 3.68
C PHE I 88 15.63 1.04 3.20
N ALA I 89 16.11 0.54 2.07
CA ALA I 89 17.38 0.96 1.47
C ALA I 89 17.43 0.42 0.06
N VAL I 90 18.60 0.53 -0.58
CA VAL I 90 18.83 -0.02 -1.91
C VAL I 90 19.52 -1.38 -1.75
N TYR I 91 19.12 -2.34 -2.58
CA TYR I 91 19.65 -3.69 -2.51
C TYR I 91 20.30 -4.06 -3.84
N TYR I 92 21.49 -4.65 -3.76
CA TYR I 92 22.22 -5.11 -4.93
C TYR I 92 22.45 -6.61 -4.86
N CYS I 93 22.50 -7.25 -6.02
CA CYS I 93 22.89 -8.64 -6.13
C CYS I 93 24.22 -8.73 -6.86
N GLN I 94 24.94 -9.82 -6.61
CA GLN I 94 26.26 -10.02 -7.19
C GLN I 94 26.51 -11.51 -7.37
N GLN I 95 27.24 -11.85 -8.44
CA GLN I 95 27.59 -13.23 -8.74
C GLN I 95 29.10 -13.42 -8.62
N ARG I 96 29.50 -14.59 -8.14
CA ARG I 96 30.90 -14.99 -8.07
C ARG I 96 31.21 -16.14 -9.03
N SER I 97 30.26 -16.50 -9.89
CA SER I 97 30.38 -17.71 -10.71
C SER I 97 31.49 -17.59 -11.74
N ASN I 98 31.41 -16.57 -12.59
CA ASN I 98 32.38 -16.38 -13.66
C ASN I 98 33.11 -15.06 -13.48
N TRP I 99 34.31 -14.98 -14.04
CA TRP I 99 35.16 -13.84 -13.75
C TRP I 99 34.70 -12.61 -14.53
N GLY I 100 35.08 -11.45 -14.02
CA GLY I 100 34.37 -10.23 -14.32
C GLY I 100 33.21 -10.13 -13.38
N LEU I 101 33.50 -9.91 -12.09
CA LEU I 101 32.45 -9.86 -11.07
C LEU I 101 31.47 -8.75 -11.38
N THR I 102 30.19 -9.09 -11.43
CA THR I 102 29.14 -8.18 -11.84
C THR I 102 28.13 -7.98 -10.72
N PHE I 103 27.61 -6.76 -10.65
CA PHE I 103 26.57 -6.41 -9.71
C PHE I 103 25.27 -6.13 -10.46
N GLY I 104 24.17 -6.18 -9.73
CA GLY I 104 22.90 -5.77 -10.28
C GLY I 104 22.77 -4.25 -10.29
N GLY I 105 21.73 -3.79 -10.98
CA GLY I 105 21.48 -2.36 -11.05
C GLY I 105 20.99 -1.75 -9.75
N GLY I 106 20.42 -2.57 -8.87
CA GLY I 106 19.90 -2.07 -7.60
C GLY I 106 18.40 -1.96 -7.59
N THR I 107 17.78 -2.24 -6.44
CA THR I 107 16.35 -2.08 -6.25
C THR I 107 16.13 -1.31 -4.96
N LYS I 108 15.55 -0.12 -5.08
CA LYS I 108 15.30 0.74 -3.92
C LYS I 108 13.95 0.40 -3.33
N VAL I 109 13.89 0.27 -2.01
CA VAL I 109 12.65 0.01 -1.28
C VAL I 109 12.38 1.21 -0.39
N GLU I 110 11.33 1.96 -0.69
CA GLU I 110 10.95 3.14 0.08
C GLU I 110 9.64 2.89 0.82
N ILE I 111 9.40 3.73 1.83
CA ILE I 111 8.18 3.64 2.62
C ILE I 111 7.03 4.30 1.87
N LYS I 112 5.87 3.65 1.88
CA LYS I 112 4.66 4.18 1.26
C LYS I 112 3.81 4.83 2.35
N ARG I 113 3.82 6.15 2.37
CA ARG I 113 3.04 6.95 3.31
C ARG I 113 1.91 7.64 2.58
N THR I 114 1.12 8.40 3.34
CA THR I 114 0.08 9.22 2.73
C THR I 114 0.71 10.27 1.83
N VAL I 115 0.03 10.57 0.72
CA VAL I 115 0.54 11.57 -0.21
C VAL I 115 0.43 12.95 0.44
N ALA I 116 1.54 13.68 0.43
CA ALA I 116 1.61 15.00 1.05
C ALA I 116 1.93 16.03 -0.02
N ALA I 117 1.21 17.15 0.00
CA ALA I 117 1.46 18.19 -0.98
C ALA I 117 2.75 18.93 -0.63
N PRO I 118 3.50 19.38 -1.64
CA PRO I 118 4.70 20.17 -1.36
C PRO I 118 4.35 21.58 -0.93
N SER I 119 5.30 22.20 -0.23
CA SER I 119 5.19 23.61 0.15
C SER I 119 6.25 24.37 -0.63
N VAL I 120 5.81 25.25 -1.53
CA VAL I 120 6.69 25.89 -2.50
C VAL I 120 7.24 27.17 -1.92
N PHE I 121 8.52 27.41 -2.13
CA PHE I 121 9.19 28.67 -1.79
C PHE I 121 10.09 29.06 -2.94
N ILE I 122 10.05 30.33 -3.34
CA ILE I 122 10.89 30.85 -4.41
C ILE I 122 11.83 31.90 -3.82
N PHE I 123 13.09 31.85 -4.24
CA PHE I 123 14.12 32.74 -3.71
C PHE I 123 14.72 33.56 -4.84
N PRO I 124 14.60 34.88 -4.79
CA PRO I 124 15.26 35.73 -5.79
C PRO I 124 16.77 35.65 -5.66
N PRO I 125 17.52 36.00 -6.71
CA PRO I 125 18.99 35.99 -6.61
C PRO I 125 19.47 36.96 -5.54
N SER I 126 20.55 36.58 -4.88
CA SER I 126 21.15 37.43 -3.85
C SER I 126 21.76 38.66 -4.48
N ASP I 127 21.81 39.75 -3.70
CA ASP I 127 22.35 41.01 -4.20
C ASP I 127 23.84 40.88 -4.51
N GLU I 128 24.60 40.21 -3.64
CA GLU I 128 26.03 40.08 -3.86
C GLU I 128 26.35 39.14 -5.02
N GLN I 129 25.46 38.20 -5.32
CA GLN I 129 25.66 37.36 -6.49
C GLN I 129 25.49 38.15 -7.77
N LEU I 130 24.58 39.13 -7.78
CA LEU I 130 24.43 40.00 -8.94
C LEU I 130 25.66 40.87 -9.16
N LYS I 131 26.47 41.10 -8.12
CA LYS I 131 27.74 41.80 -8.28
C LYS I 131 28.79 40.96 -9.00
N SER I 132 28.62 39.64 -9.02
CA SER I 132 29.54 38.74 -9.70
C SER I 132 29.13 38.46 -11.14
N GLY I 133 28.05 39.07 -11.63
CA GLY I 133 27.62 38.91 -13.00
C GLY I 133 26.68 37.75 -13.26
N THR I 134 26.37 36.93 -12.25
CA THR I 134 25.50 35.78 -12.41
C THR I 134 24.25 35.94 -11.52
N ALA I 135 23.21 35.19 -11.87
CA ALA I 135 21.94 35.26 -11.13
C ALA I 135 21.28 33.89 -11.16
N SER I 136 21.07 33.30 -9.99
CA SER I 136 20.45 31.98 -9.86
C SER I 136 19.22 32.10 -8.96
N VAL I 137 18.04 31.86 -9.53
CA VAL I 137 16.79 31.88 -8.79
C VAL I 137 16.43 30.45 -8.42
N VAL I 138 16.14 30.22 -7.14
CA VAL I 138 15.97 28.88 -6.58
C VAL I 138 14.51 28.70 -6.16
N CYS I 139 13.97 27.52 -6.46
CA CYS I 139 12.63 27.12 -6.05
C CYS I 139 12.72 25.87 -5.20
N LEU I 140 12.02 25.87 -4.07
CA LEU I 140 12.12 24.80 -3.07
C LEU I 140 10.77 24.11 -2.91
N LEU I 141 10.79 22.78 -2.99
CA LEU I 141 9.63 21.93 -2.72
C LEU I 141 9.93 21.18 -1.44
N ASN I 142 9.17 21.45 -0.38
CA ASN I 142 9.51 21.01 0.97
C ASN I 142 8.53 19.93 1.44
N ASN I 143 9.09 18.77 1.79
CA ASN I 143 8.40 17.69 2.51
C ASN I 143 7.13 17.25 1.79
N PHE I 144 7.35 16.55 0.68
CA PHE I 144 6.25 16.02 -0.12
C PHE I 144 6.48 14.53 -0.38
N TYR I 145 5.37 13.85 -0.66
CA TYR I 145 5.36 12.44 -1.03
C TYR I 145 4.17 12.28 -1.97
N PRO I 146 4.30 11.52 -3.06
CA PRO I 146 5.49 10.77 -3.48
C PRO I 146 6.59 11.63 -4.10
N ARG I 147 7.63 10.96 -4.60
CA ARG I 147 8.80 11.66 -5.11
C ARG I 147 8.52 12.36 -6.44
N GLU I 148 7.56 11.85 -7.21
CA GLU I 148 7.34 12.34 -8.57
C GLU I 148 6.81 13.77 -8.52
N ALA I 149 7.64 14.73 -8.94
CA ALA I 149 7.25 16.13 -8.96
C ALA I 149 7.77 16.77 -10.24
N LYS I 150 7.07 17.80 -10.71
CA LYS I 150 7.42 18.52 -11.92
C LYS I 150 7.59 20.00 -11.61
N VAL I 151 8.72 20.57 -12.02
CA VAL I 151 9.03 21.98 -11.82
C VAL I 151 9.24 22.61 -13.19
N GLN I 152 8.47 23.65 -13.50
CA GLN I 152 8.55 24.36 -14.77
C GLN I 152 8.81 25.84 -14.47
N TRP I 153 9.92 26.36 -14.98
CA TRP I 153 10.26 27.76 -14.82
C TRP I 153 9.62 28.58 -15.94
N LYS I 154 9.00 29.69 -15.57
CA LYS I 154 8.35 30.58 -16.52
C LYS I 154 8.79 32.02 -16.23
N VAL I 155 9.65 32.56 -17.09
CA VAL I 155 10.14 33.93 -16.96
C VAL I 155 9.26 34.80 -17.85
N ASP I 156 8.46 35.67 -17.23
CA ASP I 156 7.46 36.48 -17.93
C ASP I 156 6.51 35.59 -18.73
N ASN I 157 6.11 34.47 -18.10
CA ASN I 157 5.20 33.49 -18.69
C ASN I 157 5.78 32.89 -19.98
N ALA I 158 7.10 32.82 -20.08
CA ALA I 158 7.79 32.15 -21.17
C ALA I 158 8.49 30.92 -20.58
N LEU I 159 8.03 29.73 -20.99
CA LEU I 159 8.56 28.49 -20.43
C LEU I 159 10.07 28.38 -20.70
N GLN I 160 10.81 28.04 -19.65
CA GLN I 160 12.26 27.94 -19.73
C GLN I 160 12.70 26.50 -19.90
N SER I 161 13.69 26.29 -20.77
CA SER I 161 14.16 24.95 -21.10
C SER I 161 15.68 24.95 -21.27
N GLY I 162 16.35 24.08 -20.54
CA GLY I 162 17.77 23.89 -20.70
C GLY I 162 18.67 24.73 -19.82
N ASN I 163 18.12 25.50 -18.88
CA ASN I 163 18.92 26.34 -18.02
C ASN I 163 18.57 26.17 -16.54
N SER I 164 17.99 25.03 -16.18
CA SER I 164 17.58 24.74 -14.82
C SER I 164 17.94 23.30 -14.49
N GLN I 165 18.60 23.08 -13.37
CA GLN I 165 18.92 21.75 -12.89
C GLN I 165 18.50 21.62 -11.43
N GLU I 166 17.83 20.52 -11.11
CA GLU I 166 17.27 20.24 -9.79
C GLU I 166 18.03 19.10 -9.12
N SER I 167 17.54 18.69 -7.95
CA SER I 167 18.11 17.59 -7.20
C SER I 167 17.17 17.26 -6.06
N VAL I 168 17.05 15.97 -5.75
CA VAL I 168 16.10 15.47 -4.75
C VAL I 168 16.89 14.85 -3.60
N THR I 169 16.45 15.11 -2.38
CA THR I 169 17.06 14.53 -1.20
C THR I 169 16.60 13.08 -1.03
N GLU I 170 17.14 12.41 -0.01
CA GLU I 170 16.73 11.06 0.33
C GLU I 170 15.46 11.09 1.16
N GLN I 171 14.79 9.95 1.23
CA GLN I 171 13.56 9.85 2.01
C GLN I 171 13.84 10.11 3.47
N ASP I 172 13.09 11.04 4.06
CA ASP I 172 13.32 11.46 5.44
C ASP I 172 13.06 10.31 6.40
N SER I 173 13.94 10.19 7.40
CA SER I 173 13.81 9.13 8.39
C SER I 173 12.75 9.43 9.46
N LYS I 174 12.12 10.59 9.41
CA LYS I 174 11.12 10.97 10.42
C LYS I 174 9.70 11.00 9.89
N ASP I 175 9.47 11.52 8.68
CA ASP I 175 8.13 11.55 8.10
C ASP I 175 8.09 10.98 6.70
N SER I 176 9.18 10.38 6.22
CA SER I 176 9.22 9.68 4.93
C SER I 176 8.83 10.60 3.78
N THR I 177 9.34 11.83 3.80
CA THR I 177 9.08 12.80 2.74
C THR I 177 10.29 12.95 1.84
N TYR I 178 10.10 13.68 0.74
CA TYR I 178 11.18 14.08 -0.14
C TYR I 178 11.21 15.61 -0.22
N SER I 179 12.24 16.13 -0.86
CA SER I 179 12.34 17.57 -1.08
C SER I 179 13.19 17.83 -2.33
N LEU I 180 12.70 18.74 -3.17
CA LEU I 180 13.36 19.10 -4.42
C LEU I 180 13.82 20.54 -4.37
N SER I 181 14.93 20.83 -5.06
CA SER I 181 15.46 22.20 -5.13
C SER I 181 15.90 22.47 -6.57
N SER I 182 15.08 23.22 -7.29
CA SER I 182 15.38 23.61 -8.67
C SER I 182 16.10 24.95 -8.69
N THR I 183 17.16 25.04 -9.48
CA THR I 183 17.96 26.26 -9.60
C THR I 183 18.01 26.67 -11.06
N LEU I 184 17.45 27.85 -11.37
CA LEU I 184 17.50 28.42 -12.71
C LEU I 184 18.61 29.47 -12.72
N THR I 185 19.66 29.21 -13.51
CA THR I 185 20.84 30.05 -13.53
C THR I 185 20.83 30.91 -14.78
N LEU I 186 20.93 32.23 -14.59
CA LEU I 186 21.02 33.19 -15.69
C LEU I 186 22.11 34.20 -15.38
N SER I 187 22.46 35.00 -16.40
CA SER I 187 23.46 36.04 -16.20
C SER I 187 22.81 37.30 -15.62
N LYS I 188 23.65 38.17 -15.07
CA LYS I 188 23.14 39.43 -14.51
C LYS I 188 22.56 40.32 -15.61
N ALA I 189 23.01 40.14 -16.85
CA ALA I 189 22.51 40.95 -17.95
C ALA I 189 21.07 40.57 -18.30
N ASP I 190 20.86 39.29 -18.65
CA ASP I 190 19.53 38.86 -19.08
C ASP I 190 18.57 38.68 -17.92
N TYR I 191 19.06 38.60 -16.68
CA TYR I 191 18.14 38.57 -15.54
C TYR I 191 17.41 39.89 -15.39
N GLU I 192 18.13 41.01 -15.57
CA GLU I 192 17.51 42.33 -15.52
C GLU I 192 16.69 42.64 -16.77
N LYS I 193 16.75 41.79 -17.81
CA LYS I 193 16.00 42.04 -19.02
C LYS I 193 14.51 41.74 -18.86
N HIS I 194 14.16 40.88 -17.92
CA HIS I 194 12.77 40.48 -17.70
C HIS I 194 12.36 40.80 -16.26
N LYS I 195 11.06 40.73 -16.01
CA LYS I 195 10.49 41.16 -14.73
C LYS I 195 9.91 40.04 -13.89
N VAL I 196 9.03 39.22 -14.47
CA VAL I 196 8.32 38.20 -13.72
C VAL I 196 9.10 36.89 -13.74
N TYR I 197 9.29 36.29 -12.56
CA TYR I 197 9.96 35.01 -12.42
C TYR I 197 9.09 34.11 -11.56
N ALA I 198 8.52 33.08 -12.16
CA ALA I 198 7.57 32.20 -11.49
C ALA I 198 8.09 30.77 -11.48
N CYS I 199 7.52 29.98 -10.57
CA CYS I 199 7.89 28.58 -10.40
C CYS I 199 6.61 27.76 -10.35
N GLU I 200 6.42 26.89 -11.35
CA GLU I 200 5.21 26.08 -11.46
C GLU I 200 5.52 24.66 -11.01
N VAL I 201 4.81 24.20 -9.98
CA VAL I 201 5.03 22.89 -9.38
C VAL I 201 3.78 22.05 -9.61
N THR I 202 3.96 20.89 -10.25
CA THR I 202 2.89 19.93 -10.46
C THR I 202 3.17 18.70 -9.62
N HIS I 203 2.25 18.37 -8.71
CA HIS I 203 2.41 17.23 -7.81
C HIS I 203 1.06 16.58 -7.57
N GLN I 204 1.08 15.27 -7.30
CA GLN I 204 -0.14 14.52 -7.11
C GLN I 204 -0.99 15.09 -5.98
N GLY I 205 -0.35 15.56 -4.91
CA GLY I 205 -1.05 16.12 -3.77
C GLY I 205 -1.71 17.46 -4.02
N LEU I 206 -1.64 17.98 -5.24
CA LEU I 206 -2.25 19.25 -5.61
C LEU I 206 -3.28 19.00 -6.71
N SER I 207 -4.51 19.48 -6.49
CA SER I 207 -5.53 19.39 -7.53
C SER I 207 -5.20 20.33 -8.70
N SER I 208 -4.59 21.47 -8.42
CA SER I 208 -4.15 22.41 -9.42
C SER I 208 -2.66 22.67 -9.25
N PRO I 209 -1.96 22.98 -10.34
CA PRO I 209 -0.55 23.39 -10.22
C PRO I 209 -0.42 24.68 -9.43
N VAL I 210 0.56 24.70 -8.53
CA VAL I 210 0.82 25.83 -7.65
C VAL I 210 1.94 26.68 -8.25
N THR I 211 1.79 28.00 -8.18
CA THR I 211 2.78 28.92 -8.71
C THR I 211 3.16 29.93 -7.62
N LYS I 212 4.47 30.09 -7.41
CA LYS I 212 5.01 31.11 -6.52
C LYS I 212 5.99 31.96 -7.30
N SER I 213 5.81 33.28 -7.27
CA SER I 213 6.56 34.18 -8.13
C SER I 213 6.95 35.43 -7.37
N PHE I 214 7.98 36.10 -7.86
CA PHE I 214 8.38 37.43 -7.40
C PHE I 214 8.55 38.34 -8.60
N ASN I 215 8.38 39.65 -8.37
CA ASN I 215 8.29 40.62 -9.44
C ASN I 215 9.53 41.51 -9.56
N ARG I 216 10.66 41.07 -9.00
CA ARG I 216 11.92 41.83 -9.04
C ARG I 216 11.73 43.23 -8.47
N GLY I 217 11.09 43.30 -7.30
CA GLY I 217 10.86 44.56 -6.62
C GLY I 217 10.41 44.33 -5.20
N GLU I 218 10.46 45.40 -4.41
CA GLU I 218 10.09 45.37 -3.00
C GLU I 218 10.85 44.29 -2.23
N GLU J 6 -4.34 -16.39 11.41
CA GLU J 6 -3.75 -17.58 12.02
C GLU J 6 -4.33 -17.82 13.41
N VAL J 7 -4.44 -19.10 13.78
CA VAL J 7 -5.01 -19.49 15.06
C VAL J 7 -3.88 -19.65 16.06
N GLN J 8 -3.94 -18.88 17.15
CA GLN J 8 -2.87 -18.87 18.13
C GLN J 8 -3.38 -18.30 19.45
N LEU J 9 -2.61 -18.55 20.51
CA LEU J 9 -2.84 -17.95 21.81
C LEU J 9 -1.53 -17.35 22.29
N VAL J 10 -1.57 -16.07 22.67
CA VAL J 10 -0.37 -15.34 23.08
C VAL J 10 -0.57 -14.88 24.52
N GLU J 11 0.22 -15.44 25.43
CA GLU J 11 0.14 -15.08 26.83
C GLU J 11 0.89 -13.77 27.08
N SER J 12 0.66 -13.18 28.25
CA SER J 12 1.24 -11.90 28.58
C SER J 12 1.18 -11.69 30.10
N GLY J 13 1.95 -10.72 30.56
CA GLY J 13 1.84 -10.26 31.93
C GLY J 13 2.64 -11.02 32.97
N GLY J 14 3.47 -11.96 32.56
CA GLY J 14 4.29 -12.69 33.50
C GLY J 14 5.37 -11.82 34.10
N GLY J 15 5.96 -12.32 35.19
CA GLY J 15 7.03 -11.58 35.85
C GLY J 15 7.48 -12.18 37.16
N LEU J 16 7.74 -11.31 38.14
CA LEU J 16 8.29 -11.72 39.42
C LEU J 16 7.70 -10.87 40.54
N VAL J 17 7.37 -11.51 41.66
CA VAL J 17 6.80 -10.82 42.81
C VAL J 17 7.16 -11.60 44.07
N LYS J 18 7.09 -10.92 45.21
CA LYS J 18 7.39 -11.52 46.50
C LYS J 18 6.20 -12.33 47.01
N PRO J 19 6.42 -13.23 47.97
CA PRO J 19 5.29 -13.98 48.53
C PRO J 19 4.23 -13.06 49.11
N GLY J 20 2.98 -13.31 48.72
CA GLY J 20 1.89 -12.43 49.07
C GLY J 20 1.55 -11.40 48.03
N GLY J 21 2.42 -11.17 47.05
CA GLY J 21 2.16 -10.25 45.98
C GLY J 21 1.08 -10.77 45.03
N SER J 22 0.94 -10.07 43.91
CA SER J 22 -0.11 -10.41 42.96
C SER J 22 0.31 -10.02 41.54
N LEU J 23 -0.06 -10.86 40.58
CA LEU J 23 0.16 -10.62 39.16
C LEU J 23 -1.11 -10.98 38.40
N ARG J 24 -1.23 -10.43 37.19
CA ARG J 24 -2.39 -10.68 36.33
C ARG J 24 -1.91 -11.08 34.95
N LEU J 25 -2.24 -12.30 34.53
CA LEU J 25 -1.81 -12.84 33.26
C LEU J 25 -2.91 -12.66 32.22
N SER J 26 -2.51 -12.28 31.01
CA SER J 26 -3.42 -12.07 29.90
C SER J 26 -3.18 -13.12 28.82
N CYS J 27 -4.15 -13.23 27.91
CA CYS J 27 -4.04 -14.16 26.79
C CYS J 27 -4.92 -13.64 25.67
N GLU J 28 -4.31 -13.28 24.55
CA GLU J 28 -5.02 -12.73 23.40
C GLU J 28 -5.13 -13.81 22.33
N ALA J 29 -6.36 -14.24 22.05
CA ALA J 29 -6.62 -15.24 21.02
C ALA J 29 -6.95 -14.58 19.70
N SER J 30 -6.67 -15.29 18.61
CA SER J 30 -6.96 -14.79 17.27
C SER J 30 -7.02 -15.96 16.32
N GLY J 31 -7.84 -15.81 15.27
CA GLY J 31 -8.02 -16.84 14.27
C GLY J 31 -9.32 -17.61 14.36
N PHE J 32 -10.07 -17.45 15.45
CA PHE J 32 -11.31 -18.18 15.66
C PHE J 32 -12.25 -17.34 16.50
N LEU J 33 -13.52 -17.74 16.51
CA LEU J 33 -14.52 -17.03 17.30
C LEU J 33 -14.32 -17.37 18.77
N PHE J 34 -13.79 -16.40 19.53
CA PHE J 34 -13.41 -16.65 20.92
C PHE J 34 -14.61 -17.02 21.78
N SER J 35 -15.80 -16.49 21.47
CA SER J 35 -16.94 -16.68 22.34
C SER J 35 -17.45 -18.11 22.37
N SER J 36 -17.18 -18.90 21.33
CA SER J 36 -17.75 -20.24 21.26
C SER J 36 -16.96 -21.29 22.05
N TYR J 37 -15.78 -20.95 22.53
CA TYR J 37 -14.89 -21.92 23.18
C TYR J 37 -14.75 -21.62 24.66
N SER J 38 -14.63 -22.68 25.46
CA SER J 38 -14.18 -22.53 26.82
C SER J 38 -12.66 -22.36 26.84
N MET J 39 -12.15 -21.74 27.90
CA MET J 39 -10.72 -21.47 28.03
C MET J 39 -10.20 -21.95 29.37
N ASN J 40 -8.91 -22.27 29.42
CA ASN J 40 -8.30 -22.84 30.61
C ASN J 40 -6.92 -22.23 30.84
N TRP J 41 -6.41 -22.46 32.04
CA TRP J 41 -5.03 -22.13 32.41
C TRP J 41 -4.36 -23.40 32.93
N VAL J 42 -3.22 -23.74 32.35
CA VAL J 42 -2.43 -24.90 32.78
C VAL J 42 -1.01 -24.42 33.06
N ARG J 43 -0.50 -24.77 34.24
CA ARG J 43 0.85 -24.37 34.65
C ARG J 43 1.76 -25.58 34.77
N GLN J 44 3.06 -25.35 34.59
CA GLN J 44 4.07 -26.40 34.66
C GLN J 44 5.25 -25.88 35.44
N ALA J 45 5.49 -26.46 36.62
CA ALA J 45 6.65 -26.11 37.41
C ALA J 45 7.93 -26.53 36.69
N PRO J 46 9.03 -25.80 36.92
CA PRO J 46 10.30 -26.15 36.24
C PRO J 46 10.71 -27.59 36.53
N GLY J 47 10.86 -28.38 35.46
CA GLY J 47 11.25 -29.76 35.61
C GLY J 47 10.17 -30.69 36.12
N LYS J 48 8.95 -30.21 36.30
CA LYS J 48 7.84 -31.02 36.79
C LYS J 48 6.77 -31.13 35.69
N GLY J 49 5.61 -31.66 36.07
CA GLY J 49 4.57 -32.00 35.12
C GLY J 49 3.49 -30.94 35.03
N LEU J 50 2.43 -31.29 34.28
CA LEU J 50 1.33 -30.38 34.03
C LEU J 50 0.34 -30.38 35.19
N GLU J 51 -0.10 -29.19 35.59
CA GLU J 51 -1.12 -29.03 36.63
C GLU J 51 -2.17 -28.04 36.13
N TRP J 52 -3.43 -28.48 36.10
CA TRP J 52 -4.52 -27.63 35.68
C TRP J 52 -4.82 -26.59 36.75
N VAL J 53 -4.97 -25.32 36.34
CA VAL J 53 -5.16 -24.24 37.29
C VAL J 53 -6.64 -23.88 37.40
N SER J 54 -7.27 -23.54 36.28
CA SER J 54 -8.66 -23.08 36.29
C SER J 54 -9.22 -23.16 34.88
N SER J 55 -10.54 -22.97 34.79
CA SER J 55 -11.25 -23.02 33.53
C SER J 55 -12.43 -22.06 33.57
N ILE J 56 -12.80 -21.57 32.39
CA ILE J 56 -13.94 -20.67 32.24
C ILE J 56 -14.69 -21.07 30.98
N THR J 57 -16.02 -20.97 31.02
CA THR J 57 -16.84 -21.36 29.88
C THR J 57 -16.88 -20.23 28.85
N GLY J 58 -17.66 -20.46 27.78
CA GLY J 58 -17.66 -19.53 26.67
C GLY J 58 -18.09 -18.14 27.05
N TYR J 59 -19.15 -18.02 27.84
CA TYR J 59 -19.71 -16.73 28.22
C TYR J 59 -19.67 -16.52 29.72
N SER J 60 -18.62 -17.01 30.37
CA SER J 60 -18.40 -16.85 31.81
C SER J 60 -19.60 -17.35 32.63
N SER J 61 -20.32 -18.34 32.09
CA SER J 61 -21.45 -18.91 32.82
C SER J 61 -20.99 -19.66 34.06
N GLU J 62 -19.87 -20.39 33.96
CA GLU J 62 -19.31 -21.11 35.08
C GLU J 62 -17.79 -20.99 35.05
N VAL J 63 -17.19 -21.01 36.24
CA VAL J 63 -15.73 -21.02 36.36
C VAL J 63 -15.35 -22.03 37.43
N PHE J 64 -14.15 -22.60 37.30
CA PHE J 64 -13.69 -23.63 38.20
C PHE J 64 -12.22 -23.40 38.51
N TYR J 65 -11.79 -23.91 39.67
CA TYR J 65 -10.41 -23.74 40.11
C TYR J 65 -9.90 -25.04 40.72
N THR J 66 -8.58 -25.19 40.70
CA THR J 66 -7.94 -26.25 41.46
C THR J 66 -7.85 -25.82 42.93
N ASP J 67 -7.85 -26.81 43.82
CA ASP J 67 -7.93 -26.52 45.25
C ASP J 67 -6.78 -25.62 45.72
N SER J 68 -5.58 -25.81 45.15
CA SER J 68 -4.41 -25.06 45.60
C SER J 68 -4.53 -23.56 45.40
N VAL J 69 -5.36 -23.11 44.46
CA VAL J 69 -5.52 -21.69 44.17
C VAL J 69 -6.92 -21.19 44.50
N LYS J 70 -7.82 -22.06 44.95
CA LYS J 70 -9.15 -21.63 45.34
C LYS J 70 -9.07 -20.56 46.42
N GLY J 71 -9.76 -19.45 46.21
CA GLY J 71 -9.72 -18.33 47.12
C GLY J 71 -8.56 -17.37 46.91
N ARG J 72 -7.63 -17.71 46.01
CA ARG J 72 -6.50 -16.82 45.71
C ARG J 72 -6.50 -16.33 44.27
N PHE J 73 -6.98 -17.12 43.32
CA PHE J 73 -7.01 -16.77 41.91
C PHE J 73 -8.43 -16.41 41.48
N THR J 74 -8.53 -15.81 40.29
CA THR J 74 -9.81 -15.47 39.69
C THR J 74 -9.63 -15.42 38.18
N VAL J 75 -10.59 -15.97 37.45
CA VAL J 75 -10.54 -16.01 36.00
C VAL J 75 -11.65 -15.13 35.44
N SER J 76 -11.34 -14.45 34.34
CA SER J 76 -12.30 -13.61 33.64
C SER J 76 -11.91 -13.56 32.17
N ARG J 77 -12.91 -13.38 31.31
CA ARG J 77 -12.68 -13.26 29.87
C ARG J 77 -13.47 -12.09 29.31
N ASP J 78 -12.92 -11.48 28.27
CA ASP J 78 -13.55 -10.38 27.56
C ASP J 78 -13.66 -10.78 26.09
N ASN J 79 -14.81 -11.33 25.71
CA ASN J 79 -14.99 -11.79 24.34
C ASN J 79 -14.92 -10.64 23.35
N SER J 80 -15.21 -9.41 23.79
CA SER J 80 -15.05 -8.26 22.92
C SER J 80 -13.60 -8.02 22.57
N LYS J 81 -12.68 -8.34 23.49
CA LYS J 81 -11.25 -8.16 23.28
C LYS J 81 -10.54 -9.47 22.99
N ASN J 82 -11.28 -10.56 22.79
CA ASN J 82 -10.70 -11.89 22.51
C ASN J 82 -9.61 -12.24 23.53
N SER J 83 -9.85 -11.88 24.79
CA SER J 83 -8.82 -11.93 25.82
C SER J 83 -9.28 -12.79 26.98
N LEU J 84 -8.34 -13.56 27.53
CA LEU J 84 -8.53 -14.34 28.74
C LEU J 84 -7.60 -13.78 29.82
N TYR J 85 -8.10 -13.74 31.05
CA TYR J 85 -7.38 -13.14 32.16
C TYR J 85 -7.30 -14.10 33.32
N LEU J 86 -6.21 -14.00 34.08
CA LEU J 86 -6.05 -14.75 35.32
C LEU J 86 -5.49 -13.79 36.36
N GLN J 87 -6.27 -13.52 37.40
CA GLN J 87 -5.84 -12.66 38.50
C GLN J 87 -5.32 -13.56 39.61
N MET J 88 -4.01 -13.47 39.87
CA MET J 88 -3.36 -14.30 40.88
C MET J 88 -3.01 -13.43 42.08
N ASP J 89 -3.74 -13.60 43.18
CA ASP J 89 -3.55 -12.83 44.39
C ASP J 89 -3.00 -13.72 45.50
N SER J 90 -2.19 -13.12 46.38
CA SER J 90 -1.57 -13.81 47.50
C SER J 90 -0.77 -15.02 47.02
N LEU J 91 0.25 -14.73 46.21
CA LEU J 91 1.04 -15.79 45.58
C LEU J 91 1.96 -16.48 46.59
N ARG J 92 2.27 -17.74 46.31
CA ARG J 92 3.11 -18.54 47.18
C ARG J 92 4.33 -19.03 46.41
N ALA J 93 5.27 -19.61 47.15
CA ALA J 93 6.48 -20.13 46.53
C ALA J 93 6.15 -21.23 45.53
N GLU J 94 5.25 -22.14 45.89
CA GLU J 94 4.90 -23.26 45.03
C GLU J 94 4.17 -22.82 43.76
N ASP J 95 3.89 -21.54 43.58
CA ASP J 95 3.24 -21.03 42.38
C ASP J 95 4.22 -20.72 41.26
N THR J 96 5.52 -20.91 41.48
CA THR J 96 6.51 -20.68 40.43
C THR J 96 6.35 -21.75 39.35
N ALA J 97 5.92 -21.32 38.17
CA ALA J 97 5.68 -22.25 37.06
C ALA J 97 5.52 -21.45 35.78
N VAL J 98 5.54 -22.16 34.66
CA VAL J 98 5.20 -21.56 33.37
C VAL J 98 3.71 -21.76 33.14
N TYR J 99 2.97 -20.66 33.04
CA TYR J 99 1.52 -20.72 32.90
C TYR J 99 1.16 -20.68 31.43
N TYR J 100 0.31 -21.61 31.01
CA TYR J 100 -0.10 -21.76 29.62
C TYR J 100 -1.55 -21.31 29.46
N CYS J 101 -1.85 -20.68 28.33
CA CYS J 101 -3.21 -20.40 27.93
C CYS J 101 -3.66 -21.53 27.00
N ALA J 102 -4.74 -22.22 27.38
CA ALA J 102 -5.20 -23.39 26.63
C ALA J 102 -6.67 -23.23 26.27
N ARG J 103 -7.02 -23.71 25.08
CA ARG J 103 -8.39 -23.66 24.57
C ARG J 103 -9.05 -25.02 24.72
N ALA J 104 -10.31 -25.02 25.13
CA ALA J 104 -11.03 -26.27 25.30
C ALA J 104 -11.43 -26.87 23.95
N LEU J 105 -11.28 -28.18 23.83
CA LEU J 105 -11.60 -28.87 22.58
C LEU J 105 -13.12 -28.91 22.42
N THR J 106 -13.63 -28.13 21.47
CA THR J 106 -15.05 -28.10 21.19
C THR J 106 -15.33 -28.72 19.82
N ILE J 107 -16.44 -29.44 19.72
CA ILE J 107 -16.83 -30.13 18.50
C ILE J 107 -18.06 -29.44 17.92
N PHE J 108 -18.05 -29.25 16.60
CA PHE J 108 -19.13 -28.62 15.87
C PHE J 108 -19.75 -29.66 14.93
N GLY J 109 -20.77 -30.34 15.42
CA GLY J 109 -21.50 -31.31 14.62
C GLY J 109 -22.93 -30.88 14.38
N VAL J 110 -23.89 -31.76 14.66
CA VAL J 110 -25.28 -31.34 14.59
C VAL J 110 -25.61 -30.41 15.75
N VAL J 111 -24.84 -30.48 16.84
CA VAL J 111 -24.91 -29.55 17.95
C VAL J 111 -23.49 -29.26 18.40
N ILE J 112 -23.35 -28.22 19.22
CA ILE J 112 -22.05 -27.83 19.76
C ILE J 112 -21.80 -28.61 21.05
N THR J 113 -20.64 -29.27 21.11
CA THR J 113 -20.24 -30.02 22.30
C THR J 113 -18.74 -29.87 22.47
N ASP J 114 -18.29 -29.94 23.73
CA ASP J 114 -16.87 -29.80 24.03
C ASP J 114 -16.46 -30.80 25.10
N TYR J 115 -15.15 -31.01 25.21
CA TYR J 115 -14.55 -31.81 26.27
C TYR J 115 -13.68 -30.92 27.14
N TRP J 116 -13.43 -31.37 28.36
CA TRP J 116 -12.51 -30.67 29.25
C TRP J 116 -11.06 -31.12 29.00
N PHE J 117 -10.68 -31.13 27.73
CA PHE J 117 -9.31 -31.30 27.27
C PHE J 117 -8.84 -30.01 26.62
N PHE J 118 -7.63 -30.02 26.08
CA PHE J 118 -6.99 -28.80 25.58
C PHE J 118 -6.37 -29.05 24.21
N ASP J 119 -6.99 -28.51 23.17
CA ASP J 119 -6.56 -28.72 21.79
C ASP J 119 -5.67 -27.61 21.25
N LEU J 120 -5.60 -26.46 21.93
CA LEU J 120 -4.81 -25.34 21.46
C LEU J 120 -4.06 -24.73 22.64
N TRP J 121 -2.76 -24.51 22.48
CA TRP J 121 -1.93 -23.99 23.55
C TRP J 121 -1.21 -22.74 23.08
N GLY J 122 -0.67 -21.99 24.05
CA GLY J 122 0.18 -20.86 23.78
C GLY J 122 1.62 -21.14 24.20
N ARG J 123 2.48 -20.17 23.91
CA ARG J 123 3.89 -20.34 24.24
C ARG J 123 4.13 -20.32 25.75
N GLY J 124 3.26 -19.65 26.50
CA GLY J 124 3.38 -19.60 27.94
C GLY J 124 4.29 -18.49 28.43
N THR J 125 4.10 -18.11 29.70
CA THR J 125 4.94 -17.12 30.35
C THR J 125 5.40 -17.64 31.69
N LEU J 126 6.57 -17.17 32.13
CA LEU J 126 7.16 -17.60 33.38
C LEU J 126 6.70 -16.70 34.53
N VAL J 127 6.26 -17.33 35.62
CA VAL J 127 5.88 -16.63 36.84
C VAL J 127 6.74 -17.16 37.97
N THR J 128 7.52 -16.28 38.58
CA THR J 128 8.41 -16.64 39.67
C THR J 128 8.00 -15.88 40.92
N VAL J 129 7.79 -16.61 42.01
CA VAL J 129 7.39 -16.05 43.30
C VAL J 129 8.45 -16.42 44.31
N SER J 130 9.23 -15.44 44.75
CA SER J 130 10.27 -15.68 45.74
C SER J 130 10.60 -14.36 46.44
N SER J 131 11.00 -14.46 47.70
CA SER J 131 11.39 -13.28 48.46
C SER J 131 12.75 -12.73 48.03
N ALA J 132 13.54 -13.52 47.30
CA ALA J 132 14.83 -13.05 46.82
C ALA J 132 14.65 -11.92 45.82
N SER J 133 15.62 -11.02 45.77
CA SER J 133 15.62 -9.88 44.88
C SER J 133 16.48 -10.16 43.66
N THR J 134 16.30 -9.34 42.63
CA THR J 134 17.01 -9.51 41.38
C THR J 134 18.50 -9.25 41.59
N LYS J 135 19.33 -10.25 41.31
CA LYS J 135 20.78 -10.16 41.48
C LYS J 135 21.48 -10.63 40.22
N GLY J 136 22.50 -9.88 39.80
CA GLY J 136 23.28 -10.23 38.64
C GLY J 136 24.15 -11.46 38.88
N PRO J 137 24.47 -12.18 37.82
CA PRO J 137 25.27 -13.40 37.98
C PRO J 137 26.76 -13.10 38.05
N SER J 138 27.44 -13.81 38.93
CA SER J 138 28.90 -13.81 38.99
C SER J 138 29.40 -15.06 38.28
N VAL J 139 30.37 -14.89 37.38
CA VAL J 139 30.80 -15.95 36.47
C VAL J 139 32.25 -16.29 36.77
N PHE J 140 32.53 -17.58 36.98
CA PHE J 140 33.86 -18.08 37.29
C PHE J 140 34.32 -19.08 36.25
N PRO J 141 35.59 -19.03 35.84
CA PRO J 141 36.07 -19.95 34.79
C PRO J 141 36.42 -21.31 35.36
N LEU J 142 35.84 -22.35 34.76
CA LEU J 142 36.24 -23.73 35.06
C LEU J 142 37.32 -24.12 34.04
N ALA J 143 38.54 -23.67 34.34
CA ALA J 143 39.62 -23.72 33.39
C ALA J 143 40.08 -25.16 33.13
N PRO J 144 40.55 -25.46 31.93
CA PRO J 144 41.09 -26.79 31.65
C PRO J 144 42.57 -26.88 32.02
N SER J 145 42.99 -28.10 32.36
CA SER J 145 44.36 -28.37 32.72
C SER J 145 44.84 -29.60 31.96
N SER J 146 46.17 -29.67 31.75
CA SER J 146 46.75 -30.80 31.04
C SER J 146 46.61 -32.10 31.82
N LYS J 147 46.42 -32.04 33.14
CA LYS J 147 46.26 -33.25 33.93
C LYS J 147 44.87 -33.85 33.79
N SER J 148 43.85 -33.02 33.61
CA SER J 148 42.47 -33.48 33.50
C SER J 148 42.05 -33.79 32.06
N THR J 149 42.96 -33.65 31.09
CA THR J 149 42.63 -33.94 29.71
C THR J 149 42.44 -35.44 29.49
N SER J 150 41.61 -35.77 28.50
CA SER J 150 41.39 -37.16 28.13
C SER J 150 42.46 -37.60 27.12
N GLY J 151 42.09 -38.49 26.21
CA GLY J 151 43.01 -38.92 25.17
C GLY J 151 43.46 -37.77 24.30
N GLY J 152 42.49 -37.08 23.69
CA GLY J 152 42.80 -35.96 22.83
C GLY J 152 41.82 -34.81 22.98
N THR J 153 40.88 -34.95 23.92
CA THR J 153 39.87 -33.93 24.18
C THR J 153 40.12 -33.28 25.54
N ALA J 154 39.89 -31.97 25.61
CA ALA J 154 39.98 -31.22 26.85
C ALA J 154 38.65 -30.55 27.13
N ALA J 155 38.26 -30.52 28.40
CA ALA J 155 36.99 -29.96 28.82
C ALA J 155 37.21 -28.68 29.60
N LEU J 156 36.58 -27.59 29.15
CA LEU J 156 36.60 -26.32 29.85
C LEU J 156 35.17 -25.80 29.97
N GLY J 157 34.92 -25.07 31.06
CA GLY J 157 33.56 -24.67 31.35
C GLY J 157 33.42 -23.24 31.85
N CYS J 158 32.26 -22.96 32.45
CA CYS J 158 31.89 -21.59 32.83
C CYS J 158 30.75 -21.68 33.83
N LEU J 159 31.04 -21.46 35.11
CA LEU J 159 30.04 -21.61 36.17
C LEU J 159 29.36 -20.27 36.41
N VAL J 160 28.08 -20.19 36.08
CA VAL J 160 27.27 -18.98 36.31
C VAL J 160 26.61 -19.14 37.68
N LYS J 161 27.19 -18.47 38.68
CA LYS J 161 26.84 -18.69 40.07
C LYS J 161 26.01 -17.53 40.61
N ASP J 162 24.98 -17.87 41.40
CA ASP J 162 24.21 -16.91 42.18
C ASP J 162 23.62 -15.78 41.35
N TYR J 163 22.48 -16.05 40.71
CA TYR J 163 21.73 -15.02 40.00
C TYR J 163 20.23 -15.24 40.27
N PHE J 164 19.46 -14.20 39.98
CA PHE J 164 18.01 -14.25 40.21
C PHE J 164 17.32 -13.15 39.42
N PRO J 165 16.22 -13.45 38.73
CA PRO J 165 15.69 -14.81 38.60
C PRO J 165 16.04 -15.45 37.25
N GLU J 166 15.31 -16.50 36.89
CA GLU J 166 15.53 -17.13 35.59
C GLU J 166 15.01 -16.23 34.47
N PRO J 167 15.55 -16.38 33.25
CA PRO J 167 16.63 -17.29 32.84
C PRO J 167 17.91 -16.58 32.39
N VAL J 168 18.94 -17.36 32.10
CA VAL J 168 20.19 -16.85 31.55
C VAL J 168 20.41 -17.47 30.18
N THR J 169 21.22 -16.79 29.37
CA THR J 169 21.63 -17.30 28.06
C THR J 169 23.15 -17.27 28.01
N VAL J 170 23.76 -18.42 27.75
CA VAL J 170 25.22 -18.55 27.72
C VAL J 170 25.62 -19.04 26.34
N SER J 171 26.51 -18.29 25.69
CA SER J 171 27.06 -18.66 24.40
C SER J 171 28.59 -18.63 24.47
N TRP J 172 29.23 -19.25 23.49
CA TRP J 172 30.68 -19.34 23.43
C TRP J 172 31.17 -18.70 22.13
N ASN J 173 32.14 -17.78 22.26
CA ASN J 173 32.70 -17.04 21.12
C ASN J 173 31.62 -16.32 20.33
N SER J 174 30.58 -15.85 21.01
CA SER J 174 29.48 -15.09 20.42
C SER J 174 28.75 -15.88 19.34
N GLY J 175 28.72 -17.20 19.48
CA GLY J 175 28.03 -18.07 18.55
C GLY J 175 28.93 -18.84 17.59
N ALA J 176 30.21 -18.49 17.51
CA ALA J 176 31.11 -19.18 16.60
C ALA J 176 31.41 -20.60 17.03
N LEU J 177 31.29 -20.90 18.33
CA LEU J 177 31.54 -22.24 18.87
C LEU J 177 30.24 -22.78 19.45
N THR J 178 29.70 -23.83 18.82
CA THR J 178 28.43 -24.40 19.25
C THR J 178 28.52 -25.91 19.44
N SER J 179 29.37 -26.58 18.66
CA SER J 179 29.50 -28.02 18.80
C SER J 179 30.26 -28.38 20.07
N GLY J 180 29.86 -29.48 20.70
CA GLY J 180 30.45 -29.90 21.95
C GLY J 180 30.04 -29.09 23.16
N VAL J 181 29.12 -28.15 23.02
CA VAL J 181 28.70 -27.28 24.11
C VAL J 181 27.52 -27.91 24.82
N HIS J 182 27.55 -27.87 26.15
CA HIS J 182 26.49 -28.40 27.00
C HIS J 182 26.18 -27.35 28.07
N THR J 183 25.22 -26.48 27.81
CA THR J 183 24.73 -25.57 28.83
C THR J 183 23.68 -26.29 29.66
N PHE J 184 23.96 -26.46 30.94
CA PHE J 184 23.13 -27.30 31.81
C PHE J 184 21.98 -26.50 32.42
N PRO J 185 20.87 -27.18 32.71
CA PRO J 185 19.79 -26.51 33.44
C PRO J 185 20.26 -25.98 34.79
N ALA J 186 19.69 -24.86 35.20
CA ALA J 186 20.03 -24.24 36.47
C ALA J 186 19.43 -25.03 37.63
N VAL J 187 20.10 -24.96 38.78
CA VAL J 187 19.60 -25.53 40.02
C VAL J 187 19.31 -24.38 40.98
N LEU J 188 18.22 -24.52 41.73
CA LEU J 188 17.86 -23.52 42.73
C LEU J 188 18.58 -23.85 44.03
N GLN J 189 19.56 -23.02 44.39
CA GLN J 189 20.36 -23.29 45.57
C GLN J 189 19.54 -23.00 46.84
N SER J 190 20.10 -23.42 47.98
CA SER J 190 19.47 -23.11 49.26
C SER J 190 19.44 -21.60 49.50
N SER J 191 20.37 -20.85 48.91
CA SER J 191 20.38 -19.40 49.02
C SER J 191 19.20 -18.74 48.33
N GLY J 192 18.39 -19.49 47.59
CA GLY J 192 17.35 -18.92 46.79
C GLY J 192 17.79 -18.38 45.45
N LEU J 193 19.08 -18.43 45.15
CA LEU J 193 19.63 -17.97 43.88
C LEU J 193 19.89 -19.16 42.97
N TYR J 194 19.80 -18.92 41.66
CA TYR J 194 20.04 -19.95 40.67
C TYR J 194 21.53 -20.04 40.32
N SER J 195 21.92 -21.19 39.79
CA SER J 195 23.31 -21.42 39.40
C SER J 195 23.36 -22.56 38.40
N LEU J 196 24.17 -22.39 37.35
CA LEU J 196 24.37 -23.44 36.38
C LEU J 196 25.80 -23.38 35.86
N SER J 197 26.14 -24.30 34.97
CA SER J 197 27.45 -24.36 34.36
C SER J 197 27.29 -24.69 32.89
N SER J 198 28.10 -24.04 32.05
CA SER J 198 28.14 -24.31 30.63
C SER J 198 29.54 -24.78 30.25
N VAL J 199 29.64 -26.01 29.77
CA VAL J 199 30.91 -26.62 29.45
C VAL J 199 31.00 -26.85 27.95
N VAL J 200 32.21 -27.15 27.48
CA VAL J 200 32.44 -27.44 26.07
C VAL J 200 33.67 -28.34 25.97
N THR J 201 33.54 -29.41 25.18
CA THR J 201 34.66 -30.32 24.93
C THR J 201 35.37 -29.88 23.65
N VAL J 202 36.68 -29.65 23.76
CA VAL J 202 37.46 -29.15 22.64
C VAL J 202 38.69 -30.03 22.49
N PRO J 203 39.34 -30.00 21.32
CA PRO J 203 40.63 -30.70 21.19
C PRO J 203 41.65 -30.14 22.15
N SER J 204 42.48 -31.04 22.70
CA SER J 204 43.52 -30.61 23.63
C SER J 204 44.62 -29.85 22.93
N SER J 205 44.83 -30.10 21.64
CA SER J 205 45.86 -29.39 20.88
C SER J 205 45.47 -27.93 20.62
N SER J 206 44.18 -27.61 20.68
CA SER J 206 43.71 -26.26 20.37
C SER J 206 43.77 -25.31 21.55
N LEU J 207 44.19 -25.79 22.74
CA LEU J 207 44.13 -24.93 23.93
C LEU J 207 45.17 -23.81 23.86
N GLY J 208 46.37 -24.12 23.39
CA GLY J 208 47.42 -23.12 23.32
C GLY J 208 47.29 -22.08 22.23
N THR J 209 46.27 -22.19 21.36
CA THR J 209 46.17 -21.31 20.21
C THR J 209 44.82 -20.60 20.12
N GLN J 210 43.73 -21.34 20.29
CA GLN J 210 42.39 -20.79 20.10
C GLN J 210 41.81 -20.29 21.42
N THR J 211 41.06 -19.20 21.35
CA THR J 211 40.48 -18.57 22.53
C THR J 211 39.02 -18.97 22.70
N TYR J 212 38.59 -19.02 23.97
CA TYR J 212 37.22 -19.40 24.31
C TYR J 212 36.62 -18.33 25.20
N ILE J 213 35.59 -17.66 24.69
CA ILE J 213 34.93 -16.56 25.39
C ILE J 213 33.55 -17.03 25.83
N CYS J 214 33.22 -16.77 27.09
CA CYS J 214 31.99 -17.22 27.72
C CYS J 214 31.05 -16.04 27.86
N ASN J 215 30.03 -15.98 26.99
CA ASN J 215 29.10 -14.86 26.93
C ASN J 215 27.83 -15.21 27.69
N VAL J 216 27.54 -14.44 28.76
CA VAL J 216 26.34 -14.62 29.56
C VAL J 216 25.48 -13.37 29.43
N ASN J 217 24.16 -13.57 29.47
CA ASN J 217 23.20 -12.47 29.36
C ASN J 217 22.05 -12.72 30.32
N HIS J 218 21.86 -11.81 31.27
CA HIS J 218 20.79 -11.89 32.25
C HIS J 218 19.87 -10.69 32.05
N LYS J 219 18.78 -10.88 31.30
CA LYS J 219 17.90 -9.76 30.98
C LYS J 219 17.18 -9.17 32.20
N PRO J 220 16.67 -9.96 33.17
CA PRO J 220 15.99 -9.32 34.31
C PRO J 220 16.87 -8.37 35.10
N SER J 221 18.17 -8.64 35.19
CA SER J 221 19.10 -7.75 35.87
C SER J 221 19.87 -6.85 34.91
N ASN J 222 19.72 -7.04 33.59
CA ASN J 222 20.37 -6.23 32.58
C ASN J 222 21.90 -6.25 32.73
N THR J 223 22.46 -7.45 32.85
CA THR J 223 23.90 -7.64 32.94
C THR J 223 24.36 -8.56 31.80
N LYS J 224 25.54 -8.26 31.27
CA LYS J 224 26.15 -9.06 30.21
C LYS J 224 27.63 -9.22 30.53
N VAL J 225 28.07 -10.47 30.73
CA VAL J 225 29.43 -10.76 31.18
C VAL J 225 30.12 -11.62 30.13
N ASP J 226 31.38 -11.29 29.85
CA ASP J 226 32.23 -12.05 28.93
C ASP J 226 33.49 -12.45 29.68
N LYS J 227 33.57 -13.72 30.06
CA LYS J 227 34.69 -14.26 30.83
C LYS J 227 35.56 -15.12 29.93
N LYS J 228 36.80 -14.70 29.73
CA LYS J 228 37.77 -15.49 29.00
C LYS J 228 38.33 -16.58 29.92
N VAL J 229 38.21 -17.83 29.49
CA VAL J 229 38.65 -18.97 30.29
C VAL J 229 39.98 -19.42 29.73
N GLU J 230 41.07 -18.85 30.25
CA GLU J 230 42.42 -19.26 29.89
C GLU J 230 42.88 -20.38 30.83
N PRO J 231 43.59 -21.39 30.30
CA PRO J 231 44.07 -22.53 31.09
C PRO J 231 44.92 -22.13 32.29
N GLU K 6 -8.82 -35.80 44.92
CA GLU K 6 -8.06 -35.76 43.68
C GLU K 6 -7.86 -37.17 43.10
N ILE K 7 -8.17 -37.34 41.81
CA ILE K 7 -8.04 -38.63 41.15
C ILE K 7 -6.64 -38.67 40.53
N VAL K 8 -5.71 -39.36 41.19
CA VAL K 8 -4.33 -39.42 40.74
C VAL K 8 -4.20 -40.39 39.57
N LEU K 9 -3.26 -40.10 38.68
CA LEU K 9 -3.00 -40.93 37.50
C LEU K 9 -1.53 -41.34 37.52
N THR K 10 -1.28 -42.63 37.73
CA THR K 10 0.08 -43.16 37.69
C THR K 10 0.37 -43.70 36.30
N GLN K 11 1.60 -43.47 35.83
CA GLN K 11 1.94 -43.75 34.44
C GLN K 11 3.08 -44.74 34.27
N SER K 12 3.45 -45.48 35.31
CA SER K 12 4.60 -46.37 35.23
C SER K 12 4.40 -47.38 34.09
N PRO K 13 5.46 -47.69 33.32
CA PRO K 13 6.87 -47.32 33.47
C PRO K 13 7.16 -45.83 33.30
N ALA K 14 7.99 -45.27 34.19
CA ALA K 14 8.25 -43.84 34.18
C ALA K 14 9.04 -43.38 32.97
N THR K 15 9.69 -44.29 32.25
CA THR K 15 10.45 -43.93 31.06
C THR K 15 10.65 -45.18 30.20
N LEU K 16 10.67 -44.97 28.89
CA LEU K 16 10.90 -46.05 27.92
C LEU K 16 12.09 -45.68 27.05
N SER K 17 12.92 -46.68 26.75
CA SER K 17 14.10 -46.52 25.90
C SER K 17 13.97 -47.48 24.73
N LEU K 18 13.41 -47.01 23.63
CA LEU K 18 13.23 -47.81 22.42
C LEU K 18 13.86 -47.09 21.24
N SER K 19 13.85 -47.75 20.09
CA SER K 19 14.45 -47.24 18.87
C SER K 19 13.40 -47.07 17.78
N PRO K 20 13.69 -46.30 16.73
CA PRO K 20 12.74 -46.19 15.62
C PRO K 20 12.41 -47.56 15.05
N GLY K 21 11.11 -47.77 14.80
CA GLY K 21 10.60 -49.04 14.34
C GLY K 21 9.98 -49.90 15.42
N ASP K 22 10.34 -49.68 16.67
CA ASP K 22 9.78 -50.44 17.78
C ASP K 22 8.35 -49.97 18.08
N ARG K 23 7.72 -50.63 19.04
CA ARG K 23 6.35 -50.32 19.44
C ARG K 23 6.35 -49.88 20.89
N ALA K 24 5.94 -48.62 21.12
CA ALA K 24 5.85 -48.06 22.46
C ALA K 24 4.42 -48.21 22.96
N THR K 25 4.26 -48.86 24.13
CA THR K 25 2.97 -49.11 24.74
C THR K 25 3.02 -48.56 26.17
N LEU K 26 2.57 -47.33 26.35
CA LEU K 26 2.61 -46.65 27.64
C LEU K 26 1.28 -46.83 28.38
N SER K 27 1.36 -46.75 29.70
CA SER K 27 0.22 -47.03 30.55
C SER K 27 -0.12 -45.82 31.42
N CYS K 28 -1.39 -45.73 31.81
CA CYS K 28 -1.87 -44.72 32.74
C CYS K 28 -2.99 -45.34 33.56
N ARG K 29 -2.79 -45.45 34.87
CA ARG K 29 -3.76 -46.03 35.78
C ARG K 29 -4.28 -44.95 36.72
N ALA K 30 -5.57 -45.02 37.04
CA ALA K 30 -6.24 -44.02 37.85
C ALA K 30 -6.66 -44.60 39.20
N SER K 31 -6.67 -43.74 40.22
CA SER K 31 -7.11 -44.17 41.55
C SER K 31 -8.59 -44.55 41.53
N GLN K 32 -9.46 -43.60 41.26
CA GLN K 32 -10.87 -43.88 41.03
C GLN K 32 -11.10 -44.21 39.56
N SER K 33 -12.29 -44.70 39.25
CA SER K 33 -12.65 -44.97 37.86
C SER K 33 -13.07 -43.68 37.18
N VAL K 34 -12.58 -43.46 35.97
CA VAL K 34 -12.90 -42.27 35.20
C VAL K 34 -13.68 -42.61 33.93
N THR K 35 -14.38 -43.75 33.93
CA THR K 35 -15.07 -44.27 32.75
C THR K 35 -14.10 -44.33 31.57
N THR K 36 -14.40 -43.58 30.51
CA THR K 36 -13.52 -43.51 29.35
C THR K 36 -13.14 -42.07 29.04
N PHE K 37 -13.12 -41.21 30.05
CA PHE K 37 -12.86 -39.78 29.86
C PHE K 37 -11.39 -39.48 30.17
N LEU K 38 -10.52 -39.94 29.27
CA LEU K 38 -9.08 -39.76 29.42
C LEU K 38 -8.48 -39.25 28.12
N ALA K 39 -7.45 -38.41 28.25
CA ALA K 39 -6.77 -37.83 27.11
C ALA K 39 -5.27 -38.07 27.22
N TRP K 40 -4.60 -37.98 26.08
CA TRP K 40 -3.16 -38.16 25.98
C TRP K 40 -2.54 -36.94 25.33
N TYR K 41 -1.42 -36.47 25.90
CA TYR K 41 -0.71 -35.32 25.37
C TYR K 41 0.73 -35.70 25.04
N GLN K 42 1.38 -34.86 24.24
CA GLN K 42 2.78 -35.02 23.88
C GLN K 42 3.48 -33.68 24.06
N GLN K 43 4.64 -33.70 24.71
CA GLN K 43 5.38 -32.47 24.98
C GLN K 43 6.87 -32.70 24.77
N LYS K 44 7.46 -31.87 23.93
CA LYS K 44 8.88 -31.83 23.68
C LYS K 44 9.52 -30.68 24.45
N PRO K 45 10.82 -30.74 24.71
CA PRO K 45 11.47 -29.67 25.47
C PRO K 45 11.31 -28.32 24.80
N GLY K 46 10.98 -27.31 25.61
CA GLY K 46 10.85 -25.95 25.11
C GLY K 46 9.61 -25.68 24.29
N GLN K 47 8.65 -26.59 24.28
CA GLN K 47 7.42 -26.44 23.53
C GLN K 47 6.22 -26.66 24.43
N ALA K 48 5.06 -26.29 23.93
CA ALA K 48 3.81 -26.54 24.63
C ALA K 48 3.36 -27.98 24.41
N PRO K 49 2.47 -28.50 25.26
CA PRO K 49 1.91 -29.84 25.00
C PRO K 49 1.09 -29.84 23.73
N ARG K 50 0.94 -31.03 23.17
CA ARG K 50 0.15 -31.24 21.95
C ARG K 50 -0.88 -32.34 22.23
N LEU K 51 -2.15 -32.03 21.99
CA LEU K 51 -3.20 -33.01 22.20
C LEU K 51 -3.07 -34.15 21.19
N LEU K 52 -3.05 -35.37 21.70
CA LEU K 52 -2.94 -36.56 20.87
C LEU K 52 -4.25 -37.31 20.74
N ILE K 53 -4.89 -37.62 21.86
CA ILE K 53 -6.06 -38.48 21.87
C ILE K 53 -7.02 -37.97 22.94
N TYR K 54 -8.32 -38.00 22.62
CA TYR K 54 -9.36 -37.57 23.55
C TYR K 54 -10.38 -38.69 23.73
N ASP K 55 -10.76 -38.92 24.98
CA ASP K 55 -11.68 -40.00 25.37
C ASP K 55 -11.15 -41.36 24.91
N VAL K 56 -9.96 -41.69 25.43
CA VAL K 56 -9.34 -43.01 25.33
C VAL K 56 -8.85 -43.34 23.92
N SER K 57 -9.75 -43.38 22.94
CA SER K 57 -9.44 -43.99 21.66
C SER K 57 -9.61 -43.09 20.44
N ASN K 58 -10.05 -41.85 20.62
CA ASN K 58 -10.29 -40.95 19.49
C ASN K 58 -9.03 -40.13 19.20
N ARG K 59 -8.55 -40.21 17.97
CA ARG K 59 -7.38 -39.45 17.55
C ARG K 59 -7.75 -37.99 17.29
N ALA K 60 -6.87 -37.09 17.68
CA ALA K 60 -7.05 -35.68 17.35
C ALA K 60 -6.79 -35.45 15.86
N THR K 61 -7.17 -34.26 15.41
CA THR K 61 -7.02 -33.92 14.00
C THR K 61 -5.56 -33.57 13.69
N GLY K 62 -5.03 -34.18 12.62
CA GLY K 62 -3.69 -33.89 12.15
C GLY K 62 -2.62 -34.82 12.66
N ILE K 63 -2.86 -35.53 13.76
CA ILE K 63 -1.85 -36.42 14.33
C ILE K 63 -1.88 -37.75 13.59
N PRO K 64 -0.74 -38.42 13.44
CA PRO K 64 -0.69 -39.62 12.59
C PRO K 64 -1.51 -40.77 13.15
N ALA K 65 -1.82 -41.72 12.25
CA ALA K 65 -2.67 -42.85 12.61
C ALA K 65 -1.96 -43.86 13.49
N ARG K 66 -0.63 -43.82 13.57
CA ARG K 66 0.11 -44.79 14.36
C ARG K 66 -0.24 -44.72 15.84
N PHE K 67 -0.77 -43.59 16.29
CA PHE K 67 -1.17 -43.44 17.70
C PHE K 67 -2.53 -44.08 17.90
N SER K 68 -2.59 -45.07 18.79
CA SER K 68 -3.82 -45.79 19.08
C SER K 68 -4.17 -45.61 20.56
N GLY K 69 -5.43 -45.84 20.87
CA GLY K 69 -5.91 -45.71 22.23
C GLY K 69 -6.74 -46.90 22.65
N SER K 70 -6.60 -47.29 23.91
CA SER K 70 -7.32 -48.43 24.43
C SER K 70 -7.49 -48.26 25.94
N GLY K 71 -8.48 -48.97 26.49
CA GLY K 71 -8.67 -48.96 27.93
C GLY K 71 -10.04 -48.52 28.37
N SER K 72 -10.41 -48.88 29.61
CA SER K 72 -11.69 -48.48 30.18
C SER K 72 -11.59 -48.62 31.70
N GLY K 73 -12.29 -47.72 32.40
CA GLY K 73 -12.34 -47.77 33.85
C GLY K 73 -11.16 -47.12 34.54
N THR K 74 -10.14 -47.91 34.86
CA THR K 74 -8.95 -47.42 35.55
C THR K 74 -7.65 -47.65 34.80
N ASP K 75 -7.54 -48.73 34.01
CA ASP K 75 -6.31 -49.05 33.30
C ASP K 75 -6.46 -48.64 31.83
N PHE K 76 -5.54 -47.81 31.36
CA PHE K 76 -5.57 -47.28 30.00
C PHE K 76 -4.20 -47.44 29.35
N THR K 77 -4.19 -47.37 28.02
CA THR K 77 -2.99 -47.65 27.24
C THR K 77 -2.93 -46.74 26.02
N LEU K 78 -1.78 -46.11 25.84
CA LEU K 78 -1.45 -45.39 24.61
C LEU K 78 -0.44 -46.22 23.82
N THR K 79 -0.71 -46.43 22.54
CA THR K 79 0.10 -47.32 21.72
C THR K 79 0.60 -46.58 20.48
N ILE K 80 1.91 -46.62 20.27
CA ILE K 80 2.53 -46.14 19.04
C ILE K 80 3.03 -47.37 18.29
N SER K 81 2.45 -47.62 17.12
CA SER K 81 2.74 -48.84 16.36
C SER K 81 4.23 -48.97 16.03
N SER K 82 4.74 -48.05 15.20
CA SER K 82 6.16 -48.01 14.87
C SER K 82 6.64 -46.58 15.11
N LEU K 83 7.55 -46.42 16.08
CA LEU K 83 8.03 -45.09 16.45
C LEU K 83 8.80 -44.44 15.30
N GLU K 84 8.74 -43.11 15.26
CA GLU K 84 9.46 -42.28 14.31
C GLU K 84 10.39 -41.34 15.07
N PRO K 85 11.44 -40.81 14.42
CA PRO K 85 12.36 -39.89 15.11
C PRO K 85 11.66 -38.72 15.80
N GLU K 86 10.48 -38.35 15.31
CA GLU K 86 9.76 -37.24 15.91
C GLU K 86 9.02 -37.63 17.18
N ASP K 87 8.62 -38.90 17.30
CA ASP K 87 7.75 -39.34 18.39
C ASP K 87 8.45 -39.37 19.74
N PHE K 88 9.73 -39.06 19.82
CA PHE K 88 10.47 -39.18 21.08
C PHE K 88 10.26 -37.92 21.92
N ALA K 89 9.45 -38.02 22.97
CA ALA K 89 9.11 -36.91 23.84
C ALA K 89 8.46 -37.46 25.09
N VAL K 90 7.83 -36.58 25.87
CA VAL K 90 7.13 -36.93 27.09
C VAL K 90 5.64 -37.02 26.79
N TYR K 91 4.95 -37.95 27.45
CA TYR K 91 3.52 -38.19 27.21
C TYR K 91 2.78 -38.16 28.53
N TYR K 92 1.82 -37.25 28.65
CA TYR K 92 1.01 -37.10 29.86
C TYR K 92 -0.41 -37.60 29.60
N CYS K 93 -1.01 -38.21 30.61
CA CYS K 93 -2.43 -38.52 30.56
C CYS K 93 -3.20 -37.55 31.47
N GLN K 94 -4.48 -37.37 31.17
CA GLN K 94 -5.31 -36.41 31.86
C GLN K 94 -6.75 -36.88 31.84
N GLN K 95 -7.46 -36.63 32.94
CA GLN K 95 -8.84 -37.05 33.08
C GLN K 95 -9.76 -35.84 33.21
N ARG K 96 -10.99 -35.99 32.72
CA ARG K 96 -12.00 -34.94 32.80
C ARG K 96 -13.27 -35.44 33.48
N SER K 97 -13.22 -36.59 34.16
CA SER K 97 -14.42 -37.16 34.76
C SER K 97 -14.89 -36.32 35.95
N ASN K 98 -14.06 -36.24 36.99
CA ASN K 98 -14.43 -35.53 38.21
C ASN K 98 -13.61 -34.25 38.34
N TRP K 99 -14.22 -33.25 38.99
CA TRP K 99 -13.57 -31.94 39.07
C TRP K 99 -12.34 -32.01 39.95
N GLY K 100 -11.49 -31.00 39.80
CA GLY K 100 -10.10 -31.12 40.19
C GLY K 100 -9.39 -31.88 39.10
N LEU K 101 -9.29 -31.27 37.92
CA LEU K 101 -8.69 -31.94 36.78
C LEU K 101 -7.24 -32.28 37.06
N THR K 102 -6.89 -33.55 36.91
CA THR K 102 -5.58 -34.05 37.28
C THR K 102 -4.87 -34.64 36.07
N PHE K 103 -3.55 -34.51 36.07
CA PHE K 103 -2.67 -35.06 35.04
C PHE K 103 -1.92 -36.25 35.61
N GLY K 104 -1.33 -37.04 34.70
CA GLY K 104 -0.42 -38.10 35.09
C GLY K 104 1.00 -37.58 35.25
N GLY K 105 1.85 -38.44 35.81
CA GLY K 105 3.24 -38.07 36.02
C GLY K 105 4.04 -37.92 34.74
N GLY K 106 3.53 -38.46 33.63
CA GLY K 106 4.22 -38.37 32.36
C GLY K 106 5.40 -39.32 32.28
N THR K 107 5.60 -39.93 31.10
CA THR K 107 6.73 -40.81 30.87
C THR K 107 7.41 -40.42 29.57
N LYS K 108 8.73 -40.29 29.61
CA LYS K 108 9.51 -39.89 28.45
C LYS K 108 9.99 -41.12 27.70
N VAL K 109 9.78 -41.14 26.39
CA VAL K 109 10.37 -42.15 25.53
C VAL K 109 11.66 -41.59 24.95
N GLU K 110 12.72 -42.39 24.95
CA GLU K 110 14.04 -41.93 24.55
C GLU K 110 14.62 -42.91 23.55
N ILE K 111 15.58 -42.42 22.76
CA ILE K 111 16.25 -43.23 21.75
C ILE K 111 17.24 -44.16 22.42
N LYS K 112 17.17 -45.45 22.08
CA LYS K 112 18.11 -46.44 22.61
C LYS K 112 19.30 -46.56 21.66
N ARG K 113 20.51 -46.48 22.23
CA ARG K 113 21.73 -46.57 21.45
C ARG K 113 22.71 -47.47 22.19
N THR K 114 23.89 -47.64 21.62
CA THR K 114 24.93 -48.43 22.25
C THR K 114 25.39 -47.77 23.55
N VAL K 115 25.75 -48.61 24.53
CA VAL K 115 26.24 -48.09 25.80
C VAL K 115 27.55 -47.35 25.58
N ALA K 116 27.59 -46.10 26.04
CA ALA K 116 28.76 -45.24 25.88
C ALA K 116 29.21 -44.74 27.24
N ALA K 117 30.52 -44.83 27.50
CA ALA K 117 31.08 -44.41 28.77
C ALA K 117 31.28 -42.89 28.81
N PRO K 118 31.14 -42.29 29.97
CA PRO K 118 31.29 -40.83 30.06
C PRO K 118 32.73 -40.39 30.19
N SER K 119 33.06 -39.27 29.55
CA SER K 119 34.32 -38.58 29.78
C SER K 119 34.17 -37.72 31.03
N VAL K 120 34.90 -38.05 32.09
CA VAL K 120 34.74 -37.40 33.38
C VAL K 120 35.85 -36.38 33.58
N PHE K 121 35.48 -35.20 34.06
CA PHE K 121 36.41 -34.11 34.32
C PHE K 121 36.04 -33.45 35.64
N ILE K 122 37.05 -33.03 36.39
CA ILE K 122 36.85 -32.35 37.67
C ILE K 122 37.58 -31.01 37.60
N PHE K 123 36.92 -29.95 38.08
CA PHE K 123 37.47 -28.60 38.02
C PHE K 123 37.65 -28.08 39.44
N PRO K 124 38.86 -27.71 39.85
CA PRO K 124 39.00 -27.03 41.13
C PRO K 124 38.29 -25.68 41.10
N PRO K 125 37.92 -25.16 42.26
CA PRO K 125 37.27 -23.84 42.28
C PRO K 125 38.25 -22.76 41.83
N SER K 126 37.72 -21.79 41.09
CA SER K 126 38.56 -20.70 40.59
C SER K 126 39.13 -19.90 41.75
N ASP K 127 40.26 -19.24 41.49
CA ASP K 127 40.87 -18.38 42.50
C ASP K 127 40.05 -17.12 42.74
N GLU K 128 39.27 -16.67 41.75
CA GLU K 128 38.40 -15.52 41.94
C GLU K 128 37.20 -15.83 42.80
N GLN K 129 36.71 -17.07 42.76
CA GLN K 129 35.58 -17.45 43.59
C GLN K 129 35.98 -17.54 45.06
N LEU K 130 37.17 -18.10 45.33
CA LEU K 130 37.65 -18.21 46.71
C LEU K 130 37.98 -16.85 47.31
N LYS K 131 38.13 -15.82 46.49
CA LYS K 131 38.35 -14.46 46.98
C LYS K 131 37.07 -13.81 47.53
N SER K 132 35.98 -14.57 47.65
CA SER K 132 34.71 -14.04 48.11
C SER K 132 34.12 -14.80 49.29
N GLY K 133 34.27 -16.13 49.32
CA GLY K 133 33.82 -16.89 50.47
C GLY K 133 33.33 -18.29 50.18
N THR K 134 32.93 -18.55 48.93
CA THR K 134 32.38 -19.83 48.53
C THR K 134 33.39 -20.60 47.68
N ALA K 135 33.21 -21.92 47.64
CA ALA K 135 34.08 -22.82 46.88
C ALA K 135 33.24 -23.87 46.19
N SER K 136 33.35 -23.94 44.85
CA SER K 136 32.55 -24.83 44.03
C SER K 136 33.47 -25.73 43.21
N VAL K 137 33.43 -27.04 43.48
CA VAL K 137 34.13 -28.02 42.67
C VAL K 137 33.12 -28.69 41.75
N VAL K 138 33.43 -28.72 40.46
CA VAL K 138 32.49 -29.16 39.42
C VAL K 138 33.00 -30.46 38.81
N CYS K 139 32.13 -31.48 38.79
CA CYS K 139 32.40 -32.74 38.13
C CYS K 139 31.48 -32.89 36.93
N LEU K 140 32.07 -33.13 35.76
CA LEU K 140 31.33 -33.17 34.51
C LEU K 140 31.41 -34.58 33.92
N LEU K 141 30.24 -35.20 33.72
CA LEU K 141 30.14 -36.47 33.02
C LEU K 141 29.66 -36.18 31.59
N ASN K 142 30.46 -36.57 30.60
CA ASN K 142 30.30 -36.08 29.24
C ASN K 142 29.87 -37.19 28.30
N ASN K 143 28.70 -37.02 27.68
CA ASN K 143 28.24 -37.83 26.55
C ASN K 143 28.25 -39.33 26.88
N PHE K 144 27.26 -39.74 27.67
CA PHE K 144 27.12 -41.12 28.09
C PHE K 144 25.70 -41.60 27.84
N TYR K 145 25.56 -42.93 27.80
CA TYR K 145 24.27 -43.57 27.70
C TYR K 145 24.40 -44.96 28.32
N PRO K 146 23.43 -45.40 29.12
CA PRO K 146 22.18 -44.69 29.44
C PRO K 146 22.35 -43.57 30.47
N ARG K 147 21.24 -42.92 30.84
CA ARG K 147 21.33 -41.75 31.73
C ARG K 147 21.68 -42.15 33.15
N GLU K 148 21.24 -43.32 33.60
CA GLU K 148 21.46 -43.77 34.97
C GLU K 148 22.93 -43.74 35.34
N ALA K 149 23.31 -42.81 36.22
CA ALA K 149 24.71 -42.64 36.61
C ALA K 149 24.76 -42.22 38.08
N LYS K 150 25.78 -42.72 38.78
CA LYS K 150 25.99 -42.42 40.19
C LYS K 150 27.25 -41.56 40.32
N VAL K 151 27.10 -40.39 40.92
CA VAL K 151 28.20 -39.44 41.12
C VAL K 151 28.43 -39.32 42.62
N GLN K 152 29.53 -39.91 43.10
CA GLN K 152 29.88 -39.86 44.52
C GLN K 152 30.99 -38.85 44.75
N TRP K 153 30.81 -38.01 45.77
CA TRP K 153 31.78 -36.99 46.14
C TRP K 153 32.58 -37.47 47.34
N LYS K 154 33.91 -37.53 47.19
CA LYS K 154 34.82 -37.89 48.27
C LYS K 154 35.75 -36.71 48.55
N VAL K 155 35.97 -36.45 49.84
CA VAL K 155 36.88 -35.40 50.29
C VAL K 155 37.79 -36.04 51.34
N ASP K 156 39.08 -36.21 51.01
CA ASP K 156 40.01 -36.98 51.83
C ASP K 156 39.49 -38.40 52.03
N ASN K 157 38.91 -38.97 50.98
CA ASN K 157 38.32 -40.31 50.98
C ASN K 157 37.20 -40.44 52.01
N ALA K 158 36.52 -39.35 52.31
CA ALA K 158 35.35 -39.37 53.18
C ALA K 158 34.10 -39.16 52.32
N LEU K 159 33.18 -40.12 52.39
CA LEU K 159 31.98 -40.08 51.56
C LEU K 159 31.12 -38.87 51.95
N GLN K 160 30.94 -37.96 51.00
CA GLN K 160 30.16 -36.75 51.21
C GLN K 160 28.71 -36.98 50.80
N SER K 161 27.80 -36.24 51.44
CA SER K 161 26.38 -36.29 51.14
C SER K 161 25.69 -35.10 51.80
N GLY K 162 24.82 -34.44 51.05
CA GLY K 162 24.07 -33.30 51.54
C GLY K 162 24.55 -31.95 51.04
N ASN K 163 25.69 -31.89 50.36
CA ASN K 163 26.25 -30.64 49.88
C ASN K 163 26.51 -30.66 48.37
N SER K 164 25.85 -31.55 47.65
CA SER K 164 26.05 -31.70 46.22
C SER K 164 24.77 -31.34 45.47
N GLN K 165 24.96 -30.79 44.28
CA GLN K 165 23.86 -30.48 43.35
C GLN K 165 24.30 -30.85 41.95
N GLU K 166 23.43 -31.55 41.23
CA GLU K 166 23.73 -31.99 39.87
C GLU K 166 22.61 -31.61 38.93
N SER K 167 22.96 -31.43 37.66
CA SER K 167 22.00 -31.08 36.61
C SER K 167 22.33 -31.87 35.36
N VAL K 168 21.30 -32.30 34.65
CA VAL K 168 21.47 -33.18 33.50
C VAL K 168 20.81 -32.54 32.28
N THR K 169 21.37 -32.82 31.11
CA THR K 169 20.89 -32.27 29.85
C THR K 169 19.84 -33.18 29.23
N GLU K 170 19.20 -32.66 28.18
CA GLU K 170 18.33 -33.49 27.36
C GLU K 170 19.16 -34.38 26.46
N GLN K 171 18.55 -35.48 26.02
CA GLN K 171 19.22 -36.40 25.11
C GLN K 171 19.61 -35.67 23.83
N ASP K 172 20.90 -35.72 23.51
CA ASP K 172 21.42 -34.96 22.37
C ASP K 172 20.79 -35.45 21.05
N SER K 173 20.56 -34.50 20.14
CA SER K 173 19.94 -34.82 18.87
C SER K 173 20.92 -35.41 17.85
N LYS K 174 22.22 -35.38 18.14
CA LYS K 174 23.23 -35.90 17.21
C LYS K 174 23.78 -37.25 17.64
N ASP K 175 24.03 -37.46 18.93
CA ASP K 175 24.59 -38.73 19.40
C ASP K 175 23.72 -39.45 20.42
N SER K 176 22.58 -38.87 20.82
CA SER K 176 21.64 -39.51 21.75
C SER K 176 22.27 -39.79 23.11
N THR K 177 23.08 -38.86 23.59
CA THR K 177 23.80 -39.01 24.85
C THR K 177 23.41 -37.91 25.83
N TYR K 178 23.32 -38.29 27.10
CA TYR K 178 23.08 -37.34 28.17
C TYR K 178 24.42 -36.83 28.72
N SER K 179 24.34 -35.82 29.57
CA SER K 179 25.52 -35.25 30.21
C SER K 179 25.11 -34.60 31.53
N LEU K 180 25.92 -34.82 32.56
CA LEU K 180 25.62 -34.39 33.92
C LEU K 180 26.69 -33.42 34.40
N SER K 181 26.29 -32.49 35.27
CA SER K 181 27.22 -31.53 35.86
C SER K 181 26.91 -31.44 37.35
N SER K 182 27.73 -32.09 38.18
CA SER K 182 27.57 -32.07 39.62
C SER K 182 28.42 -30.96 40.21
N THR K 183 27.82 -30.17 41.10
CA THR K 183 28.47 -29.01 41.71
C THR K 183 28.46 -29.18 43.23
N LEU K 184 29.60 -29.57 43.78
CA LEU K 184 29.78 -29.65 45.23
C LEU K 184 30.30 -28.31 45.72
N THR K 185 29.46 -27.60 46.49
CA THR K 185 29.78 -26.27 47.00
C THR K 185 29.93 -26.35 48.51
N LEU K 186 31.17 -26.23 48.99
CA LEU K 186 31.46 -26.22 50.42
C LEU K 186 31.95 -24.83 50.84
N SER K 187 32.14 -24.66 52.14
CA SER K 187 32.65 -23.41 52.67
C SER K 187 34.05 -23.15 52.16
N LYS K 188 34.52 -21.92 52.35
CA LYS K 188 35.94 -21.64 52.13
C LYS K 188 36.77 -22.14 53.29
N ALA K 189 36.25 -22.03 54.51
CA ALA K 189 36.93 -22.59 55.67
C ALA K 189 36.99 -24.11 55.59
N ASP K 190 35.89 -24.74 55.18
CA ASP K 190 35.87 -26.19 55.04
C ASP K 190 36.72 -26.66 53.86
N TYR K 191 36.84 -25.84 52.81
CA TYR K 191 37.63 -26.24 51.65
C TYR K 191 39.12 -26.21 51.96
N GLU K 192 39.59 -25.18 52.67
CA GLU K 192 40.99 -25.09 53.03
C GLU K 192 41.39 -26.06 54.13
N LYS K 193 40.43 -26.70 54.78
CA LYS K 193 40.76 -27.67 55.84
C LYS K 193 41.24 -28.99 55.25
N HIS K 194 40.67 -29.42 54.13
CA HIS K 194 41.02 -30.68 53.51
C HIS K 194 41.81 -30.45 52.24
N LYS K 195 42.49 -31.51 51.78
CA LYS K 195 43.48 -31.39 50.71
C LYS K 195 43.08 -32.10 49.41
N VAL K 196 42.57 -33.32 49.49
CA VAL K 196 42.29 -34.15 48.33
C VAL K 196 40.79 -34.16 48.07
N TYR K 197 40.41 -33.88 46.82
CA TYR K 197 39.00 -33.84 46.42
C TYR K 197 38.83 -34.70 45.18
N ALA K 198 37.95 -35.69 45.26
CA ALA K 198 37.79 -36.68 44.21
C ALA K 198 36.33 -36.79 43.81
N CYS K 199 36.11 -37.21 42.57
CA CYS K 199 34.77 -37.44 42.02
C CYS K 199 34.72 -38.88 41.52
N GLU K 200 34.01 -39.74 42.25
CA GLU K 200 33.89 -41.14 41.91
C GLU K 200 32.56 -41.36 41.19
N VAL K 201 32.65 -41.69 39.91
CA VAL K 201 31.45 -41.95 39.10
C VAL K 201 31.34 -43.44 38.86
N THR K 202 30.11 -43.91 38.67
CA THR K 202 29.85 -45.31 38.34
C THR K 202 28.81 -45.33 37.23
N HIS K 203 29.12 -46.03 36.14
CA HIS K 203 28.23 -46.11 35.00
C HIS K 203 28.31 -47.50 34.40
N GLN K 204 27.24 -47.92 33.74
CA GLN K 204 27.20 -49.24 33.14
C GLN K 204 28.24 -49.42 32.05
N GLY K 205 28.72 -48.33 31.46
CA GLY K 205 29.76 -48.39 30.45
C GLY K 205 31.17 -48.51 30.97
N LEU K 206 31.34 -48.51 32.29
CA LEU K 206 32.65 -48.62 32.93
C LEU K 206 32.82 -49.98 33.57
N SER K 207 33.98 -50.61 33.36
CA SER K 207 34.28 -51.87 34.01
C SER K 207 34.28 -51.74 35.52
N SER K 208 34.91 -50.69 36.03
CA SER K 208 34.95 -50.37 37.44
C SER K 208 34.79 -48.86 37.60
N PRO K 209 34.24 -48.40 38.71
CA PRO K 209 34.02 -46.96 38.90
C PRO K 209 35.29 -46.14 38.79
N VAL K 210 35.40 -45.31 37.73
CA VAL K 210 36.56 -44.45 37.61
C VAL K 210 36.45 -43.30 38.59
N THR K 211 37.59 -42.67 38.86
CA THR K 211 37.66 -41.58 39.82
C THR K 211 38.59 -40.50 39.28
N LYS K 212 38.10 -39.27 39.26
CA LYS K 212 38.90 -38.10 38.93
C LYS K 212 39.11 -37.28 40.20
N SER K 213 40.37 -36.97 40.50
CA SER K 213 40.72 -36.29 41.73
C SER K 213 41.73 -35.19 41.43
N PHE K 214 41.92 -34.32 42.43
CA PHE K 214 42.92 -33.27 42.38
C PHE K 214 43.31 -32.89 43.79
N ASN K 215 44.59 -32.55 43.98
CA ASN K 215 45.10 -32.09 45.25
C ASN K 215 45.13 -30.57 45.28
N ARG K 216 44.73 -29.99 46.42
CA ARG K 216 44.63 -28.54 46.53
C ARG K 216 45.98 -27.87 46.28
N GLY K 217 45.98 -26.85 45.43
CA GLY K 217 47.20 -26.13 45.11
C GLY K 217 48.26 -26.97 44.42
N GLU K 218 47.84 -27.93 43.59
CA GLU K 218 48.78 -28.80 42.89
C GLU K 218 48.36 -29.03 41.45
N THR L 6 75.44 -42.95 16.47
CA THR L 6 75.09 -42.94 17.89
C THR L 6 75.59 -41.67 18.57
N ASN L 7 76.56 -41.00 17.95
CA ASN L 7 77.12 -39.77 18.47
C ASN L 7 76.74 -38.55 17.65
N THR L 8 75.98 -38.74 16.56
CA THR L 8 75.60 -37.64 15.68
C THR L 8 74.13 -37.78 15.32
N THR L 9 73.55 -36.66 14.88
CA THR L 9 72.17 -36.61 14.41
C THR L 9 72.21 -36.46 12.89
N ASP L 10 71.79 -37.49 12.18
CA ASP L 10 71.86 -37.53 10.72
C ASP L 10 70.55 -37.15 10.06
N ASN L 11 69.53 -36.75 10.82
CA ASN L 11 68.22 -36.46 10.26
C ASN L 11 67.47 -35.54 11.22
N ILE L 12 67.21 -34.31 10.77
CA ILE L 12 66.51 -33.34 11.60
C ILE L 12 65.10 -33.11 11.05
N ASP L 13 64.46 -34.20 10.62
CA ASP L 13 63.12 -34.13 10.06
C ASP L 13 62.05 -33.80 11.10
N TYR L 14 62.41 -33.59 12.36
CA TYR L 14 61.42 -33.34 13.40
C TYR L 14 61.02 -31.88 13.51
N PHE L 15 61.66 -30.98 12.76
CA PHE L 15 61.30 -29.58 12.80
C PHE L 15 60.06 -29.32 11.96
N ASP L 16 59.09 -28.62 12.55
CA ASP L 16 57.87 -28.25 11.85
C ASP L 16 57.46 -26.86 12.28
N ILE L 17 56.48 -26.30 11.57
CA ILE L 17 56.00 -24.95 11.85
C ILE L 17 54.56 -24.84 11.36
N SER L 18 53.81 -23.94 11.97
CA SER L 18 52.45 -23.61 11.55
C SER L 18 52.38 -22.14 11.17
N ASP L 19 51.39 -21.81 10.33
CA ASP L 19 51.20 -20.43 9.93
C ASP L 19 50.56 -19.62 11.05
N GLU L 20 50.28 -18.35 10.79
CA GLU L 20 49.71 -17.48 11.82
C GLU L 20 48.28 -17.88 12.16
N SER L 21 47.54 -18.43 11.21
CA SER L 21 46.15 -18.81 11.43
C SER L 21 46.00 -20.17 12.10
N ASN L 22 47.10 -20.90 12.30
CA ASN L 22 47.10 -22.20 12.96
C ASN L 22 46.20 -23.21 12.26
N TYR L 23 45.97 -23.02 10.96
CA TYR L 23 45.19 -23.96 10.16
C TYR L 23 46.06 -24.88 9.32
N TYR L 24 47.33 -24.58 9.16
CA TYR L 24 48.24 -25.36 8.32
C TYR L 24 49.49 -25.70 9.12
N LEU L 25 49.79 -27.00 9.22
CA LEU L 25 50.99 -27.49 9.89
C LEU L 25 51.92 -28.07 8.81
N ILE L 26 53.01 -27.37 8.54
CA ILE L 26 53.94 -27.79 7.48
C ILE L 26 54.86 -28.86 8.04
N SER L 27 55.01 -29.95 7.29
CA SER L 27 55.89 -31.05 7.66
C SER L 27 56.98 -31.22 6.61
N GLN L 28 58.17 -31.60 7.05
CA GLN L 28 59.26 -31.86 6.11
C GLN L 28 59.05 -33.15 5.34
N LEU L 29 58.14 -34.00 5.82
CA LEU L 29 57.85 -35.28 5.17
C LEU L 29 56.58 -35.17 4.34
N ARG L 30 56.58 -35.83 3.19
CA ARG L 30 55.46 -35.74 2.27
C ARG L 30 54.19 -36.31 2.91
N PRO L 31 53.01 -35.77 2.55
CA PRO L 31 52.81 -34.71 1.55
C PRO L 31 52.88 -33.28 2.11
N HIS L 32 53.63 -33.10 3.21
CA HIS L 32 53.89 -31.79 3.80
C HIS L 32 52.63 -31.16 4.41
N PHE L 33 51.51 -31.20 3.71
CA PHE L 33 50.25 -30.68 4.19
C PHE L 33 49.25 -31.82 4.32
N SER L 34 48.59 -31.92 5.49
CA SER L 34 47.53 -32.91 5.66
C SER L 34 46.37 -32.68 4.70
N ASN L 35 46.21 -31.44 4.21
CA ASN L 35 45.14 -31.16 3.26
C ASN L 35 45.27 -31.96 1.99
N ILE L 36 46.50 -32.34 1.62
CA ILE L 36 46.69 -33.17 0.44
C ILE L 36 46.14 -34.57 0.69
N TYR L 37 46.24 -35.07 1.93
CA TYR L 37 45.59 -36.33 2.26
C TYR L 37 44.08 -36.20 2.21
N PHE L 38 43.54 -35.00 2.49
CA PHE L 38 42.12 -34.77 2.36
C PHE L 38 41.70 -34.69 0.89
N PHE L 39 42.53 -34.05 0.05
CA PHE L 39 42.27 -34.04 -1.38
C PHE L 39 42.33 -35.45 -1.97
N ASP L 40 43.22 -36.29 -1.44
CA ASP L 40 43.24 -37.69 -1.86
C ASP L 40 41.97 -38.41 -1.44
N GLU L 41 41.46 -38.12 -0.24
CA GLU L 41 40.24 -38.76 0.23
C GLU L 41 39.04 -38.34 -0.60
N PHE L 42 39.01 -37.09 -1.08
CA PHE L 42 37.89 -36.65 -1.90
C PHE L 42 37.89 -37.32 -3.26
N LYS L 43 39.06 -37.72 -3.76
CA LYS L 43 39.10 -38.53 -4.97
C LYS L 43 38.36 -39.85 -4.77
N ARG L 44 38.39 -40.39 -3.54
CA ARG L 44 37.60 -41.58 -3.24
C ARG L 44 36.13 -41.25 -3.04
N TYR L 45 35.82 -40.08 -2.48
CA TYR L 45 34.42 -39.69 -2.31
C TYR L 45 33.75 -39.45 -3.66
N ALA L 46 34.40 -38.68 -4.53
CA ALA L 46 33.82 -38.36 -5.82
C ALA L 46 33.68 -39.60 -6.71
N SER L 47 34.43 -40.66 -6.43
CA SER L 47 34.32 -41.88 -7.22
C SER L 47 32.95 -42.53 -7.09
N TYR L 48 32.22 -42.24 -6.01
CA TYR L 48 30.91 -42.84 -5.79
C TYR L 48 29.76 -42.01 -6.34
N HIS L 49 29.99 -40.74 -6.64
CA HIS L 49 28.96 -39.86 -7.20
C HIS L 49 29.32 -39.55 -8.65
N THR L 50 28.43 -39.93 -9.57
CA THR L 50 28.71 -39.76 -10.99
C THR L 50 28.65 -38.30 -11.43
N GLU L 51 27.97 -37.44 -10.66
CA GLU L 51 27.89 -36.04 -11.04
C GLU L 51 29.22 -35.32 -10.86
N ILE L 52 30.02 -35.73 -9.88
CA ILE L 52 31.28 -35.06 -9.59
C ILE L 52 32.44 -35.91 -10.07
N LYS L 53 32.20 -36.74 -11.09
CA LYS L 53 33.30 -37.44 -11.73
C LYS L 53 34.30 -36.50 -12.37
N ARG L 54 33.98 -35.21 -12.44
CA ARG L 54 34.93 -34.22 -12.91
C ARG L 54 36.13 -34.06 -11.97
N TYR L 55 36.00 -34.47 -10.71
CA TYR L 55 37.12 -34.32 -9.77
C TYR L 55 38.38 -35.05 -10.24
N GLU L 56 38.22 -36.14 -11.00
CA GLU L 56 39.40 -36.82 -11.55
C GLU L 56 40.22 -35.90 -12.45
N ASP L 57 39.58 -34.89 -13.04
CA ASP L 57 40.31 -33.91 -13.82
C ASP L 57 41.15 -33.00 -12.92
N ILE L 58 40.52 -32.42 -11.90
CA ILE L 58 41.21 -31.42 -11.09
C ILE L 58 42.21 -32.07 -10.13
N HIS L 59 42.03 -33.34 -9.79
CA HIS L 59 43.03 -34.02 -8.97
C HIS L 59 44.35 -34.21 -9.72
N LYS L 60 44.32 -34.20 -11.05
CA LYS L 60 45.55 -34.33 -11.82
C LYS L 60 46.25 -32.98 -12.00
N THR L 61 45.49 -31.93 -12.28
CA THR L 61 46.07 -30.63 -12.58
C THR L 61 46.37 -29.80 -11.33
N LYS L 62 45.46 -29.80 -10.36
CA LYS L 62 45.58 -28.94 -9.19
C LYS L 62 46.26 -29.62 -8.00
N VAL L 63 45.76 -30.80 -7.60
CA VAL L 63 46.30 -31.47 -6.41
C VAL L 63 47.73 -31.93 -6.66
N ASN L 64 48.01 -32.50 -7.84
CA ASN L 64 49.36 -32.98 -8.13
C ASN L 64 50.35 -31.82 -8.19
N SER L 65 49.95 -30.70 -8.81
CA SER L 65 50.85 -29.55 -8.90
C SER L 65 51.07 -28.91 -7.55
N LEU L 66 50.10 -29.03 -6.63
CA LEU L 66 50.29 -28.48 -5.29
C LEU L 66 51.37 -29.24 -4.53
N LEU L 67 51.37 -30.57 -4.64
CA LEU L 67 52.38 -31.36 -3.94
C LEU L 67 53.77 -31.12 -4.53
N ASN L 68 53.86 -31.04 -5.86
CA ASN L 68 55.15 -30.78 -6.49
C ASN L 68 55.67 -29.39 -6.10
N GLU L 69 54.80 -28.39 -6.07
CA GLU L 69 55.22 -27.06 -5.67
C GLU L 69 55.52 -26.99 -4.18
N ALA L 70 54.80 -27.77 -3.37
CA ALA L 70 55.10 -27.83 -1.94
C ALA L 70 56.48 -28.43 -1.71
N SER L 71 56.78 -29.54 -2.38
CA SER L 71 58.09 -30.17 -2.23
C SER L 71 59.20 -29.31 -2.79
N ARG L 72 58.92 -28.55 -3.86
CA ARG L 72 59.91 -27.60 -4.36
C ARG L 72 60.17 -26.50 -3.34
N ALA L 73 59.13 -26.03 -2.66
CA ALA L 73 59.30 -25.01 -1.63
C ALA L 73 60.12 -25.53 -0.46
N ILE L 74 59.87 -26.78 -0.04
CA ILE L 74 60.62 -27.37 1.06
C ILE L 74 62.11 -27.50 0.69
N GLY L 75 62.39 -27.84 -0.56
CA GLY L 75 63.77 -28.02 -0.98
C GLY L 75 64.58 -26.75 -0.99
N ILE L 76 63.93 -25.59 -1.14
CA ILE L 76 64.66 -24.33 -1.14
C ILE L 76 65.31 -24.10 0.21
N CYS L 77 64.70 -24.56 1.29
CA CYS L 77 65.22 -24.39 2.64
C CYS L 77 66.29 -25.41 3.00
N ASN L 78 66.72 -26.25 2.04
CA ASN L 78 67.68 -27.30 2.37
C ASN L 78 69.03 -26.71 2.79
N ARG L 79 69.37 -25.53 2.29
CA ARG L 79 70.59 -24.86 2.75
C ARG L 79 70.43 -24.40 4.20
N ALA L 80 69.26 -23.85 4.55
CA ALA L 80 69.00 -23.50 5.93
C ALA L 80 68.86 -24.74 6.80
N LYS L 81 68.45 -25.86 6.21
CA LYS L 81 68.36 -27.12 6.95
C LYS L 81 69.75 -27.64 7.30
N ASN L 82 70.66 -27.63 6.33
CA ASN L 82 72.01 -28.13 6.60
C ASN L 82 72.78 -27.18 7.51
N THR L 83 72.45 -25.88 7.47
CA THR L 83 73.12 -24.92 8.33
C THR L 83 72.82 -25.21 9.80
N VAL L 84 71.54 -25.45 10.13
CA VAL L 84 71.18 -25.75 11.51
C VAL L 84 71.60 -27.17 11.88
N LYS L 85 71.61 -28.08 10.91
CA LYS L 85 72.02 -29.45 11.22
C LYS L 85 73.49 -29.52 11.61
N GLY L 86 74.35 -28.74 10.93
CA GLY L 86 75.75 -28.70 11.31
C GLY L 86 75.96 -28.09 12.68
N LEU L 87 75.12 -27.12 13.06
CA LEU L 87 75.20 -26.57 14.40
C LEU L 87 74.78 -27.58 15.45
N ILE L 88 73.83 -28.45 15.12
CA ILE L 88 73.42 -29.50 16.06
C ILE L 88 74.55 -30.50 16.25
N ASN L 89 75.26 -30.84 15.17
CA ASN L 89 76.29 -31.88 15.25
C ASN L 89 77.44 -31.45 16.16
N ILE L 90 77.79 -30.17 16.13
CA ILE L 90 78.92 -29.73 16.95
C ILE L 90 78.48 -29.45 18.39
N LEU L 91 77.22 -29.10 18.60
CA LEU L 91 76.77 -28.81 19.95
C LEU L 91 76.52 -30.08 20.76
N GLU L 92 76.21 -31.19 20.09
CA GLU L 92 75.97 -32.45 20.76
C GLU L 92 77.21 -33.32 20.86
N ASN L 93 78.24 -33.04 20.05
CA ASN L 93 79.46 -33.84 20.06
C ASN L 93 80.58 -33.06 20.73
N PRO L 94 81.06 -33.47 21.90
CA PRO L 94 82.15 -32.73 22.55
C PRO L 94 83.45 -32.81 21.77
N GLN L 95 83.74 -33.93 21.10
CA GLN L 95 84.96 -34.02 20.30
C GLN L 95 84.91 -33.06 19.12
N LYS L 96 83.73 -32.89 18.51
CA LYS L 96 83.58 -31.93 17.43
C LYS L 96 83.55 -30.49 17.94
N PHE L 97 82.99 -30.27 19.13
CA PHE L 97 82.95 -28.91 19.69
C PHE L 97 84.35 -28.41 20.03
N LYS L 98 85.25 -29.31 20.45
CA LYS L 98 86.59 -28.89 20.82
C LYS L 98 87.42 -28.43 19.64
N THR L 99 87.07 -28.85 18.42
CA THR L 99 87.74 -28.34 17.23
C THR L 99 87.36 -26.89 16.92
N GLN L 100 86.35 -26.36 17.59
CA GLN L 100 85.94 -24.96 17.48
C GLN L 100 86.36 -24.22 18.74
N ARG L 101 86.51 -22.90 18.61
CA ARG L 101 87.07 -22.08 19.68
C ARG L 101 86.15 -20.92 20.03
N GLU L 102 84.89 -21.22 20.33
CA GLU L 102 83.95 -20.23 20.81
C GLU L 102 83.11 -20.83 21.93
N SER L 103 82.63 -19.96 22.82
CA SER L 103 81.94 -20.41 24.02
C SER L 103 80.66 -21.15 23.66
N TYR L 104 80.22 -22.03 24.57
CA TYR L 104 79.01 -22.81 24.32
C TYR L 104 77.77 -21.91 24.25
N ASP L 105 77.79 -20.77 24.94
CA ASP L 105 76.63 -19.89 24.93
C ASP L 105 76.44 -19.22 23.57
N VAL L 106 77.54 -18.73 22.97
CA VAL L 106 77.41 -18.10 21.67
C VAL L 106 77.12 -19.14 20.59
N LYS L 107 77.56 -20.38 20.79
CA LYS L 107 77.25 -21.43 19.83
C LYS L 107 75.79 -21.87 19.94
N LEU L 108 75.21 -21.77 21.13
CA LEU L 108 73.78 -22.03 21.28
C LEU L 108 72.93 -20.87 20.77
N ARG L 109 73.48 -19.66 20.78
CA ARG L 109 72.76 -18.50 20.27
C ARG L 109 72.50 -18.65 18.78
N GLN L 110 73.55 -18.92 18.00
CA GLN L 110 73.35 -19.06 16.55
C GLN L 110 72.63 -20.35 16.20
N TYR L 111 72.52 -21.30 17.13
CA TYR L 111 71.68 -22.47 16.89
C TYR L 111 70.20 -22.06 16.86
N GLU L 112 69.78 -21.23 17.81
CA GLU L 112 68.39 -20.79 17.84
C GLU L 112 68.08 -19.82 16.71
N GLU L 113 69.05 -19.00 16.32
CA GLU L 113 68.85 -18.12 15.16
C GLU L 113 68.66 -18.94 13.88
N LYS L 114 69.55 -19.92 13.66
CA LYS L 114 69.44 -20.76 12.47
C LYS L 114 68.28 -21.74 12.57
N LYS L 115 67.86 -22.10 13.78
CA LYS L 115 66.67 -22.92 13.92
C LYS L 115 65.42 -22.14 13.52
N GLU L 116 65.33 -20.88 13.94
CA GLU L 116 64.17 -20.06 13.56
C GLU L 116 64.23 -19.66 12.09
N ALA L 117 65.43 -19.47 11.54
CA ALA L 117 65.53 -19.15 10.12
C ALA L 117 65.10 -20.33 9.26
N PHE L 118 65.49 -21.54 9.63
CA PHE L 118 65.08 -22.71 8.88
C PHE L 118 63.58 -22.96 9.01
N ARG L 119 63.06 -22.85 10.24
CA ARG L 119 61.62 -23.03 10.43
C ARG L 119 60.83 -21.91 9.77
N GLY L 120 61.31 -20.67 9.90
CA GLY L 120 60.65 -19.57 9.21
C GLY L 120 60.72 -19.72 7.70
N CYS L 121 61.77 -20.36 7.18
CA CYS L 121 61.86 -20.61 5.75
C CYS L 121 60.78 -21.60 5.30
N LEU L 122 60.54 -22.65 6.08
CA LEU L 122 59.54 -23.64 5.70
C LEU L 122 58.15 -23.03 5.57
N LEU L 123 57.87 -21.97 6.33
CA LEU L 123 56.59 -21.29 6.22
C LEU L 123 56.57 -20.25 5.09
N ASN L 124 57.64 -19.47 4.96
CA ASN L 124 57.64 -18.37 3.99
C ASN L 124 57.64 -18.89 2.54
N LYS L 125 58.30 -20.01 2.28
CA LYS L 125 58.33 -20.55 0.93
C LYS L 125 57.02 -21.23 0.53
N ASN L 126 56.11 -21.44 1.48
CA ASN L 126 54.87 -22.17 1.22
C ASN L 126 53.63 -21.29 1.35
N ARG L 127 53.80 -19.98 1.52
CA ARG L 127 52.64 -19.10 1.71
C ARG L 127 51.76 -19.08 0.47
N LYS L 128 52.37 -19.04 -0.72
CA LYS L 128 51.57 -19.06 -1.94
C LYS L 128 50.80 -20.36 -2.08
N ASN L 129 51.33 -21.46 -1.56
CA ASN L 129 50.60 -22.72 -1.59
C ASN L 129 49.42 -22.69 -0.63
N LEU L 130 49.50 -21.87 0.43
CA LEU L 130 48.39 -21.76 1.36
C LEU L 130 47.15 -21.22 0.67
N ASP L 131 47.32 -20.22 -0.21
CA ASP L 131 46.20 -19.71 -0.99
C ASP L 131 45.64 -20.78 -1.91
N GLN L 132 46.51 -21.58 -2.53
CA GLN L 132 46.04 -22.61 -3.45
C GLN L 132 45.29 -23.71 -2.72
N ILE L 133 45.65 -23.98 -1.46
CA ILE L 133 44.89 -24.95 -0.66
C ILE L 133 43.48 -24.45 -0.43
N LYS L 134 43.32 -23.15 -0.13
CA LYS L 134 42.00 -22.58 0.07
C LYS L 134 41.17 -22.68 -1.21
N LYS L 135 41.79 -22.38 -2.36
CA LYS L 135 41.05 -22.41 -3.63
C LYS L 135 40.56 -23.82 -3.94
N ILE L 136 41.41 -24.83 -3.73
CA ILE L 136 40.98 -26.21 -3.96
C ILE L 136 39.86 -26.59 -3.00
N ASN L 137 39.88 -26.03 -1.78
CA ASN L 137 38.76 -26.23 -0.86
C ASN L 137 37.48 -25.63 -1.44
N ASN L 138 37.59 -24.45 -2.06
CA ASN L 138 36.40 -23.85 -2.67
C ASN L 138 35.95 -24.62 -3.91
N GLU L 139 36.89 -25.03 -4.76
CA GLU L 139 36.53 -25.77 -5.96
C GLU L 139 35.89 -27.10 -5.60
N ILE L 140 36.25 -27.68 -4.45
CA ILE L 140 35.60 -28.90 -4.01
C ILE L 140 34.18 -28.61 -3.54
N ARG L 141 34.00 -27.54 -2.74
CA ARG L 141 32.68 -27.19 -2.24
C ARG L 141 31.74 -26.81 -3.38
N ASP L 142 32.25 -26.11 -4.39
CA ASP L 142 31.40 -25.70 -5.50
C ASP L 142 31.09 -26.86 -6.44
N LEU L 143 32.01 -27.81 -6.58
CA LEU L 143 31.73 -28.99 -7.39
C LEU L 143 30.65 -29.86 -6.76
N LEU L 144 30.56 -29.86 -5.43
CA LEU L 144 29.58 -30.70 -4.76
C LEU L 144 28.15 -30.23 -4.98
N GLU L 145 27.95 -28.95 -5.35
CA GLU L 145 26.61 -28.49 -5.66
C GLU L 145 26.09 -29.07 -6.97
N LYS L 146 26.96 -29.70 -7.77
CA LYS L 146 26.51 -30.38 -8.97
C LYS L 146 25.81 -31.70 -8.65
N LEU L 147 25.79 -32.13 -7.39
CA LEU L 147 24.98 -33.27 -7.00
C LEU L 147 23.51 -32.98 -7.30
N LYS L 148 22.80 -33.97 -7.82
CA LYS L 148 21.39 -33.80 -8.19
C LYS L 148 20.50 -34.08 -6.98
N CYS L 149 20.55 -33.16 -6.03
CA CYS L 149 19.76 -33.25 -4.81
C CYS L 149 19.75 -31.87 -4.16
N SER L 150 19.12 -31.78 -2.99
CA SER L 150 19.24 -30.60 -2.15
C SER L 150 18.82 -30.95 -0.73
N GLN L 151 17.56 -31.30 -0.53
CA GLN L 151 17.12 -31.90 0.71
C GLN L 151 17.11 -33.41 0.66
N ASP L 152 17.36 -34.00 -0.51
CA ASP L 152 17.15 -35.43 -0.71
C ASP L 152 18.41 -36.27 -0.53
N CYS L 153 19.60 -35.66 -0.64
CA CYS L 153 20.85 -36.39 -0.72
C CYS L 153 20.97 -37.44 0.38
N GLN L 154 21.41 -38.64 0.00
CA GLN L 154 21.55 -39.73 0.94
C GLN L 154 22.96 -39.76 1.55
N THR L 155 23.06 -40.39 2.72
CA THR L 155 24.31 -40.47 3.47
C THR L 155 24.98 -41.83 3.34
N ASN L 156 24.62 -42.61 2.32
CA ASN L 156 25.13 -43.97 2.19
C ASN L 156 26.65 -43.96 2.03
N VAL L 157 27.16 -43.15 1.11
CA VAL L 157 28.61 -43.08 0.90
C VAL L 157 29.31 -42.53 2.13
N TYR L 158 28.65 -41.60 2.84
CA TYR L 158 29.26 -40.99 4.02
C TYR L 158 29.51 -42.02 5.12
N PHE L 159 28.50 -42.83 5.44
CA PHE L 159 28.66 -43.82 6.50
C PHE L 159 29.47 -45.03 6.04
N ASP L 160 29.44 -45.34 4.74
CA ASP L 160 30.32 -46.37 4.22
C ASP L 160 31.78 -45.99 4.44
N MET L 161 32.13 -44.73 4.19
CA MET L 161 33.50 -44.27 4.42
C MET L 161 33.87 -44.30 5.89
N ILE L 162 32.88 -44.15 6.78
CA ILE L 162 33.17 -44.21 8.21
C ILE L 162 33.55 -45.62 8.62
N LYS L 163 32.87 -46.62 8.07
CA LYS L 163 33.21 -48.01 8.39
C LYS L 163 34.63 -48.35 7.94
N ILE L 164 35.02 -47.90 6.74
CA ILE L 164 36.38 -48.15 6.26
C ILE L 164 37.39 -47.44 7.13
N TYR L 165 37.05 -46.27 7.67
CA TYR L 165 38.00 -45.52 8.49
C TYR L 165 38.21 -46.18 9.84
N LEU L 166 37.19 -46.84 10.40
CA LEU L 166 37.32 -47.44 11.71
C LEU L 166 38.27 -48.63 11.69
N VAL L 167 38.31 -49.38 10.59
CA VAL L 167 39.24 -50.50 10.48
C VAL L 167 40.67 -49.99 10.33
N ASP L 168 40.86 -48.90 9.57
CA ASP L 168 42.20 -48.35 9.39
C ASP L 168 42.74 -47.75 10.68
N PHE L 169 41.86 -47.31 11.58
CA PHE L 169 42.32 -46.72 12.84
C PHE L 169 42.98 -47.77 13.73
N LYS L 170 42.55 -49.03 13.64
CA LYS L 170 43.17 -50.09 14.41
C LYS L 170 44.58 -50.41 13.91
N LYS L 171 44.90 -50.08 12.66
CA LYS L 171 46.24 -50.30 12.13
C LYS L 171 47.29 -49.47 12.85
N MET L 172 46.88 -48.42 13.55
CA MET L 172 47.83 -47.63 14.32
C MET L 172 47.78 -48.03 15.78
N PRO L 173 48.93 -48.30 16.41
CA PRO L 173 48.92 -48.70 17.82
C PRO L 173 48.95 -47.50 18.76
N TYR L 174 47.78 -46.93 19.06
CA TYR L 174 47.74 -45.78 19.97
C TYR L 174 48.16 -46.17 21.38
N GLU L 175 47.82 -47.39 21.82
CA GLU L 175 48.12 -47.78 23.19
C GLU L 175 49.62 -47.84 23.43
N ASN L 176 50.36 -48.51 22.55
CA ASN L 176 51.81 -48.59 22.70
C ASN L 176 52.45 -47.22 22.56
N TYR L 177 51.92 -46.38 21.67
CA TYR L 177 52.45 -45.03 21.52
C TYR L 177 52.31 -44.24 22.82
N ASP L 178 51.18 -44.41 23.51
CA ASP L 178 50.96 -43.68 24.76
C ASP L 178 51.90 -44.18 25.86
N THR L 179 52.11 -45.50 25.94
CA THR L 179 53.03 -46.04 26.94
C THR L 179 54.46 -45.60 26.66
N PHE L 180 54.85 -45.56 25.38
CA PHE L 180 56.20 -45.14 25.04
C PHE L 180 56.44 -43.69 25.43
N ILE L 181 55.54 -42.79 25.02
CA ILE L 181 55.77 -41.37 25.26
C ILE L 181 55.64 -41.04 26.74
N LYS L 182 54.83 -41.80 27.48
CA LYS L 182 54.70 -41.53 28.91
C LYS L 182 55.98 -41.91 29.66
N GLN L 183 56.65 -42.98 29.22
CA GLN L 183 57.87 -43.41 29.88
C GLN L 183 59.06 -42.55 29.45
N TYR L 184 59.23 -42.35 28.15
CA TYR L 184 60.36 -41.57 27.66
C TYR L 184 60.29 -40.12 28.08
N LYS L 185 59.14 -39.63 28.55
CA LYS L 185 59.05 -38.25 29.01
C LYS L 185 59.62 -38.10 30.41
N ASN L 186 59.19 -38.95 31.34
CA ASN L 186 59.77 -38.89 32.68
C ASN L 186 61.18 -39.47 32.70
N SER L 187 61.49 -40.40 31.80
CA SER L 187 62.88 -40.79 31.60
C SER L 187 63.72 -39.60 31.19
N TYR L 188 63.18 -38.74 30.33
CA TYR L 188 63.88 -37.51 29.95
C TYR L 188 63.92 -36.53 31.12
N LEU L 189 62.81 -36.39 31.86
CA LEU L 189 62.74 -35.37 32.91
C LEU L 189 63.66 -35.72 34.09
N SER L 190 63.73 -37.01 34.46
CA SER L 190 64.61 -37.46 35.54
C SER L 190 66.07 -37.42 35.11
N GLY L 191 66.29 -37.37 33.81
CA GLY L 191 67.62 -37.08 33.31
C GLY L 191 68.01 -35.63 33.45
N VAL L 192 67.05 -34.71 33.28
CA VAL L 192 67.34 -33.29 33.45
C VAL L 192 67.66 -32.98 34.90
N ASP L 193 66.94 -33.60 35.83
CA ASP L 193 67.15 -33.31 37.24
C ASP L 193 68.51 -33.81 37.73
N MET L 194 68.93 -34.99 37.25
CA MET L 194 70.20 -35.54 37.73
C MET L 194 71.39 -34.77 37.18
N ILE L 195 71.29 -34.25 35.94
CA ILE L 195 72.35 -33.41 35.41
C ILE L 195 72.47 -32.13 36.25
N ARG L 196 71.34 -31.60 36.71
CA ARG L 196 71.35 -30.43 37.58
C ARG L 196 71.95 -30.73 38.95
N LYS L 197 72.04 -32.01 39.33
CA LYS L 197 72.62 -32.40 40.61
C LYS L 197 74.11 -32.72 40.50
N ILE L 198 74.52 -33.36 39.40
CA ILE L 198 75.91 -33.75 39.22
C ILE L 198 76.72 -32.73 38.44
N GLU L 199 76.10 -31.62 38.02
CA GLU L 199 76.85 -30.58 37.31
C GLU L 199 77.89 -29.94 38.22
N LYS L 200 77.57 -29.77 39.50
CA LYS L 200 78.52 -29.16 40.42
C LYS L 200 79.59 -30.15 40.88
N GLN L 201 79.26 -31.44 40.94
CA GLN L 201 80.19 -32.43 41.45
C GLN L 201 81.25 -32.85 40.45
N ILE L 202 81.03 -32.62 39.15
CA ILE L 202 81.99 -33.00 38.12
C ILE L 202 82.40 -31.76 37.34
N ASP L 203 83.64 -31.76 36.88
CA ASP L 203 84.21 -30.65 36.13
C ASP L 203 84.51 -31.11 34.71
N ASN L 204 83.44 -31.25 33.92
CA ASN L 204 83.53 -31.57 32.50
C ASN L 204 82.57 -30.65 31.77
N PRO L 205 82.94 -29.37 31.61
CA PRO L 205 81.96 -28.36 31.19
C PRO L 205 81.42 -28.56 29.78
N VAL L 206 82.17 -29.19 28.89
CA VAL L 206 81.67 -29.36 27.53
C VAL L 206 80.78 -30.60 27.40
N THR L 207 81.05 -31.64 28.17
CA THR L 207 80.21 -32.84 28.09
C THR L 207 78.86 -32.61 28.74
N ILE L 208 78.81 -31.85 29.84
CA ILE L 208 77.51 -31.52 30.43
C ILE L 208 76.69 -30.66 29.49
N ASN L 209 77.35 -29.78 28.72
CA ASN L 209 76.61 -28.90 27.81
C ASN L 209 76.09 -29.65 26.60
N ALA L 210 76.79 -30.70 26.16
CA ALA L 210 76.28 -31.53 25.08
C ALA L 210 75.06 -32.33 25.53
N ILE L 211 75.08 -32.82 26.78
CA ILE L 211 73.91 -33.50 27.32
C ILE L 211 72.76 -32.53 27.52
N LYS L 212 73.06 -31.32 28.00
CA LYS L 212 72.02 -30.31 28.16
C LYS L 212 71.45 -29.88 26.82
N PHE L 213 72.27 -29.87 25.77
CA PHE L 213 71.80 -29.36 24.48
C PHE L 213 70.73 -30.28 23.88
N THR L 214 70.98 -31.59 23.88
CA THR L 214 70.01 -32.50 23.28
C THR L 214 68.84 -32.75 24.22
N GLN L 215 69.02 -32.56 25.51
CA GLN L 215 67.87 -32.47 26.40
C GLN L 215 66.98 -31.29 26.01
N LYS L 216 67.58 -30.19 25.54
CA LYS L 216 66.80 -29.09 24.99
C LYS L 216 66.07 -29.52 23.72
N GLU L 217 66.74 -30.33 22.89
CA GLU L 217 66.11 -30.82 21.66
C GLU L 217 65.09 -31.93 21.94
N MET L 218 65.33 -32.74 22.97
CA MET L 218 64.38 -33.79 23.32
C MET L 218 63.05 -33.20 23.76
N GLY L 219 63.10 -32.10 24.52
CA GLY L 219 61.87 -31.45 24.95
C GLY L 219 61.03 -30.98 23.78
N TYR L 220 61.68 -30.47 22.73
CA TYR L 220 60.96 -30.05 21.53
C TYR L 220 60.30 -31.24 20.85
N ILE L 221 61.00 -32.37 20.79
CA ILE L 221 60.46 -33.53 20.09
C ILE L 221 59.33 -34.17 20.88
N ILE L 222 59.47 -34.21 22.21
CA ILE L 222 58.39 -34.74 23.04
C ILE L 222 57.13 -33.90 22.86
N ASP L 223 57.29 -32.58 22.80
CA ASP L 223 56.13 -31.71 22.58
C ASP L 223 55.46 -32.02 21.25
N ARG L 224 56.26 -32.24 20.20
CA ARG L 224 55.67 -32.55 18.90
C ARG L 224 55.00 -33.92 18.90
N PHE L 225 55.58 -34.88 19.62
CA PHE L 225 54.97 -36.21 19.67
C PHE L 225 53.66 -36.16 20.44
N GLU L 226 53.64 -35.50 21.60
CA GLU L 226 52.41 -35.35 22.36
C GLU L 226 51.35 -34.64 21.54
N TYR L 227 51.76 -33.65 20.75
CA TYR L 227 50.80 -32.88 19.94
C TYR L 227 50.14 -33.77 18.90
N HIS L 228 50.93 -34.47 18.08
CA HIS L 228 50.36 -35.33 17.06
C HIS L 228 49.57 -36.48 17.68
N LEU L 229 50.07 -37.04 18.78
CA LEU L 229 49.36 -38.15 19.42
C LEU L 229 48.01 -37.71 19.96
N GLN L 230 47.93 -36.49 20.50
CA GLN L 230 46.65 -35.98 20.98
C GLN L 230 45.70 -35.70 19.82
N LYS L 231 46.21 -35.16 18.71
CA LYS L 231 45.35 -34.85 17.58
C LYS L 231 44.95 -36.09 16.81
N VAL L 232 45.78 -37.14 16.81
CA VAL L 232 45.38 -38.40 16.18
C VAL L 232 44.27 -39.06 16.98
N LYS L 233 44.46 -39.18 18.29
CA LYS L 233 43.44 -39.78 19.14
C LYS L 233 42.13 -39.00 19.09
N HIS L 234 42.22 -37.67 18.97
CA HIS L 234 41.01 -36.84 18.96
C HIS L 234 40.16 -37.14 17.72
N SER L 235 40.81 -37.31 16.56
CA SER L 235 40.06 -37.62 15.34
C SER L 235 39.49 -39.03 15.38
N ILE L 236 40.21 -39.97 16.00
CA ILE L 236 39.68 -41.32 16.14
C ILE L 236 38.44 -41.33 17.04
N ASP L 237 38.44 -40.49 18.09
CA ASP L 237 37.28 -40.40 18.96
C ASP L 237 36.10 -39.75 18.26
N GLN L 238 36.35 -38.68 17.50
CA GLN L 238 35.26 -37.97 16.83
C GLN L 238 34.61 -38.85 15.76
N VAL L 239 35.42 -39.53 14.95
CA VAL L 239 34.86 -40.38 13.90
C VAL L 239 34.09 -41.54 14.52
N THR L 240 34.58 -42.09 15.63
CA THR L 240 33.86 -43.15 16.32
C THR L 240 32.52 -42.64 16.84
N ALA L 241 32.48 -41.40 17.33
CA ALA L 241 31.24 -40.83 17.81
C ALA L 241 30.19 -40.78 16.72
N LEU L 242 30.60 -40.49 15.47
CA LEU L 242 29.65 -40.45 14.37
C LEU L 242 29.15 -41.83 13.98
N SER L 243 29.99 -42.87 14.17
CA SER L 243 29.61 -44.24 13.81
C SER L 243 28.62 -44.82 14.81
N ASP L 244 28.57 -44.26 16.01
CA ASP L 244 27.66 -44.68 17.05
C ASP L 244 26.50 -43.71 17.27
N GLY L 245 26.51 -42.56 16.62
CA GLY L 245 25.50 -41.54 16.80
C GLY L 245 24.26 -41.76 15.97
N VAL L 246 23.56 -40.66 15.68
CA VAL L 246 22.35 -40.71 14.86
C VAL L 246 22.74 -40.76 13.39
N LYS L 247 22.19 -41.73 12.66
CA LYS L 247 22.54 -41.99 11.26
C LYS L 247 21.31 -41.77 10.40
N PRO L 248 21.03 -40.52 10.01
CA PRO L 248 19.93 -40.28 9.08
C PRO L 248 20.30 -40.73 7.67
N LYS L 249 19.34 -41.36 7.00
CA LYS L 249 19.62 -41.87 5.66
C LYS L 249 19.72 -40.76 4.62
N GLN L 250 19.14 -39.60 4.88
CA GLN L 250 19.27 -38.45 3.97
C GLN L 250 19.33 -37.16 4.77
N VAL L 251 20.12 -36.20 4.24
CA VAL L 251 20.26 -34.87 4.82
C VAL L 251 20.37 -33.85 3.70
N THR L 252 20.42 -32.58 4.07
CA THR L 252 20.47 -31.50 3.10
C THR L 252 21.83 -31.46 2.42
N LYS L 253 21.83 -31.00 1.16
CA LYS L 253 23.07 -30.92 0.40
C LYS L 253 24.17 -30.19 1.15
N ASN L 254 23.84 -29.06 1.80
CA ASN L 254 24.86 -28.33 2.54
C ASN L 254 25.38 -29.15 3.72
N ARG L 255 24.50 -29.93 4.36
CA ARG L 255 24.95 -30.76 5.47
C ARG L 255 25.82 -31.92 4.99
N LEU L 256 25.54 -32.46 3.80
CA LEU L 256 26.38 -33.52 3.28
C LEU L 256 27.79 -33.00 2.99
N LYS L 257 27.89 -31.75 2.54
CA LYS L 257 29.21 -31.15 2.32
C LYS L 257 30.01 -31.09 3.61
N GLU L 258 29.41 -30.60 4.68
CA GLU L 258 30.12 -30.58 5.96
C GLU L 258 30.36 -31.99 6.48
N TYR L 259 29.49 -32.95 6.13
CA TYR L 259 29.77 -34.34 6.46
C TYR L 259 31.02 -34.84 5.75
N TYR L 260 31.11 -34.60 4.44
CA TYR L 260 32.29 -35.01 3.69
C TYR L 260 33.53 -34.25 4.16
N PHE L 261 33.39 -32.93 4.38
CA PHE L 261 34.53 -32.15 4.84
C PHE L 261 34.97 -32.56 6.25
N ASN L 262 34.03 -33.07 7.05
CA ASN L 262 34.36 -33.47 8.42
C ASN L 262 35.23 -34.73 8.42
N ILE L 263 34.68 -35.84 7.93
CA ILE L 263 35.45 -37.08 7.91
C ILE L 263 36.65 -36.99 6.97
N GLY L 264 36.59 -36.11 5.97
CA GLY L 264 37.74 -35.92 5.11
C GLY L 264 38.88 -35.24 5.85
N ASN L 265 38.55 -34.28 6.72
CA ASN L 265 39.58 -33.61 7.52
C ASN L 265 40.10 -34.51 8.62
N TYR L 266 39.20 -35.20 9.32
CA TYR L 266 39.61 -36.06 10.42
C TYR L 266 40.57 -37.16 9.94
N TYR L 267 40.19 -37.87 8.88
CA TYR L 267 41.04 -38.93 8.37
C TYR L 267 42.37 -38.39 7.84
N SER L 268 42.37 -37.17 7.32
CA SER L 268 43.62 -36.59 6.84
C SER L 268 44.60 -36.36 7.98
N ILE L 269 44.09 -35.92 9.14
CA ILE L 269 44.97 -35.68 10.28
C ILE L 269 45.47 -37.00 10.87
N PHE L 270 44.65 -38.06 10.79
CA PHE L 270 45.09 -39.36 11.26
C PHE L 270 46.28 -39.86 10.44
N LYS L 271 46.17 -39.79 9.11
CA LYS L 271 47.29 -40.21 8.26
C LYS L 271 48.48 -39.29 8.43
N PHE L 272 48.24 -37.97 8.45
CA PHE L 272 49.32 -37.01 8.63
C PHE L 272 49.97 -37.16 10.00
N GLY L 273 49.17 -37.42 11.03
CA GLY L 273 49.74 -37.67 12.34
C GLY L 273 50.49 -38.99 12.40
N LYS L 274 49.91 -40.03 11.80
CA LYS L 274 50.59 -41.33 11.75
C LYS L 274 51.94 -41.24 11.05
N ASP L 275 52.08 -40.32 10.09
CA ASP L 275 53.36 -40.12 9.42
C ASP L 275 54.40 -39.57 10.39
N SER L 276 54.07 -38.45 11.05
CA SER L 276 55.03 -37.79 11.92
C SER L 276 55.23 -38.53 13.24
N LEU L 277 54.22 -39.27 13.69
CA LEU L 277 54.39 -40.06 14.91
C LEU L 277 55.44 -41.15 14.71
N ASN L 278 55.49 -41.74 13.51
CA ASN L 278 56.55 -42.70 13.21
C ASN L 278 57.92 -42.02 13.24
N MET L 279 58.04 -40.86 12.58
CA MET L 279 59.32 -40.16 12.53
C MET L 279 59.72 -39.68 13.92
N LEU L 280 58.79 -39.07 14.66
CA LEU L 280 59.12 -38.54 15.97
C LEU L 280 59.45 -39.66 16.96
N ASN L 281 58.85 -40.84 16.77
CA ASN L 281 59.25 -41.99 17.60
C ASN L 281 60.71 -42.34 17.39
N LYS L 282 61.16 -42.38 16.13
CA LYS L 282 62.55 -42.69 15.86
C LYS L 282 63.47 -41.58 16.36
N ALA L 283 63.06 -40.32 16.20
CA ALA L 283 63.93 -39.20 16.57
C ALA L 283 64.20 -39.18 18.07
N LEU L 284 63.18 -39.46 18.89
CA LEU L 284 63.37 -39.43 20.34
C LEU L 284 64.29 -40.55 20.80
N ILE L 285 64.12 -41.75 20.26
CA ILE L 285 64.97 -42.87 20.66
C ILE L 285 66.41 -42.61 20.24
N HIS L 286 66.61 -41.98 19.08
CA HIS L 286 67.96 -41.66 18.63
C HIS L 286 68.60 -40.61 19.54
N LYS L 287 67.82 -39.62 19.98
CA LYS L 287 68.34 -38.63 20.92
C LYS L 287 68.63 -39.27 22.27
N GLU L 288 67.79 -40.22 22.69
CA GLU L 288 68.03 -40.93 23.95
C GLU L 288 69.36 -41.68 23.90
N LYS L 289 69.66 -42.32 22.77
CA LYS L 289 70.93 -43.02 22.64
C LYS L 289 72.12 -42.06 22.77
N ILE L 290 71.95 -40.82 22.28
CA ILE L 290 73.05 -39.87 22.31
C ILE L 290 73.39 -39.49 23.74
N VAL L 291 72.38 -39.24 24.58
CA VAL L 291 72.65 -38.74 25.92
C VAL L 291 73.23 -39.82 26.82
N HIS L 292 72.85 -41.08 26.59
CA HIS L 292 73.32 -42.16 27.44
C HIS L 292 74.68 -42.68 27.02
N ASN L 293 75.08 -42.48 25.76
CA ASN L 293 76.47 -42.64 25.38
C ASN L 293 77.30 -41.43 25.76
N LEU L 294 76.66 -40.26 25.90
CA LEU L 294 77.34 -39.09 26.42
C LEU L 294 77.60 -39.23 27.92
N LEU L 295 76.63 -39.77 28.67
CA LEU L 295 76.86 -40.03 30.08
C LEU L 295 77.93 -41.08 30.28
N GLY L 296 77.98 -42.07 29.38
CA GLY L 296 79.07 -43.03 29.43
C GLY L 296 80.42 -42.41 29.11
N GLU L 297 80.43 -41.35 28.28
CA GLU L 297 81.68 -40.66 27.99
C GLU L 297 82.16 -39.85 29.19
N LEU L 298 81.24 -39.31 29.99
CA LEU L 298 81.63 -38.54 31.16
C LEU L 298 82.17 -39.43 32.26
N PHE L 299 81.54 -40.59 32.48
CA PHE L 299 81.96 -41.52 33.53
C PHE L 299 82.87 -42.62 33.01
N GLY L 300 83.33 -42.55 31.76
CA GLY L 300 84.15 -43.59 31.20
C GLY L 300 85.62 -43.31 31.12
N HIS L 301 86.07 -42.16 31.63
CA HIS L 301 87.47 -41.79 31.49
C HIS L 301 87.99 -41.03 32.71
N LEU L 302 87.53 -41.38 33.91
CA LEU L 302 88.03 -40.69 35.08
C LEU L 302 89.38 -41.21 35.53
N GLU L 303 89.77 -42.41 35.08
CA GLU L 303 91.09 -42.94 35.36
C GLU L 303 92.16 -42.14 34.61
#